data_8DK2
#
_entry.id   8DK2
#
_cell.length_a   1.00
_cell.length_b   1.00
_cell.length_c   1.00
_cell.angle_alpha   90.00
_cell.angle_beta   90.00
_cell.angle_gamma   90.00
#
_symmetry.space_group_name_H-M   'P 1'
#
loop_
_entity.id
_entity.type
_entity.pdbx_description
1 polymer JetA
2 polymer JetC
3 polymer JetB
4 polymer 'DNA (26-MER)'
5 polymer 'DNA (26-MER)'
6 non-polymer 'PHOSPHOTHIOPHOSPHORIC ACID-ADENYLATE ESTER'
7 non-polymer 'MAGNESIUM ION'
#
loop_
_entity_poly.entity_id
_entity_poly.type
_entity_poly.pdbx_seq_one_letter_code
_entity_poly.pdbx_strand_id
1 'polypeptide(L)'
;MKSSHHHHHHENLYFQSNAEESAQQRSERYVSARSQHPAWLLLASRRAPLVLGCLRTLFERAHDGIPMEDALQALSEMLA
AYASQELYEIDPDATHLQAGRELREWIKRRLVVEREGRIYATDALESAIQFVDSLDSRIMTSTASRLSVVQREIENLETG
LNPSPTGRIASLRRRIQDLEHELARVEAGHVDVLDEAQAIEGMREVYNLATSLRADFRRVEDSWREADRALRHSIISEQS
HRGEIVDRLLDGQDALLNTPEGRVFESFQQQLRQSAELEVMRERLRTILRHPAVPKALNRPQQRELRWLALRLVRESQAV
LQARARSERDVRGFMKTGLAAEHHRVGQLLNDFFNLALSVDWQRQSERRKPACLPPVGVAITGVPAIERLRFKTLDDDDA
GELDLSLKPAGLEQIDDDFWDAFDGLDREALIHDTLAVLVEQGRPVSLGELASLLPPAHDLETFALWLAMAREAGIEVLT
EERQFVELVDEDEQRWGFNLPYVGLDHEALKDIDWEL
;
A,B
2 'polypeptide(L)'
;MKSSHHHHHHENLYFQSNAKQALLWRDSETFILTSIELYNWGGFQGYHRAEIDPSGTAVIGPTGSGKTTLVDALMTLLCA
NPRYNLASTGGHESDRDLVSYVRGVTGPGDGGVEQSHIARQGKTVTAIAATLERDGAQVRLGAVLWFEGTSSSASDLKKL
WLLSESPEQTLEHWLSQHHAGGMRALRQMEKDGMGIWPYPSKKAFLARLRDYFEVGENAFTLLNRAAGLKQLNSIDEIFR
ELVLDDRSAFERAAEVASSFDDLTDIHRELETARKQQRSLQPVADGWERYRALQEQLQDKQALEGILPVWFAEQGYRLWL
AETNRLEKEHKQAELDQAQCRSQLEIQKGVVDQHRQRYLRVGGAGIDQLRGRIADWVRECDKRRLKAEQYQRLAKGLGLA
DELSAAALEENQQQIAARLEILAQQTTDARQKAFDAGLVQQELNGRLQSLQQERAEVERRPGSNLPGHFHAFRGDLAQEL
GVDESALPFVAELVQVKPEELAWRGAIERAIGSHRLRILVPQGSSQAALRWVNQRHNRLHVRLLEVKEPSSRPVFFDDGF
TRKLTFKEHPYREAVKALLADNDRHCVESTEQLRHTPHAMTAQGLMSGKERFFDKQDQKRLDEDWLTGFDNRDRLAFLAE
QIREVNEQLVPAKLALDAAQGDVGQLESQASLLQRIEELQFDDIDRPGAERQLQSLRTQLDTLTRPDSNLAVIKAELDQA
EALRESLDQQLQRLIEQCVQLKTQFDQAASATRKAYRGAEKGLSDTQRELAQAHFPILSTDDLGDIDELERKHTRELQGQ
LKTLGEKLGDQKTELAKRMSDALKADTGALAEVGRELVDVPRYLERLRVLTEEALPEKLKRFLEYLNRSSDDGVTQLLSY
IDHEVSMIEERLDDLNSTMQRVDFQPGRYLRLVAKKVIHESLRTLQHAQRQLNSARFIDDEGESHYKALQALVGLLKDAC
EHSRNQGAKALLDPRFRLEFAVSVIDREGNNLIETRTGSQGGSGGEKEIIASYVLTASLSYALCPDGSSRPLFGTIVLDQ
AFSRSSHAVAGRIIAALREFGLHAVFITPNKEMRLLRHHTRSAVVVHRRGVESSLVSLSWEALDEHHQQRIRAMHEVAH
;
C,D
3 'polypeptide(L)'
;MAGIFDRIAGASGADETELTAEPMALDDGMDGEQPAMSANIQVDERRTPQRVREAVQEMLKYGLLEESHKPNLYRSALTN
IEVVDRILEPLDLAMGVDEVRGLVFVTVRQGEVAEQDDWSHPLVRRQRLNLEQSLLIAILRQHFIAYEQESGTGASQALV
AVDELIPQLQVYLGELGSEAKERNRIITLLDQLKGHGLVSALDAHDRVIIRPIITHLANPENLQALVVWLREQVEGAVTP
AAGGEEDEA
;
F,G,H,I
4 'polydeoxyribonucleotide'
;(DT)(DT)(DT)(DT)(DT)(DT)(DT)(DT)(DT)(DT)(DT)(DT)(DT)(DT)(DT)(DT)(DT)(DT)(DT)(DT)
(DT)(DT)(DT)(DT)(DT)(DT)
;
P
5 'polydeoxyribonucleotide'
;(DA)(DA)(DA)(DA)(DA)(DA)(DA)(DA)(DA)(DA)(DA)(DA)(DA)(DA)(DA)(DA)(DA)(DA)(DA)(DA)
(DA)(DA)(DA)(DA)(DA)(DA)
;
Q
#
# COMPACT_ATOMS: atom_id res chain seq x y z
N ALA A 23 51.89 -17.65 39.58
CA ALA A 23 51.77 -16.31 39.04
C ALA A 23 52.57 -16.15 37.75
N GLN A 24 53.79 -16.71 37.74
CA GLN A 24 54.61 -16.64 36.53
C GLN A 24 53.99 -17.44 35.40
N GLN A 25 53.24 -18.49 35.72
CA GLN A 25 52.51 -19.24 34.69
C GLN A 25 51.58 -18.32 33.90
N ARG A 26 50.96 -17.36 34.59
CA ARG A 26 50.12 -16.39 33.90
C ARG A 26 50.93 -15.57 32.91
N SER A 27 52.14 -15.16 33.29
CA SER A 27 52.99 -14.39 32.39
C SER A 27 53.37 -15.22 31.17
N GLU A 28 53.72 -16.49 31.37
CA GLU A 28 54.05 -17.36 30.25
C GLU A 28 52.85 -17.53 29.32
N ARG A 29 51.66 -17.72 29.89
CA ARG A 29 50.46 -17.87 29.08
C ARG A 29 50.15 -16.59 28.31
N TYR A 30 50.37 -15.43 28.93
CA TYR A 30 50.17 -14.17 28.22
C TYR A 30 51.15 -14.03 27.06
N VAL A 31 52.40 -14.42 27.27
CA VAL A 31 53.39 -14.37 26.19
C VAL A 31 52.96 -15.27 25.04
N SER A 32 52.51 -16.49 25.37
CA SER A 32 52.07 -17.41 24.34
C SER A 32 50.85 -16.85 23.59
N ALA A 33 49.92 -16.25 24.32
CA ALA A 33 48.73 -15.69 23.69
C ALA A 33 49.10 -14.54 22.75
N ARG A 34 50.01 -13.67 23.19
CA ARG A 34 50.49 -12.61 22.31
C ARG A 34 51.17 -13.19 21.08
N SER A 35 51.84 -14.33 21.23
CA SER A 35 52.55 -14.93 20.11
C SER A 35 51.60 -15.61 19.13
N GLN A 36 50.48 -16.14 19.61
CA GLN A 36 49.70 -17.08 18.82
C GLN A 36 48.36 -16.54 18.35
N HIS A 37 47.52 -16.03 19.25
CA HIS A 37 46.10 -15.83 18.95
C HIS A 37 45.91 -14.82 17.83
N PRO A 38 45.23 -15.18 16.74
CA PRO A 38 45.16 -14.28 15.57
C PRO A 38 44.50 -12.94 15.86
N ALA A 39 43.51 -12.90 16.75
CA ALA A 39 42.81 -11.65 17.03
C ALA A 39 43.76 -10.62 17.62
N TRP A 40 44.60 -11.04 18.57
CA TRP A 40 45.58 -10.12 19.15
C TRP A 40 46.56 -9.64 18.09
N LEU A 41 46.96 -10.53 17.18
CA LEU A 41 47.84 -10.12 16.08
C LEU A 41 47.16 -9.07 15.22
N LEU A 42 45.86 -9.23 14.95
CA LEU A 42 45.13 -8.21 14.20
C LEU A 42 45.09 -6.90 14.98
N LEU A 43 44.97 -6.97 16.30
CA LEU A 43 45.06 -5.76 17.11
C LEU A 43 46.42 -5.10 16.96
N ALA A 44 47.49 -5.90 16.95
CA ALA A 44 48.84 -5.36 16.81
C ALA A 44 49.13 -4.89 15.39
N SER A 45 48.25 -5.17 14.43
CA SER A 45 48.50 -4.75 13.06
C SER A 45 48.47 -3.23 12.93
N ARG A 46 49.32 -2.72 12.04
CA ARG A 46 49.40 -1.28 11.83
C ARG A 46 48.12 -0.73 11.22
N ARG A 47 47.58 -1.40 10.21
CA ARG A 47 46.38 -0.96 9.51
C ARG A 47 45.11 -1.57 10.07
N ALA A 48 45.10 -1.87 11.38
CA ALA A 48 43.92 -2.45 12.00
C ALA A 48 42.64 -1.65 11.79
N PRO A 49 42.61 -0.31 11.90
CA PRO A 49 41.34 0.40 11.71
C PRO A 49 40.66 0.12 10.38
N LEU A 50 41.39 0.27 9.27
CA LEU A 50 40.79 0.06 7.96
C LEU A 50 40.33 -1.38 7.80
N VAL A 51 41.16 -2.33 8.23
CA VAL A 51 40.80 -3.74 8.07
C VAL A 51 39.54 -4.07 8.86
N LEU A 52 39.47 -3.60 10.11
CA LEU A 52 38.29 -3.86 10.93
C LEU A 52 37.05 -3.21 10.34
N GLY A 53 37.16 -1.97 9.88
CA GLY A 53 36.02 -1.32 9.27
C GLY A 53 35.52 -2.07 8.05
N CYS A 54 36.45 -2.46 7.17
CA CYS A 54 36.06 -3.19 5.97
C CYS A 54 35.39 -4.52 6.33
N LEU A 55 36.00 -5.29 7.23
CA LEU A 55 35.46 -6.59 7.58
C LEU A 55 34.08 -6.47 8.22
N ARG A 56 33.90 -5.49 9.12
CA ARG A 56 32.60 -5.32 9.75
C ARG A 56 31.55 -4.89 8.73
N THR A 57 31.91 -4.00 7.81
CA THR A 57 30.95 -3.56 6.80
C THR A 57 30.56 -4.71 5.87
N LEU A 58 31.52 -5.56 5.50
CA LEU A 58 31.22 -6.63 4.56
C LEU A 58 30.22 -7.62 5.13
N PHE A 59 30.38 -8.00 6.40
CA PHE A 59 29.50 -8.97 7.03
C PHE A 59 28.23 -8.29 7.53
N GLU A 60 27.37 -7.93 6.58
CA GLU A 60 26.10 -7.29 6.89
C GLU A 60 25.11 -7.44 5.74
N GLU A 69 37.25 -12.70 -3.41
CA GLU A 69 37.52 -12.03 -4.67
C GLU A 69 37.07 -10.58 -4.63
N ASP A 70 35.75 -10.36 -4.52
CA ASP A 70 35.23 -9.02 -4.39
C ASP A 70 35.71 -8.35 -3.11
N ALA A 71 36.02 -9.15 -2.09
CA ALA A 71 36.58 -8.61 -0.86
C ALA A 71 37.90 -7.92 -1.10
N LEU A 72 38.74 -8.50 -1.98
CA LEU A 72 39.98 -7.82 -2.36
C LEU A 72 39.70 -6.49 -3.03
N GLN A 73 38.68 -6.44 -3.90
CA GLN A 73 38.32 -5.18 -4.54
C GLN A 73 37.92 -4.14 -3.51
N ALA A 74 37.05 -4.51 -2.57
CA ALA A 74 36.61 -3.57 -1.55
C ALA A 74 37.76 -3.11 -0.67
N LEU A 75 38.63 -4.04 -0.28
CA LEU A 75 39.77 -3.69 0.57
C LEU A 75 40.71 -2.73 -0.14
N SER A 76 41.00 -2.99 -1.42
CA SER A 76 41.85 -2.09 -2.19
C SER A 76 41.22 -0.71 -2.33
N GLU A 77 39.90 -0.67 -2.61
CA GLU A 77 39.22 0.60 -2.76
C GLU A 77 39.26 1.41 -1.46
N MET A 78 39.04 0.74 -0.33
CA MET A 78 39.12 1.44 0.96
C MET A 78 40.53 1.91 1.23
N LEU A 79 41.53 1.05 0.98
CA LEU A 79 42.91 1.42 1.26
C LEU A 79 43.40 2.53 0.34
N ALA A 80 42.75 2.73 -0.80
CA ALA A 80 43.16 3.74 -1.76
C ALA A 80 43.29 5.13 -1.14
N ALA A 81 42.18 5.70 -0.68
CA ALA A 81 42.22 7.06 -0.15
C ALA A 81 42.61 7.07 1.33
N TYR A 82 43.70 6.37 1.67
CA TYR A 82 44.22 6.37 3.03
C TYR A 82 45.75 6.34 3.04
N ALA A 83 46.38 6.98 2.06
CA ALA A 83 47.84 6.89 1.92
C ALA A 83 48.52 7.35 3.19
N SER A 84 48.38 8.64 3.54
CA SER A 84 48.81 9.23 4.81
C SER A 84 50.06 8.58 5.39
N GLN A 85 49.99 8.19 6.66
CA GLN A 85 51.04 7.42 7.35
C GLN A 85 52.44 7.97 7.11
N ALA A 94 51.58 -0.32 -4.74
CA ALA A 94 51.18 -1.72 -4.74
C ALA A 94 49.66 -1.84 -4.63
N THR A 95 49.15 -1.56 -3.44
CA THR A 95 47.71 -1.55 -3.17
C THR A 95 47.10 -2.93 -3.37
N HIS A 96 47.01 -3.37 -4.63
CA HIS A 96 46.45 -4.67 -4.93
C HIS A 96 47.34 -5.78 -4.37
N LEU A 97 48.64 -5.69 -4.61
CA LEU A 97 49.58 -6.70 -4.13
C LEU A 97 49.59 -6.75 -2.61
N GLN A 98 49.63 -5.60 -1.96
CA GLN A 98 49.66 -5.57 -0.50
C GLN A 98 48.36 -6.09 0.09
N ALA A 99 47.22 -5.75 -0.52
CA ALA A 99 45.94 -6.25 -0.04
C ALA A 99 45.88 -7.77 -0.16
N GLY A 100 46.32 -8.31 -1.31
CA GLY A 100 46.35 -9.75 -1.47
C GLY A 100 47.28 -10.43 -0.48
N ARG A 101 48.45 -9.83 -0.25
CA ARG A 101 49.40 -10.40 0.71
C ARG A 101 48.81 -10.41 2.12
N GLU A 102 48.17 -9.31 2.52
CA GLU A 102 47.55 -9.26 3.85
C GLU A 102 46.43 -10.29 3.97
N LEU A 103 45.59 -10.41 2.93
CA LEU A 103 44.51 -11.39 2.99
C LEU A 103 45.06 -12.80 3.11
N ARG A 104 46.10 -13.12 2.33
CA ARG A 104 46.66 -14.46 2.39
C ARG A 104 47.34 -14.72 3.72
N GLU A 105 48.00 -13.70 4.29
CA GLU A 105 48.61 -13.87 5.60
C GLU A 105 47.55 -14.13 6.67
N TRP A 106 46.45 -13.37 6.63
CA TRP A 106 45.39 -13.60 7.60
C TRP A 106 44.74 -14.97 7.42
N ILE A 107 44.57 -15.39 6.17
CA ILE A 107 44.04 -16.73 5.91
C ILE A 107 44.96 -17.78 6.48
N LYS A 108 46.27 -17.62 6.26
CA LYS A 108 47.25 -18.49 6.90
C LYS A 108 47.15 -18.39 8.42
N ARG A 109 46.91 -17.20 8.94
CA ARG A 109 46.66 -17.01 10.36
C ARG A 109 45.28 -17.49 10.79
N ARG A 110 44.46 -17.95 9.85
CA ARG A 110 43.15 -18.53 10.14
C ARG A 110 42.17 -17.52 10.74
N LEU A 111 42.38 -16.23 10.48
CA LEU A 111 41.38 -15.24 10.87
C LEU A 111 40.08 -15.45 10.12
N VAL A 112 40.17 -15.79 8.83
CA VAL A 112 39.02 -16.12 8.02
C VAL A 112 39.32 -17.43 7.30
N VAL A 113 38.25 -18.08 6.81
CA VAL A 113 38.39 -19.37 6.15
C VAL A 113 37.87 -19.25 4.72
N GLU A 114 38.38 -20.13 3.86
CA GLU A 114 38.04 -20.17 2.45
C GLU A 114 37.64 -21.60 2.09
N ARG A 115 36.39 -21.78 1.67
CA ARG A 115 35.86 -23.12 1.42
C ARG A 115 35.95 -23.52 -0.04
N GLU A 116 35.23 -22.82 -0.93
CA GLU A 116 35.32 -23.08 -2.36
C GLU A 116 35.69 -21.84 -3.15
N GLY A 117 34.98 -20.74 -2.95
CA GLY A 117 35.29 -19.47 -3.59
C GLY A 117 34.91 -18.31 -2.70
N ARG A 118 34.56 -18.61 -1.46
CA ARG A 118 33.94 -17.64 -0.56
C ARG A 118 34.73 -17.56 0.73
N ILE A 119 34.71 -16.36 1.33
CA ILE A 119 35.39 -16.09 2.58
C ILE A 119 34.37 -16.08 3.70
N TYR A 120 34.63 -16.84 4.76
CA TYR A 120 33.73 -16.97 5.90
C TYR A 120 34.47 -16.62 7.18
N ALA A 121 33.73 -16.11 8.16
CA ALA A 121 34.31 -15.58 9.38
C ALA A 121 34.32 -16.62 10.49
N THR A 122 35.14 -16.36 11.51
CA THR A 122 35.27 -17.21 12.68
C THR A 122 34.89 -16.40 13.92
N ASP A 123 35.05 -17.03 15.09
CA ASP A 123 34.65 -16.39 16.33
C ASP A 123 35.57 -15.23 16.68
N ALA A 124 36.85 -15.33 16.32
CA ALA A 124 37.82 -14.32 16.72
C ALA A 124 37.47 -12.96 16.12
N LEU A 125 36.99 -12.94 14.88
CA LEU A 125 36.60 -11.68 14.27
C LEU A 125 35.50 -10.99 15.06
N GLU A 126 34.46 -11.74 15.43
CA GLU A 126 33.37 -11.16 16.19
C GLU A 126 33.83 -10.70 17.57
N SER A 127 34.69 -11.49 18.22
CA SER A 127 35.20 -11.09 19.52
C SER A 127 35.97 -9.77 19.44
N ALA A 128 36.84 -9.66 18.44
CA ALA A 128 37.60 -8.41 18.27
C ALA A 128 36.67 -7.25 17.96
N ILE A 129 35.69 -7.46 17.09
CA ILE A 129 34.76 -6.39 16.74
C ILE A 129 34.01 -5.92 17.99
N GLN A 130 33.54 -6.87 18.79
CA GLN A 130 32.83 -6.52 20.02
C GLN A 130 33.72 -5.73 20.95
N PHE A 131 34.96 -6.17 21.13
CA PHE A 131 35.88 -5.44 22.02
C PHE A 131 36.10 -4.02 21.51
N VAL A 132 36.25 -3.87 20.19
CA VAL A 132 36.54 -2.55 19.64
C VAL A 132 35.35 -1.62 19.83
N ASP A 133 34.15 -2.08 19.48
CA ASP A 133 33.00 -1.19 19.55
C ASP A 133 32.41 -1.08 20.94
N SER A 134 32.89 -1.87 21.91
CA SER A 134 32.42 -1.73 23.27
C SER A 134 33.06 -0.57 24.01
N LEU A 135 34.11 0.03 23.47
CA LEU A 135 34.79 1.13 24.14
C LEU A 135 33.98 2.41 24.14
N ASP A 136 32.93 2.49 23.31
CA ASP A 136 32.13 3.72 23.23
C ASP A 136 31.12 3.79 24.37
N SER A 137 30.17 2.86 24.40
CA SER A 137 29.11 2.86 25.39
C SER A 137 28.78 1.43 25.78
N ARG A 138 28.70 1.18 27.09
CA ARG A 138 28.36 -0.14 27.60
C ARG A 138 27.19 -0.02 28.56
N ILE A 139 26.24 -0.94 28.45
CA ILE A 139 25.07 -0.94 29.32
C ILE A 139 25.46 -1.54 30.66
N MET A 140 25.26 -0.79 31.73
CA MET A 140 25.70 -1.21 33.06
C MET A 140 24.91 -2.42 33.54
N THR A 141 25.62 -3.34 34.20
CA THR A 141 24.99 -4.53 34.74
C THR A 141 24.76 -4.46 36.25
N SER A 142 25.56 -3.68 36.97
CA SER A 142 25.45 -3.59 38.43
C SER A 142 24.22 -2.76 38.79
N THR A 143 23.06 -3.38 38.63
CA THR A 143 21.78 -2.75 38.89
C THR A 143 20.98 -3.59 39.87
N ALA A 144 20.07 -2.94 40.58
CA ALA A 144 19.22 -3.65 41.53
C ALA A 144 18.34 -4.67 40.83
N SER A 145 17.89 -4.35 39.61
CA SER A 145 17.08 -5.29 38.85
C SER A 145 17.86 -6.57 38.57
N ARG A 146 19.13 -6.44 38.21
CA ARG A 146 19.96 -7.63 38.01
C ARG A 146 20.07 -8.44 39.29
N LEU A 147 20.21 -7.77 40.44
CA LEU A 147 20.25 -8.47 41.72
C LEU A 147 18.97 -9.25 41.96
N SER A 148 17.81 -8.63 41.67
CA SER A 148 16.54 -9.32 41.86
C SER A 148 16.45 -10.55 40.97
N VAL A 149 16.85 -10.41 39.70
CA VAL A 149 16.79 -11.54 38.78
C VAL A 149 17.73 -12.65 39.24
N VAL A 150 18.91 -12.28 39.72
CA VAL A 150 19.87 -13.28 40.19
C VAL A 150 19.31 -14.01 41.40
N GLN A 151 18.69 -13.29 42.33
CA GLN A 151 18.09 -13.93 43.49
C GLN A 151 17.00 -14.90 43.09
N ARG A 152 16.14 -14.48 42.15
CA ARG A 152 15.06 -15.36 41.69
C ARG A 152 15.63 -16.62 41.04
N GLU A 153 16.66 -16.47 40.20
CA GLU A 153 17.24 -17.64 39.56
C GLU A 153 17.92 -18.56 40.57
N ILE A 154 18.58 -17.98 41.57
CA ILE A 154 19.23 -18.80 42.61
C ILE A 154 18.18 -19.60 43.35
N GLU A 155 17.06 -18.97 43.70
CA GLU A 155 15.98 -19.67 44.36
C GLU A 155 15.43 -20.79 43.48
N ASN A 156 15.25 -20.51 42.19
CA ASN A 156 14.74 -21.53 41.28
C ASN A 156 15.69 -22.72 41.19
N LEU A 157 16.99 -22.45 41.10
CA LEU A 157 17.98 -23.52 41.02
C LEU A 157 17.98 -24.36 42.30
N GLU A 158 17.95 -23.69 43.45
CA GLU A 158 17.97 -24.40 44.73
C GLU A 158 16.74 -25.28 44.89
N THR A 159 15.58 -24.78 44.45
CA THR A 159 14.37 -25.59 44.51
C THR A 159 14.44 -26.76 43.53
N GLY A 160 14.94 -26.52 42.31
CA GLY A 160 14.95 -27.55 41.30
C GLY A 160 15.90 -28.69 41.60
N LEU A 161 17.07 -28.40 42.16
CA LEU A 161 18.05 -29.45 42.44
C LEU A 161 17.67 -30.30 43.63
N ASN A 162 16.64 -29.94 44.38
CA ASN A 162 16.25 -30.71 45.55
C ASN A 162 15.42 -31.92 45.13
N PRO A 163 15.78 -33.13 45.55
CA PRO A 163 14.94 -34.31 45.27
C PRO A 163 13.93 -34.67 46.36
N SER A 164 13.89 -33.92 47.45
CA SER A 164 12.98 -34.25 48.53
C SER A 164 11.53 -34.00 48.11
N PRO A 165 10.62 -34.94 48.35
CA PRO A 165 9.21 -34.72 48.00
C PRO A 165 8.46 -33.85 49.00
N THR A 166 9.05 -33.52 50.15
CA THR A 166 8.39 -32.73 51.18
C THR A 166 8.71 -31.25 51.06
N GLY A 167 9.99 -30.90 50.90
CA GLY A 167 10.36 -29.50 50.78
C GLY A 167 9.75 -28.82 49.57
N ARG A 168 9.62 -29.55 48.45
CA ARG A 168 8.98 -28.99 47.27
C ARG A 168 7.53 -28.62 47.54
N ILE A 169 6.81 -29.49 48.25
CA ILE A 169 5.41 -29.20 48.58
C ILE A 169 5.31 -27.99 49.48
N ALA A 170 6.19 -27.89 50.49
CA ALA A 170 6.18 -26.74 51.38
C ALA A 170 6.50 -25.45 50.63
N SER A 171 7.47 -25.49 49.71
CA SER A 171 7.79 -24.32 48.92
C SER A 171 6.62 -23.91 48.03
N LEU A 172 5.95 -24.88 47.42
CA LEU A 172 4.77 -24.58 46.62
C LEU A 172 3.67 -23.94 47.46
N ARG A 173 3.44 -24.48 48.66
CA ARG A 173 2.45 -23.89 49.55
C ARG A 173 2.81 -22.46 49.92
N ARG A 174 4.08 -22.22 50.24
CA ARG A 174 4.51 -20.87 50.60
C ARG A 174 4.34 -19.91 49.43
N ARG A 175 4.69 -20.34 48.22
CA ARG A 175 4.51 -19.49 47.05
C ARG A 175 3.05 -19.19 46.80
N ILE A 176 2.18 -20.19 46.95
CA ILE A 176 0.75 -19.96 46.77
C ILE A 176 0.22 -18.99 47.82
N GLN A 177 0.68 -19.14 49.07
CA GLN A 177 0.27 -18.23 50.13
C GLN A 177 0.70 -16.79 49.82
N ASP A 178 1.94 -16.61 49.36
CA ASP A 178 2.41 -15.27 49.02
C ASP A 178 1.62 -14.69 47.85
N LEU A 179 1.33 -15.52 46.85
CA LEU A 179 0.53 -15.05 45.72
C LEU A 179 -0.87 -14.65 46.16
N GLU A 180 -1.47 -15.40 47.09
CA GLU A 180 -2.78 -15.06 47.61
C GLU A 180 -2.73 -13.75 48.40
N HIS A 181 -1.67 -13.54 49.18
CA HIS A 181 -1.50 -12.27 49.88
C HIS A 181 -1.42 -11.12 48.89
N GLU A 182 -0.63 -11.30 47.83
CA GLU A 182 -0.50 -10.25 46.82
C GLU A 182 -1.84 -9.99 46.12
N LEU A 183 -2.59 -11.06 45.84
CA LEU A 183 -3.91 -10.90 45.21
C LEU A 183 -4.85 -10.13 46.13
N ALA A 184 -4.85 -10.45 47.42
CA ALA A 184 -5.69 -9.72 48.36
C ALA A 184 -5.30 -8.25 48.44
N ARG A 185 -4.00 -7.97 48.46
CA ARG A 185 -3.55 -6.58 48.52
C ARG A 185 -3.93 -5.83 47.24
N VAL A 186 -3.84 -6.48 46.08
CA VAL A 186 -4.23 -5.84 44.83
C VAL A 186 -5.72 -5.58 44.80
N GLU A 187 -6.52 -6.56 45.24
CA GLU A 187 -7.96 -6.37 45.32
C GLU A 187 -8.33 -5.29 46.32
N ALA A 188 -7.45 -5.00 47.28
CA ALA A 188 -7.63 -3.84 48.15
C ALA A 188 -7.40 -2.52 47.43
N GLY A 189 -6.89 -2.55 46.20
CA GLY A 189 -6.68 -1.32 45.45
C GLY A 189 -5.30 -0.74 45.61
N HIS A 190 -4.28 -1.56 45.36
CA HIS A 190 -2.88 -1.17 45.52
C HIS A 190 -2.08 -1.55 44.28
N VAL A 191 -2.60 -1.20 43.10
CA VAL A 191 -1.88 -1.50 41.87
C VAL A 191 -0.62 -0.65 41.83
N ASP A 192 0.53 -1.32 41.72
CA ASP A 192 1.83 -0.67 41.78
C ASP A 192 2.35 -0.44 40.37
N VAL A 193 2.69 0.80 40.06
CA VAL A 193 3.25 1.19 38.77
C VAL A 193 4.67 1.68 39.00
N LEU A 194 5.62 1.12 38.26
CA LEU A 194 7.03 1.44 38.47
C LEU A 194 7.34 2.87 38.01
N ASP A 195 8.49 3.37 38.45
CA ASP A 195 8.91 4.73 38.16
C ASP A 195 9.52 4.80 36.76
N GLU A 196 9.81 6.03 36.32
CA GLU A 196 10.39 6.24 35.00
C GLU A 196 11.80 5.66 34.93
N ALA A 197 12.64 6.01 35.91
CA ALA A 197 14.00 5.48 35.93
C ALA A 197 13.99 3.96 36.07
N GLN A 198 13.08 3.43 36.90
CA GLN A 198 12.96 1.99 37.05
C GLN A 198 12.60 1.33 35.73
N ALA A 199 11.65 1.91 34.99
CA ALA A 199 11.26 1.34 33.71
C ALA A 199 12.42 1.38 32.72
N ILE A 200 13.15 2.50 32.69
CA ILE A 200 14.30 2.60 31.78
C ILE A 200 15.34 1.54 32.11
N GLU A 201 15.65 1.38 33.40
CA GLU A 201 16.64 0.39 33.80
C GLU A 201 16.18 -1.02 33.45
N GLY A 202 14.89 -1.31 33.68
CA GLY A 202 14.38 -2.62 33.33
C GLY A 202 14.46 -2.91 31.85
N MET A 203 14.10 -1.92 31.02
CA MET A 203 14.20 -2.09 29.58
C MET A 203 15.63 -2.35 29.15
N ARG A 204 16.58 -1.57 29.69
CA ARG A 204 17.97 -1.74 29.31
C ARG A 204 18.49 -3.12 29.70
N GLU A 205 18.16 -3.58 30.92
CA GLU A 205 18.62 -4.88 31.35
C GLU A 205 18.00 -5.99 30.51
N VAL A 206 16.72 -5.86 30.16
CA VAL A 206 16.07 -6.87 29.34
C VAL A 206 16.75 -6.96 27.98
N TYR A 207 17.04 -5.81 27.38
CA TYR A 207 17.71 -5.81 26.08
C TYR A 207 19.08 -6.45 26.19
N ASN A 208 19.84 -6.09 27.23
CA ASN A 208 21.18 -6.64 27.40
C ASN A 208 21.15 -8.15 27.53
N LEU A 209 20.21 -8.67 28.33
CA LEU A 209 20.16 -10.12 28.54
C LEU A 209 19.62 -10.84 27.32
N ALA A 210 18.68 -10.23 26.60
CA ALA A 210 18.06 -10.89 25.46
C ALA A 210 19.03 -10.99 24.29
N THR A 211 19.74 -9.90 23.97
CA THR A 211 20.55 -9.90 22.77
C THR A 211 21.76 -10.82 22.85
N SER A 212 22.08 -11.36 24.03
CA SER A 212 23.26 -12.18 24.20
C SER A 212 23.08 -13.62 23.74
N LEU A 213 21.98 -13.95 23.07
CA LEU A 213 21.74 -15.34 22.67
C LEU A 213 22.49 -15.75 21.42
N ARG A 214 23.05 -14.80 20.67
CA ARG A 214 23.62 -15.06 19.36
C ARG A 214 25.14 -15.02 19.36
N ALA A 215 25.78 -15.19 20.52
CA ALA A 215 27.23 -15.03 20.59
C ALA A 215 27.98 -16.32 20.26
N ASP A 216 27.34 -17.48 20.40
CA ASP A 216 28.03 -18.77 20.35
C ASP A 216 27.87 -19.49 19.02
N PHE A 217 27.30 -18.84 18.00
CA PHE A 217 26.97 -19.55 16.77
C PHE A 217 28.22 -19.98 16.00
N ARG A 218 29.16 -19.04 15.81
CA ARG A 218 30.35 -19.37 15.04
C ARG A 218 31.22 -20.40 15.74
N ARG A 219 31.14 -20.47 17.07
CA ARG A 219 31.98 -21.40 17.81
C ARG A 219 31.66 -22.85 17.45
N VAL A 220 30.38 -23.17 17.28
CA VAL A 220 30.00 -24.53 16.91
C VAL A 220 30.54 -24.88 15.53
N GLU A 221 30.43 -23.96 14.57
CA GLU A 221 30.96 -24.22 13.23
C GLU A 221 32.47 -24.43 13.27
N ASP A 222 33.19 -23.61 14.04
CA ASP A 222 34.63 -23.78 14.15
C ASP A 222 34.98 -25.12 14.78
N SER A 223 34.25 -25.52 15.82
CA SER A 223 34.51 -26.82 16.44
C SER A 223 34.26 -27.95 15.46
N TRP A 224 33.18 -27.87 14.68
CA TRP A 224 32.91 -28.90 13.69
C TRP A 224 34.00 -28.96 12.63
N ARG A 225 34.46 -27.80 12.16
CA ARG A 225 35.51 -27.80 11.14
C ARG A 225 36.81 -28.40 11.68
N GLU A 226 37.20 -28.03 12.90
CA GLU A 226 38.44 -28.57 13.45
C GLU A 226 38.32 -30.06 13.72
N ALA A 227 37.14 -30.52 14.16
CA ALA A 227 36.92 -31.95 14.33
C ALA A 227 37.02 -32.68 13.00
N ASP A 228 36.46 -32.10 11.94
CA ASP A 228 36.55 -32.71 10.62
C ASP A 228 38.01 -32.78 10.15
N ARG A 229 38.77 -31.72 10.37
CA ARG A 229 40.18 -31.73 9.97
C ARG A 229 40.96 -32.79 10.74
N ALA A 230 40.73 -32.89 12.05
CA ALA A 230 41.39 -33.93 12.84
C ALA A 230 41.00 -35.33 12.36
N LEU A 231 39.72 -35.52 12.03
CA LEU A 231 39.28 -36.82 11.55
C LEU A 231 39.95 -37.17 10.22
N ARG A 232 40.04 -36.21 9.30
CA ARG A 232 40.70 -36.47 8.02
C ARG A 232 42.18 -36.76 8.22
N HIS A 233 42.83 -36.03 9.13
CA HIS A 233 44.24 -36.32 9.41
C HIS A 233 44.42 -37.72 9.98
N SER A 234 43.53 -38.13 10.88
CA SER A 234 43.62 -39.47 11.44
C SER A 234 43.38 -40.54 10.37
N ILE A 235 42.43 -40.29 9.47
CA ILE A 235 42.12 -41.26 8.41
C ILE A 235 43.31 -41.40 7.48
N ILE A 236 43.90 -40.28 7.06
CA ILE A 236 45.04 -40.33 6.14
C ILE A 236 46.24 -40.95 6.83
N SER A 237 46.45 -40.64 8.11
CA SER A 237 47.57 -41.22 8.84
C SER A 237 47.43 -42.73 8.98
N GLU A 238 46.22 -43.21 9.23
CA GLU A 238 45.97 -44.63 9.40
C GLU A 238 46.22 -45.40 8.10
N HIS A 241 46.95 -46.50 4.09
CA HIS A 241 45.69 -46.23 4.78
C HIS A 241 44.92 -47.53 5.02
N ARG A 242 44.32 -47.65 6.20
CA ARG A 242 43.57 -48.84 6.56
C ARG A 242 42.16 -48.76 5.97
N GLY A 243 41.79 -49.77 5.19
CA GLY A 243 40.47 -49.79 4.58
C GLY A 243 39.38 -50.30 5.49
N GLU A 244 39.73 -51.08 6.51
CA GLU A 244 38.71 -51.60 7.43
C GLU A 244 38.01 -50.47 8.18
N ILE A 245 38.77 -49.48 8.64
CA ILE A 245 38.17 -48.35 9.35
C ILE A 245 37.23 -47.58 8.43
N VAL A 246 37.66 -47.35 7.19
CA VAL A 246 36.83 -46.63 6.23
C VAL A 246 35.54 -47.39 5.96
N ASP A 247 35.64 -48.71 5.76
CA ASP A 247 34.44 -49.51 5.52
C ASP A 247 33.50 -49.49 6.71
N ARG A 248 34.06 -49.61 7.93
CA ARG A 248 33.22 -49.60 9.13
C ARG A 248 32.51 -48.26 9.29
N LEU A 249 33.23 -47.15 9.05
CA LEU A 249 32.61 -45.84 9.21
C LEU A 249 31.56 -45.58 8.13
N LEU A 250 31.84 -46.01 6.89
CA LEU A 250 30.84 -45.86 5.84
C LEU A 250 29.60 -46.69 6.12
N ASP A 251 29.78 -47.92 6.59
CA ASP A 251 28.64 -48.76 6.95
C ASP A 251 27.84 -48.15 8.10
N GLY A 252 28.54 -47.64 9.11
CA GLY A 252 27.86 -47.03 10.24
C GLY A 252 27.14 -45.76 9.82
N GLN A 253 25.83 -45.71 10.11
CA GLN A 253 25.02 -44.54 9.82
C GLN A 253 24.97 -43.56 10.99
N ASP A 254 25.70 -43.85 12.07
CA ASP A 254 25.72 -42.95 13.22
C ASP A 254 26.35 -41.61 12.84
N ALA A 255 25.86 -40.55 13.48
CA ALA A 255 26.37 -39.21 13.18
C ALA A 255 27.83 -39.08 13.60
N LEU A 256 28.63 -38.51 12.72
CA LEU A 256 30.03 -38.23 13.00
C LEU A 256 30.16 -36.84 13.60
N LEU A 257 31.41 -36.40 13.80
CA LEU A 257 31.70 -35.04 14.25
C LEU A 257 30.96 -34.71 15.55
N ASN A 258 31.29 -35.47 16.59
CA ASN A 258 30.60 -35.37 17.87
C ASN A 258 31.40 -34.46 18.81
N THR A 259 30.82 -33.32 19.16
CA THR A 259 31.38 -32.38 20.11
C THR A 259 30.30 -31.98 21.09
N PRO A 260 30.67 -31.62 22.32
CA PRO A 260 29.65 -31.17 23.29
C PRO A 260 28.84 -29.97 22.82
N GLU A 261 29.48 -29.07 22.06
CA GLU A 261 28.77 -27.90 21.56
C GLU A 261 27.62 -28.29 20.65
N GLY A 262 27.79 -29.34 19.85
CA GLY A 262 26.71 -29.81 19.01
C GLY A 262 25.51 -30.26 19.83
N ARG A 263 25.75 -31.02 20.90
CA ARG A 263 24.66 -31.47 21.75
C ARG A 263 23.95 -30.31 22.41
N VAL A 264 24.72 -29.32 22.88
CA VAL A 264 24.12 -28.15 23.54
C VAL A 264 23.25 -27.39 22.54
N PHE A 265 23.76 -27.17 21.33
CA PHE A 265 23.00 -26.47 20.31
C PHE A 265 21.73 -27.24 19.96
N GLU A 266 21.84 -28.57 19.87
CA GLU A 266 20.67 -29.38 19.55
C GLU A 266 19.60 -29.24 20.62
N SER A 267 20.00 -29.30 21.89
CA SER A 267 19.02 -29.15 22.97
C SER A 267 18.39 -27.76 22.94
N PHE A 268 19.21 -26.72 22.74
CA PHE A 268 18.69 -25.37 22.68
C PHE A 268 17.66 -25.23 21.56
N GLN A 269 17.98 -25.71 20.37
CA GLN A 269 17.05 -25.58 19.25
C GLN A 269 15.80 -26.44 19.46
N GLN A 270 15.95 -27.61 20.06
CA GLN A 270 14.80 -28.47 20.30
C GLN A 270 13.81 -27.79 21.25
N GLN A 271 14.31 -27.18 22.32
CA GLN A 271 13.40 -26.40 23.16
C GLN A 271 12.88 -25.16 22.44
N LEU A 272 13.66 -24.60 21.52
CA LEU A 272 13.22 -23.45 20.75
C LEU A 272 12.11 -23.78 19.78
N ARG A 273 11.96 -25.05 19.40
CA ARG A 273 10.98 -25.42 18.39
C ARG A 273 9.54 -25.28 18.86
N GLN A 274 9.30 -25.06 20.15
CA GLN A 274 7.94 -24.94 20.68
C GLN A 274 7.50 -23.48 20.54
N SER A 275 6.60 -23.22 19.58
CA SER A 275 6.16 -21.87 19.28
C SER A 275 5.11 -21.35 20.25
N ALA A 276 4.55 -22.21 21.11
CA ALA A 276 3.47 -21.78 22.00
C ALA A 276 3.92 -20.63 22.90
N GLU A 277 5.07 -20.80 23.55
CA GLU A 277 5.61 -19.71 24.36
C GLU A 277 6.18 -18.58 23.52
N LEU A 278 6.63 -18.90 22.30
CA LEU A 278 7.20 -17.87 21.43
C LEU A 278 6.17 -16.82 21.06
N GLU A 279 4.94 -17.26 20.75
CA GLU A 279 3.90 -16.30 20.41
C GLU A 279 3.58 -15.39 21.57
N VAL A 280 3.49 -15.96 22.78
CA VAL A 280 3.21 -15.15 23.96
C VAL A 280 4.34 -14.15 24.20
N MET A 281 5.58 -14.60 24.05
CA MET A 281 6.72 -13.71 24.25
C MET A 281 6.69 -12.55 23.25
N ARG A 282 6.40 -12.87 21.98
CA ARG A 282 6.34 -11.81 20.97
C ARG A 282 5.22 -10.83 21.27
N GLU A 283 4.05 -11.33 21.67
CA GLU A 283 2.94 -10.44 22.00
C GLU A 283 3.29 -9.55 23.18
N ARG A 284 3.93 -10.12 24.21
CA ARG A 284 4.32 -9.31 25.36
C ARG A 284 5.31 -8.22 24.96
N LEU A 285 6.29 -8.58 24.13
CA LEU A 285 7.27 -7.58 23.69
C LEU A 285 6.60 -6.46 22.91
N ARG A 286 5.71 -6.81 21.99
CA ARG A 286 5.03 -5.80 21.20
C ARG A 286 4.13 -4.93 22.07
N THR A 287 3.53 -5.51 23.11
CA THR A 287 2.76 -4.71 24.06
C THR A 287 3.66 -3.73 24.81
N ILE A 288 4.85 -4.21 25.22
CA ILE A 288 5.78 -3.34 25.94
C ILE A 288 6.22 -2.18 25.07
N LEU A 289 6.48 -2.44 23.78
CA LEU A 289 7.06 -1.43 22.91
C LEU A 289 6.21 -0.17 22.84
N ARG A 290 4.90 -0.29 23.05
CA ARG A 290 4.01 0.87 22.99
C ARG A 290 3.92 1.51 24.37
N HIS A 291 4.97 2.24 24.73
CA HIS A 291 5.02 2.97 25.99
C HIS A 291 5.75 4.29 25.78
N PRO A 292 5.30 5.36 26.43
CA PRO A 292 5.94 6.67 26.21
C PRO A 292 7.41 6.72 26.59
N ALA A 293 7.86 5.86 27.50
CA ALA A 293 9.25 5.92 27.95
C ALA A 293 10.22 5.25 26.98
N VAL A 294 9.72 4.58 25.94
CA VAL A 294 10.61 3.87 25.02
C VAL A 294 11.64 4.80 24.36
N PRO A 295 11.28 5.97 23.81
CA PRO A 295 12.29 6.80 23.16
C PRO A 295 13.39 7.26 24.09
N LYS A 296 13.14 7.26 25.40
CA LYS A 296 14.15 7.73 26.34
C LYS A 296 15.19 6.66 26.66
N ALA A 297 14.93 5.40 26.31
CA ALA A 297 15.78 4.29 26.72
C ALA A 297 16.55 3.66 25.57
N LEU A 298 15.89 3.35 24.46
CA LEU A 298 16.50 2.61 23.37
C LEU A 298 16.41 3.43 22.09
N ASN A 299 17.48 3.36 21.29
CA ASN A 299 17.50 4.01 19.99
C ASN A 299 16.76 3.17 18.96
N ARG A 300 16.69 3.68 17.73
CA ARG A 300 15.98 2.96 16.67
C ARG A 300 16.54 1.56 16.42
N PRO A 301 17.85 1.36 16.21
CA PRO A 301 18.31 0.00 15.89
C PRO A 301 18.03 -1.01 16.98
N GLN A 302 18.15 -0.62 18.25
CA GLN A 302 17.86 -1.54 19.34
C GLN A 302 16.40 -1.96 19.33
N GLN A 303 15.49 -1.01 19.11
CA GLN A 303 14.08 -1.33 19.03
C GLN A 303 13.80 -2.26 17.85
N ARG A 304 14.41 -2.00 16.69
CA ARG A 304 14.22 -2.86 15.55
C ARG A 304 14.70 -4.28 15.83
N GLU A 305 15.86 -4.40 16.47
CA GLU A 305 16.38 -5.73 16.82
C GLU A 305 15.45 -6.44 17.79
N LEU A 306 14.94 -5.72 18.79
CA LEU A 306 14.08 -6.36 19.78
C LEU A 306 12.73 -6.77 19.19
N ARG A 307 12.26 -6.06 18.15
CA ARG A 307 10.92 -6.35 17.65
C ARG A 307 10.82 -7.72 17.00
N TRP A 308 11.89 -8.19 16.36
CA TRP A 308 11.87 -9.41 15.57
C TRP A 308 12.80 -10.47 16.13
N LEU A 309 12.78 -10.66 17.44
CA LEU A 309 13.69 -11.62 18.07
C LEU A 309 13.37 -13.04 17.64
N ALA A 310 12.09 -13.43 17.70
CA ALA A 310 11.73 -14.85 17.61
C ALA A 310 12.04 -15.42 16.23
N LEU A 311 11.53 -14.78 15.17
CA LEU A 311 11.72 -15.31 13.83
C LEU A 311 13.18 -15.30 13.43
N ARG A 312 13.90 -14.24 13.79
CA ARG A 312 15.32 -14.16 13.49
C ARG A 312 16.08 -15.29 14.18
N LEU A 313 15.77 -15.55 15.45
CA LEU A 313 16.43 -16.64 16.16
C LEU A 313 16.12 -17.98 15.51
N VAL A 314 14.87 -18.20 15.11
CA VAL A 314 14.51 -19.47 14.49
C VAL A 314 15.28 -19.68 13.19
N ARG A 315 15.31 -18.64 12.35
CA ARG A 315 16.02 -18.76 11.07
C ARG A 315 17.52 -18.97 11.28
N GLU A 316 18.11 -18.24 12.23
CA GLU A 316 19.53 -18.43 12.52
C GLU A 316 19.82 -19.84 13.01
N SER A 317 18.96 -20.37 13.88
CA SER A 317 19.13 -21.74 14.34
C SER A 317 19.04 -22.73 13.18
N GLN A 318 18.10 -22.51 12.26
CA GLN A 318 17.97 -23.39 11.12
C GLN A 318 19.21 -23.34 10.24
N ALA A 319 19.85 -22.16 10.15
CA ALA A 319 20.94 -21.98 9.21
C ALA A 319 22.16 -22.87 9.48
N VAL A 320 22.27 -23.45 10.68
CA VAL A 320 23.45 -24.24 11.00
C VAL A 320 23.27 -25.72 10.65
N LEU A 321 22.02 -26.19 10.60
CA LEU A 321 21.78 -27.59 10.28
C LEU A 321 22.23 -27.91 8.86
N GLN A 322 22.00 -26.98 7.92
CA GLN A 322 22.46 -27.19 6.55
C GLN A 322 23.98 -27.28 6.50
N ALA A 323 24.67 -26.45 7.26
CA ALA A 323 26.13 -26.51 7.30
C ALA A 323 26.60 -27.85 7.84
N ARG A 324 25.97 -28.32 8.92
CA ARG A 324 26.35 -29.62 9.47
C ARG A 324 26.12 -30.74 8.45
N ALA A 325 24.98 -30.69 7.76
CA ALA A 325 24.67 -31.72 6.77
C ALA A 325 25.68 -31.70 5.63
N ARG A 326 26.05 -30.51 5.16
CA ARG A 326 27.04 -30.42 4.08
C ARG A 326 28.39 -30.94 4.54
N SER A 327 28.79 -30.61 5.76
CA SER A 327 30.06 -31.10 6.28
C SER A 327 30.07 -32.63 6.35
N GLU A 328 28.99 -33.23 6.87
CA GLU A 328 28.92 -34.67 6.94
C GLU A 328 28.94 -35.29 5.55
N ARG A 329 28.21 -34.70 4.61
CA ARG A 329 28.16 -35.23 3.26
C ARG A 329 29.53 -35.18 2.60
N ASP A 330 30.26 -34.08 2.78
CA ASP A 330 31.59 -33.95 2.20
C ASP A 330 32.55 -34.95 2.84
N VAL A 331 32.45 -35.16 4.15
CA VAL A 331 33.32 -36.14 4.80
C VAL A 331 33.05 -37.53 4.24
N ARG A 332 31.77 -37.90 4.11
CA ARG A 332 31.43 -39.21 3.58
C ARG A 332 31.88 -39.36 2.13
N GLY A 333 31.75 -38.30 1.33
CA GLY A 333 32.22 -38.35 -0.04
C GLY A 333 33.72 -38.52 -0.14
N PHE A 334 34.47 -37.81 0.72
CA PHE A 334 35.92 -37.98 0.75
C PHE A 334 36.31 -39.39 1.16
N MET A 335 35.60 -39.96 2.14
CA MET A 335 35.90 -41.31 2.59
C MET A 335 35.68 -42.33 1.47
N LYS A 336 34.62 -42.15 0.68
CA LYS A 336 34.31 -43.07 -0.39
C LYS A 336 35.32 -43.02 -1.53
N THR A 337 36.14 -41.97 -1.59
CA THR A 337 37.13 -41.86 -2.67
C THR A 337 38.18 -42.97 -2.56
N GLY A 338 38.62 -43.28 -1.35
CA GLY A 338 39.58 -44.36 -1.16
C GLY A 338 40.94 -44.10 -1.78
N LEU A 339 41.44 -42.87 -1.65
CA LEU A 339 42.76 -42.51 -2.15
C LEU A 339 43.70 -42.06 -1.03
N ALA A 340 43.35 -42.35 0.23
CA ALA A 340 44.19 -41.90 1.34
C ALA A 340 45.55 -42.58 1.33
N ALA A 341 45.59 -43.87 1.02
CA ALA A 341 46.87 -44.57 0.96
C ALA A 341 47.75 -44.03 -0.18
N GLU A 342 47.13 -43.75 -1.33
CA GLU A 342 47.86 -43.15 -2.45
C GLU A 342 48.47 -41.83 -2.04
N HIS A 343 47.68 -40.95 -1.41
CA HIS A 343 48.19 -39.65 -1.00
C HIS A 343 49.29 -39.80 0.05
N HIS A 344 49.13 -40.74 0.97
CA HIS A 344 50.17 -41.00 1.97
C HIS A 344 51.48 -41.40 1.32
N ARG A 345 51.43 -42.36 0.40
CA ARG A 345 52.66 -42.81 -0.26
C ARG A 345 53.28 -41.70 -1.10
N VAL A 346 52.46 -40.94 -1.84
CA VAL A 346 53.00 -39.88 -2.67
C VAL A 346 53.62 -38.78 -1.83
N GLY A 347 53.00 -38.48 -0.68
CA GLY A 347 53.60 -37.51 0.23
C GLY A 347 54.92 -37.99 0.80
N GLN A 348 55.00 -39.28 1.15
CA GLN A 348 56.27 -39.83 1.62
C GLN A 348 57.34 -39.72 0.55
N LEU A 349 57.00 -40.06 -0.70
CA LEU A 349 57.97 -39.98 -1.79
C LEU A 349 58.40 -38.54 -2.05
N LEU A 350 57.46 -37.59 -1.99
CA LEU A 350 57.80 -36.19 -2.19
C LEU A 350 58.70 -35.69 -1.07
N ASN A 351 58.44 -36.11 0.17
CA ASN A 351 59.32 -35.74 1.27
C ASN A 351 60.72 -36.29 1.07
N ASP A 352 60.83 -37.54 0.61
CA ASP A 352 62.14 -38.10 0.31
C ASP A 352 62.85 -37.32 -0.79
N PHE A 353 62.12 -36.96 -1.85
CA PHE A 353 62.72 -36.20 -2.94
C PHE A 353 63.19 -34.83 -2.45
N PHE A 354 62.38 -34.15 -1.64
CA PHE A 354 62.77 -32.83 -1.15
C PHE A 354 63.93 -32.93 -0.17
N ASN A 355 64.03 -34.03 0.58
CA ASN A 355 65.20 -34.27 1.41
C ASN A 355 66.44 -34.44 0.53
N LEU A 356 66.33 -35.18 -0.57
CA LEU A 356 67.45 -35.33 -1.48
C LEU A 356 67.79 -34.02 -2.18
N ALA A 357 66.82 -33.13 -2.33
CA ALA A 357 67.00 -31.89 -3.08
C ALA A 357 67.90 -30.89 -2.37
N LEU A 358 68.26 -31.13 -1.11
CA LEU A 358 69.14 -30.23 -0.38
C LEU A 358 70.61 -30.58 -0.53
N SER A 359 70.94 -31.64 -1.27
CA SER A 359 72.32 -32.07 -1.48
C SER A 359 72.81 -31.80 -2.90
N VAL A 360 72.11 -30.95 -3.64
CA VAL A 360 72.49 -30.60 -5.00
C VAL A 360 72.92 -29.14 -5.03
N ASP A 361 73.66 -28.79 -6.08
CA ASP A 361 74.16 -27.43 -6.28
C ASP A 361 73.25 -26.73 -7.27
N TRP A 362 72.38 -25.85 -6.77
CA TRP A 362 71.50 -25.05 -7.62
C TRP A 362 72.17 -23.81 -8.17
N GLN A 363 73.44 -23.56 -7.82
CA GLN A 363 74.16 -22.41 -8.34
C GLN A 363 74.88 -22.70 -9.65
N ARG A 364 74.72 -23.90 -10.19
CA ARG A 364 75.31 -24.29 -11.46
C ARG A 364 74.21 -24.40 -12.52
N GLN A 365 74.36 -23.68 -13.62
CA GLN A 365 73.40 -23.77 -14.71
C GLN A 365 73.45 -25.15 -15.38
N SER A 366 74.64 -25.74 -15.49
CA SER A 366 74.77 -27.04 -16.15
C SER A 366 74.01 -28.12 -15.40
N GLU A 367 74.11 -28.13 -14.07
CA GLU A 367 73.37 -29.12 -13.28
C GLU A 367 71.87 -28.89 -13.38
N ARG A 368 71.43 -27.64 -13.34
CA ARG A 368 70.01 -27.35 -13.39
C ARG A 368 69.39 -27.71 -14.74
N ARG A 369 70.19 -27.71 -15.80
CA ARG A 369 69.71 -28.05 -17.13
C ARG A 369 70.03 -29.49 -17.52
N LYS A 370 70.54 -30.29 -16.59
CA LYS A 370 70.77 -31.69 -16.87
C LYS A 370 69.44 -32.42 -16.97
N PRO A 371 69.14 -33.09 -18.10
CA PRO A 371 67.83 -33.73 -18.24
C PRO A 371 67.61 -34.83 -17.21
N ALA A 372 66.36 -34.98 -16.80
CA ALA A 372 65.94 -36.01 -15.87
C ALA A 372 65.25 -37.14 -16.63
N CYS A 373 64.73 -38.11 -15.90
CA CYS A 373 64.04 -39.26 -16.49
C CYS A 373 62.60 -39.27 -16.01
N LEU A 374 61.68 -38.85 -16.90
CA LEU A 374 60.26 -38.90 -16.63
C LEU A 374 59.56 -39.21 -17.94
N PRO A 375 58.73 -40.25 -17.99
CA PRO A 375 58.06 -40.59 -19.24
C PRO A 375 57.09 -39.49 -19.64
N PRO A 376 56.91 -39.26 -20.94
CA PRO A 376 55.95 -38.25 -21.39
C PRO A 376 54.52 -38.73 -21.12
N VAL A 377 53.74 -37.86 -20.48
CA VAL A 377 52.35 -38.16 -20.11
C VAL A 377 51.44 -37.17 -20.82
N GLY A 378 50.35 -37.70 -21.39
CA GLY A 378 49.43 -36.86 -22.14
C GLY A 378 50.02 -36.30 -23.42
N VAL A 379 50.73 -37.12 -24.19
CA VAL A 379 51.37 -36.65 -25.41
C VAL A 379 50.31 -36.35 -26.46
N ALA A 380 50.29 -35.12 -26.94
CA ALA A 380 49.34 -34.71 -27.97
C ALA A 380 49.88 -35.07 -29.36
N ILE A 381 49.13 -34.69 -30.39
CA ILE A 381 49.58 -34.88 -31.76
C ILE A 381 50.78 -33.99 -32.03
N THR A 382 51.51 -34.31 -33.11
CA THR A 382 52.69 -33.53 -33.45
C THR A 382 52.31 -32.27 -34.21
N GLY A 383 51.36 -31.51 -33.67
CA GLY A 383 50.94 -30.26 -34.27
C GLY A 383 50.12 -30.48 -35.53
N VAL A 384 50.80 -30.94 -36.59
CA VAL A 384 50.18 -31.21 -37.88
C VAL A 384 50.83 -32.46 -38.46
N PRO A 385 50.15 -33.11 -39.43
CA PRO A 385 50.79 -34.23 -40.13
C PRO A 385 51.81 -33.76 -41.17
N ALA A 386 52.20 -32.48 -41.09
CA ALA A 386 53.19 -31.88 -41.97
C ALA A 386 52.72 -31.83 -43.42
N ILE A 387 51.41 -31.76 -43.63
CA ILE A 387 50.85 -31.63 -44.97
C ILE A 387 49.78 -30.54 -44.97
N ALA A 422 20.25 -7.67 -37.28
CA ALA A 422 20.60 -6.27 -37.01
C ALA A 422 21.00 -6.10 -35.54
N PHE A 423 22.15 -6.65 -35.19
CA PHE A 423 22.67 -6.60 -33.83
C PHE A 423 23.65 -5.45 -33.69
N ASP A 424 24.40 -5.44 -32.59
CA ASP A 424 25.47 -4.48 -32.34
C ASP A 424 24.95 -3.05 -32.23
N GLY A 425 24.50 -2.48 -33.34
CA GLY A 425 23.98 -1.13 -33.33
C GLY A 425 25.04 -0.08 -33.04
N LEU A 426 24.96 0.55 -31.87
CA LEU A 426 25.88 1.60 -31.47
C LEU A 426 26.28 1.42 -30.02
N ASP A 427 27.52 1.78 -29.71
CA ASP A 427 28.04 1.76 -28.35
C ASP A 427 28.35 3.19 -27.94
N ARG A 428 27.84 3.60 -26.76
CA ARG A 428 27.99 4.97 -26.32
C ARG A 428 29.26 5.17 -25.49
N GLU A 429 29.53 4.25 -24.56
CA GLU A 429 30.59 4.47 -23.59
C GLU A 429 31.95 4.60 -24.26
N ALA A 430 32.23 3.74 -25.24
CA ALA A 430 33.51 3.79 -25.94
C ALA A 430 33.68 5.13 -26.67
N LEU A 431 32.62 5.58 -27.33
CA LEU A 431 32.68 6.86 -28.04
C LEU A 431 32.92 8.00 -27.07
N ILE A 432 32.23 7.99 -25.93
CA ILE A 432 32.42 9.05 -24.94
C ILE A 432 33.86 9.06 -24.43
N HIS A 433 34.39 7.88 -24.12
CA HIS A 433 35.76 7.81 -23.61
C HIS A 433 36.77 8.27 -24.64
N ASP A 434 36.60 7.87 -25.90
CA ASP A 434 37.53 8.28 -26.94
C ASP A 434 37.47 9.78 -27.18
N THR A 435 36.25 10.35 -27.18
CA THR A 435 36.12 11.79 -27.33
C THR A 435 36.77 12.53 -26.17
N LEU A 436 36.59 12.02 -24.96
CA LEU A 436 37.25 12.63 -23.80
C LEU A 436 38.77 12.58 -23.94
N ALA A 437 39.29 11.44 -24.40
CA ALA A 437 40.73 11.32 -24.58
C ALA A 437 41.24 12.31 -25.62
N VAL A 438 40.51 12.45 -26.74
CA VAL A 438 40.92 13.41 -27.76
C VAL A 438 40.90 14.83 -27.21
N LEU A 439 39.85 15.17 -26.46
CA LEU A 439 39.74 16.52 -25.91
C LEU A 439 40.87 16.81 -24.94
N VAL A 440 41.19 15.85 -24.07
CA VAL A 440 42.24 16.10 -23.08
C VAL A 440 43.61 16.14 -23.73
N GLU A 441 43.84 15.32 -24.76
CA GLU A 441 45.15 15.31 -25.39
C GLU A 441 45.37 16.56 -26.23
N GLN A 442 44.33 17.06 -26.91
CA GLN A 442 44.49 18.28 -27.69
C GLN A 442 44.54 19.50 -26.78
N GLY A 443 43.65 19.56 -25.78
CA GLY A 443 43.66 20.63 -24.81
C GLY A 443 43.33 22.01 -25.35
N ARG A 444 42.62 22.09 -26.47
CA ARG A 444 42.25 23.35 -27.09
C ARG A 444 40.84 23.24 -27.63
N PRO A 445 40.16 24.37 -27.82
CA PRO A 445 38.80 24.32 -28.38
C PRO A 445 38.78 23.73 -29.78
N VAL A 446 37.81 22.84 -30.02
CA VAL A 446 37.67 22.14 -31.29
C VAL A 446 36.22 22.21 -31.73
N SER A 447 36.00 22.47 -33.01
CA SER A 447 34.66 22.49 -33.57
C SER A 447 34.30 21.10 -34.08
N LEU A 448 33.08 20.97 -34.61
CA LEU A 448 32.60 19.65 -35.03
C LEU A 448 33.37 19.12 -36.23
N GLY A 449 33.77 20.00 -37.16
CA GLY A 449 34.43 19.54 -38.36
C GLY A 449 35.73 18.83 -38.07
N GLU A 450 36.59 19.42 -37.25
CA GLU A 450 37.87 18.80 -36.92
C GLU A 450 37.67 17.51 -36.15
N LEU A 451 36.71 17.50 -35.21
CA LEU A 451 36.45 16.29 -34.44
C LEU A 451 35.97 15.16 -35.33
N ALA A 452 35.12 15.47 -36.32
CA ALA A 452 34.69 14.45 -37.27
C ALA A 452 35.86 13.97 -38.12
N SER A 453 36.71 14.89 -38.56
CA SER A 453 37.84 14.50 -39.39
C SER A 453 38.79 13.58 -38.64
N LEU A 454 39.17 13.95 -37.42
CA LEU A 454 40.10 13.14 -36.65
C LEU A 454 39.51 11.78 -36.30
N LEU A 455 38.21 11.72 -36.02
CA LEU A 455 37.54 10.49 -35.61
C LEU A 455 36.35 10.27 -36.53
N PRO A 456 36.58 9.73 -37.72
CA PRO A 456 35.48 9.47 -38.65
C PRO A 456 34.45 8.54 -38.05
N PRO A 457 33.17 8.80 -38.27
CA PRO A 457 32.11 7.99 -37.66
C PRO A 457 31.68 6.82 -38.54
N ALA A 458 31.13 5.80 -37.88
CA ALA A 458 30.52 4.70 -38.60
C ALA A 458 29.10 5.07 -39.06
N HIS A 459 28.31 5.63 -38.16
CA HIS A 459 26.98 6.13 -38.47
C HIS A 459 27.01 7.64 -38.35
N ASP A 460 26.63 8.34 -39.43
CA ASP A 460 26.70 9.80 -39.44
C ASP A 460 25.79 10.41 -38.38
N LEU A 461 24.56 9.91 -38.28
CA LEU A 461 23.68 10.35 -37.21
C LEU A 461 24.05 9.62 -35.92
N GLU A 462 23.27 9.88 -34.87
CA GLU A 462 23.47 9.28 -33.55
C GLU A 462 24.77 9.74 -32.92
N THR A 463 25.53 10.56 -33.65
CA THR A 463 26.80 11.09 -33.17
C THR A 463 26.79 12.60 -33.11
N PHE A 464 26.32 13.26 -34.17
CA PHE A 464 26.10 14.70 -34.12
C PHE A 464 25.15 15.06 -32.98
N ALA A 465 24.08 14.27 -32.83
CA ALA A 465 23.14 14.51 -31.74
C ALA A 465 23.83 14.37 -30.39
N LEU A 466 24.69 13.37 -30.24
CA LEU A 466 25.38 13.18 -28.97
C LEU A 466 26.28 14.36 -28.65
N TRP A 467 27.04 14.84 -29.64
CA TRP A 467 27.93 15.97 -29.42
C TRP A 467 27.13 17.22 -29.07
N LEU A 468 26.03 17.47 -29.80
CA LEU A 468 25.21 18.64 -29.50
C LEU A 468 24.60 18.54 -28.10
N ALA A 469 24.16 17.35 -27.71
CA ALA A 469 23.60 17.16 -26.37
C ALA A 469 24.64 17.43 -25.30
N MET A 470 25.87 16.93 -25.51
CA MET A 470 26.93 17.21 -24.55
C MET A 470 27.21 18.70 -24.45
N ALA A 471 27.25 19.38 -25.60
CA ALA A 471 27.52 20.83 -25.60
C ALA A 471 26.43 21.59 -24.86
N ARG A 472 25.16 21.24 -25.12
CA ARG A 472 24.06 21.93 -24.45
C ARG A 472 24.05 21.64 -22.96
N GLU A 473 24.28 20.39 -22.57
CA GLU A 473 24.24 20.03 -21.16
C GLU A 473 25.37 20.69 -20.39
N ALA A 474 26.57 20.73 -20.97
CA ALA A 474 27.71 21.33 -20.27
C ALA A 474 27.57 22.83 -20.08
N GLY A 475 26.60 23.47 -20.72
CA GLY A 475 26.45 24.90 -20.66
C GLY A 475 27.30 25.67 -21.65
N ILE A 476 28.11 24.98 -22.46
CA ILE A 476 28.92 25.64 -23.46
C ILE A 476 28.01 26.17 -24.57
N GLU A 477 28.21 27.42 -24.94
CA GLU A 477 27.31 28.07 -25.89
C GLU A 477 27.48 27.51 -27.29
N VAL A 478 26.39 27.54 -28.06
CA VAL A 478 26.35 27.03 -29.43
C VAL A 478 25.80 28.15 -30.32
N LEU A 479 26.48 28.41 -31.43
CA LEU A 479 26.08 29.46 -32.35
C LEU A 479 25.37 28.85 -33.56
N THR A 480 24.28 29.49 -33.97
CA THR A 480 23.47 29.00 -35.07
C THR A 480 23.47 29.96 -36.27
N GLU A 481 24.22 31.05 -36.20
CA GLU A 481 24.22 32.03 -37.29
C GLU A 481 25.16 31.66 -38.43
N GLU A 482 26.06 30.69 -38.21
CA GLU A 482 27.05 30.32 -39.21
C GLU A 482 27.01 28.82 -39.43
N ARG A 483 27.40 28.40 -40.63
CA ARG A 483 27.28 27.01 -41.06
C ARG A 483 28.64 26.46 -41.46
N GLN A 484 28.90 25.22 -41.07
CA GLN A 484 30.11 24.49 -41.41
C GLN A 484 29.73 23.26 -42.21
N PHE A 485 30.32 23.09 -43.38
CA PHE A 485 29.95 22.01 -44.29
C PHE A 485 30.95 20.88 -44.15
N VAL A 486 30.44 19.69 -43.79
CA VAL A 486 31.25 18.49 -43.65
C VAL A 486 30.74 17.47 -44.65
N GLU A 487 31.66 16.90 -45.44
CA GLU A 487 31.33 15.92 -46.46
C GLU A 487 31.72 14.53 -45.96
N LEU A 488 30.76 13.61 -45.95
CA LEU A 488 30.99 12.25 -45.53
C LEU A 488 30.59 11.29 -46.64
N VAL A 489 31.27 10.14 -46.67
CA VAL A 489 30.98 9.07 -47.61
C VAL A 489 30.70 7.80 -46.82
N ASP A 490 29.58 7.16 -47.12
CA ASP A 490 29.18 5.96 -46.40
C ASP A 490 29.90 4.75 -46.99
N GLU A 491 29.50 3.55 -46.57
CA GLU A 491 30.12 2.34 -47.08
C GLU A 491 29.89 2.17 -48.57
N ASP A 492 28.68 2.44 -49.03
CA ASP A 492 28.35 2.29 -50.45
C ASP A 492 28.57 3.60 -51.21
N GLU A 493 29.76 4.17 -51.05
CA GLU A 493 30.22 5.35 -51.80
C GLU A 493 29.23 6.49 -51.54
N GLN A 494 28.80 7.22 -52.57
CA GLN A 494 27.80 8.29 -52.45
C GLN A 494 28.28 9.44 -51.55
N ARG A 495 27.44 10.45 -51.39
CA ARG A 495 27.83 11.68 -50.72
C ARG A 495 26.66 12.22 -49.92
N TRP A 496 26.98 12.82 -48.77
CA TRP A 496 26.00 13.50 -47.94
C TRP A 496 26.61 14.79 -47.40
N GLY A 497 25.79 15.83 -47.29
CA GLY A 497 26.24 17.10 -46.76
C GLY A 497 25.45 17.55 -45.55
N PHE A 498 26.15 17.88 -44.45
CA PHE A 498 25.51 18.22 -43.19
C PHE A 498 25.68 19.71 -42.92
N ASN A 499 24.56 20.42 -42.75
CA ASN A 499 24.56 21.86 -42.55
C ASN A 499 24.52 22.20 -41.05
N LEU A 500 25.55 21.76 -40.34
CA LEU A 500 25.58 21.88 -38.89
C LEU A 500 25.85 23.33 -38.47
N PRO A 501 25.39 23.72 -37.29
CA PRO A 501 25.78 25.01 -36.71
C PRO A 501 27.16 24.91 -36.06
N TYR A 502 27.62 26.01 -35.48
CA TYR A 502 28.97 26.08 -34.94
C TYR A 502 28.95 25.82 -33.43
N VAL A 503 29.92 25.00 -32.98
CA VAL A 503 30.12 24.73 -31.56
C VAL A 503 31.61 24.76 -31.29
N GLY A 504 31.96 25.04 -30.03
CA GLY A 504 33.33 24.95 -29.58
C GLY A 504 33.45 24.12 -28.32
N LEU A 505 34.27 23.07 -28.35
CA LEU A 505 34.34 22.11 -27.27
C LEU A 505 35.70 22.18 -26.58
N ASP A 506 35.68 22.26 -25.25
CA ASP A 506 36.89 22.24 -24.45
C ASP A 506 36.75 21.22 -23.35
N HIS A 507 37.89 20.69 -22.88
CA HIS A 507 37.87 19.64 -21.87
C HIS A 507 37.55 20.16 -20.48
N GLU A 508 38.00 21.39 -20.16
CA GLU A 508 37.93 21.87 -18.79
C GLU A 508 36.50 22.04 -18.31
N ALA A 509 35.61 22.55 -19.17
CA ALA A 509 34.24 22.83 -18.75
C ALA A 509 33.50 21.55 -18.39
N LEU A 510 33.67 20.49 -19.18
CA LEU A 510 32.90 19.26 -19.04
C LEU A 510 33.65 18.17 -18.29
N LYS A 511 34.74 18.51 -17.59
CA LYS A 511 35.55 17.50 -16.94
C LYS A 511 34.92 16.93 -15.68
N ASP A 512 33.83 17.52 -15.18
CA ASP A 512 33.27 17.12 -13.89
C ASP A 512 31.75 16.93 -13.98
N ILE A 513 31.30 16.22 -15.01
CA ILE A 513 29.89 15.88 -15.15
C ILE A 513 29.79 14.40 -15.54
N ASP A 514 29.02 13.64 -14.77
CA ASP A 514 28.81 12.24 -15.06
C ASP A 514 27.88 12.09 -16.26
N TRP A 515 27.90 10.91 -16.86
CA TRP A 515 27.12 10.65 -18.06
C TRP A 515 26.27 9.38 -17.91
N ALA B 23 28.63 4.53 7.24
CA ALA B 23 29.63 3.58 6.80
C ALA B 23 31.04 4.09 7.07
N GLN B 24 31.46 5.11 6.31
CA GLN B 24 32.78 5.70 6.52
C GLN B 24 32.89 6.34 7.90
N GLN B 25 31.76 6.74 8.48
CA GLN B 25 31.77 7.31 9.82
C GLN B 25 32.34 6.34 10.83
N ARG B 26 31.98 5.05 10.72
CA ARG B 26 32.55 4.04 11.61
C ARG B 26 34.05 3.91 11.40
N SER B 27 34.51 4.03 10.15
CA SER B 27 35.95 3.98 9.88
C SER B 27 36.66 5.12 10.59
N GLU B 28 36.12 6.34 10.49
CA GLU B 28 36.71 7.48 11.18
C GLU B 28 36.69 7.29 12.69
N ARG B 29 35.58 6.76 13.21
CA ARG B 29 35.46 6.53 14.65
C ARG B 29 36.51 5.52 15.12
N TYR B 30 36.73 4.47 14.34
CA TYR B 30 37.73 3.47 14.73
C TYR B 30 39.15 4.01 14.62
N VAL B 31 39.41 4.85 13.63
CA VAL B 31 40.73 5.50 13.55
C VAL B 31 40.95 6.36 14.78
N SER B 32 39.95 7.16 15.15
CA SER B 32 40.06 7.98 16.35
C SER B 32 40.22 7.12 17.59
N ALA B 33 39.53 5.98 17.66
CA ALA B 33 39.65 5.09 18.81
C ALA B 33 41.06 4.55 18.92
N ARG B 34 41.65 4.15 17.79
CA ARG B 34 43.05 3.74 17.80
C ARG B 34 43.94 4.89 18.25
N SER B 35 43.57 6.11 17.89
CA SER B 35 44.39 7.27 18.25
C SER B 35 44.27 7.64 19.72
N GLN B 36 43.16 7.29 20.37
CA GLN B 36 42.80 7.90 21.65
C GLN B 36 42.77 6.92 22.82
N HIS B 37 42.09 5.79 22.69
CA HIS B 37 41.76 4.99 23.86
C HIS B 37 43.01 4.42 24.50
N PRO B 38 43.27 4.72 25.78
CA PRO B 38 44.54 4.27 26.41
C PRO B 38 44.70 2.76 26.44
N ALA B 39 43.61 2.01 26.62
CA ALA B 39 43.74 0.55 26.65
C ALA B 39 44.24 0.01 25.32
N TRP B 40 43.73 0.56 24.22
CA TRP B 40 44.22 0.18 22.91
C TRP B 40 45.70 0.51 22.75
N LEU B 41 46.11 1.66 23.30
CA LEU B 41 47.52 2.03 23.25
C LEU B 41 48.38 1.02 24.02
N LEU B 42 47.91 0.60 25.20
CA LEU B 42 48.65 -0.40 25.96
C LEU B 42 48.73 -1.72 25.22
N LEU B 43 47.62 -2.14 24.60
CA LEU B 43 47.64 -3.39 23.83
C LEU B 43 48.58 -3.29 22.64
N ALA B 44 48.62 -2.13 22.00
CA ALA B 44 49.50 -1.94 20.85
C ALA B 44 50.96 -1.74 21.24
N SER B 45 51.28 -1.76 22.54
CA SER B 45 52.66 -1.59 22.97
C SER B 45 53.47 -2.84 22.70
N ARG B 46 54.79 -2.65 22.58
CA ARG B 46 55.69 -3.78 22.36
C ARG B 46 55.73 -4.71 23.57
N ARG B 47 55.78 -4.15 24.78
CA ARG B 47 55.94 -4.92 26.01
C ARG B 47 54.62 -5.14 26.73
N ALA B 48 53.53 -5.30 25.98
CA ALA B 48 52.21 -5.46 26.60
C ALA B 48 52.12 -6.66 27.53
N PRO B 49 52.56 -7.87 27.16
CA PRO B 49 52.27 -9.04 28.02
C PRO B 49 52.87 -8.95 29.41
N LEU B 50 54.17 -8.68 29.50
CA LEU B 50 54.83 -8.64 30.81
C LEU B 50 54.27 -7.53 31.69
N VAL B 51 54.06 -6.35 31.10
CA VAL B 51 53.53 -5.23 31.87
C VAL B 51 52.12 -5.54 32.37
N LEU B 52 51.30 -6.15 31.51
CA LEU B 52 49.94 -6.50 31.92
C LEU B 52 49.97 -7.55 33.03
N GLY B 53 50.86 -8.53 32.93
CA GLY B 53 50.98 -9.50 34.01
C GLY B 53 51.40 -8.85 35.32
N CYS B 54 52.37 -7.93 35.25
CA CYS B 54 52.81 -7.24 36.46
C CYS B 54 51.68 -6.42 37.07
N LEU B 55 50.93 -5.71 36.23
CA LEU B 55 49.82 -4.91 36.73
C LEU B 55 48.75 -5.79 37.37
N ARG B 56 48.44 -6.94 36.75
CA ARG B 56 47.45 -7.83 37.33
C ARG B 56 47.93 -8.39 38.67
N THR B 57 49.22 -8.70 38.78
CA THR B 57 49.76 -9.15 40.05
C THR B 57 49.69 -8.07 41.12
N LEU B 58 50.01 -6.83 40.74
CA LEU B 58 50.06 -5.75 41.73
C LEU B 58 48.67 -5.45 42.29
N PHE B 59 47.69 -5.24 41.42
CA PHE B 59 46.32 -4.94 41.85
C PHE B 59 45.58 -6.24 42.17
N GLU B 60 46.08 -6.94 43.17
CA GLU B 60 45.49 -8.20 43.61
C GLU B 60 45.78 -8.47 45.07
N GLU B 69 56.85 4.16 43.38
CA GLU B 69 58.13 3.67 43.87
C GLU B 69 58.14 2.14 43.93
N ASP B 70 57.23 1.59 44.73
CA ASP B 70 57.12 0.13 44.81
C ASP B 70 56.72 -0.47 43.47
N ALA B 71 55.74 0.16 42.80
CA ALA B 71 55.30 -0.34 41.49
C ALA B 71 56.41 -0.23 40.46
N LEU B 72 57.12 0.90 40.44
CA LEU B 72 58.22 1.05 39.50
C LEU B 72 59.33 0.04 39.78
N GLN B 73 59.63 -0.20 41.06
CA GLN B 73 60.64 -1.18 41.40
C GLN B 73 60.24 -2.58 40.96
N ALA B 74 58.97 -2.94 41.18
CA ALA B 74 58.50 -4.25 40.73
C ALA B 74 58.53 -4.38 39.22
N LEU B 75 58.17 -3.30 38.51
CA LEU B 75 58.23 -3.30 37.05
C LEU B 75 59.66 -3.52 36.57
N SER B 76 60.62 -2.83 37.20
CA SER B 76 62.03 -3.04 36.86
C SER B 76 62.45 -4.46 37.16
N GLU B 77 62.01 -5.01 38.29
CA GLU B 77 62.34 -6.39 38.64
C GLU B 77 61.86 -7.36 37.56
N MET B 78 60.61 -7.24 37.14
CA MET B 78 60.09 -8.13 36.11
C MET B 78 60.78 -7.91 34.78
N LEU B 79 61.05 -6.64 34.41
CA LEU B 79 61.70 -6.35 33.15
C LEU B 79 63.15 -6.82 33.11
N ALA B 80 63.77 -7.00 34.28
CA ALA B 80 65.18 -7.38 34.33
C ALA B 80 65.47 -8.66 33.55
N ALA B 81 64.93 -9.79 34.00
CA ALA B 81 65.23 -11.07 33.37
C ALA B 81 64.26 -11.37 32.22
N TYR B 82 64.07 -10.38 31.34
CA TYR B 82 63.30 -10.59 30.11
C TYR B 82 63.90 -9.80 28.96
N ALA B 83 65.21 -9.61 28.93
CA ALA B 83 65.85 -8.80 27.90
C ALA B 83 65.54 -9.34 26.51
N SER B 84 66.07 -10.53 26.21
CA SER B 84 65.77 -11.29 24.99
C SER B 84 65.50 -10.40 23.78
N GLN B 85 64.36 -10.64 23.14
CA GLN B 85 63.84 -9.76 22.08
C GLN B 85 64.86 -9.51 20.97
N ALA B 94 69.83 -0.13 32.44
CA ALA B 94 68.96 0.93 31.94
C ALA B 94 67.49 0.56 32.13
N THR B 95 67.25 -0.58 32.77
CA THR B 95 65.88 -1.02 33.01
C THR B 95 65.13 -0.03 33.88
N HIS B 96 65.78 0.47 34.93
CA HIS B 96 65.16 1.48 35.78
C HIS B 96 64.91 2.77 35.01
N LEU B 97 65.79 3.10 34.06
CA LEU B 97 65.62 4.31 33.28
C LEU B 97 64.37 4.25 32.41
N GLN B 98 64.11 3.10 31.79
CA GLN B 98 62.99 2.97 30.87
C GLN B 98 61.68 2.62 31.57
N ALA B 99 61.75 1.90 32.69
CA ALA B 99 60.53 1.54 33.42
C ALA B 99 59.82 2.79 33.93
N GLY B 100 60.58 3.73 34.49
CA GLY B 100 59.99 4.98 34.93
C GLY B 100 59.40 5.78 33.79
N ARG B 101 60.06 5.77 32.63
CA ARG B 101 59.54 6.47 31.46
C ARG B 101 58.21 5.89 31.02
N GLU B 102 58.13 4.56 30.93
CA GLU B 102 56.87 3.93 30.55
C GLU B 102 55.78 4.19 31.57
N LEU B 103 56.12 4.12 32.86
CA LEU B 103 55.14 4.38 33.90
C LEU B 103 54.61 5.81 33.81
N ARG B 104 55.50 6.77 33.61
CA ARG B 104 55.06 8.16 33.52
C ARG B 104 54.26 8.42 32.25
N GLU B 105 54.63 7.78 31.14
CA GLU B 105 53.86 7.92 29.92
C GLU B 105 52.44 7.38 30.11
N TRP B 106 52.32 6.22 30.76
CA TRP B 106 51.00 5.65 31.00
C TRP B 106 50.22 6.47 32.02
N ILE B 107 50.91 7.12 32.95
CA ILE B 107 50.25 8.10 33.82
C ILE B 107 49.69 9.24 32.98
N LYS B 108 50.48 9.74 32.03
CA LYS B 108 49.98 10.72 31.09
C LYS B 108 48.86 10.13 30.24
N ARG B 109 48.99 8.86 29.86
CA ARG B 109 47.91 8.17 29.16
C ARG B 109 46.72 7.89 30.04
N ARG B 110 46.82 8.13 31.35
CA ARG B 110 45.74 8.06 32.32
C ARG B 110 45.21 6.65 32.53
N LEU B 111 45.93 5.62 32.10
CA LEU B 111 45.50 4.26 32.39
C LEU B 111 45.60 3.95 33.89
N VAL B 112 46.40 4.71 34.62
CA VAL B 112 46.52 4.59 36.06
C VAL B 112 46.47 5.99 36.65
N VAL B 113 45.76 6.14 37.77
CA VAL B 113 45.53 7.44 38.39
C VAL B 113 46.45 7.57 39.60
N GLU B 114 47.22 8.66 39.64
CA GLU B 114 48.10 8.99 40.75
C GLU B 114 47.53 10.21 41.46
N ARG B 115 47.15 10.06 42.72
CA ARG B 115 46.49 11.13 43.46
C ARG B 115 47.47 11.95 44.29
N GLU B 116 48.11 11.34 45.29
CA GLU B 116 49.13 12.02 46.08
C GLU B 116 50.47 11.31 46.01
N GLY B 117 50.52 10.01 46.27
CA GLY B 117 51.73 9.23 46.11
C GLY B 117 51.42 7.79 45.75
N ARG B 118 50.13 7.52 45.50
CA ARG B 118 49.63 6.17 45.34
C ARG B 118 48.98 6.04 43.97
N ILE B 119 49.05 4.82 43.44
CA ILE B 119 48.56 4.52 42.09
C ILE B 119 47.32 3.63 42.20
N TYR B 120 46.32 3.92 41.36
CA TYR B 120 45.08 3.17 41.37
C TYR B 120 44.66 2.87 39.93
N ALA B 121 44.01 1.72 39.74
CA ALA B 121 43.60 1.29 38.42
C ALA B 121 42.28 1.95 38.01
N THR B 122 41.99 1.87 36.71
CA THR B 122 40.75 2.44 36.17
C THR B 122 40.01 1.41 35.32
N ASP B 123 38.97 1.86 34.62
CA ASP B 123 38.14 0.95 33.84
C ASP B 123 38.92 0.31 32.69
N ALA B 124 39.76 1.09 32.01
CA ALA B 124 40.42 0.60 30.79
C ALA B 124 41.34 -0.57 31.10
N LEU B 125 42.10 -0.49 32.20
CA LEU B 125 42.99 -1.58 32.55
C LEU B 125 42.22 -2.87 32.80
N GLU B 126 41.11 -2.77 33.55
CA GLU B 126 40.31 -3.95 33.82
C GLU B 126 39.69 -4.50 32.56
N SER B 127 39.25 -3.63 31.65
CA SER B 127 38.69 -4.08 30.38
C SER B 127 39.74 -4.86 29.58
N ALA B 128 40.97 -4.33 29.51
CA ALA B 128 42.03 -5.03 28.81
C ALA B 128 42.34 -6.37 29.46
N ILE B 129 42.37 -6.40 30.80
CA ILE B 129 42.66 -7.65 31.51
C ILE B 129 41.59 -8.68 31.19
N GLN B 130 40.32 -8.27 31.24
CA GLN B 130 39.22 -9.18 30.92
C GLN B 130 39.33 -9.69 29.49
N PHE B 131 39.62 -8.80 28.54
CA PHE B 131 39.75 -9.23 27.15
C PHE B 131 40.87 -10.25 27.00
N VAL B 132 42.00 -10.00 27.67
CA VAL B 132 43.13 -10.91 27.55
C VAL B 132 42.79 -12.29 28.13
N ASP B 133 42.22 -12.31 29.34
CA ASP B 133 41.96 -13.59 29.97
C ASP B 133 40.75 -14.31 29.37
N SER B 134 39.91 -13.62 28.61
CA SER B 134 38.77 -14.27 27.98
C SER B 134 39.15 -15.06 26.74
N LEU B 135 40.37 -14.88 26.21
CA LEU B 135 40.76 -15.57 24.99
C LEU B 135 40.96 -17.07 25.20
N ASP B 136 41.04 -17.52 26.45
CA ASP B 136 41.32 -18.92 26.72
C ASP B 136 40.04 -19.74 26.83
N SER B 137 39.18 -19.38 27.78
CA SER B 137 37.92 -20.09 28.00
C SER B 137 36.79 -19.08 28.11
N ARG B 138 35.72 -19.29 27.35
CA ARG B 138 34.54 -18.45 27.42
C ARG B 138 33.32 -19.32 27.69
N ILE B 139 32.55 -18.95 28.71
CA ILE B 139 31.36 -19.71 29.08
C ILE B 139 30.31 -19.56 28.00
N MET B 140 29.73 -20.67 27.57
CA MET B 140 28.72 -20.65 26.53
C MET B 140 27.49 -19.87 27.01
N THR B 141 26.94 -19.05 26.12
CA THR B 141 25.82 -18.20 26.46
C THR B 141 24.52 -18.59 25.76
N SER B 142 24.58 -19.42 24.73
CA SER B 142 23.39 -19.81 23.98
C SER B 142 22.85 -21.12 24.53
N THR B 143 22.28 -21.03 25.73
CA THR B 143 21.75 -22.17 26.45
C THR B 143 20.25 -21.98 26.70
N ALA B 144 19.57 -23.11 26.92
CA ALA B 144 18.12 -23.07 27.11
C ALA B 144 17.75 -22.33 28.39
N SER B 145 18.57 -22.47 29.43
CA SER B 145 18.26 -21.82 30.71
C SER B 145 18.19 -20.32 30.56
N ARG B 146 19.12 -19.73 29.79
CA ARG B 146 19.06 -18.30 29.54
C ARG B 146 17.80 -17.92 28.80
N LEU B 147 17.36 -18.76 27.85
CA LEU B 147 16.10 -18.49 27.16
C LEU B 147 14.93 -18.47 28.13
N SER B 148 14.88 -19.44 29.04
CA SER B 148 13.81 -19.49 30.03
C SER B 148 13.83 -18.24 30.92
N VAL B 149 15.03 -17.84 31.35
CA VAL B 149 15.16 -16.65 32.19
C VAL B 149 14.69 -15.43 31.44
N VAL B 150 15.05 -15.32 30.16
CA VAL B 150 14.63 -14.18 29.35
C VAL B 150 13.12 -14.10 29.26
N GLN B 151 12.47 -15.24 28.97
CA GLN B 151 11.02 -15.25 28.85
C GLN B 151 10.35 -14.86 30.16
N ARG B 152 10.82 -15.44 31.27
CA ARG B 152 10.21 -15.15 32.56
C ARG B 152 10.39 -13.70 32.96
N GLU B 153 11.57 -13.13 32.70
CA GLU B 153 11.80 -11.73 33.03
C GLU B 153 10.99 -10.81 32.13
N ILE B 154 10.81 -11.17 30.86
CA ILE B 154 9.93 -10.42 29.98
C ILE B 154 8.54 -10.37 30.56
N GLU B 155 8.03 -11.53 30.99
CA GLU B 155 6.70 -11.58 31.59
C GLU B 155 6.63 -10.71 32.84
N ASN B 156 7.64 -10.81 33.70
CA ASN B 156 7.63 -10.06 34.95
C ASN B 156 7.61 -8.56 34.69
N LEU B 157 8.47 -8.08 33.80
CA LEU B 157 8.51 -6.65 33.52
C LEU B 157 7.22 -6.17 32.85
N GLU B 158 6.69 -6.96 31.92
CA GLU B 158 5.45 -6.57 31.26
C GLU B 158 4.31 -6.47 32.26
N THR B 159 4.23 -7.41 33.19
CA THR B 159 3.23 -7.33 34.24
C THR B 159 3.44 -6.12 35.13
N GLY B 160 4.70 -5.84 35.49
CA GLY B 160 4.99 -4.73 36.40
C GLY B 160 4.78 -3.37 35.80
N LEU B 161 4.83 -3.24 34.48
CA LEU B 161 4.62 -1.96 33.82
C LEU B 161 3.18 -1.72 33.41
N ASN B 162 2.26 -2.65 33.73
CA ASN B 162 0.86 -2.47 33.36
C ASN B 162 0.09 -1.81 34.49
N PRO B 163 -0.53 -0.66 34.27
CA PRO B 163 -1.25 0.03 35.34
C PRO B 163 -2.67 -0.49 35.54
N SER B 164 -3.20 -1.23 34.56
CA SER B 164 -4.58 -1.67 34.65
C SER B 164 -4.76 -2.69 35.78
N PRO B 165 -5.81 -2.54 36.60
CA PRO B 165 -5.99 -3.45 37.74
C PRO B 165 -6.57 -4.80 37.34
N THR B 166 -7.47 -4.80 36.34
CA THR B 166 -8.12 -6.04 35.94
C THR B 166 -7.11 -7.06 35.43
N GLY B 167 -6.15 -6.61 34.62
CA GLY B 167 -5.11 -7.51 34.15
C GLY B 167 -4.26 -8.04 35.29
N ARG B 168 -3.96 -7.20 36.28
CA ARG B 168 -3.21 -7.64 37.44
C ARG B 168 -3.96 -8.74 38.18
N ILE B 169 -5.25 -8.54 38.40
CA ILE B 169 -6.06 -9.54 39.10
C ILE B 169 -6.10 -10.85 38.31
N ALA B 170 -6.32 -10.75 37.00
CA ALA B 170 -6.40 -11.94 36.18
C ALA B 170 -5.08 -12.71 36.17
N SER B 171 -3.96 -11.99 36.05
CA SER B 171 -2.66 -12.65 36.06
C SER B 171 -2.39 -13.29 37.42
N LEU B 172 -2.74 -12.60 38.51
CA LEU B 172 -2.57 -13.18 39.83
C LEU B 172 -3.35 -14.47 39.98
N ARG B 173 -4.62 -14.46 39.57
CA ARG B 173 -5.44 -15.66 39.68
C ARG B 173 -4.89 -16.79 38.80
N ARG B 174 -4.45 -16.47 37.59
CA ARG B 174 -3.91 -17.49 36.70
C ARG B 174 -2.64 -18.09 37.28
N ARG B 175 -1.75 -17.26 37.83
CA ARG B 175 -0.52 -17.77 38.44
C ARG B 175 -0.83 -18.64 39.66
N ILE B 176 -1.79 -18.22 40.48
CA ILE B 176 -2.20 -19.03 41.62
C ILE B 176 -2.73 -20.38 41.16
N GLN B 177 -3.54 -20.38 40.09
CA GLN B 177 -4.07 -21.63 39.56
C GLN B 177 -2.96 -22.54 39.06
N ASP B 178 -1.99 -21.97 38.35
CA ASP B 178 -0.88 -22.78 37.84
C ASP B 178 -0.05 -23.36 38.98
N LEU B 179 0.22 -22.55 40.01
CA LEU B 179 0.96 -23.06 41.16
C LEU B 179 0.19 -24.16 41.88
N GLU B 180 -1.14 -24.02 41.96
CA GLU B 180 -1.96 -25.05 42.58
C GLU B 180 -1.91 -26.34 41.78
N HIS B 181 -1.97 -26.24 40.44
CA HIS B 181 -1.88 -27.43 39.60
C HIS B 181 -0.53 -28.11 39.77
N GLU B 182 0.56 -27.32 39.80
CA GLU B 182 1.88 -27.90 39.98
C GLU B 182 2.02 -28.55 41.35
N LEU B 183 1.45 -27.92 42.39
CA LEU B 183 1.48 -28.50 43.72
C LEU B 183 0.70 -29.80 43.77
N ALA B 184 -0.45 -29.86 43.09
CA ALA B 184 -1.23 -31.09 43.03
C ALA B 184 -0.44 -32.20 42.33
N ARG B 185 0.24 -31.86 41.24
CA ARG B 185 1.06 -32.87 40.56
C ARG B 185 2.20 -33.35 41.45
N VAL B 186 2.85 -32.43 42.17
CA VAL B 186 3.95 -32.83 43.05
C VAL B 186 3.44 -33.72 44.18
N GLU B 187 2.30 -33.35 44.78
CA GLU B 187 1.70 -34.19 45.81
C GLU B 187 1.26 -35.54 45.26
N ALA B 188 1.01 -35.63 43.96
CA ALA B 188 0.76 -36.91 43.30
C ALA B 188 2.02 -37.75 43.16
N GLY B 189 3.19 -37.19 43.46
CA GLY B 189 4.44 -37.94 43.40
C GLY B 189 5.19 -37.77 42.11
N HIS B 190 5.41 -36.52 41.71
CA HIS B 190 6.08 -36.20 40.44
C HIS B 190 7.19 -35.18 40.67
N VAL B 191 8.00 -35.42 41.70
CA VAL B 191 9.14 -34.55 41.97
C VAL B 191 10.19 -34.72 40.89
N ASP B 192 10.66 -33.61 40.35
CA ASP B 192 11.62 -33.61 39.24
C ASP B 192 12.94 -33.01 39.69
N VAL B 193 14.04 -33.66 39.31
CA VAL B 193 15.39 -33.22 39.65
C VAL B 193 16.17 -33.05 38.37
N LEU B 194 16.94 -31.96 38.29
CA LEU B 194 17.72 -31.66 37.10
C LEU B 194 18.83 -32.69 36.92
N ASP B 195 19.12 -33.01 35.65
CA ASP B 195 20.18 -33.95 35.33
C ASP B 195 21.55 -33.31 35.56
N GLU B 196 22.58 -34.17 35.56
CA GLU B 196 23.93 -33.69 35.84
C GLU B 196 24.38 -32.65 34.82
N ALA B 197 24.15 -32.90 33.53
CA ALA B 197 24.50 -31.91 32.52
C ALA B 197 23.68 -30.64 32.70
N GLN B 198 22.38 -30.79 32.94
CA GLN B 198 21.52 -29.63 33.19
C GLN B 198 21.95 -28.90 34.46
N ALA B 199 22.31 -29.65 35.50
CA ALA B 199 22.75 -29.01 36.73
C ALA B 199 24.03 -28.21 36.51
N ILE B 200 24.98 -28.77 35.76
CA ILE B 200 26.22 -28.05 35.48
C ILE B 200 25.93 -26.81 34.65
N GLU B 201 25.05 -26.93 33.65
CA GLU B 201 24.66 -25.77 32.85
C GLU B 201 24.09 -24.67 33.74
N GLY B 202 23.17 -25.04 34.63
CA GLY B 202 22.58 -24.06 35.52
C GLY B 202 23.60 -23.43 36.45
N MET B 203 24.51 -24.23 37.00
CA MET B 203 25.53 -23.69 37.90
C MET B 203 26.44 -22.71 37.17
N ARG B 204 26.87 -23.07 35.95
CA ARG B 204 27.74 -22.17 35.20
C ARG B 204 27.02 -20.88 34.84
N GLU B 205 25.75 -20.98 34.46
CA GLU B 205 24.98 -19.77 34.17
C GLU B 205 24.83 -18.91 35.42
N VAL B 206 24.59 -19.54 36.57
CA VAL B 206 24.47 -18.80 37.82
C VAL B 206 25.77 -18.06 38.13
N TYR B 207 26.90 -18.75 37.98
CA TYR B 207 28.18 -18.11 38.23
C TYR B 207 28.41 -16.94 37.28
N ASN B 208 28.08 -17.13 36.00
CA ASN B 208 28.26 -16.07 35.02
C ASN B 208 27.42 -14.84 35.38
N LEU B 209 26.16 -15.06 35.77
CA LEU B 209 25.32 -13.92 36.14
C LEU B 209 25.80 -13.27 37.43
N ALA B 210 26.22 -14.08 38.40
CA ALA B 210 26.62 -13.53 39.69
C ALA B 210 27.88 -12.69 39.59
N THR B 211 28.86 -13.15 38.81
CA THR B 211 30.12 -12.42 38.71
C THR B 211 29.97 -11.09 37.99
N SER B 212 28.84 -10.84 37.33
CA SER B 212 28.64 -9.59 36.61
C SER B 212 28.35 -8.41 37.52
N LEU B 213 28.14 -8.65 38.82
CA LEU B 213 27.78 -7.57 39.72
C LEU B 213 28.91 -6.57 39.91
N ARG B 214 30.16 -7.01 39.73
CA ARG B 214 31.33 -6.18 39.98
C ARG B 214 31.84 -5.48 38.74
N ALA B 215 30.94 -5.10 37.83
CA ALA B 215 31.38 -4.60 36.53
C ALA B 215 31.86 -3.17 36.59
N ASP B 216 31.02 -2.25 37.07
CA ASP B 216 31.24 -0.82 36.86
C ASP B 216 31.49 -0.07 38.17
N PHE B 217 32.31 -0.63 39.05
CA PHE B 217 32.66 0.07 40.28
C PHE B 217 33.57 1.26 40.00
N ARG B 218 34.62 1.05 39.21
CA ARG B 218 35.60 2.11 38.99
C ARG B 218 35.07 3.21 38.10
N ARG B 219 34.02 2.94 37.32
CA ARG B 219 33.48 3.95 36.42
C ARG B 219 32.94 5.14 37.19
N VAL B 220 32.28 4.88 38.32
CA VAL B 220 31.76 5.97 39.15
C VAL B 220 32.90 6.82 39.68
N GLU B 221 33.98 6.17 40.14
CA GLU B 221 35.13 6.91 40.65
C GLU B 221 35.74 7.78 39.56
N ASP B 222 35.89 7.23 38.35
CA ASP B 222 36.45 8.00 37.25
C ASP B 222 35.55 9.17 36.87
N SER B 223 34.23 8.95 36.88
CA SER B 223 33.30 10.04 36.59
C SER B 223 33.40 11.14 37.64
N TRP B 224 33.54 10.75 38.91
CA TRP B 224 33.71 11.75 39.96
C TRP B 224 35.00 12.53 39.79
N ARG B 225 36.08 11.84 39.41
CA ARG B 225 37.35 12.55 39.19
C ARG B 225 37.24 13.55 38.04
N GLU B 226 36.61 13.14 36.93
CA GLU B 226 36.49 14.07 35.81
C GLU B 226 35.54 15.22 36.14
N ALA B 227 34.50 14.95 36.95
CA ALA B 227 33.63 16.03 37.42
C ALA B 227 34.40 17.01 38.29
N ASP B 228 35.27 16.49 39.16
CA ASP B 228 36.12 17.36 39.97
C ASP B 228 37.01 18.24 39.10
N ARG B 229 37.64 17.63 38.09
CA ARG B 229 38.49 18.42 37.20
C ARG B 229 37.70 19.48 36.46
N ALA B 230 36.51 19.12 35.96
CA ALA B 230 35.69 20.09 35.23
C ALA B 230 35.25 21.22 36.13
N LEU B 231 34.86 20.92 37.38
CA LEU B 231 34.46 21.95 38.31
C LEU B 231 35.61 22.89 38.63
N ARG B 232 36.81 22.33 38.85
CA ARG B 232 37.97 23.17 39.14
C ARG B 232 38.29 24.07 37.96
N HIS B 233 38.25 23.53 36.74
CA HIS B 233 38.54 24.35 35.56
C HIS B 233 37.49 25.42 35.36
N SER B 234 36.22 25.11 35.60
CA SER B 234 35.17 26.11 35.47
C SER B 234 35.34 27.22 36.50
N ILE B 235 35.70 26.86 37.73
CA ILE B 235 35.90 27.87 38.77
C ILE B 235 37.09 28.76 38.41
N ILE B 236 38.18 28.16 37.95
CA ILE B 236 39.36 28.95 37.58
C ILE B 236 39.05 29.87 36.41
N SER B 237 38.33 29.36 35.41
CA SER B 237 38.00 30.18 34.25
C SER B 237 37.02 31.30 34.60
N GLU B 238 36.18 31.10 35.61
CA GLU B 238 35.21 32.11 36.02
C GLU B 238 35.90 33.35 36.58
N HIS B 241 38.33 34.57 38.33
CA HIS B 241 37.77 33.83 39.44
C HIS B 241 36.71 34.65 40.18
N ARG B 242 35.44 34.39 39.88
CA ARG B 242 34.35 35.11 40.51
C ARG B 242 34.11 34.55 41.90
N GLY B 243 34.22 35.40 42.93
CA GLY B 243 34.03 34.95 44.30
C GLY B 243 32.60 34.69 44.69
N GLU B 244 31.64 35.28 43.97
CA GLU B 244 30.23 35.07 44.30
C GLU B 244 29.85 33.61 44.12
N ILE B 245 30.27 32.99 43.01
CA ILE B 245 29.93 31.59 42.76
C ILE B 245 30.53 30.70 43.83
N VAL B 246 31.79 30.93 44.18
CA VAL B 246 32.46 30.10 45.18
C VAL B 246 31.79 30.27 46.54
N ASP B 247 31.45 31.50 46.91
CA ASP B 247 30.80 31.74 48.19
C ASP B 247 29.43 31.08 48.24
N ARG B 248 28.66 31.18 47.16
CA ARG B 248 27.34 30.55 47.12
C ARG B 248 27.45 29.04 47.20
N LEU B 249 28.40 28.45 46.49
CA LEU B 249 28.57 27.00 46.52
C LEU B 249 29.01 26.53 47.89
N LEU B 250 29.94 27.26 48.54
CA LEU B 250 30.36 26.88 49.88
C LEU B 250 29.22 27.02 50.87
N ASP B 251 28.44 28.10 50.78
CA ASP B 251 27.29 28.27 51.67
C ASP B 251 26.26 27.18 51.43
N GLY B 252 25.98 26.85 50.17
CA GLY B 252 25.08 25.77 49.85
C GLY B 252 25.60 24.42 50.31
N GLN B 253 24.80 23.70 51.08
CA GLN B 253 25.18 22.38 51.57
C GLN B 253 24.79 21.27 50.60
N ASP B 254 24.22 21.61 49.44
CA ASP B 254 23.90 20.62 48.43
C ASP B 254 25.17 19.90 47.98
N ALA B 255 25.10 18.58 47.91
CA ALA B 255 26.25 17.80 47.48
C ALA B 255 26.46 17.95 45.98
N LEU B 256 27.67 18.35 45.60
CA LEU B 256 28.01 18.53 44.19
C LEU B 256 28.50 17.20 43.62
N LEU B 257 29.04 17.24 42.40
CA LEU B 257 29.61 16.07 41.74
C LEU B 257 28.56 14.96 41.62
N ASN B 258 27.49 15.26 40.90
CA ASN B 258 26.36 14.36 40.72
C ASN B 258 26.36 13.84 39.29
N THR B 259 26.35 12.51 39.15
CA THR B 259 26.34 11.86 37.85
C THR B 259 25.24 10.82 37.83
N PRO B 260 24.71 10.50 36.64
CA PRO B 260 23.67 9.45 36.57
C PRO B 260 24.14 8.12 37.14
N GLU B 261 25.42 7.79 36.92
CA GLU B 261 25.98 6.59 37.51
C GLU B 261 25.89 6.65 39.04
N GLY B 262 26.08 7.84 39.61
CA GLY B 262 25.92 7.99 41.04
C GLY B 262 24.53 7.67 41.51
N ARG B 263 23.52 8.14 40.80
CA ARG B 263 22.13 7.86 41.17
C ARG B 263 21.84 6.37 41.10
N VAL B 264 22.30 5.72 40.03
CA VAL B 264 22.07 4.29 39.87
C VAL B 264 22.77 3.51 40.99
N PHE B 265 24.00 3.86 41.29
CA PHE B 265 24.72 3.18 42.37
C PHE B 265 24.05 3.41 43.71
N GLU B 266 23.54 4.63 43.94
CA GLU B 266 22.86 4.92 45.18
C GLU B 266 21.62 4.06 45.34
N SER B 267 20.82 3.95 44.29
CA SER B 267 19.63 3.10 44.36
C SER B 267 20.01 1.64 44.58
N PHE B 268 21.05 1.18 43.87
CA PHE B 268 21.50 -0.20 44.00
C PHE B 268 21.93 -0.50 45.43
N GLN B 269 22.73 0.40 46.04
CA GLN B 269 23.18 0.14 47.39
C GLN B 269 22.05 0.28 48.40
N GLN B 270 21.09 1.19 48.16
CA GLN B 270 19.95 1.30 49.04
C GLN B 270 19.15 0.01 49.06
N GLN B 271 18.94 -0.61 47.89
CA GLN B 271 18.32 -1.92 47.87
C GLN B 271 19.22 -2.98 48.49
N LEU B 272 20.53 -2.83 48.33
CA LEU B 272 21.47 -3.81 48.87
C LEU B 272 21.45 -3.85 50.39
N ARG B 273 21.16 -2.72 51.04
CA ARG B 273 21.22 -2.65 52.49
C ARG B 273 20.15 -3.49 53.18
N GLN B 274 19.33 -4.23 52.44
CA GLN B 274 18.33 -5.13 53.01
C GLN B 274 18.98 -6.49 53.21
N SER B 275 19.40 -6.78 54.44
CA SER B 275 20.09 -8.02 54.76
C SER B 275 19.16 -9.22 54.85
N ALA B 276 17.85 -9.00 54.94
CA ALA B 276 16.91 -10.12 55.08
C ALA B 276 17.01 -11.06 53.88
N GLU B 277 17.00 -10.51 52.67
CA GLU B 277 17.15 -11.34 51.48
C GLU B 277 18.59 -11.82 51.33
N LEU B 278 19.56 -11.03 51.79
CA LEU B 278 20.96 -11.43 51.68
C LEU B 278 21.22 -12.72 52.46
N GLU B 279 20.67 -12.83 53.67
CA GLU B 279 20.89 -14.04 54.46
C GLU B 279 20.30 -15.26 53.78
N VAL B 280 19.08 -15.13 53.25
CA VAL B 280 18.44 -16.26 52.57
C VAL B 280 19.24 -16.66 51.34
N MET B 281 19.68 -15.67 50.56
CA MET B 281 20.47 -15.98 49.37
C MET B 281 21.78 -16.66 49.73
N ARG B 282 22.44 -16.20 50.79
CA ARG B 282 23.68 -16.83 51.22
C ARG B 282 23.44 -18.26 51.69
N GLU B 283 22.33 -18.49 52.41
CA GLU B 283 22.02 -19.84 52.85
C GLU B 283 21.77 -20.75 51.66
N ARG B 284 21.04 -20.27 50.66
CA ARG B 284 20.81 -21.07 49.46
C ARG B 284 22.13 -21.37 48.75
N LEU B 285 23.01 -20.36 48.67
CA LEU B 285 24.30 -20.57 48.02
C LEU B 285 25.12 -21.62 48.76
N ARG B 286 25.12 -21.56 50.09
CA ARG B 286 25.85 -22.55 50.88
C ARG B 286 25.27 -23.94 50.70
N THR B 287 23.93 -24.04 50.64
CA THR B 287 23.29 -25.34 50.43
C THR B 287 23.67 -25.91 49.07
N ILE B 288 23.67 -25.07 48.03
CA ILE B 288 24.03 -25.53 46.70
C ILE B 288 25.52 -25.90 46.64
N LEU B 289 26.34 -25.22 47.46
CA LEU B 289 27.79 -25.43 47.40
C LEU B 289 28.18 -26.88 47.68
N ARG B 290 27.34 -27.63 48.39
CA ARG B 290 27.63 -29.02 48.73
C ARG B 290 26.75 -29.92 47.87
N HIS B 291 27.26 -30.25 46.68
CA HIS B 291 26.58 -31.15 45.75
C HIS B 291 27.64 -31.93 44.99
N PRO B 292 27.33 -33.16 44.55
CA PRO B 292 28.33 -33.93 43.80
C PRO B 292 28.78 -33.26 42.51
N ALA B 293 27.95 -32.44 41.89
CA ALA B 293 28.27 -31.83 40.61
C ALA B 293 29.18 -30.62 40.73
N VAL B 294 29.51 -30.18 41.93
CA VAL B 294 30.32 -28.96 42.10
C VAL B 294 31.69 -29.10 41.45
N PRO B 295 32.49 -30.14 41.72
CA PRO B 295 33.79 -30.23 41.06
C PRO B 295 33.71 -30.29 39.54
N LYS B 296 32.67 -30.94 39.01
CA LYS B 296 32.52 -31.08 37.57
C LYS B 296 31.97 -29.83 36.90
N ALA B 297 31.53 -28.84 37.67
CA ALA B 297 31.00 -27.60 37.12
C ALA B 297 31.95 -26.42 37.25
N LEU B 298 32.63 -26.30 38.39
CA LEU B 298 33.52 -25.18 38.65
C LEU B 298 34.81 -25.67 39.26
N ASN B 299 35.85 -24.83 39.16
CA ASN B 299 37.13 -25.10 39.79
C ASN B 299 37.17 -24.47 41.18
N ARG B 300 38.30 -24.64 41.86
CA ARG B 300 38.45 -24.07 43.21
C ARG B 300 38.28 -22.55 43.24
N PRO B 301 38.95 -21.76 42.37
CA PRO B 301 38.77 -20.31 42.47
C PRO B 301 37.33 -19.86 42.30
N GLN B 302 36.56 -20.49 41.41
CA GLN B 302 35.17 -20.12 41.24
C GLN B 302 34.36 -20.41 42.48
N GLN B 303 34.62 -21.55 43.13
CA GLN B 303 33.96 -21.85 44.40
C GLN B 303 34.32 -20.82 45.45
N ARG B 304 35.59 -20.41 45.51
CA ARG B 304 35.99 -19.38 46.46
C ARG B 304 35.25 -18.07 46.19
N GLU B 305 35.15 -17.69 44.91
CA GLU B 305 34.44 -16.45 44.56
C GLU B 305 32.98 -16.53 44.98
N LEU B 306 32.33 -17.64 44.71
CA LEU B 306 30.93 -17.79 45.09
C LEU B 306 30.75 -17.92 46.60
N ARG B 307 31.81 -18.25 47.33
CA ARG B 307 31.68 -18.47 48.77
C ARG B 307 31.52 -17.15 49.52
N TRP B 308 32.26 -16.12 49.12
CA TRP B 308 32.31 -14.86 49.85
C TRP B 308 31.73 -13.70 49.05
N LEU B 309 30.61 -13.93 48.37
CA LEU B 309 30.02 -12.91 47.53
C LEU B 309 29.50 -11.74 48.35
N ALA B 310 28.71 -12.01 49.38
CA ALA B 310 28.01 -10.95 50.10
C ALA B 310 28.99 -10.05 50.84
N LEU B 311 29.93 -10.64 51.59
CA LEU B 311 30.85 -9.84 52.38
C LEU B 311 31.72 -8.96 51.49
N ARG B 312 32.26 -9.53 50.41
CA ARG B 312 33.11 -8.76 49.52
C ARG B 312 32.32 -7.67 48.80
N LEU B 313 31.08 -7.97 48.41
CA LEU B 313 30.24 -6.96 47.78
C LEU B 313 29.97 -5.80 48.73
N VAL B 314 29.65 -6.10 49.99
CA VAL B 314 29.41 -5.04 50.97
C VAL B 314 30.68 -4.22 51.16
N ARG B 315 31.83 -4.88 51.26
CA ARG B 315 33.09 -4.18 51.45
C ARG B 315 33.36 -3.22 50.29
N GLU B 316 33.24 -3.71 49.06
CA GLU B 316 33.51 -2.86 47.90
C GLU B 316 32.50 -1.72 47.80
N SER B 317 31.23 -2.00 48.11
CA SER B 317 30.23 -0.93 48.08
C SER B 317 30.54 0.14 49.10
N GLN B 318 30.95 -0.26 50.30
CA GLN B 318 31.30 0.71 51.34
C GLN B 318 32.54 1.52 50.95
N ALA B 319 33.47 0.90 50.21
CA ALA B 319 34.70 1.61 49.83
C ALA B 319 34.43 2.83 48.95
N VAL B 320 33.35 2.83 48.18
CA VAL B 320 33.09 3.91 47.23
C VAL B 320 32.68 5.19 47.94
N LEU B 321 31.86 5.07 48.98
CA LEU B 321 31.33 6.25 49.65
C LEU B 321 32.44 7.04 50.34
N GLN B 322 33.42 6.35 50.91
CA GLN B 322 34.55 7.03 51.52
C GLN B 322 35.33 7.85 50.50
N ALA B 323 35.57 7.27 49.33
CA ALA B 323 36.26 8.00 48.27
C ALA B 323 35.46 9.20 47.82
N ARG B 324 34.14 9.05 47.69
CA ARG B 324 33.31 10.19 47.31
C ARG B 324 33.38 11.30 48.36
N ALA B 325 33.34 10.91 49.64
CA ALA B 325 33.44 11.90 50.71
C ALA B 325 34.77 12.63 50.67
N ARG B 326 35.86 11.88 50.41
CA ARG B 326 37.16 12.52 50.28
C ARG B 326 37.19 13.49 49.12
N SER B 327 36.58 13.11 47.99
CA SER B 327 36.55 13.99 46.82
C SER B 327 35.78 15.27 47.13
N GLU B 328 34.62 15.15 47.79
CA GLU B 328 33.85 16.34 48.14
C GLU B 328 34.61 17.23 49.10
N ARG B 329 35.27 16.63 50.10
CA ARG B 329 36.04 17.40 51.06
C ARG B 329 37.18 18.14 50.38
N ASP B 330 37.88 17.48 49.45
CA ASP B 330 38.97 18.14 48.74
C ASP B 330 38.46 19.25 47.83
N VAL B 331 37.30 19.04 47.20
CA VAL B 331 36.72 20.11 46.38
C VAL B 331 36.42 21.33 47.24
N ARG B 332 35.80 21.10 48.39
CA ARG B 332 35.46 22.22 49.27
C ARG B 332 36.72 22.90 49.80
N GLY B 333 37.76 22.13 50.11
CA GLY B 333 39.00 22.72 50.55
C GLY B 333 39.66 23.57 49.48
N PHE B 334 39.68 23.08 48.24
CA PHE B 334 40.24 23.85 47.14
C PHE B 334 39.44 25.13 46.92
N MET B 335 38.11 25.05 47.02
CA MET B 335 37.28 26.24 46.88
C MET B 335 37.56 27.24 48.00
N LYS B 336 37.73 26.75 49.22
CA LYS B 336 38.02 27.62 50.35
C LYS B 336 39.43 28.20 50.28
N THR B 337 40.34 27.57 49.53
CA THR B 337 41.68 28.11 49.38
C THR B 337 41.66 29.50 48.74
N GLY B 338 40.85 29.68 47.71
CA GLY B 338 40.66 31.00 47.12
C GLY B 338 41.88 31.59 46.46
N LEU B 339 42.63 30.78 45.73
CA LEU B 339 43.79 31.26 44.97
C LEU B 339 43.57 31.17 43.47
N ALA B 340 42.32 31.00 43.02
CA ALA B 340 42.06 30.79 41.60
C ALA B 340 42.41 32.03 40.78
N ALA B 341 42.07 33.22 41.27
CA ALA B 341 42.40 34.44 40.53
C ALA B 341 43.91 34.64 40.43
N GLU B 342 44.63 34.40 41.52
CA GLU B 342 46.08 34.53 41.50
C GLU B 342 46.69 33.55 40.51
N HIS B 343 46.22 32.29 40.53
CA HIS B 343 46.75 31.29 39.62
C HIS B 343 46.43 31.63 38.17
N HIS B 344 45.23 32.16 37.93
CA HIS B 344 44.87 32.57 36.57
C HIS B 344 45.76 33.71 36.08
N ARG B 345 46.01 34.70 36.92
CA ARG B 345 46.88 35.80 36.51
C ARG B 345 48.31 35.31 36.28
N VAL B 346 48.80 34.42 37.15
CA VAL B 346 50.15 33.89 36.97
C VAL B 346 50.23 33.08 35.68
N GLY B 347 49.18 32.32 35.36
CA GLY B 347 49.16 31.57 34.11
C GLY B 347 49.18 32.48 32.90
N GLN B 348 48.39 33.56 32.93
CA GLN B 348 48.41 34.51 31.83
C GLN B 348 49.77 35.16 31.68
N LEU B 349 50.39 35.54 32.79
CA LEU B 349 51.72 36.16 32.73
C LEU B 349 52.76 35.17 32.20
N LEU B 350 52.68 33.91 32.61
CA LEU B 350 53.60 32.90 32.10
C LEU B 350 53.39 32.67 30.61
N ASN B 351 52.13 32.68 30.16
CA ASN B 351 51.86 32.54 28.73
C ASN B 351 52.48 33.69 27.95
N ASP B 352 52.31 34.92 28.45
CA ASP B 352 52.90 36.07 27.78
C ASP B 352 54.42 35.98 27.77
N PHE B 353 55.02 35.57 28.89
CA PHE B 353 56.46 35.46 28.97
C PHE B 353 56.99 34.41 28.00
N PHE B 354 56.31 33.26 27.90
CA PHE B 354 56.75 32.22 26.99
C PHE B 354 56.54 32.61 25.54
N ASN B 355 55.50 33.40 25.26
CA ASN B 355 55.32 33.94 23.91
C ASN B 355 56.45 34.90 23.55
N LEU B 356 56.86 35.74 24.50
CA LEU B 356 57.94 36.68 24.23
C LEU B 356 59.31 36.01 24.17
N ALA B 357 59.46 34.88 24.87
CA ALA B 357 60.75 34.20 24.94
C ALA B 357 61.16 33.54 23.63
N LEU B 358 60.28 33.48 22.64
CA LEU B 358 60.59 32.85 21.37
C LEU B 358 61.25 33.80 20.38
N SER B 359 61.46 35.07 20.75
CA SER B 359 62.02 36.07 19.85
C SER B 359 63.46 36.44 20.19
N VAL B 360 64.11 35.69 21.08
CA VAL B 360 65.49 35.96 21.44
C VAL B 360 66.38 34.87 20.85
N ASP B 361 67.68 35.17 20.80
CA ASP B 361 68.67 34.24 20.29
C ASP B 361 69.24 33.46 21.46
N TRP B 362 68.88 32.18 21.56
CA TRP B 362 69.38 31.31 22.61
C TRP B 362 70.69 30.64 22.25
N GLN B 363 71.22 30.89 21.06
CA GLN B 363 72.46 30.27 20.60
C GLN B 363 73.70 31.05 20.99
N ARG B 364 73.56 32.22 21.62
CA ARG B 364 74.68 33.06 22.01
C ARG B 364 74.87 32.99 23.51
N GLN B 365 76.13 32.77 23.93
CA GLN B 365 76.43 32.66 25.36
C GLN B 365 76.24 33.98 26.07
N SER B 366 76.60 35.09 25.44
CA SER B 366 76.54 36.39 26.10
C SER B 366 75.11 36.75 26.51
N GLU B 367 74.14 36.50 25.62
CA GLU B 367 72.76 36.79 25.97
C GLU B 367 72.24 35.85 27.05
N ARG B 368 72.69 34.60 27.07
CA ARG B 368 72.26 33.67 28.10
C ARG B 368 72.82 34.04 29.47
N ARG B 369 73.90 34.81 29.53
CA ARG B 369 74.51 35.23 30.77
C ARG B 369 74.20 36.68 31.13
N LYS B 370 73.32 37.33 30.40
CA LYS B 370 72.94 38.69 30.73
C LYS B 370 72.05 38.68 31.97
N PRO B 371 72.40 39.44 33.01
CA PRO B 371 71.58 39.43 34.24
C PRO B 371 70.17 39.92 33.99
N ALA B 372 69.22 39.34 34.73
CA ALA B 372 67.81 39.65 34.59
C ALA B 372 67.40 40.65 35.67
N CYS B 373 66.10 40.92 35.75
CA CYS B 373 65.53 41.86 36.72
C CYS B 373 64.61 41.08 37.65
N LEU B 374 65.17 40.60 38.77
CA LEU B 374 64.41 39.87 39.76
C LEU B 374 64.94 40.19 41.14
N PRO B 375 64.11 40.75 42.03
CA PRO B 375 64.56 40.99 43.39
C PRO B 375 64.76 39.68 44.13
N PRO B 376 65.71 39.63 45.07
CA PRO B 376 65.92 38.40 45.84
C PRO B 376 64.83 38.17 46.87
N VAL B 377 64.48 36.90 47.07
CA VAL B 377 63.47 36.49 48.04
C VAL B 377 64.11 35.48 48.98
N GLY B 378 63.93 35.69 50.28
CA GLY B 378 64.46 34.78 51.28
C GLY B 378 65.97 34.71 51.31
N VAL B 379 66.62 35.87 51.28
CA VAL B 379 68.08 35.92 51.26
C VAL B 379 68.62 35.38 52.58
N ALA B 380 69.73 34.64 52.49
CA ALA B 380 70.41 34.14 53.68
C ALA B 380 71.55 35.09 54.05
N ILE B 381 71.61 35.47 55.32
CA ILE B 381 72.63 36.41 55.78
C ILE B 381 73.98 35.71 55.91
N SER C 28 20.86 -20.46 -1.64
CA SER C 28 20.73 -20.36 -0.19
C SER C 28 19.47 -21.07 0.28
N GLU C 29 18.51 -20.29 0.81
CA GLU C 29 17.25 -20.83 1.30
C GLU C 29 16.07 -20.17 0.58
N THR C 30 16.27 -19.71 -0.64
CA THR C 30 15.24 -19.04 -1.42
C THR C 30 14.97 -19.83 -2.69
N PHE C 31 13.73 -20.25 -2.88
CA PHE C 31 13.36 -20.95 -4.10
C PHE C 31 13.35 -19.99 -5.28
N ILE C 32 13.70 -20.52 -6.45
CA ILE C 32 13.70 -19.74 -7.68
C ILE C 32 13.26 -20.64 -8.83
N LEU C 33 12.56 -20.04 -9.80
CA LEU C 33 12.11 -20.79 -10.97
C LEU C 33 13.30 -21.33 -11.73
N THR C 34 13.19 -22.55 -12.24
CA THR C 34 14.33 -23.15 -12.91
C THR C 34 14.02 -23.65 -14.31
N SER C 35 12.80 -24.13 -14.52
CA SER C 35 12.41 -24.65 -15.82
C SER C 35 10.90 -24.56 -15.94
N ILE C 36 10.43 -24.58 -17.19
CA ILE C 36 8.99 -24.50 -17.45
C ILE C 36 8.65 -25.50 -18.54
N GLU C 37 7.56 -26.23 -18.32
CA GLU C 37 7.06 -27.23 -19.25
C GLU C 37 5.86 -26.69 -20.01
N LEU C 38 5.51 -27.37 -21.10
CA LEU C 38 4.31 -27.06 -21.85
C LEU C 38 3.96 -28.26 -22.72
N TYR C 39 2.67 -28.56 -22.81
CA TYR C 39 2.22 -29.70 -23.61
C TYR C 39 0.83 -29.42 -24.14
N ASN C 40 0.70 -29.36 -25.46
CA ASN C 40 -0.60 -29.27 -26.13
C ASN C 40 -1.41 -28.07 -25.65
N TRP C 41 -0.72 -26.95 -25.43
CA TRP C 41 -1.33 -25.75 -24.87
C TRP C 41 -1.21 -24.60 -25.85
N GLY C 42 -2.35 -23.99 -26.18
CA GLY C 42 -2.34 -22.81 -27.04
C GLY C 42 -1.74 -23.10 -28.39
N GLY C 43 -0.88 -22.19 -28.86
CA GLY C 43 -0.24 -22.39 -30.14
C GLY C 43 0.71 -23.58 -30.14
N PHE C 44 1.49 -23.72 -29.07
CA PHE C 44 2.44 -24.82 -28.97
C PHE C 44 1.70 -26.15 -29.01
N GLN C 45 2.30 -27.12 -29.71
CA GLN C 45 1.71 -28.45 -29.82
C GLN C 45 2.79 -29.50 -29.56
N GLY C 46 2.35 -30.64 -29.06
CA GLY C 46 3.30 -31.67 -28.68
C GLY C 46 3.91 -31.37 -27.33
N TYR C 47 5.19 -31.65 -27.18
CA TYR C 47 5.91 -31.47 -25.93
C TYR C 47 6.97 -30.39 -26.11
N HIS C 48 7.01 -29.44 -25.18
CA HIS C 48 8.00 -28.37 -25.22
C HIS C 48 8.42 -28.02 -23.80
N ARG C 49 9.64 -27.47 -23.69
CA ARG C 49 10.14 -27.07 -22.39
C ARG C 49 11.22 -26.01 -22.59
N ALA C 50 11.43 -25.22 -21.55
CA ALA C 50 12.45 -24.18 -21.57
C ALA C 50 13.15 -24.11 -20.23
N GLU C 51 14.42 -23.72 -20.26
CA GLU C 51 15.26 -23.60 -19.07
C GLU C 51 15.62 -22.14 -18.85
N ILE C 52 15.65 -21.75 -17.58
CA ILE C 52 15.91 -20.36 -17.20
C ILE C 52 17.01 -20.35 -16.15
N ASP C 53 18.13 -19.70 -16.46
CA ASP C 53 19.20 -19.59 -15.50
C ASP C 53 18.79 -18.68 -14.35
N PRO C 54 19.19 -19.01 -13.12
CA PRO C 54 18.77 -18.21 -11.97
C PRO C 54 19.47 -16.86 -11.86
N SER C 55 20.24 -16.47 -12.87
CA SER C 55 20.92 -15.18 -12.87
C SER C 55 20.18 -14.13 -13.68
N GLY C 56 18.95 -14.41 -14.10
CA GLY C 56 18.18 -13.47 -14.89
C GLY C 56 18.32 -13.70 -16.38
N THR C 57 17.22 -13.99 -17.05
CA THR C 57 17.24 -14.37 -18.45
C THR C 57 16.32 -13.48 -19.27
N ALA C 58 16.54 -13.51 -20.57
CA ALA C 58 15.76 -12.71 -21.52
C ALA C 58 15.00 -13.63 -22.47
N VAL C 59 13.85 -13.14 -22.94
CA VAL C 59 13.02 -13.85 -23.90
C VAL C 59 12.80 -12.93 -25.10
N ILE C 60 13.07 -13.44 -26.30
CA ILE C 60 12.96 -12.63 -27.50
C ILE C 60 12.33 -13.43 -28.62
N GLY C 61 11.79 -12.69 -29.60
CA GLY C 61 11.16 -13.27 -30.76
C GLY C 61 10.43 -12.20 -31.55
N PRO C 62 10.18 -12.46 -32.83
CA PRO C 62 9.45 -11.50 -33.66
C PRO C 62 8.05 -11.25 -33.13
N THR C 63 7.40 -10.24 -33.70
CA THR C 63 6.08 -9.84 -33.21
C THR C 63 5.06 -10.96 -33.43
N GLY C 64 4.25 -11.19 -32.40
CA GLY C 64 3.22 -12.21 -32.46
C GLY C 64 3.76 -13.61 -32.63
N SER C 65 4.76 -13.97 -31.84
CA SER C 65 5.38 -15.28 -31.93
C SER C 65 5.11 -16.17 -30.73
N GLY C 66 4.38 -15.69 -29.72
CA GLY C 66 4.00 -16.52 -28.59
C GLY C 66 4.62 -16.11 -27.26
N LYS C 67 5.30 -14.96 -27.19
CA LYS C 67 5.97 -14.58 -25.94
C LYS C 67 4.98 -14.45 -24.80
N THR C 68 3.89 -13.72 -25.00
CA THR C 68 2.93 -13.52 -23.93
C THR C 68 2.23 -14.81 -23.54
N THR C 69 2.13 -15.78 -24.46
CA THR C 69 1.44 -17.02 -24.15
C THR C 69 2.12 -17.78 -23.02
N LEU C 70 3.46 -17.83 -23.06
CA LEU C 70 4.21 -18.55 -22.04
C LEU C 70 3.96 -17.95 -20.66
N VAL C 71 4.01 -16.62 -20.57
CA VAL C 71 3.83 -15.97 -19.28
C VAL C 71 2.39 -16.11 -18.80
N ASP C 72 1.42 -16.07 -19.72
CA ASP C 72 0.05 -16.29 -19.32
C ASP C 72 -0.13 -17.70 -18.75
N ALA C 73 0.47 -18.69 -19.40
CA ALA C 73 0.38 -20.06 -18.89
C ALA C 73 1.02 -20.18 -17.52
N LEU C 74 2.16 -19.52 -17.31
CA LEU C 74 2.77 -19.51 -15.99
C LEU C 74 1.86 -18.86 -14.95
N MET C 75 1.27 -17.71 -15.32
CA MET C 75 0.48 -16.93 -14.38
C MET C 75 -0.79 -17.65 -13.97
N THR C 76 -1.34 -18.47 -14.86
CA THR C 76 -2.58 -19.18 -14.56
C THR C 76 -2.46 -20.04 -13.31
N LEU C 77 -1.26 -20.53 -13.02
CA LEU C 77 -1.07 -21.49 -11.93
C LEU C 77 -1.05 -20.87 -10.55
N LEU C 78 -0.94 -19.54 -10.42
CA LEU C 78 -0.72 -18.93 -9.12
C LEU C 78 -1.88 -18.08 -8.65
N CYS C 79 -2.30 -17.08 -9.42
CA CYS C 79 -3.32 -16.16 -8.94
C CYS C 79 -4.69 -16.83 -8.91
N ALA C 80 -5.58 -16.26 -8.10
CA ALA C 80 -6.94 -16.76 -7.97
C ALA C 80 -7.87 -16.22 -9.05
N ASN C 81 -7.45 -15.22 -9.81
CA ASN C 81 -8.25 -14.67 -10.89
C ASN C 81 -7.30 -14.10 -11.92
N PRO C 82 -7.01 -14.84 -12.99
CA PRO C 82 -6.04 -14.35 -13.98
C PRO C 82 -6.57 -13.14 -14.74
N ARG C 83 -5.63 -12.32 -15.22
CA ARG C 83 -5.90 -11.19 -16.08
C ARG C 83 -5.06 -11.41 -17.34
N TYR C 84 -5.63 -12.15 -18.29
CA TYR C 84 -4.87 -12.56 -19.46
C TYR C 84 -4.53 -11.37 -20.36
N ASN C 85 -3.28 -11.32 -20.80
CA ASN C 85 -2.80 -10.32 -21.77
C ASN C 85 -3.06 -8.91 -21.28
N LEU C 86 -2.66 -8.64 -20.03
CA LEU C 86 -2.92 -7.33 -19.44
C LEU C 86 -1.99 -6.26 -20.02
N ALA C 87 -0.72 -6.59 -20.23
CA ALA C 87 0.27 -5.59 -20.63
C ALA C 87 -0.02 -4.99 -21.99
N SER C 88 -0.86 -5.64 -22.81
CA SER C 88 -1.14 -5.11 -24.14
C SER C 88 -1.88 -3.78 -24.06
N THR C 89 -2.86 -3.68 -23.18
CA THR C 89 -3.67 -2.48 -23.06
C THR C 89 -3.11 -1.47 -22.06
N GLY C 90 -2.03 -1.80 -21.37
CA GLY C 90 -1.48 -0.92 -20.36
C GLY C 90 -2.14 -0.98 -19.01
N GLY C 91 -3.15 -1.83 -18.83
CA GLY C 91 -3.83 -1.98 -17.58
C GLY C 91 -5.28 -1.53 -17.57
N HIS C 92 -5.93 -1.46 -18.72
CA HIS C 92 -7.30 -0.96 -18.80
C HIS C 92 -8.34 -2.02 -19.15
N GLU C 93 -7.93 -3.17 -19.68
CA GLU C 93 -8.90 -4.14 -20.17
C GLU C 93 -8.25 -5.52 -20.25
N SER C 94 -9.10 -6.54 -20.15
CA SER C 94 -8.72 -7.93 -20.38
C SER C 94 -9.39 -8.41 -21.67
N ASP C 95 -8.78 -9.41 -22.31
CA ASP C 95 -9.16 -9.73 -23.68
C ASP C 95 -9.29 -11.21 -24.00
N ARG C 96 -8.97 -12.12 -23.07
CA ARG C 96 -9.00 -13.54 -23.41
C ARG C 96 -9.55 -14.32 -22.23
N ASP C 97 -9.61 -15.64 -22.40
CA ASP C 97 -10.18 -16.54 -21.41
C ASP C 97 -9.54 -17.91 -21.53
N LEU C 98 -9.79 -18.75 -20.52
CA LEU C 98 -9.10 -20.04 -20.43
C LEU C 98 -9.45 -20.97 -21.58
N VAL C 99 -10.73 -21.03 -21.95
CA VAL C 99 -11.19 -22.00 -22.92
C VAL C 99 -10.52 -21.77 -24.27
N SER C 100 -10.38 -20.50 -24.68
CA SER C 100 -9.76 -20.20 -25.95
C SER C 100 -8.32 -20.69 -25.99
N TYR C 101 -7.58 -20.51 -24.89
CA TYR C 101 -6.23 -21.07 -24.82
C TYR C 101 -6.25 -22.58 -24.90
N VAL C 102 -7.17 -23.22 -24.18
CA VAL C 102 -7.17 -24.69 -24.11
C VAL C 102 -7.44 -25.29 -25.47
N ARG C 103 -8.49 -24.81 -26.14
CA ARG C 103 -8.78 -25.35 -27.48
C ARG C 103 -7.75 -24.90 -28.50
N GLY C 104 -7.22 -23.68 -28.35
CA GLY C 104 -6.16 -23.20 -29.22
C GLY C 104 -6.63 -22.43 -30.43
N VAL C 105 -7.49 -21.43 -30.23
CA VAL C 105 -7.88 -20.57 -31.34
C VAL C 105 -6.68 -19.71 -31.75
N THR C 106 -6.60 -19.42 -33.04
CA THR C 106 -5.49 -18.67 -33.61
C THR C 106 -6.02 -17.53 -34.49
N GLY C 107 -7.01 -16.80 -33.98
CA GLY C 107 -7.53 -15.66 -34.69
C GLY C 107 -9.02 -15.47 -34.47
N PRO C 108 -9.53 -14.29 -34.86
CA PRO C 108 -10.97 -14.05 -34.72
C PRO C 108 -11.83 -14.94 -35.60
N GLY C 109 -11.24 -15.60 -36.59
CA GLY C 109 -11.96 -16.54 -37.40
C GLY C 109 -12.65 -15.90 -38.60
N ASP C 110 -13.06 -16.77 -39.52
CA ASP C 110 -13.69 -16.38 -40.78
C ASP C 110 -15.20 -16.55 -40.77
N GLY C 111 -15.69 -17.66 -40.22
CA GLY C 111 -17.10 -17.96 -40.26
C GLY C 111 -17.46 -18.90 -41.39
N GLY C 112 -17.90 -20.10 -41.06
CA GLY C 112 -18.23 -21.08 -42.06
C GLY C 112 -18.72 -22.35 -41.42
N VAL C 113 -18.95 -23.36 -42.27
CA VAL C 113 -19.42 -24.65 -41.78
C VAL C 113 -18.38 -25.27 -40.85
N GLU C 114 -17.13 -25.32 -41.28
CA GLU C 114 -16.04 -25.83 -40.46
C GLU C 114 -15.27 -24.65 -39.88
N GLN C 115 -15.21 -24.58 -38.55
CA GLN C 115 -14.45 -23.54 -37.86
C GLN C 115 -12.97 -23.88 -37.92
N SER C 116 -12.39 -23.64 -39.10
CA SER C 116 -10.98 -23.95 -39.33
C SER C 116 -10.04 -23.11 -38.47
N HIS C 117 -10.54 -22.04 -37.85
CA HIS C 117 -9.73 -21.20 -36.97
C HIS C 117 -9.62 -21.78 -35.57
N ILE C 118 -9.90 -23.06 -35.40
CA ILE C 118 -9.74 -23.74 -34.12
C ILE C 118 -8.81 -24.93 -34.33
N ALA C 119 -7.77 -25.02 -33.50
CA ALA C 119 -6.74 -26.03 -33.69
C ALA C 119 -7.27 -27.42 -33.41
N ARG C 120 -7.95 -27.59 -32.28
CA ARG C 120 -8.38 -28.91 -31.81
C ARG C 120 -9.86 -28.87 -31.44
N GLN C 121 -10.60 -29.86 -31.92
CA GLN C 121 -12.01 -30.01 -31.59
C GLN C 121 -12.26 -31.42 -31.06
N GLY C 122 -13.34 -31.56 -30.30
CA GLY C 122 -13.64 -32.83 -29.68
C GLY C 122 -12.84 -33.06 -28.41
N LYS C 123 -12.79 -34.31 -27.99
CA LYS C 123 -12.07 -34.65 -26.76
C LYS C 123 -10.59 -34.36 -26.91
N THR C 124 -9.99 -33.79 -25.87
CA THR C 124 -8.59 -33.40 -25.90
C THR C 124 -8.08 -33.33 -24.47
N VAL C 125 -6.77 -33.19 -24.32
CA VAL C 125 -6.11 -33.18 -23.03
C VAL C 125 -5.05 -32.09 -23.02
N THR C 126 -4.93 -31.36 -21.92
CA THR C 126 -3.90 -30.35 -21.75
C THR C 126 -3.27 -30.51 -20.38
N ALA C 127 -1.96 -30.33 -20.31
CA ALA C 127 -1.23 -30.51 -19.05
C ALA C 127 -0.08 -29.53 -19.00
N ILE C 128 0.09 -28.86 -17.86
CA ILE C 128 1.17 -27.90 -17.68
C ILE C 128 1.87 -28.15 -16.35
N ALA C 129 3.12 -27.71 -16.27
CA ALA C 129 3.94 -27.95 -15.08
C ALA C 129 5.02 -26.89 -14.97
N ALA C 130 5.40 -26.58 -13.73
CA ALA C 130 6.46 -25.63 -13.43
C ALA C 130 7.34 -26.18 -12.32
N THR C 131 8.59 -25.76 -12.30
CA THR C 131 9.59 -26.29 -11.38
C THR C 131 10.33 -25.16 -10.69
N LEU C 132 10.27 -25.15 -9.35
CA LEU C 132 11.09 -24.26 -8.55
C LEU C 132 12.19 -25.08 -7.87
N GLU C 133 13.37 -24.50 -7.78
CA GLU C 133 14.53 -25.17 -7.22
C GLU C 133 15.17 -24.29 -6.17
N ARG C 134 15.72 -24.93 -5.15
CA ARG C 134 16.49 -24.28 -4.10
C ARG C 134 17.56 -25.27 -3.68
N ASP C 135 18.62 -24.75 -3.05
CA ASP C 135 19.73 -25.61 -2.63
C ASP C 135 19.23 -26.74 -1.75
N GLY C 136 19.48 -27.97 -2.19
CA GLY C 136 18.99 -29.13 -1.48
C GLY C 136 17.47 -29.24 -1.43
N ALA C 137 16.80 -28.87 -2.51
CA ALA C 137 15.34 -28.90 -2.55
C ALA C 137 14.88 -28.84 -3.99
N GLN C 138 13.62 -29.21 -4.20
CA GLN C 138 12.99 -29.19 -5.52
C GLN C 138 11.49 -29.35 -5.39
N VAL C 139 10.72 -28.42 -5.96
CA VAL C 139 9.27 -28.47 -5.86
C VAL C 139 8.66 -28.32 -7.26
N ARG C 140 7.64 -29.11 -7.54
CA ARG C 140 6.99 -29.12 -8.84
C ARG C 140 5.51 -28.87 -8.68
N LEU C 141 4.95 -28.03 -9.54
CA LEU C 141 3.52 -27.78 -9.59
C LEU C 141 2.98 -28.29 -10.92
N GLY C 142 1.72 -28.01 -11.18
CA GLY C 142 1.15 -28.35 -12.48
C GLY C 142 -0.33 -28.64 -12.38
N ALA C 143 -0.93 -28.81 -13.56
CA ALA C 143 -2.36 -29.06 -13.63
C ALA C 143 -2.67 -29.83 -14.91
N VAL C 144 -3.80 -30.55 -14.87
CA VAL C 144 -4.29 -31.33 -15.99
C VAL C 144 -5.75 -30.97 -16.21
N LEU C 145 -6.11 -30.68 -17.47
CA LEU C 145 -7.48 -30.34 -17.83
C LEU C 145 -7.86 -31.13 -19.08
N TRP C 146 -9.15 -31.41 -19.21
CA TRP C 146 -9.61 -32.12 -20.39
C TRP C 146 -11.11 -31.94 -20.58
N PHE C 147 -11.52 -32.10 -21.83
CA PHE C 147 -12.92 -32.20 -22.23
C PHE C 147 -13.27 -33.65 -22.51
N GLU C 148 -14.55 -33.87 -22.84
CA GLU C 148 -15.01 -35.21 -23.20
C GLU C 148 -15.72 -35.23 -24.55
N GLY C 149 -16.51 -34.21 -24.86
CA GLY C 149 -17.23 -34.15 -26.12
C GLY C 149 -17.12 -32.77 -26.74
N THR C 150 -17.70 -32.65 -27.93
CA THR C 150 -17.70 -31.37 -28.64
C THR C 150 -18.60 -30.41 -27.89
N SER C 151 -18.01 -29.53 -27.09
CA SER C 151 -18.76 -28.59 -26.29
C SER C 151 -17.85 -27.44 -25.91
N SER C 152 -18.45 -26.36 -25.44
CA SER C 152 -17.69 -25.18 -25.07
C SER C 152 -18.14 -24.57 -23.74
N SER C 153 -19.07 -25.20 -23.03
CA SER C 153 -19.51 -24.66 -21.75
C SER C 153 -18.38 -24.71 -20.74
N ALA C 154 -18.32 -23.68 -19.89
CA ALA C 154 -17.29 -23.63 -18.86
C ALA C 154 -17.42 -24.76 -17.86
N SER C 155 -18.63 -25.29 -17.69
CA SER C 155 -18.83 -26.38 -16.73
C SER C 155 -18.25 -27.70 -17.22
N ASP C 156 -18.10 -27.86 -18.54
CA ASP C 156 -17.61 -29.11 -19.10
C ASP C 156 -16.09 -29.24 -19.01
N LEU C 157 -15.43 -28.37 -18.26
CA LEU C 157 -13.98 -28.35 -18.19
C LEU C 157 -13.54 -29.19 -16.98
N LYS C 158 -13.10 -30.42 -17.26
CA LYS C 158 -12.59 -31.26 -16.19
C LYS C 158 -11.20 -30.78 -15.78
N LYS C 159 -11.04 -30.45 -14.50
CA LYS C 159 -9.84 -29.79 -14.00
C LYS C 159 -9.23 -30.56 -12.85
N LEU C 160 -7.91 -30.45 -12.71
CA LEU C 160 -7.23 -31.03 -11.55
C LEU C 160 -5.89 -30.33 -11.37
N TRP C 161 -5.57 -29.99 -10.13
CA TRP C 161 -4.30 -29.35 -9.78
C TRP C 161 -3.45 -30.30 -8.94
N LEU C 162 -2.13 -30.17 -9.05
CA LEU C 162 -1.22 -31.07 -8.36
C LEU C 162 -0.13 -30.28 -7.66
N LEU C 163 0.61 -30.99 -6.81
CA LEU C 163 1.74 -30.40 -6.10
C LEU C 163 2.63 -31.55 -5.65
N SER C 164 3.81 -31.67 -6.24
CA SER C 164 4.69 -32.80 -6.00
C SER C 164 5.95 -32.37 -5.26
N GLU C 165 6.60 -33.35 -4.65
CA GLU C 165 7.86 -33.17 -3.95
C GLU C 165 8.92 -34.15 -4.43
N SER C 166 8.55 -35.40 -4.72
CA SER C 166 9.51 -36.39 -5.14
C SER C 166 9.94 -36.13 -6.58
N PRO C 167 11.15 -36.55 -6.96
CA PRO C 167 11.64 -36.29 -8.31
C PRO C 167 11.07 -37.21 -9.38
N GLU C 168 10.57 -38.40 -9.00
CA GLU C 168 10.08 -39.33 -10.01
C GLU C 168 8.75 -38.92 -10.62
N GLN C 169 8.08 -37.91 -10.07
CA GLN C 169 6.83 -37.43 -10.65
C GLN C 169 7.14 -36.57 -11.87
N THR C 170 6.70 -37.03 -13.04
CA THR C 170 6.91 -36.28 -14.28
C THR C 170 5.60 -36.16 -15.03
N LEU C 171 5.55 -35.18 -15.93
CA LEU C 171 4.34 -34.91 -16.69
C LEU C 171 3.93 -36.11 -17.54
N GLU C 172 4.91 -36.77 -18.16
CA GLU C 172 4.59 -37.94 -18.97
C GLU C 172 4.01 -39.06 -18.14
N HIS C 173 4.46 -39.21 -16.89
CA HIS C 173 3.85 -40.18 -16.00
C HIS C 173 2.38 -39.85 -15.77
N TRP C 174 2.07 -38.57 -15.56
CA TRP C 174 0.68 -38.17 -15.37
C TRP C 174 -0.15 -38.48 -16.60
N LEU C 175 0.38 -38.19 -17.79
CA LEU C 175 -0.35 -38.45 -19.02
C LEU C 175 -0.59 -39.94 -19.19
N SER C 176 0.42 -40.76 -18.88
CA SER C 176 0.25 -42.20 -18.96
C SER C 176 -0.83 -42.69 -18.00
N GLN C 177 -0.84 -42.15 -16.77
CA GLN C 177 -1.87 -42.54 -15.82
C GLN C 177 -3.26 -42.14 -16.30
N HIS C 178 -3.38 -40.94 -16.86
CA HIS C 178 -4.68 -40.51 -17.38
C HIS C 178 -5.16 -41.41 -18.51
N HIS C 179 -4.26 -41.69 -19.46
CA HIS C 179 -4.64 -42.53 -20.58
C HIS C 179 -4.89 -43.98 -20.18
N ALA C 180 -4.35 -44.41 -19.04
CA ALA C 180 -4.57 -45.76 -18.55
C ALA C 180 -5.78 -45.86 -17.64
N GLY C 181 -6.52 -44.77 -17.45
CA GLY C 181 -7.68 -44.80 -16.58
C GLY C 181 -8.48 -43.52 -16.62
N GLY C 182 -8.93 -43.06 -15.46
CA GLY C 182 -9.73 -41.85 -15.39
C GLY C 182 -9.39 -40.96 -14.21
N MET C 183 -10.37 -40.20 -13.74
CA MET C 183 -10.16 -39.35 -12.59
C MET C 183 -9.76 -40.17 -11.37
N ARG C 184 -10.43 -41.29 -11.15
CA ARG C 184 -10.08 -42.17 -10.03
C ARG C 184 -8.66 -42.70 -10.17
N ALA C 185 -8.26 -43.04 -11.40
CA ALA C 185 -6.90 -43.52 -11.62
C ALA C 185 -5.88 -42.47 -11.24
N LEU C 186 -6.15 -41.20 -11.57
CA LEU C 186 -5.25 -40.13 -11.20
C LEU C 186 -5.23 -39.93 -9.68
N ARG C 187 -6.41 -39.96 -9.04
CA ARG C 187 -6.47 -39.77 -7.60
C ARG C 187 -5.76 -40.89 -6.85
N GLN C 188 -5.73 -42.09 -7.42
CA GLN C 188 -5.18 -43.24 -6.72
C GLN C 188 -3.67 -43.12 -6.47
N MET C 189 -3.01 -42.16 -7.12
CA MET C 189 -1.57 -42.02 -6.94
C MET C 189 -1.21 -41.67 -5.50
N GLU C 190 -2.01 -40.82 -4.86
CA GLU C 190 -1.72 -40.43 -3.48
C GLU C 190 -1.79 -41.62 -2.54
N LYS C 191 -2.69 -42.57 -2.81
CA LYS C 191 -2.88 -43.70 -1.90
C LYS C 191 -1.61 -44.53 -1.78
N ASP C 192 -0.94 -44.78 -2.90
CA ASP C 192 0.26 -45.61 -2.89
C ASP C 192 1.55 -44.81 -3.03
N GLY C 193 1.51 -43.66 -3.70
CA GLY C 193 2.68 -42.83 -3.85
C GLY C 193 2.94 -41.97 -2.63
N MET C 194 4.05 -41.23 -2.69
CA MET C 194 4.45 -40.32 -1.64
C MET C 194 4.80 -38.96 -2.24
N GLY C 195 4.65 -37.92 -1.43
CA GLY C 195 4.93 -36.57 -1.87
C GLY C 195 4.03 -36.12 -3.01
N ILE C 196 2.73 -36.36 -2.86
CA ILE C 196 1.76 -35.95 -3.87
C ILE C 196 0.44 -35.65 -3.17
N TRP C 197 -0.22 -34.58 -3.60
CA TRP C 197 -1.48 -34.15 -2.99
C TRP C 197 -2.36 -33.53 -4.05
N PRO C 198 -3.19 -34.34 -4.72
CA PRO C 198 -4.14 -33.77 -5.67
C PRO C 198 -5.21 -32.95 -4.96
N TYR C 199 -5.66 -31.89 -5.61
CA TYR C 199 -6.71 -31.03 -5.10
C TYR C 199 -7.80 -30.87 -6.16
N PRO C 200 -9.06 -31.22 -5.85
CA PRO C 200 -10.12 -30.99 -6.82
C PRO C 200 -10.61 -29.55 -6.88
N SER C 201 -10.44 -28.78 -5.80
CA SER C 201 -10.90 -27.41 -5.73
C SER C 201 -9.69 -26.49 -5.57
N LYS C 202 -9.66 -25.41 -6.36
CA LYS C 202 -8.50 -24.53 -6.37
C LYS C 202 -8.32 -23.81 -5.03
N LYS C 203 -9.41 -23.59 -4.30
CA LYS C 203 -9.33 -22.79 -3.07
C LYS C 203 -8.45 -23.48 -2.03
N ALA C 204 -8.67 -24.77 -1.80
CA ALA C 204 -7.84 -25.51 -0.86
C ALA C 204 -6.40 -25.57 -1.33
N PHE C 205 -6.19 -25.72 -2.64
CA PHE C 205 -4.84 -25.71 -3.20
C PHE C 205 -4.12 -24.41 -2.86
N LEU C 206 -4.79 -23.27 -3.09
CA LEU C 206 -4.19 -21.98 -2.79
C LEU C 206 -3.91 -21.84 -1.30
N ALA C 207 -4.85 -22.27 -0.45
CA ALA C 207 -4.63 -22.18 0.98
C ALA C 207 -3.40 -22.98 1.41
N ARG C 208 -3.29 -24.21 0.89
CA ARG C 208 -2.15 -25.05 1.21
C ARG C 208 -0.85 -24.41 0.72
N LEU C 209 -0.86 -23.86 -0.49
CA LEU C 209 0.34 -23.22 -1.03
C LEU C 209 0.77 -22.04 -0.17
N ARG C 210 -0.19 -21.18 0.21
CA ARG C 210 0.15 -20.03 1.03
C ARG C 210 0.68 -20.44 2.39
N ASP C 211 0.07 -21.47 2.99
CA ASP C 211 0.59 -21.96 4.26
C ASP C 211 2.01 -22.50 4.11
N TYR C 212 2.27 -23.21 3.01
CA TYR C 212 3.60 -23.77 2.80
C TYR C 212 4.66 -22.69 2.63
N PHE C 213 4.34 -21.64 1.86
CA PHE C 213 5.33 -20.61 1.56
C PHE C 213 5.38 -19.50 2.59
N GLU C 214 4.42 -19.42 3.50
CA GLU C 214 4.37 -18.40 4.55
C GLU C 214 4.44 -16.99 3.94
N VAL C 215 3.41 -16.67 3.15
CA VAL C 215 3.32 -15.38 2.48
C VAL C 215 1.94 -14.77 2.77
N GLY C 216 1.83 -13.47 2.55
CA GLY C 216 0.57 -12.78 2.76
C GLY C 216 -0.51 -13.27 1.83
N GLU C 217 -1.74 -12.87 2.13
CA GLU C 217 -2.90 -13.40 1.43
C GLU C 217 -3.07 -12.82 0.04
N ASN C 218 -2.41 -11.71 -0.27
CA ASN C 218 -2.61 -11.02 -1.55
C ASN C 218 -1.33 -10.86 -2.33
N ALA C 219 -0.32 -11.70 -2.07
CA ALA C 219 0.96 -11.54 -2.74
C ALA C 219 0.86 -11.87 -4.22
N PHE C 220 0.26 -13.01 -4.56
CA PHE C 220 0.29 -13.49 -5.93
C PHE C 220 -0.58 -12.63 -6.84
N THR C 221 -1.76 -12.22 -6.37
CA THR C 221 -2.57 -11.30 -7.16
C THR C 221 -1.83 -9.97 -7.35
N LEU C 222 -1.10 -9.53 -6.33
CA LEU C 222 -0.29 -8.32 -6.48
C LEU C 222 0.77 -8.49 -7.55
N LEU C 223 1.42 -9.66 -7.59
CA LEU C 223 2.41 -9.93 -8.63
C LEU C 223 1.77 -9.88 -10.00
N ASN C 224 0.61 -10.53 -10.14
CA ASN C 224 -0.06 -10.54 -11.44
C ASN C 224 -0.45 -9.14 -11.87
N ARG C 225 -0.90 -8.31 -10.92
CA ARG C 225 -1.24 -6.93 -11.24
C ARG C 225 0.00 -6.13 -11.63
N ALA C 226 1.12 -6.37 -10.96
CA ALA C 226 2.35 -5.64 -11.27
C ALA C 226 3.04 -6.16 -12.52
N ALA C 227 2.53 -7.24 -13.13
CA ALA C 227 3.19 -7.79 -14.30
C ALA C 227 3.21 -6.79 -15.46
N GLY C 228 2.12 -6.04 -15.66
CA GLY C 228 2.05 -5.18 -16.82
C GLY C 228 1.47 -3.79 -16.59
N LEU C 229 1.23 -3.42 -15.33
CA LEU C 229 0.66 -2.11 -15.06
C LEU C 229 1.69 -1.01 -15.30
N LYS C 230 1.27 0.05 -15.99
CA LYS C 230 2.18 1.14 -16.35
C LYS C 230 1.66 2.50 -15.93
N GLN C 231 0.65 2.56 -15.07
CA GLN C 231 0.11 3.82 -14.60
C GLN C 231 -0.11 3.73 -13.10
N LEU C 232 -0.55 4.84 -12.50
CA LEU C 232 -0.88 4.84 -11.07
C LEU C 232 -1.88 5.96 -10.84
N ASN C 233 -3.16 5.61 -10.76
CA ASN C 233 -4.20 6.62 -10.60
C ASN C 233 -4.18 7.21 -9.20
N SER C 234 -4.07 6.36 -8.19
CA SER C 234 -4.06 6.83 -6.81
C SER C 234 -3.55 5.70 -5.92
N ILE C 235 -2.49 5.98 -5.15
CA ILE C 235 -1.87 4.95 -4.32
C ILE C 235 -2.83 4.42 -3.26
N ASP C 236 -3.84 5.20 -2.90
CA ASP C 236 -4.75 4.79 -1.83
C ASP C 236 -5.49 3.52 -2.19
N GLU C 237 -5.94 3.40 -3.44
CA GLU C 237 -6.59 2.17 -3.88
C GLU C 237 -5.66 0.98 -3.76
N ILE C 238 -4.41 1.15 -4.21
CA ILE C 238 -3.44 0.05 -4.17
C ILE C 238 -3.22 -0.40 -2.74
N PHE C 239 -3.08 0.54 -1.81
CA PHE C 239 -2.78 0.17 -0.43
C PHE C 239 -4.01 -0.42 0.26
N ARG C 240 -5.19 0.15 0.02
CA ARG C 240 -6.38 -0.32 0.71
C ARG C 240 -6.96 -1.59 0.12
N GLU C 241 -6.56 -1.98 -1.08
CA GLU C 241 -7.08 -3.20 -1.69
C GLU C 241 -6.07 -4.33 -1.77
N LEU C 242 -4.79 -4.01 -1.94
CA LEU C 242 -3.77 -5.04 -2.15
C LEU C 242 -2.83 -5.20 -0.95
N VAL C 243 -2.20 -4.12 -0.52
CA VAL C 243 -1.11 -4.23 0.45
C VAL C 243 -1.65 -4.69 1.81
N LEU C 244 -2.71 -4.05 2.29
CA LEU C 244 -3.16 -4.31 3.64
C LEU C 244 -4.06 -5.55 3.69
N ASP C 245 -4.28 -6.03 4.92
CA ASP C 245 -5.11 -7.22 5.13
C ASP C 245 -6.56 -6.80 5.32
N ASP C 246 -7.40 -7.74 5.76
CA ASP C 246 -8.81 -7.49 6.01
C ASP C 246 -9.15 -7.96 7.42
N ARG C 247 -9.24 -7.03 8.36
CA ARG C 247 -9.63 -7.36 9.72
C ARG C 247 -10.85 -6.51 10.08
N SER C 248 -11.84 -6.53 9.18
CA SER C 248 -12.97 -5.60 9.20
C SER C 248 -14.06 -5.99 10.19
N ALA C 249 -15.23 -5.40 9.99
CA ALA C 249 -16.39 -5.47 10.86
C ALA C 249 -17.55 -6.06 10.06
N PHE C 250 -18.78 -5.83 10.52
CA PHE C 250 -20.06 -6.35 10.01
C PHE C 250 -20.36 -7.73 10.60
N GLU C 251 -19.58 -8.22 11.55
CA GLU C 251 -19.92 -9.43 12.28
C GLU C 251 -20.62 -9.14 13.60
N ARG C 252 -20.04 -8.25 14.41
CA ARG C 252 -20.64 -7.87 15.68
C ARG C 252 -21.88 -7.01 15.52
N ALA C 253 -22.15 -6.50 14.31
CA ALA C 253 -23.32 -5.65 14.11
C ALA C 253 -24.60 -6.40 14.42
N ALA C 254 -24.76 -7.61 13.86
CA ALA C 254 -25.94 -8.42 14.16
C ALA C 254 -25.99 -8.79 15.63
N GLU C 255 -24.83 -9.06 16.23
CA GLU C 255 -24.79 -9.41 17.65
C GLU C 255 -25.34 -8.27 18.49
N VAL C 256 -24.97 -7.03 18.18
CA VAL C 256 -25.51 -5.89 18.89
C VAL C 256 -27.00 -5.72 18.61
N ALA C 257 -27.40 -5.89 17.35
CA ALA C 257 -28.80 -5.69 16.98
C ALA C 257 -29.72 -6.75 17.57
N SER C 258 -29.18 -7.90 17.98
CA SER C 258 -30.02 -8.99 18.47
C SER C 258 -30.82 -8.61 19.70
N SER C 259 -30.39 -7.61 20.46
CA SER C 259 -31.01 -7.33 21.75
C SER C 259 -32.42 -6.78 21.60
N PHE C 260 -32.69 -6.04 20.53
CA PHE C 260 -33.91 -5.25 20.43
C PHE C 260 -35.16 -6.08 20.20
N ASP C 261 -35.01 -7.36 19.80
CA ASP C 261 -36.14 -8.13 19.29
C ASP C 261 -37.20 -8.37 20.36
N ASP C 262 -36.78 -8.86 21.52
CA ASP C 262 -37.74 -9.18 22.58
C ASP C 262 -38.47 -7.93 23.04
N LEU C 263 -37.76 -6.83 23.19
CA LEU C 263 -38.39 -5.58 23.60
C LEU C 263 -39.41 -5.13 22.57
N THR C 264 -39.07 -5.22 21.28
CA THR C 264 -40.02 -4.83 20.24
C THR C 264 -41.27 -5.70 20.28
N ASP C 265 -41.09 -7.01 20.42
CA ASP C 265 -42.24 -7.91 20.46
C ASP C 265 -43.13 -7.62 21.67
N ILE C 266 -42.52 -7.40 22.84
CA ILE C 266 -43.30 -7.12 24.04
C ILE C 266 -44.08 -5.82 23.88
N HIS C 267 -43.41 -4.78 23.34
CA HIS C 267 -44.10 -3.52 23.11
C HIS C 267 -45.28 -3.69 22.17
N ARG C 268 -45.09 -4.47 21.10
CA ARG C 268 -46.16 -4.73 20.16
C ARG C 268 -47.34 -5.40 20.84
N GLU C 269 -47.07 -6.42 21.66
CA GLU C 269 -48.14 -7.13 22.35
C GLU C 269 -48.91 -6.20 23.28
N LEU C 270 -48.18 -5.39 24.05
CA LEU C 270 -48.83 -4.48 24.98
C LEU C 270 -49.71 -3.47 24.26
N GLU C 271 -49.21 -2.91 23.15
CA GLU C 271 -50.00 -1.94 22.40
C GLU C 271 -51.23 -2.59 21.79
N THR C 272 -51.11 -3.81 21.30
CA THR C 272 -52.26 -4.50 20.74
C THR C 272 -53.33 -4.74 21.80
N ALA C 273 -52.90 -5.17 23.00
CA ALA C 273 -53.86 -5.40 24.07
C ALA C 273 -54.56 -4.09 24.47
N ARG C 274 -53.80 -3.00 24.58
CA ARG C 274 -54.42 -1.73 24.93
C ARG C 274 -55.40 -1.29 23.86
N LYS C 275 -55.04 -1.46 22.59
CA LYS C 275 -55.95 -1.12 21.50
C LYS C 275 -57.25 -1.91 21.59
N GLN C 276 -57.15 -3.21 21.89
CA GLN C 276 -58.35 -4.01 22.07
C GLN C 276 -59.19 -3.48 23.23
N GLN C 277 -58.54 -3.01 24.29
CA GLN C 277 -59.28 -2.42 25.40
C GLN C 277 -60.06 -1.17 24.96
N ARG C 278 -59.41 -0.30 24.20
CA ARG C 278 -60.11 0.89 23.70
C ARG C 278 -61.29 0.49 22.82
N SER C 279 -61.11 -0.55 22.00
CA SER C 279 -62.21 -1.01 21.16
C SER C 279 -63.36 -1.54 22.02
N LEU C 280 -63.04 -2.21 23.13
CA LEU C 280 -64.08 -2.84 23.93
C LEU C 280 -64.93 -1.81 24.70
N GLN C 281 -64.30 -0.76 25.21
CA GLN C 281 -65.00 0.16 26.12
C GLN C 281 -66.32 0.74 25.58
N PRO C 282 -66.39 1.25 24.34
CA PRO C 282 -67.66 1.82 23.88
C PRO C 282 -68.80 0.82 23.84
N VAL C 283 -68.51 -0.47 23.72
CA VAL C 283 -69.55 -1.48 23.83
C VAL C 283 -70.21 -1.41 25.20
N ALA C 284 -69.40 -1.29 26.25
CA ALA C 284 -69.95 -1.14 27.59
C ALA C 284 -70.79 0.13 27.71
N ASP C 285 -70.29 1.24 27.16
CA ASP C 285 -71.05 2.49 27.23
C ASP C 285 -72.40 2.34 26.55
N GLY C 286 -72.40 1.77 25.34
CA GLY C 286 -73.65 1.58 24.61
C GLY C 286 -74.59 0.64 25.33
N TRP C 287 -74.05 -0.38 26.01
CA TRP C 287 -74.90 -1.29 26.78
C TRP C 287 -75.57 -0.56 27.93
N GLU C 288 -74.84 0.33 28.60
CA GLU C 288 -75.45 1.13 29.66
C GLU C 288 -76.61 1.95 29.11
N ARG C 289 -76.38 2.66 28.00
CA ARG C 289 -77.45 3.47 27.42
C ARG C 289 -78.62 2.59 26.97
N TYR C 290 -78.32 1.40 26.47
CA TYR C 290 -79.35 0.46 26.02
C TYR C 290 -80.24 0.03 27.19
N ARG C 291 -79.63 -0.29 28.32
CA ARG C 291 -80.41 -0.65 29.51
C ARG C 291 -81.26 0.52 29.99
N ALA C 292 -80.72 1.73 29.91
CA ALA C 292 -81.52 2.91 30.27
C ALA C 292 -82.75 3.01 29.37
N LEU C 293 -82.55 2.82 28.06
CA LEU C 293 -83.68 2.87 27.12
C LEU C 293 -84.71 1.79 27.45
N GLN C 294 -84.25 0.58 27.79
CA GLN C 294 -85.16 -0.49 28.17
C GLN C 294 -86.01 -0.08 29.38
N GLU C 295 -85.37 0.51 30.38
CA GLU C 295 -86.11 0.92 31.58
C GLU C 295 -87.15 1.97 31.24
N GLN C 296 -86.79 2.95 30.41
CA GLN C 296 -87.76 3.97 30.01
C GLN C 296 -88.95 3.36 29.28
N LEU C 297 -88.67 2.41 28.37
CA LEU C 297 -89.74 1.74 27.64
C LEU C 297 -90.66 1.00 28.60
N GLN C 298 -90.09 0.31 29.58
CA GLN C 298 -90.91 -0.41 30.56
C GLN C 298 -91.78 0.53 31.36
N ASP C 299 -91.24 1.68 31.76
CA ASP C 299 -92.03 2.66 32.50
C ASP C 299 -93.21 3.16 31.67
N LYS C 300 -92.97 3.46 30.39
CA LYS C 300 -94.05 3.91 29.53
C LYS C 300 -95.12 2.83 29.36
N GLN C 301 -94.69 1.58 29.19
CA GLN C 301 -95.64 0.48 29.10
C GLN C 301 -96.50 0.39 30.36
N ALA C 302 -95.88 0.54 31.52
CA ALA C 302 -96.62 0.48 32.78
C ALA C 302 -97.66 1.59 32.86
N LEU C 303 -97.27 2.81 32.49
CA LEU C 303 -98.22 3.93 32.54
C LEU C 303 -99.39 3.70 31.60
N GLU C 304 -99.10 3.20 30.38
CA GLU C 304 -100.17 2.94 29.42
C GLU C 304 -101.11 1.86 29.94
N GLY C 305 -100.57 0.84 30.59
CA GLY C 305 -101.43 -0.16 31.21
C GLY C 305 -102.29 0.40 32.31
N ILE C 306 -101.74 1.35 33.09
CA ILE C 306 -102.45 1.88 34.24
C ILE C 306 -103.62 2.75 33.81
N LEU C 307 -103.44 3.57 32.78
CA LEU C 307 -104.41 4.62 32.45
C LEU C 307 -105.87 4.16 32.32
N PRO C 308 -106.20 3.12 31.53
CA PRO C 308 -107.63 2.85 31.28
C PRO C 308 -108.44 2.50 32.52
N VAL C 309 -107.83 1.81 33.49
CA VAL C 309 -108.56 1.44 34.70
C VAL C 309 -108.98 2.70 35.47
N TRP C 310 -108.05 3.64 35.62
CA TRP C 310 -108.37 4.89 36.30
C TRP C 310 -109.46 5.65 35.58
N PHE C 311 -109.37 5.74 34.25
CA PHE C 311 -110.40 6.46 33.51
C PHE C 311 -111.76 5.79 33.65
N ALA C 312 -111.78 4.46 33.64
CA ALA C 312 -113.03 3.74 33.82
C ALA C 312 -113.62 3.98 35.22
N GLU C 313 -112.75 4.05 36.24
CA GLU C 313 -113.23 4.35 37.59
C GLU C 313 -113.88 5.72 37.65
N GLN C 314 -113.23 6.72 37.03
CA GLN C 314 -113.82 8.05 37.00
C GLN C 314 -115.17 8.04 36.28
N GLY C 315 -115.24 7.36 35.14
CA GLY C 315 -116.50 7.26 34.42
C GLY C 315 -117.59 6.59 35.24
N TYR C 316 -117.22 5.56 36.01
CA TYR C 316 -118.20 4.90 36.87
C TYR C 316 -118.74 5.86 37.92
N ARG C 317 -117.86 6.65 38.53
CA ARG C 317 -118.33 7.63 39.51
C ARG C 317 -119.30 8.61 38.87
N LEU C 318 -118.96 9.13 37.69
CA LEU C 318 -119.82 10.09 37.02
C LEU C 318 -121.18 9.49 36.68
N TRP C 319 -121.17 8.27 36.14
CA TRP C 319 -122.44 7.64 35.76
C TRP C 319 -123.27 7.28 36.98
N LEU C 320 -122.63 6.93 38.10
CA LEU C 320 -123.39 6.70 39.33
C LEU C 320 -124.10 7.96 39.78
N ALA C 321 -123.39 9.10 39.73
CA ALA C 321 -124.02 10.36 40.10
C ALA C 321 -125.20 10.68 39.17
N GLU C 322 -125.00 10.48 37.86
CA GLU C 322 -126.07 10.76 36.91
C GLU C 322 -127.27 9.85 37.14
N THR C 323 -127.02 8.57 37.43
CA THR C 323 -128.10 7.63 37.68
C THR C 323 -128.88 8.01 38.94
N ASN C 324 -128.18 8.45 39.98
CA ASN C 324 -128.87 8.91 41.19
C ASN C 324 -129.76 10.11 40.88
N ARG C 325 -129.25 11.06 40.11
CA ARG C 325 -130.05 12.24 39.76
C ARG C 325 -131.29 11.83 38.97
N LEU C 326 -131.12 10.98 37.96
CA LEU C 326 -132.26 10.56 37.15
C LEU C 326 -133.25 9.73 37.96
N GLU C 327 -132.76 8.93 38.92
CA GLU C 327 -133.66 8.20 39.79
C GLU C 327 -134.54 9.15 40.60
N LYS C 328 -133.93 10.19 41.19
CA LYS C 328 -134.70 11.16 41.95
C LYS C 328 -135.74 11.84 41.06
N GLU C 329 -135.31 12.24 39.86
CA GLU C 329 -136.23 12.94 38.94
C GLU C 329 -137.40 12.03 38.54
N HIS C 330 -137.11 10.76 38.25
CA HIS C 330 -138.17 9.83 37.86
C HIS C 330 -139.15 9.59 39.00
N LYS C 331 -138.64 9.46 40.23
CA LYS C 331 -139.53 9.29 41.38
C LYS C 331 -140.42 10.51 41.57
N GLN C 332 -139.84 11.71 41.43
CA GLN C 332 -140.66 12.93 41.52
C GLN C 332 -141.71 12.98 40.44
N ALA C 333 -141.35 12.57 39.22
CA ALA C 333 -142.32 12.56 38.12
C ALA C 333 -143.45 11.58 38.41
N GLU C 334 -143.13 10.41 38.98
CA GLU C 334 -144.17 9.45 39.32
C GLU C 334 -145.11 10.01 40.40
N LEU C 335 -144.54 10.68 41.40
CA LEU C 335 -145.39 11.31 42.41
C LEU C 335 -146.31 12.35 41.78
N ASP C 336 -145.77 13.16 40.87
CA ASP C 336 -146.57 14.18 40.21
C ASP C 336 -147.68 13.55 39.36
N GLN C 337 -147.39 12.46 38.68
CA GLN C 337 -148.40 11.82 37.84
C GLN C 337 -149.50 11.21 38.71
N ALA C 338 -149.15 10.64 39.86
CA ALA C 338 -150.17 10.15 40.78
C ALA C 338 -151.06 11.30 41.27
N GLN C 339 -150.44 12.43 41.62
CA GLN C 339 -151.21 13.59 42.06
C GLN C 339 -152.15 14.07 40.97
N CYS C 340 -151.66 14.16 39.73
CA CYS C 340 -152.50 14.65 38.64
C CYS C 340 -153.62 13.68 38.31
N ARG C 341 -153.38 12.37 38.44
CA ARG C 341 -154.45 11.41 38.25
C ARG C 341 -155.53 11.57 39.31
N SER C 342 -155.13 11.77 40.57
CA SER C 342 -156.11 12.02 41.62
C SER C 342 -156.91 13.29 41.32
N GLN C 343 -156.23 14.34 40.85
CA GLN C 343 -156.92 15.57 40.49
C GLN C 343 -157.90 15.33 39.35
N LEU C 344 -157.51 14.50 38.37
CA LEU C 344 -158.41 14.17 37.27
C LEU C 344 -159.66 13.46 37.78
N GLU C 345 -159.50 12.52 38.71
CA GLU C 345 -160.66 11.84 39.28
C GLU C 345 -161.57 12.82 40.00
N ILE C 346 -160.98 13.74 40.78
CA ILE C 346 -161.79 14.73 41.50
C ILE C 346 -162.55 15.61 40.52
N GLN C 347 -161.88 16.04 39.44
CA GLN C 347 -162.52 16.91 38.45
C GLN C 347 -163.64 16.17 37.73
N LYS C 348 -163.43 14.89 37.42
CA LYS C 348 -164.50 14.09 36.82
C LYS C 348 -165.70 13.99 37.74
N GLY C 349 -165.46 13.80 39.04
CA GLY C 349 -166.56 13.80 39.99
C GLY C 349 -167.30 15.13 40.03
N VAL C 350 -166.55 16.23 39.97
CA VAL C 350 -167.17 17.56 39.96
C VAL C 350 -168.04 17.73 38.72
N VAL C 351 -167.53 17.32 37.57
CA VAL C 351 -168.30 17.40 36.32
C VAL C 351 -169.57 16.58 36.43
N ASP C 352 -169.46 15.36 36.98
CA ASP C 352 -170.63 14.51 37.13
C ASP C 352 -171.67 15.16 38.04
N GLN C 353 -171.22 15.74 39.16
CA GLN C 353 -172.16 16.41 40.06
C GLN C 353 -172.84 17.58 39.37
N HIS C 354 -172.09 18.37 38.62
CA HIS C 354 -172.67 19.53 37.92
C HIS C 354 -173.72 19.08 36.91
N ARG C 355 -173.39 18.06 36.10
CA ARG C 355 -174.35 17.63 35.09
C ARG C 355 -175.58 16.98 35.73
N GLN C 356 -175.39 16.23 36.82
CA GLN C 356 -176.53 15.64 37.50
C GLN C 356 -177.45 16.72 38.08
N ARG C 357 -176.86 17.77 38.66
CA ARG C 357 -177.69 18.85 39.19
C ARG C 357 -178.42 19.58 38.06
N TYR C 358 -177.75 19.79 36.93
CA TYR C 358 -178.40 20.49 35.82
C TYR C 358 -179.54 19.67 35.24
N LEU C 359 -179.35 18.36 35.09
CA LEU C 359 -180.33 17.54 34.39
C LEU C 359 -181.67 17.44 35.11
N ARG C 360 -181.71 17.78 36.40
CA ARG C 360 -182.98 17.74 37.13
C ARG C 360 -183.62 19.11 37.20
N ASN C 709 -184.90 28.41 35.14
CA ASN C 709 -183.69 29.11 35.53
C ASN C 709 -182.59 28.14 35.94
N LEU C 710 -182.73 26.88 35.49
CA LEU C 710 -181.73 25.86 35.79
C LEU C 710 -180.51 25.94 34.89
N ALA C 711 -180.60 26.67 33.78
CA ALA C 711 -179.49 26.76 32.84
C ALA C 711 -178.22 27.31 33.48
N VAL C 712 -178.35 28.09 34.55
CA VAL C 712 -177.17 28.60 35.24
C VAL C 712 -176.30 27.45 35.72
N ILE C 713 -176.93 26.38 36.21
CA ILE C 713 -176.18 25.20 36.63
C ILE C 713 -175.32 24.69 35.48
N LYS C 714 -175.89 24.66 34.26
CA LYS C 714 -175.13 24.26 33.09
C LYS C 714 -173.83 25.05 32.98
N ALA C 715 -173.91 26.36 33.20
CA ALA C 715 -172.71 27.20 33.14
C ALA C 715 -171.64 26.65 34.07
N GLU C 716 -172.02 26.33 35.31
CA GLU C 716 -171.08 25.72 36.24
C GLU C 716 -170.43 24.51 35.61
N LEU C 717 -171.27 23.59 35.08
CA LEU C 717 -170.75 22.41 34.42
C LEU C 717 -169.72 22.78 33.37
N ASP C 718 -170.04 23.78 32.54
CA ASP C 718 -169.10 24.20 31.51
C ASP C 718 -167.75 24.52 32.13
N GLN C 719 -167.73 25.37 33.15
CA GLN C 719 -166.48 25.70 33.81
C GLN C 719 -165.76 24.42 34.23
N ALA C 720 -166.47 23.54 34.91
CA ALA C 720 -165.87 22.29 35.36
C ALA C 720 -165.25 21.55 34.18
N GLU C 721 -166.05 21.34 33.12
CA GLU C 721 -165.53 20.56 32.01
C GLU C 721 -164.34 21.25 31.37
N ALA C 722 -164.37 22.58 31.33
CA ALA C 722 -163.21 23.31 30.80
C ALA C 722 -161.97 22.94 31.59
N LEU C 723 -162.03 23.07 32.93
CA LEU C 723 -160.90 22.69 33.76
C LEU C 723 -160.49 21.26 33.44
N ARG C 724 -161.49 20.38 33.30
CA ARG C 724 -161.21 18.97 33.04
C ARG C 724 -160.26 18.83 31.86
N GLU C 725 -160.59 19.46 30.73
CA GLU C 725 -159.76 19.26 29.55
C GLU C 725 -158.34 19.73 29.82
N SER C 726 -158.20 20.89 30.45
CA SER C 726 -156.85 21.38 30.77
C SER C 726 -156.12 20.37 31.63
N LEU C 727 -156.78 19.88 32.68
CA LEU C 727 -156.15 18.88 33.53
C LEU C 727 -155.78 17.65 32.71
N ASP C 728 -156.69 17.21 31.84
CA ASP C 728 -156.40 16.09 30.95
C ASP C 728 -155.10 16.36 30.20
N GLN C 729 -155.02 17.54 29.57
CA GLN C 729 -153.82 17.89 28.83
C GLN C 729 -152.59 17.77 29.72
N GLN C 730 -152.67 18.32 30.93
CA GLN C 730 -151.54 18.25 31.84
C GLN C 730 -151.10 16.80 32.03
N LEU C 731 -152.08 15.91 32.31
CA LEU C 731 -151.76 14.50 32.50
C LEU C 731 -150.92 13.99 31.34
N GLN C 732 -151.40 14.25 30.11
CA GLN C 732 -150.68 13.78 28.93
C GLN C 732 -149.24 14.25 28.97
N ARG C 733 -149.03 15.55 29.15
CA ARG C 733 -147.68 16.08 29.21
C ARG C 733 -146.88 15.34 30.25
N LEU C 734 -147.43 15.26 31.47
CA LEU C 734 -146.72 14.61 32.56
C LEU C 734 -146.35 13.19 32.18
N ILE C 735 -147.31 12.44 31.61
CA ILE C 735 -147.02 11.07 31.23
C ILE C 735 -145.81 11.02 30.32
N GLU C 736 -145.81 11.87 29.28
CA GLU C 736 -144.68 11.91 28.38
C GLU C 736 -143.39 12.14 29.17
N GLN C 737 -143.39 13.19 30.00
CA GLN C 737 -142.20 13.47 30.80
C GLN C 737 -141.82 12.25 31.62
N CYS C 738 -142.80 11.67 32.31
CA CYS C 738 -142.51 10.49 33.12
C CYS C 738 -141.85 9.42 32.26
N VAL C 739 -142.48 9.10 31.12
CA VAL C 739 -141.90 8.10 30.24
C VAL C 739 -140.49 8.51 29.84
N GLN C 740 -140.34 9.76 29.39
CA GLN C 740 -139.02 10.28 29.06
C GLN C 740 -138.07 10.08 30.22
N LEU C 741 -138.47 10.56 31.41
CA LEU C 741 -137.63 10.40 32.58
C LEU C 741 -137.27 8.95 32.77
N LYS C 742 -138.28 8.07 32.76
CA LYS C 742 -138.02 6.66 32.95
C LYS C 742 -137.00 6.17 31.94
N THR C 743 -137.23 6.49 30.66
CA THR C 743 -136.29 6.08 29.63
C THR C 743 -134.90 6.59 29.96
N GLN C 744 -134.78 7.89 30.24
CA GLN C 744 -133.48 8.45 30.59
C GLN C 744 -132.91 7.71 31.79
N PHE C 745 -133.74 7.50 32.82
CA PHE C 745 -133.30 6.78 34.00
C PHE C 745 -132.68 5.45 33.59
N ASP C 746 -133.40 4.68 32.78
CA ASP C 746 -132.90 3.38 32.34
C ASP C 746 -131.52 3.53 31.73
N GLN C 747 -131.38 4.48 30.79
CA GLN C 747 -130.11 4.69 30.14
C GLN C 747 -129.01 4.90 31.17
N ALA C 748 -129.26 5.82 32.10
CA ALA C 748 -128.25 6.10 33.13
C ALA C 748 -127.87 4.82 33.85
N ALA C 749 -128.88 4.06 34.29
CA ALA C 749 -128.60 2.81 34.98
C ALA C 749 -127.68 1.95 34.14
N SER C 750 -128.07 1.72 32.87
CA SER C 750 -127.24 0.93 31.99
C SER C 750 -125.83 1.48 31.96
N ALA C 751 -125.71 2.78 31.69
CA ALA C 751 -124.39 3.40 31.66
C ALA C 751 -123.64 3.11 32.95
N THR C 752 -124.29 3.39 34.08
CA THR C 752 -123.66 3.12 35.37
C THR C 752 -123.23 1.66 35.45
N ARG C 753 -124.16 0.75 35.17
CA ARG C 753 -123.81 -0.66 35.21
C ARG C 753 -122.70 -0.97 34.22
N LYS C 754 -122.80 -0.43 33.00
CA LYS C 754 -121.71 -0.58 32.05
C LYS C 754 -120.42 -0.03 32.65
N ALA C 755 -120.48 1.19 33.17
CA ALA C 755 -119.30 1.74 33.84
C ALA C 755 -118.94 0.92 35.07
N TYR C 756 -119.95 0.40 35.77
CA TYR C 756 -119.68 -0.50 36.88
C TYR C 756 -118.95 -1.75 36.40
N ARG C 757 -119.33 -2.26 35.23
CA ARG C 757 -118.60 -3.38 34.66
C ARG C 757 -117.28 -2.96 34.05
N GLY C 758 -117.09 -1.66 33.79
CA GLY C 758 -115.80 -1.18 33.31
C GLY C 758 -114.83 -0.80 34.40
N ALA C 759 -115.31 -0.57 35.63
CA ALA C 759 -114.49 -0.12 36.73
C ALA C 759 -114.49 -1.10 37.89
N GLU C 760 -114.71 -2.38 37.60
CA GLU C 760 -114.72 -3.42 38.62
C GLU C 760 -113.33 -4.02 38.84
N LYS C 761 -112.34 -3.60 38.07
CA LYS C 761 -110.99 -4.12 38.23
C LYS C 761 -110.38 -3.67 39.55
N GLY C 762 -109.64 -4.57 40.19
CA GLY C 762 -109.00 -4.30 41.45
C GLY C 762 -107.55 -3.88 41.31
N LEU C 763 -106.79 -4.11 42.38
CA LEU C 763 -105.37 -3.77 42.43
C LEU C 763 -105.11 -2.29 42.16
N SER C 764 -106.04 -1.43 42.60
CA SER C 764 -105.86 0.02 42.42
C SER C 764 -104.62 0.49 43.18
N ASP C 765 -104.66 0.39 44.50
CA ASP C 765 -103.50 0.51 45.39
C ASP C 765 -102.52 1.61 44.97
N THR C 766 -101.23 1.28 45.02
CA THR C 766 -100.20 2.22 44.58
C THR C 766 -100.31 2.53 43.10
N GLN C 767 -100.88 1.63 42.31
CA GLN C 767 -101.15 1.94 40.91
C GLN C 767 -102.15 3.08 40.81
N ARG C 768 -103.21 3.05 41.63
CA ARG C 768 -104.15 4.16 41.68
C ARG C 768 -103.49 5.42 42.22
N GLU C 769 -102.57 5.26 43.18
CA GLU C 769 -101.85 6.41 43.70
C GLU C 769 -101.03 7.09 42.61
N LEU C 770 -100.36 6.30 41.77
CA LEU C 770 -99.62 6.86 40.64
C LEU C 770 -100.58 7.47 39.62
N ALA C 771 -101.72 6.82 39.41
CA ALA C 771 -102.68 7.31 38.41
C ALA C 771 -103.25 8.67 38.81
N GLN C 772 -103.53 8.86 40.09
CA GLN C 772 -104.12 10.12 40.55
C GLN C 772 -103.16 11.29 40.34
N ALA C 773 -101.85 11.02 40.28
CA ALA C 773 -100.87 12.04 40.00
C ALA C 773 -100.48 12.11 38.53
N HIS C 774 -100.78 11.08 37.75
CA HIS C 774 -100.50 11.05 36.33
C HIS C 774 -101.70 11.42 35.47
N PHE C 775 -102.91 11.16 35.95
CA PHE C 775 -104.10 11.36 35.15
C PHE C 775 -105.10 12.25 35.89
N PRO C 776 -105.83 13.09 35.17
CA PRO C 776 -106.76 14.00 35.83
C PRO C 776 -107.98 13.28 36.38
N ILE C 777 -108.60 13.89 37.38
CA ILE C 777 -109.85 13.41 37.94
C ILE C 777 -111.00 14.05 37.16
N LEU C 778 -111.89 13.21 36.64
CA LEU C 778 -112.92 13.66 35.71
C LEU C 778 -114.21 14.01 36.45
N SER C 779 -114.86 15.07 36.01
CA SER C 779 -116.11 15.55 36.59
C SER C 779 -117.30 15.10 35.75
N THR C 780 -118.48 15.09 36.38
CA THR C 780 -119.67 14.55 35.74
C THR C 780 -120.00 15.28 34.44
N ASP C 781 -119.63 16.55 34.34
CA ASP C 781 -119.84 17.28 33.10
C ASP C 781 -118.96 16.75 31.97
N ASP C 782 -117.89 16.03 32.30
CA ASP C 782 -117.01 15.43 31.30
C ASP C 782 -117.59 14.10 30.81
N LEU C 783 -118.76 14.20 30.20
CA LEU C 783 -119.43 12.99 29.71
C LEU C 783 -118.66 12.34 28.58
N GLY C 784 -118.29 13.12 27.57
CA GLY C 784 -117.53 12.59 26.45
C GLY C 784 -116.04 12.88 26.60
N ASP C 785 -115.69 13.76 27.54
CA ASP C 785 -114.29 14.10 27.74
C ASP C 785 -113.48 12.94 28.28
N ILE C 786 -114.13 11.94 28.89
CA ILE C 786 -113.42 10.74 29.31
C ILE C 786 -112.78 10.07 28.12
N ASP C 787 -113.56 9.84 27.06
CA ASP C 787 -113.03 9.22 25.85
C ASP C 787 -111.97 10.10 25.20
N GLU C 788 -112.21 11.41 25.14
CA GLU C 788 -111.26 12.31 24.51
C GLU C 788 -109.91 12.27 25.21
N LEU C 789 -109.91 12.46 26.53
CA LEU C 789 -108.66 12.46 27.28
C LEU C 789 -107.98 11.08 27.25
N GLU C 790 -108.77 10.01 27.35
CA GLU C 790 -108.19 8.68 27.33
C GLU C 790 -107.51 8.41 25.99
N ARG C 791 -108.18 8.76 24.89
CA ARG C 791 -107.59 8.58 23.56
C ARG C 791 -106.36 9.46 23.38
N LYS C 792 -106.41 10.70 23.88
CA LYS C 792 -105.26 11.58 23.78
C LYS C 792 -104.05 11.02 24.52
N HIS C 793 -104.27 10.56 25.76
CA HIS C 793 -103.18 9.97 26.53
C HIS C 793 -102.67 8.70 25.86
N THR C 794 -103.57 7.89 25.30
CA THR C 794 -103.17 6.67 24.62
C THR C 794 -102.31 6.98 23.40
N ARG C 795 -102.71 7.98 22.61
CA ARG C 795 -101.92 8.35 21.44
C ARG C 795 -100.56 8.89 21.83
N GLU C 796 -100.51 9.75 22.86
CA GLU C 796 -99.23 10.28 23.31
C GLU C 796 -98.31 9.16 23.78
N LEU C 797 -98.86 8.23 24.57
CA LEU C 797 -98.05 7.14 25.10
C LEU C 797 -97.62 6.18 24.00
N GLN C 798 -98.48 5.95 23.00
CA GLN C 798 -98.10 5.12 21.87
C GLN C 798 -96.98 5.76 21.06
N GLY C 799 -97.05 7.07 20.85
CA GLY C 799 -95.95 7.76 20.19
C GLY C 799 -94.66 7.68 20.98
N GLN C 800 -94.74 7.84 22.30
CA GLN C 800 -93.56 7.71 23.15
C GLN C 800 -92.98 6.31 23.07
N LEU C 801 -93.84 5.29 23.10
CA LEU C 801 -93.38 3.90 23.00
C LEU C 801 -92.73 3.64 21.65
N LYS C 802 -93.32 4.17 20.57
CA LYS C 802 -92.75 4.00 19.24
C LYS C 802 -91.37 4.66 19.15
N THR C 803 -91.25 5.87 19.68
CA THR C 803 -89.95 6.56 19.66
C THR C 803 -88.92 5.81 20.49
N LEU C 804 -89.33 5.32 21.66
CA LEU C 804 -88.41 4.55 22.49
C LEU C 804 -87.98 3.25 21.81
N GLY C 805 -88.91 2.61 21.11
CA GLY C 805 -88.55 1.41 20.37
C GLY C 805 -87.59 1.69 19.24
N GLU C 806 -87.80 2.80 18.53
CA GLU C 806 -86.86 3.21 17.49
C GLU C 806 -85.47 3.46 18.06
N LYS C 807 -85.41 4.18 19.18
CA LYS C 807 -84.12 4.45 19.82
C LYS C 807 -83.47 3.15 20.29
N LEU C 808 -84.27 2.24 20.83
CA LEU C 808 -83.74 0.96 21.31
C LEU C 808 -83.19 0.12 20.17
N GLY C 809 -83.90 0.10 19.03
CA GLY C 809 -83.38 -0.61 17.87
C GLY C 809 -82.11 0.00 17.34
N ASP C 810 -82.05 1.33 17.27
CA ASP C 810 -80.83 2.00 16.84
C ASP C 810 -79.68 1.68 17.78
N GLN C 811 -79.94 1.69 19.09
CA GLN C 811 -78.89 1.39 20.06
C GLN C 811 -78.44 -0.06 19.97
N LYS C 812 -79.37 -0.97 19.71
CA LYS C 812 -78.99 -2.37 19.52
C LYS C 812 -78.13 -2.55 18.28
N THR C 813 -78.46 -1.86 17.19
CA THR C 813 -77.61 -1.91 16.00
C THR C 813 -76.24 -1.33 16.28
N GLU C 814 -76.19 -0.22 17.03
CA GLU C 814 -74.92 0.37 17.41
C GLU C 814 -74.09 -0.60 18.24
N LEU C 815 -74.73 -1.28 19.20
CA LEU C 815 -74.02 -2.25 20.02
C LEU C 815 -73.50 -3.40 19.18
N ALA C 816 -74.31 -3.90 18.23
CA ALA C 816 -73.86 -4.97 17.36
C ALA C 816 -72.65 -4.55 16.55
N LYS C 817 -72.70 -3.33 15.99
CA LYS C 817 -71.58 -2.84 15.19
C LYS C 817 -70.32 -2.67 16.05
N ARG C 818 -70.48 -2.12 17.26
CA ARG C 818 -69.34 -1.92 18.14
C ARG C 818 -68.72 -3.25 18.55
N MET C 819 -69.56 -4.24 18.87
CA MET C 819 -69.05 -5.56 19.22
C MET C 819 -68.34 -6.20 18.04
N SER C 820 -68.89 -6.02 16.83
CA SER C 820 -68.22 -6.55 15.64
C SER C 820 -66.86 -5.90 15.45
N ASP C 821 -66.77 -4.58 15.64
CA ASP C 821 -65.49 -3.90 15.52
C ASP C 821 -64.50 -4.39 16.58
N ALA C 822 -64.99 -4.60 17.80
CA ALA C 822 -64.12 -5.12 18.86
C ALA C 822 -63.60 -6.51 18.49
N LEU C 823 -64.46 -7.37 17.94
CA LEU C 823 -64.02 -8.69 17.51
C LEU C 823 -63.00 -8.58 16.39
N LYS C 824 -63.19 -7.64 15.47
CA LYS C 824 -62.20 -7.39 14.43
C LYS C 824 -60.85 -7.02 15.04
N ALA C 825 -60.87 -6.12 16.02
CA ALA C 825 -59.64 -5.79 16.73
C ALA C 825 -59.15 -6.96 17.57
N ASP C 826 -60.07 -7.78 18.07
CA ASP C 826 -59.69 -8.93 18.88
C ASP C 826 -58.96 -9.98 18.02
N THR C 827 -57.94 -10.59 18.61
CA THR C 827 -57.16 -11.61 17.94
C THR C 827 -57.77 -13.00 18.05
N GLY C 828 -58.81 -13.16 18.86
CA GLY C 828 -59.43 -14.47 19.04
C GLY C 828 -59.90 -14.71 20.46
N ALA C 829 -59.52 -13.83 21.39
CA ALA C 829 -59.96 -13.97 22.77
C ALA C 829 -61.46 -13.78 22.93
N LEU C 830 -62.11 -13.12 21.97
CA LEU C 830 -63.55 -12.93 22.00
C LEU C 830 -64.24 -13.25 20.68
N ALA C 831 -63.49 -13.68 19.66
CA ALA C 831 -64.09 -13.92 18.35
C ALA C 831 -65.13 -15.02 18.39
N GLU C 832 -64.97 -16.00 19.30
CA GLU C 832 -65.93 -17.09 19.40
C GLU C 832 -67.26 -16.64 19.97
N VAL C 833 -67.28 -15.53 20.71
CA VAL C 833 -68.51 -15.06 21.33
C VAL C 833 -69.49 -14.60 20.25
N GLY C 834 -70.78 -14.80 20.52
CA GLY C 834 -71.81 -14.48 19.55
C GLY C 834 -72.09 -13.01 19.38
N ARG C 835 -73.32 -12.68 18.98
CA ARG C 835 -73.72 -11.32 18.66
C ARG C 835 -75.07 -10.99 19.30
N GLU C 836 -75.21 -11.30 20.59
CA GLU C 836 -76.46 -11.12 21.30
C GLU C 836 -76.23 -10.31 22.58
N LEU C 837 -77.35 -9.90 23.19
CA LEU C 837 -77.27 -9.12 24.41
C LEU C 837 -76.68 -9.93 25.56
N VAL C 838 -76.98 -11.24 25.61
CA VAL C 838 -76.39 -12.10 26.62
C VAL C 838 -74.87 -12.18 26.43
N ASP C 839 -74.39 -11.98 25.20
CA ASP C 839 -72.96 -11.98 24.96
C ASP C 839 -72.29 -10.71 25.47
N VAL C 840 -73.05 -9.62 25.60
CA VAL C 840 -72.44 -8.35 26.00
C VAL C 840 -71.74 -8.43 27.35
N PRO C 841 -72.35 -8.98 28.40
CA PRO C 841 -71.60 -9.09 29.68
C PRO C 841 -70.34 -9.92 29.56
N ARG C 842 -70.30 -10.90 28.66
CA ARG C 842 -69.05 -11.62 28.41
C ARG C 842 -67.98 -10.67 27.91
N TYR C 843 -68.34 -9.81 26.95
CA TYR C 843 -67.38 -8.82 26.45
C TYR C 843 -66.94 -7.88 27.56
N LEU C 844 -67.89 -7.43 28.39
CA LEU C 844 -67.54 -6.50 29.46
C LEU C 844 -66.59 -7.15 30.47
N GLU C 845 -66.87 -8.39 30.86
CA GLU C 845 -66.02 -9.08 31.80
C GLU C 845 -64.64 -9.33 31.22
N ARG C 846 -64.56 -9.72 29.95
CA ARG C 846 -63.26 -9.92 29.32
C ARG C 846 -62.49 -8.60 29.24
N LEU C 847 -63.18 -7.51 28.91
CA LEU C 847 -62.54 -6.20 28.87
C LEU C 847 -61.98 -5.82 30.23
N ARG C 848 -62.77 -6.02 31.29
CA ARG C 848 -62.29 -5.72 32.64
C ARG C 848 -61.09 -6.58 33.00
N VAL C 849 -61.15 -7.88 32.66
CA VAL C 849 -60.06 -8.78 33.00
C VAL C 849 -58.78 -8.37 32.30
N LEU C 850 -58.87 -8.10 30.99
CA LEU C 850 -57.67 -7.70 30.26
C LEU C 850 -57.16 -6.35 30.72
N THR C 851 -58.06 -5.43 31.09
CA THR C 851 -57.62 -4.15 31.64
C THR C 851 -56.84 -4.36 32.93
N GLU C 852 -57.32 -5.25 33.80
CA GLU C 852 -56.63 -5.52 35.04
C GLU C 852 -55.27 -6.18 34.80
N GLU C 853 -55.22 -7.15 33.87
CA GLU C 853 -54.05 -7.99 33.74
C GLU C 853 -53.04 -7.51 32.71
N ALA C 854 -53.36 -6.46 31.94
CA ALA C 854 -52.37 -5.93 31.01
C ALA C 854 -51.25 -5.22 31.74
N LEU C 855 -51.58 -4.46 32.77
CA LEU C 855 -50.57 -3.74 33.53
C LEU C 855 -49.49 -4.65 34.12
N PRO C 856 -49.81 -5.82 34.69
CA PRO C 856 -48.74 -6.74 35.11
C PRO C 856 -47.78 -7.09 33.98
N GLU C 857 -48.29 -7.31 32.77
CA GLU C 857 -47.40 -7.57 31.64
C GLU C 857 -46.46 -6.39 31.40
N LYS C 858 -47.02 -5.18 31.39
CA LYS C 858 -46.23 -3.98 31.20
C LYS C 858 -45.10 -3.91 32.23
N LEU C 859 -45.44 -4.10 33.50
CA LEU C 859 -44.43 -4.08 34.54
C LEU C 859 -43.38 -5.15 34.32
N LYS C 860 -43.80 -6.41 34.36
CA LYS C 860 -42.86 -7.53 34.35
C LYS C 860 -41.98 -7.53 33.11
N ARG C 861 -42.41 -6.87 32.03
CA ARG C 861 -41.56 -6.83 30.85
C ARG C 861 -40.70 -5.57 30.80
N PHE C 862 -41.32 -4.39 30.84
CA PHE C 862 -40.56 -3.16 30.64
C PHE C 862 -39.65 -2.85 31.82
N LEU C 863 -40.07 -3.13 33.06
CA LEU C 863 -39.19 -2.89 34.20
C LEU C 863 -37.94 -3.74 34.11
N GLU C 864 -38.09 -5.00 33.69
CA GLU C 864 -36.92 -5.85 33.46
C GLU C 864 -36.06 -5.32 32.32
N TYR C 865 -36.70 -4.87 31.23
CA TYR C 865 -35.96 -4.34 30.10
C TYR C 865 -35.26 -3.02 30.42
N LEU C 866 -35.65 -2.35 31.49
CA LEU C 866 -34.94 -1.14 31.91
C LEU C 866 -33.47 -1.40 32.19
N ASN C 867 -33.10 -2.64 32.47
CA ASN C 867 -31.71 -2.99 32.79
C ASN C 867 -30.82 -3.07 31.55
N ARG C 868 -31.39 -2.96 30.35
CA ARG C 868 -30.60 -3.08 29.14
C ARG C 868 -29.63 -1.91 28.99
N SER C 869 -28.49 -2.18 28.36
CA SER C 869 -27.46 -1.18 28.13
C SER C 869 -26.86 -1.40 26.75
N SER C 870 -26.24 -0.33 26.22
CA SER C 870 -25.60 -0.36 24.92
C SER C 870 -24.08 -0.25 25.03
N ASP C 871 -23.51 -0.91 26.04
CA ASP C 871 -22.07 -0.86 26.24
C ASP C 871 -21.31 -1.57 25.13
N ASP C 872 -21.91 -2.63 24.56
CA ASP C 872 -21.21 -3.43 23.56
C ASP C 872 -20.84 -2.59 22.34
N GLY C 873 -21.78 -1.78 21.86
CA GLY C 873 -21.51 -0.97 20.69
C GLY C 873 -20.36 -0.01 20.91
N VAL C 874 -20.37 0.70 22.03
CA VAL C 874 -19.30 1.64 22.34
C VAL C 874 -17.97 0.89 22.45
N THR C 875 -17.96 -0.20 23.21
CA THR C 875 -16.72 -0.93 23.44
C THR C 875 -16.11 -1.40 22.13
N GLN C 876 -16.91 -2.10 21.32
CA GLN C 876 -16.40 -2.61 20.05
C GLN C 876 -15.95 -1.47 19.15
N LEU C 877 -16.84 -0.50 18.91
CA LEU C 877 -16.57 0.59 17.98
C LEU C 877 -15.29 1.33 18.33
N LEU C 878 -15.06 1.57 19.61
CA LEU C 878 -13.85 2.27 19.99
C LEU C 878 -12.63 1.35 19.93
N SER C 879 -12.66 0.27 20.72
CA SER C 879 -11.46 -0.54 20.90
C SER C 879 -10.97 -1.14 19.59
N TYR C 880 -11.85 -1.83 18.88
CA TYR C 880 -11.42 -2.58 17.71
C TYR C 880 -10.86 -1.64 16.65
N ILE C 881 -11.58 -0.56 16.37
CA ILE C 881 -11.17 0.37 15.32
C ILE C 881 -9.85 1.06 15.70
N ASP C 882 -9.74 1.54 16.95
CA ASP C 882 -8.54 2.24 17.34
C ASP C 882 -7.33 1.31 17.31
N HIS C 883 -7.49 0.09 17.80
CA HIS C 883 -6.38 -0.87 17.79
C HIS C 883 -5.95 -1.18 16.36
N GLU C 884 -6.91 -1.37 15.46
CA GLU C 884 -6.56 -1.64 14.07
C GLU C 884 -5.82 -0.46 13.46
N VAL C 885 -6.26 0.76 13.74
CA VAL C 885 -5.58 1.93 13.20
C VAL C 885 -4.16 2.03 13.72
N SER C 886 -3.98 1.77 15.02
CA SER C 886 -2.63 1.82 15.59
C SER C 886 -1.72 0.78 14.95
N MET C 887 -2.23 -0.45 14.78
CA MET C 887 -1.43 -1.50 14.15
C MET C 887 -1.08 -1.12 12.72
N ILE C 888 -2.02 -0.52 11.99
CA ILE C 888 -1.74 -0.09 10.63
C ILE C 888 -0.64 0.96 10.60
N GLU C 889 -0.70 1.91 11.54
CA GLU C 889 0.34 2.94 11.61
C GLU C 889 1.71 2.32 11.87
N GLU C 890 1.79 1.37 12.81
CA GLU C 890 3.06 0.71 13.11
C GLU C 890 3.59 -0.03 11.89
N ARG C 891 2.70 -0.74 11.20
CA ARG C 891 3.12 -1.48 10.00
C ARG C 891 3.60 -0.53 8.91
N LEU C 892 2.94 0.63 8.77
CA LEU C 892 3.37 1.60 7.79
C LEU C 892 4.75 2.15 8.12
N ASP C 893 5.01 2.40 9.40
CA ASP C 893 6.36 2.80 9.81
C ASP C 893 7.37 1.74 9.43
N ASP C 894 7.03 0.47 9.69
CA ASP C 894 7.95 -0.62 9.35
C ASP C 894 8.23 -0.65 7.85
N LEU C 895 7.19 -0.43 7.04
CA LEU C 895 7.37 -0.44 5.59
C LEU C 895 8.26 0.70 5.13
N ASN C 896 7.97 1.93 5.58
CA ASN C 896 8.78 3.05 5.12
C ASN C 896 10.17 3.08 5.72
N SER C 897 10.44 2.23 6.73
CA SER C 897 11.80 2.15 7.27
C SER C 897 12.80 1.68 6.22
N THR C 898 12.43 0.66 5.44
CA THR C 898 13.37 0.04 4.51
C THR C 898 13.45 0.73 3.15
N MET C 899 12.57 1.69 2.87
CA MET C 899 12.56 2.33 1.56
C MET C 899 13.85 3.12 1.31
N GLN C 900 14.51 3.58 2.38
CA GLN C 900 15.59 4.55 2.23
C GLN C 900 16.82 3.95 1.56
N ARG C 901 17.02 2.63 1.67
CA ARG C 901 18.23 2.01 1.13
C ARG C 901 18.30 2.19 -0.39
N VAL C 902 17.20 1.93 -1.08
CA VAL C 902 17.21 2.00 -2.54
C VAL C 902 17.25 3.46 -2.99
N ASP C 903 17.99 3.72 -4.06
CA ASP C 903 18.26 5.09 -4.48
C ASP C 903 17.40 5.46 -5.69
N PHE C 904 16.67 6.57 -5.56
CA PHE C 904 15.96 7.20 -6.66
C PHE C 904 16.97 8.04 -7.44
N GLN C 905 16.49 8.99 -8.25
CA GLN C 905 17.35 9.97 -8.90
C GLN C 905 18.41 10.44 -7.92
N PRO C 906 19.65 10.66 -8.37
CA PRO C 906 20.76 10.84 -7.42
C PRO C 906 20.50 11.99 -6.45
N GLY C 907 20.84 11.74 -5.19
CA GLY C 907 20.56 12.70 -4.14
C GLY C 907 19.12 12.74 -3.67
N ARG C 908 18.31 11.75 -4.03
CA ARG C 908 16.89 11.76 -3.70
C ARG C 908 16.45 10.36 -3.32
N TYR C 909 15.36 10.29 -2.56
CA TYR C 909 14.67 9.03 -2.32
C TYR C 909 13.22 9.35 -1.95
N LEU C 910 12.43 8.31 -1.72
CA LEU C 910 11.00 8.45 -1.53
C LEU C 910 10.60 8.08 -0.11
N ARG C 911 9.48 8.66 0.34
CA ARG C 911 8.93 8.35 1.65
C ARG C 911 7.42 8.45 1.59
N LEU C 912 6.74 7.53 2.26
CA LEU C 912 5.29 7.44 2.24
C LEU C 912 4.74 7.92 3.58
N VAL C 913 3.74 8.79 3.54
CA VAL C 913 3.16 9.35 4.75
C VAL C 913 1.65 9.18 4.73
N ALA C 914 1.06 9.16 5.92
CA ALA C 914 -0.38 9.00 6.08
C ALA C 914 -0.91 10.02 7.07
N LYS C 915 -2.15 10.42 6.86
CA LYS C 915 -2.83 11.38 7.73
C LYS C 915 -4.19 10.82 8.13
N LYS C 916 -4.66 11.25 9.30
CA LYS C 916 -5.88 10.74 9.90
C LYS C 916 -7.02 11.71 9.65
N VAL C 917 -8.14 11.19 9.16
CA VAL C 917 -9.34 12.00 8.90
C VAL C 917 -10.55 11.29 9.49
N ILE C 918 -11.42 12.06 10.14
CA ILE C 918 -12.67 11.55 10.69
C ILE C 918 -13.82 12.40 10.17
N HIS C 919 -14.85 11.74 9.65
CA HIS C 919 -15.94 12.45 8.97
C HIS C 919 -17.09 11.47 8.76
N GLU C 920 -18.04 11.85 7.90
CA GLU C 920 -19.21 11.06 7.53
C GLU C 920 -20.19 10.92 8.69
N SER C 921 -20.88 9.79 8.74
CA SER C 921 -21.97 9.59 9.68
C SER C 921 -21.50 9.31 11.10
N LEU C 922 -20.21 9.09 11.30
CA LEU C 922 -19.71 8.69 12.61
C LEU C 922 -20.16 9.67 13.69
N ARG C 923 -19.93 10.97 13.47
CA ARG C 923 -20.37 11.97 14.41
C ARG C 923 -21.85 11.80 14.75
N THR C 924 -22.68 11.66 13.71
CA THR C 924 -24.11 11.46 13.92
C THR C 924 -24.36 10.31 14.89
N LEU C 925 -23.69 9.17 14.67
CA LEU C 925 -23.85 8.05 15.57
C LEU C 925 -23.52 8.46 17.00
N GLN C 926 -22.36 9.09 17.19
CA GLN C 926 -21.98 9.58 18.50
C GLN C 926 -23.09 10.43 19.10
N HIS C 927 -23.66 11.32 18.28
CA HIS C 927 -24.74 12.18 18.74
C HIS C 927 -25.85 11.35 19.37
N ALA C 928 -26.32 10.33 18.65
CA ALA C 928 -27.40 9.50 19.17
C ALA C 928 -27.04 8.98 20.56
N GLN C 929 -25.82 8.51 20.72
CA GLN C 929 -25.40 7.94 22.01
C GLN C 929 -25.67 8.91 23.14
N ARG C 930 -25.23 10.16 22.98
CA ARG C 930 -25.37 11.10 24.09
C ARG C 930 -26.84 11.33 24.42
N GLN C 931 -27.70 11.36 23.40
CA GLN C 931 -29.12 11.54 23.67
C GLN C 931 -29.65 10.39 24.50
N LEU C 932 -29.20 9.17 24.21
CA LEU C 932 -29.59 8.03 25.02
C LEU C 932 -29.20 8.23 26.47
N ASN C 933 -28.01 8.81 26.70
CA ASN C 933 -27.57 9.05 28.07
C ASN C 933 -28.52 9.99 28.80
N SER C 934 -29.20 10.87 28.06
CA SER C 934 -30.19 11.74 28.69
C SER C 934 -31.48 10.98 28.99
N ALA C 935 -31.85 10.04 28.13
CA ALA C 935 -33.15 9.37 28.28
C ALA C 935 -33.14 8.40 29.44
N ARG C 936 -32.08 7.60 29.57
CA ARG C 936 -31.98 6.58 30.62
C ARG C 936 -33.15 5.61 30.57
N HIS C 945 -37.37 7.87 25.49
CA HIS C 945 -36.78 6.85 26.35
C HIS C 945 -36.59 5.56 25.57
N TYR C 946 -37.57 5.21 24.74
CA TYR C 946 -37.47 4.06 23.86
C TYR C 946 -37.10 4.45 22.44
N LYS C 947 -37.44 5.66 22.02
CA LYS C 947 -37.17 6.11 20.65
C LYS C 947 -35.68 6.28 20.40
N ALA C 948 -34.90 6.64 21.43
CA ALA C 948 -33.46 6.71 21.26
C ALA C 948 -32.88 5.33 20.94
N LEU C 949 -33.33 4.30 21.66
CA LEU C 949 -32.89 2.94 21.36
C LEU C 949 -33.31 2.53 19.95
N GLN C 950 -34.55 2.88 19.58
CA GLN C 950 -35.02 2.59 18.23
C GLN C 950 -34.11 3.21 17.19
N ALA C 951 -33.80 4.50 17.34
CA ALA C 951 -32.99 5.20 16.35
C ALA C 951 -31.58 4.64 16.28
N LEU C 952 -30.98 4.35 17.44
CA LEU C 952 -29.62 3.82 17.44
C LEU C 952 -29.57 2.46 16.76
N VAL C 953 -30.52 1.58 17.10
CA VAL C 953 -30.53 0.25 16.49
C VAL C 953 -30.79 0.35 15.00
N GLY C 954 -31.70 1.24 14.59
CA GLY C 954 -31.97 1.40 13.18
C GLY C 954 -30.77 1.93 12.42
N LEU C 955 -30.05 2.88 13.00
CA LEU C 955 -28.84 3.40 12.36
C LEU C 955 -27.80 2.29 12.20
N LEU C 956 -27.59 1.50 13.26
CA LEU C 956 -26.62 0.42 13.17
C LEU C 956 -27.03 -0.61 12.11
N LYS C 957 -28.33 -0.96 12.07
CA LYS C 957 -28.81 -1.94 11.10
C LYS C 957 -28.66 -1.41 9.68
N ASP C 958 -28.97 -0.14 9.46
CA ASP C 958 -28.76 0.44 8.13
C ASP C 958 -27.29 0.42 7.75
N ALA C 959 -26.41 0.72 8.70
CA ALA C 959 -24.98 0.66 8.43
C ALA C 959 -24.55 -0.76 8.08
N CYS C 960 -25.19 -1.77 8.68
CA CYS C 960 -24.87 -3.15 8.34
C CYS C 960 -25.12 -3.42 6.87
N GLU C 961 -26.24 -2.92 6.34
CA GLU C 961 -26.54 -3.08 4.93
C GLU C 961 -25.81 -2.02 4.11
N HIS C 962 -25.75 -2.24 2.80
CA HIS C 962 -25.14 -1.30 1.86
C HIS C 962 -23.66 -1.14 2.14
N SER C 963 -22.97 -2.27 2.27
CA SER C 963 -21.52 -2.25 2.53
C SER C 963 -20.73 -1.71 1.35
N ARG C 964 -21.34 -1.58 0.19
CA ARG C 964 -20.66 -1.10 -1.01
C ARG C 964 -20.75 0.41 -1.17
N ASN C 965 -21.34 1.11 -0.22
CA ASN C 965 -21.42 2.56 -0.24
C ASN C 965 -20.31 3.16 0.61
N GLN C 966 -20.05 4.45 0.39
CA GLN C 966 -18.91 5.10 1.04
C GLN C 966 -19.10 5.21 2.54
N GLY C 967 -20.33 5.47 2.99
CA GLY C 967 -20.55 5.66 4.42
C GLY C 967 -20.24 4.42 5.23
N ALA C 968 -20.73 3.26 4.78
CA ALA C 968 -20.47 2.02 5.49
C ALA C 968 -18.99 1.71 5.53
N LYS C 969 -18.29 1.93 4.41
CA LYS C 969 -16.84 1.72 4.40
C LYS C 969 -16.15 2.65 5.38
N ALA C 970 -16.57 3.91 5.42
CA ALA C 970 -15.93 4.88 6.30
C ALA C 970 -16.24 4.62 7.77
N LEU C 971 -17.33 3.93 8.08
CA LEU C 971 -17.72 3.73 9.46
C LEU C 971 -17.16 2.45 10.06
N LEU C 972 -17.11 1.36 9.30
CA LEU C 972 -16.73 0.07 9.85
C LEU C 972 -15.32 -0.37 9.50
N ASP C 973 -14.95 -0.31 8.23
CA ASP C 973 -13.63 -0.79 7.83
C ASP C 973 -12.56 0.15 8.38
N PRO C 974 -11.66 -0.31 9.25
CA PRO C 974 -10.67 0.60 9.85
C PRO C 974 -9.76 1.25 8.82
N ARG C 975 -9.43 0.54 7.74
CA ARG C 975 -8.45 1.05 6.78
C ARG C 975 -8.96 2.21 5.96
N PHE C 976 -10.23 2.57 6.05
CA PHE C 976 -10.79 3.67 5.28
C PHE C 976 -10.74 4.98 6.05
N ARG C 977 -10.08 5.02 7.20
CA ARG C 977 -9.99 6.23 8.01
C ARG C 977 -8.61 6.88 7.92
N LEU C 978 -7.95 6.74 6.78
CA LEU C 978 -6.63 7.32 6.58
C LEU C 978 -6.50 7.82 5.14
N GLU C 979 -5.53 8.71 4.94
CA GLU C 979 -5.21 9.23 3.62
C GLU C 979 -3.72 9.12 3.40
N PHE C 980 -3.31 8.72 2.19
CA PHE C 980 -1.93 8.42 1.90
C PHE C 980 -1.36 9.39 0.88
N ALA C 981 -0.06 9.66 1.00
CA ALA C 981 0.64 10.52 0.05
C ALA C 981 2.10 10.12 -0.01
N VAL C 982 2.75 10.44 -1.13
CA VAL C 982 4.15 10.13 -1.32
C VAL C 982 4.92 11.44 -1.39
N SER C 983 6.19 11.40 -0.99
CA SER C 983 7.01 12.59 -0.98
C SER C 983 8.43 12.23 -1.39
N VAL C 984 9.08 13.18 -2.07
CA VAL C 984 10.46 13.04 -2.49
C VAL C 984 11.34 13.87 -1.56
N ILE C 985 12.34 13.22 -0.97
CA ILE C 985 13.20 13.85 0.02
C ILE C 985 14.64 13.72 -0.43
N ASP C 986 15.38 14.82 -0.37
CA ASP C 986 16.78 14.82 -0.76
C ASP C 986 17.61 13.96 0.19
N ARG C 987 18.68 13.39 -0.36
CA ARG C 987 19.54 12.49 0.40
C ARG C 987 20.17 13.19 1.60
N GLU C 988 21.03 14.17 1.36
CA GLU C 988 21.63 14.91 2.46
C GLU C 988 20.58 15.82 3.09
N GLY C 989 20.64 15.93 4.42
CA GLY C 989 19.60 16.66 5.08
C GLY C 989 18.28 15.92 4.97
N ASN C 990 17.20 16.66 5.23
CA ASN C 990 15.84 16.12 5.13
C ASN C 990 14.93 17.26 4.71
N ASN C 991 14.61 17.32 3.41
CA ASN C 991 13.85 18.43 2.86
C ASN C 991 12.76 17.89 1.95
N LEU C 992 11.54 18.39 2.12
CA LEU C 992 10.48 18.11 1.16
C LEU C 992 10.76 18.82 -0.14
N ILE C 993 10.74 18.08 -1.25
CA ILE C 993 11.02 18.65 -2.55
C ILE C 993 9.77 18.57 -3.42
N GLU C 994 8.95 17.55 -3.20
CA GLU C 994 7.75 17.36 -4.00
C GLU C 994 6.82 16.34 -3.35
N THR C 995 5.54 16.68 -3.21
CA THR C 995 4.54 15.80 -2.63
C THR C 995 3.51 15.45 -3.69
N ARG C 996 3.15 14.18 -3.77
CA ARG C 996 2.25 13.68 -4.80
C ARG C 996 1.20 12.77 -4.18
N THR C 997 0.01 12.81 -4.78
CA THR C 997 -1.06 11.88 -4.43
C THR C 997 -1.34 10.88 -5.55
N GLY C 998 -0.56 10.90 -6.62
CA GLY C 998 -0.77 9.99 -7.72
C GLY C 998 0.29 10.15 -8.80
N SER C 999 -0.09 9.94 -10.05
CA SER C 999 0.84 10.06 -11.17
C SER C 999 0.26 10.93 -12.26
N GLN C 1000 -0.39 12.02 -11.89
CA GLN C 1000 -1.05 12.89 -12.85
C GLN C 1000 -0.09 13.96 -13.35
N GLY C 1001 -0.31 14.40 -14.58
CA GLY C 1001 0.42 15.51 -15.15
C GLY C 1001 1.83 15.19 -15.59
N GLY C 1002 2.26 13.94 -15.48
CA GLY C 1002 3.63 13.60 -15.81
C GLY C 1002 3.84 13.35 -17.29
N SER C 1003 5.10 13.15 -17.65
CA SER C 1003 5.47 12.81 -19.02
C SER C 1003 5.39 11.30 -19.21
N GLY C 1004 5.95 10.81 -20.32
CA GLY C 1004 5.89 9.38 -20.59
C GLY C 1004 6.73 8.56 -19.64
N GLY C 1005 8.03 8.87 -19.57
CA GLY C 1005 8.93 8.05 -18.78
C GLY C 1005 8.66 8.14 -17.29
N GLU C 1006 8.20 9.30 -16.82
CA GLU C 1006 8.00 9.52 -15.39
C GLU C 1006 6.95 8.58 -14.84
N LYS C 1007 5.83 8.42 -15.55
CA LYS C 1007 4.78 7.52 -15.08
C LYS C 1007 5.31 6.09 -14.97
N GLU C 1008 6.03 5.64 -16.00
CA GLU C 1008 6.54 4.27 -16.00
C GLU C 1008 7.51 4.05 -14.83
N ILE C 1009 8.46 4.97 -14.64
CA ILE C 1009 9.45 4.76 -13.60
C ILE C 1009 8.79 4.80 -12.22
N ILE C 1010 7.88 5.75 -12.00
CA ILE C 1010 7.22 5.84 -10.69
C ILE C 1010 6.43 4.56 -10.41
N ALA C 1011 5.64 4.12 -11.39
CA ALA C 1011 4.81 2.93 -11.19
C ALA C 1011 5.67 1.71 -10.91
N SER C 1012 6.72 1.51 -11.70
CA SER C 1012 7.58 0.35 -11.49
C SER C 1012 8.25 0.39 -10.12
N TYR C 1013 8.74 1.56 -9.73
CA TYR C 1013 9.42 1.70 -8.45
C TYR C 1013 8.49 1.36 -7.29
N VAL C 1014 7.31 1.98 -7.26
CA VAL C 1014 6.41 1.76 -6.14
C VAL C 1014 5.91 0.32 -6.13
N LEU C 1015 5.61 -0.25 -7.30
CA LEU C 1015 5.12 -1.61 -7.36
C LEU C 1015 6.18 -2.60 -6.88
N THR C 1016 7.43 -2.43 -7.31
CA THR C 1016 8.45 -3.37 -6.89
C THR C 1016 8.76 -3.21 -5.40
N ALA C 1017 8.73 -2.00 -4.87
CA ALA C 1017 8.95 -1.83 -3.44
C ALA C 1017 7.83 -2.50 -2.64
N SER C 1018 6.58 -2.29 -3.06
CA SER C 1018 5.46 -2.91 -2.37
C SER C 1018 5.54 -4.43 -2.45
N LEU C 1019 5.92 -4.97 -3.61
CA LEU C 1019 6.05 -6.42 -3.74
C LEU C 1019 7.16 -6.95 -2.84
N SER C 1020 8.30 -6.26 -2.80
CA SER C 1020 9.40 -6.71 -1.95
C SER C 1020 8.98 -6.74 -0.49
N TYR C 1021 8.26 -5.71 -0.04
CA TYR C 1021 7.75 -5.75 1.33
C TYR C 1021 6.74 -6.88 1.51
N ALA C 1022 5.87 -7.09 0.53
CA ALA C 1022 4.75 -8.01 0.68
C ALA C 1022 5.19 -9.45 0.84
N LEU C 1023 6.42 -9.78 0.47
CA LEU C 1023 6.93 -11.13 0.63
C LEU C 1023 7.35 -11.37 2.06
N CYS C 1024 8.12 -12.44 2.29
CA CYS C 1024 8.49 -12.86 3.65
C CYS C 1024 9.01 -11.74 4.54
N PRO C 1025 9.89 -10.83 4.08
CA PRO C 1025 10.35 -9.74 4.96
C PRO C 1025 9.23 -8.86 5.51
N ASP C 1026 7.99 -9.06 5.09
CA ASP C 1026 6.86 -8.45 5.79
C ASP C 1026 6.94 -8.77 7.28
N GLY C 1027 7.08 -10.05 7.62
CA GLY C 1027 7.36 -10.44 8.98
C GLY C 1027 8.84 -10.71 9.16
N SER C 1028 9.67 -9.89 8.51
CA SER C 1028 11.13 -10.00 8.55
C SER C 1028 11.58 -11.31 7.90
N SER C 1029 12.87 -11.64 8.05
CA SER C 1029 13.52 -12.76 7.37
C SER C 1029 13.65 -12.48 5.88
N ARG C 1030 14.35 -13.35 5.17
CA ARG C 1030 14.57 -13.13 3.75
C ARG C 1030 13.49 -13.81 2.92
N PRO C 1031 13.21 -13.31 1.72
CA PRO C 1031 12.14 -13.88 0.90
C PRO C 1031 12.42 -15.35 0.58
N LEU C 1032 11.36 -16.14 0.55
CA LEU C 1032 11.44 -17.54 0.17
C LEU C 1032 11.13 -17.78 -1.30
N PHE C 1033 10.43 -16.85 -1.94
CA PHE C 1033 10.02 -16.99 -3.34
C PHE C 1033 10.35 -15.67 -4.04
N GLY C 1034 11.58 -15.57 -4.55
CA GLY C 1034 12.02 -14.33 -5.16
C GLY C 1034 12.13 -14.39 -6.67
N THR C 1035 11.15 -13.79 -7.36
CA THR C 1035 11.16 -13.69 -8.81
C THR C 1035 10.04 -12.74 -9.22
N ILE C 1036 10.26 -12.06 -10.35
CA ILE C 1036 9.31 -11.06 -10.82
C ILE C 1036 9.40 -11.00 -12.34
N VAL C 1037 8.25 -10.84 -12.98
CA VAL C 1037 8.14 -10.91 -14.43
C VAL C 1037 7.71 -9.54 -14.95
N LEU C 1038 8.46 -9.01 -15.91
CA LEU C 1038 8.13 -7.76 -16.56
C LEU C 1038 7.78 -8.02 -18.02
N ASP C 1039 6.71 -7.40 -18.49
CA ASP C 1039 6.23 -7.56 -19.85
C ASP C 1039 6.36 -6.25 -20.60
N GLN C 1040 6.82 -6.33 -21.85
CA GLN C 1040 7.10 -5.17 -22.68
C GLN C 1040 7.99 -4.16 -21.94
N ALA C 1041 9.10 -4.67 -21.41
CA ALA C 1041 9.99 -3.85 -20.61
C ALA C 1041 10.55 -2.70 -21.45
N PHE C 1042 10.52 -1.49 -20.87
CA PHE C 1042 11.07 -0.29 -21.50
C PHE C 1042 10.45 -0.05 -22.87
N SER C 1043 9.12 0.13 -22.86
CA SER C 1043 8.42 0.43 -24.10
C SER C 1043 8.39 1.91 -24.42
N ARG C 1044 8.69 2.77 -23.45
CA ARG C 1044 8.58 4.21 -23.66
C ARG C 1044 9.75 5.02 -23.10
N SER C 1045 10.66 4.43 -22.34
CA SER C 1045 11.72 5.19 -21.69
C SER C 1045 13.00 5.18 -22.52
N SER C 1046 13.96 5.98 -22.08
CA SER C 1046 15.25 6.08 -22.73
C SER C 1046 16.24 5.11 -22.08
N HIS C 1047 17.53 5.26 -22.40
CA HIS C 1047 18.54 4.34 -21.90
C HIS C 1047 18.80 4.55 -20.40
N ALA C 1048 18.95 5.82 -19.99
CA ALA C 1048 19.28 6.11 -18.60
C ALA C 1048 18.19 5.65 -17.65
N VAL C 1049 16.93 5.83 -18.06
CA VAL C 1049 15.82 5.37 -17.22
C VAL C 1049 15.88 3.87 -17.04
N ALA C 1050 16.16 3.13 -18.11
CA ALA C 1050 16.27 1.69 -18.01
C ALA C 1050 17.43 1.29 -17.11
N GLY C 1051 18.55 2.01 -17.19
CA GLY C 1051 19.66 1.74 -16.31
C GLY C 1051 19.30 1.92 -14.85
N ARG C 1052 18.59 3.01 -14.55
CA ARG C 1052 18.13 3.22 -13.18
C ARG C 1052 17.19 2.11 -12.74
N ILE C 1053 16.30 1.68 -13.64
CA ILE C 1053 15.34 0.62 -13.31
C ILE C 1053 16.09 -0.66 -12.93
N ILE C 1054 17.05 -1.05 -13.76
CA ILE C 1054 17.79 -2.28 -13.51
C ILE C 1054 18.58 -2.16 -12.21
N ALA C 1055 19.22 -1.00 -11.99
CA ALA C 1055 19.98 -0.81 -10.77
C ALA C 1055 19.10 -0.96 -9.53
N ALA C 1056 17.95 -0.30 -9.54
CA ALA C 1056 17.04 -0.39 -8.40
C ALA C 1056 16.54 -1.81 -8.21
N LEU C 1057 16.20 -2.49 -9.30
CA LEU C 1057 15.67 -3.84 -9.20
C LEU C 1057 16.70 -4.79 -8.62
N ARG C 1058 17.96 -4.65 -9.01
CA ARG C 1058 19.00 -5.50 -8.44
C ARG C 1058 19.26 -5.12 -6.97
N GLU C 1059 19.21 -3.83 -6.66
CA GLU C 1059 19.46 -3.41 -5.28
C GLU C 1059 18.40 -3.95 -4.34
N PHE C 1060 17.15 -4.03 -4.80
CA PHE C 1060 16.10 -4.60 -3.96
C PHE C 1060 16.34 -6.07 -3.65
N GLY C 1061 17.19 -6.74 -4.41
CA GLY C 1061 17.56 -8.11 -4.11
C GLY C 1061 16.54 -9.15 -4.55
N LEU C 1062 16.29 -9.21 -5.86
CA LEU C 1062 15.37 -10.19 -6.43
C LEU C 1062 16.01 -10.75 -7.69
N HIS C 1063 15.23 -11.53 -8.44
CA HIS C 1063 15.64 -12.09 -9.71
C HIS C 1063 14.58 -11.77 -10.75
N ALA C 1064 15.02 -11.31 -11.91
CA ALA C 1064 14.12 -10.81 -12.94
C ALA C 1064 14.23 -11.62 -14.21
N VAL C 1065 13.13 -11.70 -14.94
CA VAL C 1065 13.08 -12.27 -16.28
C VAL C 1065 12.48 -11.23 -17.20
N PHE C 1066 13.12 -10.99 -18.34
CA PHE C 1066 12.73 -9.89 -19.20
C PHE C 1066 12.10 -10.41 -20.48
N ILE C 1067 11.10 -9.67 -20.96
CA ILE C 1067 10.37 -10.00 -22.18
C ILE C 1067 10.32 -8.74 -23.03
N THR C 1068 11.09 -8.71 -24.11
CA THR C 1068 11.11 -7.56 -24.99
C THR C 1068 11.15 -8.02 -26.43
N PRO C 1069 10.62 -7.21 -27.35
CA PRO C 1069 10.94 -7.41 -28.77
C PRO C 1069 12.39 -7.04 -29.04
N ASN C 1070 12.80 -7.01 -30.30
CA ASN C 1070 14.19 -6.75 -30.65
C ASN C 1070 14.57 -5.28 -30.56
N LYS C 1071 13.78 -4.47 -29.84
CA LYS C 1071 14.06 -3.05 -29.71
C LYS C 1071 15.44 -2.80 -29.10
N GLU C 1072 15.71 -3.42 -27.95
CA GLU C 1072 16.97 -3.24 -27.25
C GLU C 1072 17.55 -4.59 -26.86
N MET C 1073 18.84 -4.79 -27.12
CA MET C 1073 19.53 -5.98 -26.68
C MET C 1073 20.91 -5.73 -26.09
N ARG C 1074 21.47 -4.54 -26.22
CA ARG C 1074 22.79 -4.27 -25.65
C ARG C 1074 22.76 -4.36 -24.13
N LEU C 1075 21.82 -3.66 -23.50
CA LEU C 1075 21.74 -3.66 -22.05
C LEU C 1075 21.43 -5.05 -21.52
N LEU C 1076 20.55 -5.79 -22.21
CA LEU C 1076 20.25 -7.15 -21.79
C LEU C 1076 21.50 -8.01 -21.84
N ARG C 1077 22.28 -7.91 -22.92
CA ARG C 1077 23.55 -8.61 -22.99
C ARG C 1077 24.47 -8.19 -21.86
N HIS C 1078 24.39 -6.92 -21.45
CA HIS C 1078 25.26 -6.43 -20.41
C HIS C 1078 24.86 -6.93 -19.03
N HIS C 1079 23.58 -7.24 -18.83
CA HIS C 1079 23.07 -7.57 -17.49
C HIS C 1079 22.38 -8.92 -17.39
N THR C 1080 22.49 -9.78 -18.40
CA THR C 1080 21.88 -11.12 -18.34
C THR C 1080 22.89 -12.16 -18.77
N ARG C 1081 22.47 -13.43 -18.71
CA ARG C 1081 23.39 -14.53 -18.94
C ARG C 1081 22.81 -15.56 -19.90
N SER C 1082 21.48 -15.65 -19.97
CA SER C 1082 20.84 -16.67 -20.80
C SER C 1082 19.68 -16.05 -21.57
N ALA C 1083 19.46 -16.56 -22.78
CA ALA C 1083 18.42 -16.04 -23.65
C ALA C 1083 17.60 -17.19 -24.22
N VAL C 1084 16.32 -16.90 -24.44
CA VAL C 1084 15.39 -17.82 -25.08
C VAL C 1084 14.87 -17.15 -26.34
N VAL C 1085 14.91 -17.88 -27.45
CA VAL C 1085 14.43 -17.39 -28.74
C VAL C 1085 13.21 -18.20 -29.12
N VAL C 1086 12.13 -17.50 -29.43
CA VAL C 1086 10.91 -18.15 -29.90
C VAL C 1086 10.74 -17.85 -31.38
N HIS C 1087 10.06 -18.76 -32.07
CA HIS C 1087 9.86 -18.59 -33.50
C HIS C 1087 8.55 -19.23 -33.91
N ARG C 1088 7.93 -18.68 -34.96
CA ARG C 1088 6.72 -19.24 -35.53
C ARG C 1088 6.95 -19.50 -37.00
N ARG C 1089 6.40 -20.62 -37.49
CA ARG C 1089 6.49 -20.97 -38.90
C ARG C 1089 5.18 -21.66 -39.25
N GLY C 1090 4.25 -20.88 -39.77
CA GLY C 1090 2.88 -21.37 -39.99
C GLY C 1090 1.98 -21.10 -38.77
N VAL C 1091 1.67 -22.14 -38.02
CA VAL C 1091 0.85 -22.00 -36.82
C VAL C 1091 1.50 -22.73 -35.65
N GLU C 1092 2.67 -23.31 -35.86
CA GLU C 1092 3.40 -23.98 -34.80
C GLU C 1092 4.28 -22.97 -34.06
N SER C 1093 5.16 -23.47 -33.20
CA SER C 1093 6.09 -22.61 -32.49
C SER C 1093 7.31 -23.42 -32.09
N SER C 1094 8.45 -22.74 -31.98
CA SER C 1094 9.70 -23.38 -31.64
C SER C 1094 10.41 -22.55 -30.59
N LEU C 1095 10.94 -23.22 -29.56
CA LEU C 1095 11.61 -22.56 -28.44
C LEU C 1095 13.04 -23.08 -28.36
N VAL C 1096 14.00 -22.17 -28.31
CA VAL C 1096 15.41 -22.52 -28.18
C VAL C 1096 15.99 -21.71 -27.03
N SER C 1097 16.90 -22.32 -26.28
CA SER C 1097 17.57 -21.66 -25.16
C SER C 1097 19.07 -21.74 -25.34
N LEU C 1098 19.77 -20.66 -25.00
CA LEU C 1098 21.21 -20.64 -25.22
C LEU C 1098 21.86 -19.53 -24.41
N SER C 1099 23.14 -19.74 -24.10
CA SER C 1099 23.96 -18.70 -23.50
C SER C 1099 24.46 -17.73 -24.58
N TRP C 1100 25.01 -16.60 -24.13
CA TRP C 1100 25.44 -15.57 -25.07
C TRP C 1100 26.73 -15.96 -25.78
N GLU C 1101 27.60 -16.73 -25.11
CA GLU C 1101 28.89 -17.06 -25.72
C GLU C 1101 28.72 -17.88 -26.99
N ALA C 1102 27.80 -18.85 -26.95
CA ALA C 1102 27.54 -19.64 -28.16
C ALA C 1102 26.96 -18.77 -29.26
N LEU C 1103 26.06 -17.84 -28.91
CA LEU C 1103 25.43 -17.00 -29.91
C LEU C 1103 26.43 -16.05 -30.56
N ASP C 1104 27.43 -15.61 -29.79
CA ASP C 1104 28.40 -14.67 -30.33
C ASP C 1104 29.18 -15.26 -31.51
N GLU C 1105 29.38 -16.57 -31.52
CA GLU C 1105 30.22 -17.20 -32.53
C GLU C 1105 29.52 -17.36 -33.88
N HIS C 1106 28.21 -17.13 -33.95
CA HIS C 1106 27.50 -17.21 -35.21
C HIS C 1106 27.59 -15.90 -35.98
N SER D 28 0.04 19.43 -56.82
CA SER D 28 0.93 20.58 -56.67
C SER D 28 0.18 21.77 -56.08
N GLU D 29 -0.96 21.50 -55.45
CA GLU D 29 -1.78 22.52 -54.81
C GLU D 29 -2.06 22.12 -53.36
N THR D 30 -1.02 21.71 -52.65
CA THR D 30 -1.15 21.24 -51.28
C THR D 30 -0.29 22.10 -50.37
N PHE D 31 -0.92 22.74 -49.39
CA PHE D 31 -0.16 23.49 -48.40
C PHE D 31 0.55 22.56 -47.45
N ILE D 32 1.78 22.92 -47.09
CA ILE D 32 2.63 22.13 -46.20
C ILE D 32 3.07 23.01 -45.06
N LEU D 33 3.05 22.45 -43.85
CA LEU D 33 3.61 23.14 -42.69
C LEU D 33 5.10 23.37 -42.91
N THR D 34 5.57 24.58 -42.61
CA THR D 34 6.99 24.82 -42.87
C THR D 34 7.75 25.35 -41.67
N SER D 35 7.15 26.22 -40.87
CA SER D 35 7.87 26.84 -39.78
C SER D 35 6.96 26.99 -38.56
N ILE D 36 7.56 26.91 -37.38
CA ILE D 36 6.86 27.14 -36.13
C ILE D 36 7.72 28.05 -35.27
N GLU D 37 7.08 29.01 -34.59
CA GLU D 37 7.77 29.94 -33.73
C GLU D 37 7.02 30.07 -32.41
N LEU D 38 7.76 30.34 -31.35
CA LEU D 38 7.19 30.40 -30.01
C LEU D 38 7.82 31.53 -29.22
N TYR D 39 7.08 32.02 -28.23
CA TYR D 39 7.53 33.14 -27.40
C TYR D 39 6.97 32.97 -26.01
N ASN D 40 7.85 32.70 -25.04
CA ASN D 40 7.48 32.60 -23.62
C ASN D 40 6.31 31.64 -23.41
N TRP D 41 6.39 30.48 -24.07
CA TRP D 41 5.35 29.47 -24.00
C TRP D 41 5.88 28.24 -23.28
N GLY D 42 5.06 27.69 -22.38
CA GLY D 42 5.45 26.47 -21.69
C GLY D 42 6.74 26.64 -20.93
N GLY D 43 7.65 25.69 -21.12
CA GLY D 43 8.98 25.80 -20.53
C GLY D 43 9.95 26.67 -21.29
N PHE D 44 9.58 27.10 -22.48
CA PHE D 44 10.45 27.96 -23.28
C PHE D 44 10.40 29.39 -22.75
N GLN D 45 11.57 30.04 -22.71
CA GLN D 45 11.66 31.43 -22.30
C GLN D 45 12.26 32.24 -23.45
N GLY D 46 11.52 33.23 -23.92
CA GLY D 46 11.99 34.04 -25.04
C GLY D 46 11.69 33.41 -26.38
N TYR D 47 12.19 34.08 -27.42
CA TYR D 47 11.92 33.67 -28.79
C TYR D 47 12.54 32.32 -29.09
N HIS D 48 11.81 31.50 -29.85
CA HIS D 48 12.34 30.22 -30.31
C HIS D 48 11.74 29.90 -31.68
N ARG D 49 12.48 29.13 -32.47
CA ARG D 49 12.09 28.78 -33.82
C ARG D 49 12.25 27.29 -34.06
N ALA D 50 11.65 26.82 -35.15
CA ALA D 50 11.81 25.45 -35.62
C ALA D 50 11.35 25.38 -37.06
N GLU D 51 12.09 24.66 -37.89
CA GLU D 51 11.77 24.53 -39.30
C GLU D 51 11.49 23.08 -39.66
N ILE D 52 10.78 22.89 -40.77
CA ILE D 52 10.43 21.57 -41.26
C ILE D 52 10.78 21.48 -42.73
N ASP D 53 11.62 20.50 -43.08
CA ASP D 53 11.93 20.24 -44.47
C ASP D 53 10.69 19.74 -45.21
N PRO D 54 10.53 20.10 -46.47
CA PRO D 54 9.34 19.68 -47.22
C PRO D 54 9.37 18.22 -47.67
N SER D 55 10.27 17.41 -47.11
CA SER D 55 10.35 16.02 -47.53
C SER D 55 10.40 15.07 -46.33
N GLY D 56 9.77 15.44 -45.22
CA GLY D 56 9.67 14.54 -44.09
C GLY D 56 10.80 14.68 -43.10
N THR D 57 10.50 15.09 -41.88
CA THR D 57 11.50 15.35 -40.85
C THR D 57 11.27 14.42 -39.66
N ALA D 58 12.03 14.68 -38.59
CA ALA D 58 11.90 13.89 -37.38
C ALA D 58 12.26 14.77 -36.19
N VAL D 59 11.72 14.41 -35.03
CA VAL D 59 12.04 15.07 -33.77
C VAL D 59 12.55 14.00 -32.81
N ILE D 60 13.67 14.29 -32.16
CA ILE D 60 14.29 13.38 -31.22
C ILE D 60 14.73 14.17 -30.00
N GLY D 61 15.00 13.45 -28.91
CA GLY D 61 15.49 14.06 -27.69
C GLY D 61 15.37 13.16 -26.48
N PRO D 62 16.10 13.48 -25.42
CA PRO D 62 16.02 12.70 -24.18
C PRO D 62 14.66 12.84 -23.53
N THR D 63 14.42 12.00 -22.53
CA THR D 63 13.14 12.00 -21.84
C THR D 63 12.94 13.29 -21.06
N GLY D 64 11.69 13.73 -20.99
CA GLY D 64 11.34 14.93 -20.25
C GLY D 64 12.02 16.18 -20.79
N SER D 65 11.95 16.39 -22.10
CA SER D 65 12.58 17.54 -22.74
C SER D 65 11.59 18.60 -23.22
N GLY D 66 10.47 18.20 -23.80
CA GLY D 66 9.48 19.18 -24.23
C GLY D 66 8.91 18.96 -25.62
N LYS D 67 9.16 17.79 -26.21
CA LYS D 67 8.68 17.51 -27.55
C LYS D 67 7.15 17.57 -27.61
N THR D 68 6.49 16.85 -26.70
CA THR D 68 5.04 16.85 -26.70
C THR D 68 4.50 18.24 -26.37
N THR D 69 5.27 19.07 -25.66
CA THR D 69 4.86 20.45 -25.47
C THR D 69 4.78 21.19 -26.81
N LEU D 70 5.78 21.00 -27.67
CA LEU D 70 5.73 21.62 -28.99
C LEU D 70 4.56 21.09 -29.81
N VAL D 71 4.35 19.77 -29.78
CA VAL D 71 3.26 19.23 -30.59
C VAL D 71 1.90 19.72 -30.09
N ASP D 72 1.74 19.87 -28.77
CA ASP D 72 0.48 20.37 -28.25
C ASP D 72 0.29 21.85 -28.55
N ALA D 73 1.38 22.62 -28.55
CA ALA D 73 1.28 24.02 -28.94
C ALA D 73 0.86 24.16 -30.40
N LEU D 74 1.24 23.20 -31.25
CA LEU D 74 0.69 23.21 -32.60
C LEU D 74 -0.78 22.80 -32.61
N MET D 75 -1.11 21.72 -31.88
CA MET D 75 -2.45 21.17 -31.94
C MET D 75 -3.50 22.15 -31.43
N THR D 76 -3.13 23.02 -30.49
CA THR D 76 -4.10 23.94 -29.92
C THR D 76 -4.72 24.86 -30.96
N LEU D 77 -3.97 25.20 -32.00
CA LEU D 77 -4.43 26.20 -32.95
C LEU D 77 -5.54 25.71 -33.89
N LEU D 78 -5.83 24.42 -33.93
CA LEU D 78 -6.73 23.88 -34.94
C LEU D 78 -8.01 23.28 -34.36
N CYS D 79 -7.89 22.31 -33.47
CA CYS D 79 -9.07 21.59 -32.99
C CYS D 79 -9.95 22.49 -32.13
N ALA D 80 -11.25 22.19 -32.14
CA ALA D 80 -12.20 22.99 -31.36
C ALA D 80 -12.01 22.80 -29.86
N ASN D 81 -11.73 21.58 -29.42
CA ASN D 81 -11.53 21.31 -28.00
C ASN D 81 -10.34 20.35 -27.86
N PRO D 82 -9.20 20.85 -27.40
CA PRO D 82 -8.00 20.01 -27.37
C PRO D 82 -8.09 18.92 -26.32
N ARG D 83 -7.31 17.86 -26.58
CA ARG D 83 -7.09 16.76 -25.63
C ARG D 83 -5.59 16.69 -25.42
N TYR D 84 -5.09 17.43 -24.44
CA TYR D 84 -3.66 17.59 -24.25
C TYR D 84 -3.04 16.33 -23.70
N ASN D 85 -1.84 16.00 -24.20
CA ASN D 85 -1.04 14.88 -23.71
C ASN D 85 -1.80 13.57 -23.84
N LEU D 86 -2.16 13.24 -25.09
CA LEU D 86 -3.00 12.08 -25.34
C LEU D 86 -2.18 10.78 -25.41
N ALA D 87 -1.09 10.80 -26.16
CA ALA D 87 -0.35 9.57 -26.44
C ALA D 87 0.31 8.98 -25.19
N SER D 88 0.47 9.78 -24.13
CA SER D 88 1.15 9.27 -22.94
C SER D 88 0.38 8.13 -22.31
N THR D 89 -0.94 8.26 -22.21
CA THR D 89 -1.77 7.26 -21.55
C THR D 89 -2.34 6.23 -22.50
N GLY D 90 -1.96 6.28 -23.78
CA GLY D 90 -2.43 5.30 -24.74
C GLY D 90 -3.67 5.71 -25.51
N GLY D 91 -4.35 6.77 -25.10
CA GLY D 91 -5.52 7.21 -25.82
C GLY D 91 -6.81 7.10 -25.05
N HIS D 92 -6.75 7.29 -23.73
CA HIS D 92 -7.94 7.16 -22.88
C HIS D 92 -8.27 8.41 -22.08
N GLU D 93 -7.28 9.20 -21.67
CA GLU D 93 -7.54 10.36 -20.82
C GLU D 93 -6.62 11.51 -21.21
N SER D 94 -6.93 12.68 -20.67
CA SER D 94 -6.14 13.88 -20.87
C SER D 94 -5.79 14.48 -19.51
N ASP D 95 -4.73 15.26 -19.46
CA ASP D 95 -4.22 15.64 -18.16
C ASP D 95 -4.06 17.14 -17.95
N ARG D 96 -3.59 17.88 -18.95
CA ARG D 96 -3.21 19.26 -18.75
C ARG D 96 -4.31 20.21 -19.21
N ASP D 97 -4.03 21.51 -19.10
CA ASP D 97 -5.00 22.54 -19.45
C ASP D 97 -4.24 23.81 -19.82
N LEU D 98 -4.96 24.72 -20.49
CA LEU D 98 -4.32 25.86 -21.16
C LEU D 98 -3.59 26.77 -20.17
N VAL D 99 -4.25 27.11 -19.06
CA VAL D 99 -3.66 28.04 -18.10
C VAL D 99 -2.39 27.45 -17.51
N SER D 100 -2.38 26.13 -17.30
CA SER D 100 -1.17 25.47 -16.82
C SER D 100 0.00 25.71 -17.79
N TYR D 101 -0.27 25.64 -19.09
CA TYR D 101 0.79 25.91 -20.06
C TYR D 101 1.21 27.37 -20.01
N VAL D 102 0.24 28.30 -20.04
CA VAL D 102 0.61 29.71 -20.15
C VAL D 102 1.35 30.18 -18.91
N ARG D 103 1.13 29.56 -17.77
CA ARG D 103 1.88 29.93 -16.58
C ARG D 103 3.10 29.06 -16.33
N GLY D 104 3.30 28.02 -17.13
CA GLY D 104 4.54 27.25 -17.07
C GLY D 104 4.79 26.54 -15.75
N VAL D 105 3.75 25.93 -15.16
CA VAL D 105 3.94 25.16 -13.94
C VAL D 105 4.74 23.90 -14.26
N THR D 106 5.75 23.61 -13.44
CA THR D 106 6.61 22.45 -13.62
C THR D 106 6.45 21.55 -12.39
N GLY D 107 5.65 20.49 -12.54
CA GLY D 107 5.43 19.54 -11.48
C GLY D 107 4.48 20.06 -10.42
N PRO D 108 3.81 19.14 -9.71
CA PRO D 108 2.90 19.55 -8.64
C PRO D 108 3.58 20.28 -7.50
N GLY D 109 4.89 20.10 -7.33
CA GLY D 109 5.60 20.82 -6.29
C GLY D 109 5.29 20.31 -4.89
N ASP D 110 5.25 21.23 -3.94
CA ASP D 110 5.04 20.91 -2.54
C ASP D 110 4.10 21.95 -1.95
N GLY D 111 4.03 22.01 -0.62
CA GLY D 111 3.19 22.98 0.07
C GLY D 111 3.80 24.36 0.06
N GLY D 112 3.60 25.09 1.15
CA GLY D 112 4.08 26.45 1.25
C GLY D 112 3.15 27.44 0.58
N VAL D 113 3.60 28.70 0.55
CA VAL D 113 2.81 29.78 -0.02
C VAL D 113 3.53 30.51 -1.15
N GLU D 114 4.87 30.46 -1.21
CA GLU D 114 5.59 31.18 -2.25
C GLU D 114 5.27 30.64 -3.63
N GLN D 115 4.92 29.36 -3.73
CA GLN D 115 4.59 28.71 -5.00
C GLN D 115 5.75 28.83 -5.99
N SER D 116 6.90 28.30 -5.58
CA SER D 116 8.09 28.34 -6.43
C SER D 116 7.96 27.44 -7.65
N HIS D 117 6.99 26.53 -7.66
CA HIS D 117 6.82 25.61 -8.77
C HIS D 117 6.07 26.23 -9.94
N ILE D 118 5.96 27.55 -9.99
CA ILE D 118 5.35 28.27 -11.10
C ILE D 118 6.33 29.31 -11.60
N ALA D 119 6.53 29.34 -12.92
CA ALA D 119 7.56 30.21 -13.50
C ALA D 119 7.10 31.67 -13.54
N ARG D 120 6.01 31.94 -14.24
CA ARG D 120 5.55 33.31 -14.47
C ARG D 120 4.39 33.63 -13.53
N GLN D 121 4.55 34.69 -12.75
CA GLN D 121 3.51 35.17 -11.85
C GLN D 121 3.27 36.65 -12.12
N GLY D 122 2.00 37.03 -12.28
CA GLY D 122 1.65 38.41 -12.56
C GLY D 122 1.29 38.65 -14.00
N LYS D 123 1.57 39.84 -14.52
CA LYS D 123 1.28 40.14 -15.91
C LYS D 123 2.18 39.33 -16.84
N THR D 124 1.59 38.80 -17.91
CA THR D 124 2.33 37.99 -18.86
C THR D 124 1.69 38.11 -20.24
N VAL D 125 2.48 37.80 -21.26
CA VAL D 125 2.03 37.83 -22.65
C VAL D 125 2.58 36.60 -23.36
N THR D 126 1.73 35.93 -24.13
CA THR D 126 2.12 34.75 -24.88
C THR D 126 1.62 34.87 -26.30
N ALA D 127 2.40 34.35 -27.25
CA ALA D 127 2.03 34.39 -28.65
C ALA D 127 2.46 33.10 -29.32
N ILE D 128 1.59 32.56 -30.16
CA ILE D 128 1.86 31.34 -30.90
C ILE D 128 1.55 31.58 -32.37
N ALA D 129 2.37 31.02 -33.26
CA ALA D 129 2.18 31.24 -34.68
C ALA D 129 2.73 30.06 -35.47
N ALA D 130 2.08 29.76 -36.59
CA ALA D 130 2.47 28.68 -37.46
C ALA D 130 2.32 29.13 -38.91
N THR D 131 3.11 28.51 -39.80
CA THR D 131 3.23 28.97 -41.18
C THR D 131 3.05 27.80 -42.14
N LEU D 132 2.21 28.00 -43.15
CA LEU D 132 2.01 27.03 -44.21
C LEU D 132 2.40 27.64 -45.54
N GLU D 133 3.11 26.86 -46.36
CA GLU D 133 3.50 27.26 -47.70
C GLU D 133 3.08 26.20 -48.69
N ARG D 134 2.50 26.62 -49.82
CA ARG D 134 2.16 25.71 -50.89
C ARG D 134 2.96 25.98 -52.16
N ASP D 135 2.84 27.18 -52.72
CA ASP D 135 3.64 27.56 -53.88
C ASP D 135 3.63 29.10 -53.94
N GLY D 136 4.71 29.71 -53.48
CA GLY D 136 4.78 31.16 -53.46
C GLY D 136 3.87 31.77 -52.42
N ALA D 137 2.57 31.48 -52.52
CA ALA D 137 1.63 31.95 -51.51
C ALA D 137 1.94 31.33 -50.16
N GLN D 138 1.62 32.07 -49.11
CA GLN D 138 2.00 31.68 -47.76
C GLN D 138 0.94 32.17 -46.79
N VAL D 139 0.63 31.37 -45.77
CA VAL D 139 -0.38 31.74 -44.80
C VAL D 139 0.17 31.52 -43.40
N ARG D 140 -0.34 32.32 -42.46
CA ARG D 140 0.11 32.28 -41.07
C ARG D 140 -1.12 32.25 -40.17
N LEU D 141 -1.10 31.34 -39.20
CA LEU D 141 -2.15 31.23 -38.19
C LEU D 141 -1.55 31.55 -36.83
N GLY D 142 -2.23 32.39 -36.05
CA GLY D 142 -1.62 32.82 -34.81
C GLY D 142 -2.64 33.18 -33.76
N ALA D 143 -2.15 33.23 -32.52
CA ALA D 143 -2.98 33.54 -31.37
C ALA D 143 -2.14 34.34 -30.38
N VAL D 144 -2.78 35.29 -29.71
CA VAL D 144 -2.15 36.12 -28.69
C VAL D 144 -2.99 36.06 -27.42
N LEU D 145 -2.34 35.73 -26.30
CA LEU D 145 -3.00 35.65 -25.00
C LEU D 145 -2.27 36.54 -24.02
N TRP D 146 -3.02 37.10 -23.07
CA TRP D 146 -2.37 37.87 -22.02
C TRP D 146 -3.27 37.96 -20.80
N PHE D 147 -2.63 38.18 -19.65
CA PHE D 147 -3.26 38.28 -18.36
C PHE D 147 -3.42 39.74 -17.95
N GLU D 148 -4.11 39.95 -16.83
CA GLU D 148 -4.30 41.28 -16.28
C GLU D 148 -3.71 41.43 -14.89
N GLY D 149 -3.99 40.50 -13.99
CA GLY D 149 -3.52 40.61 -12.62
C GLY D 149 -2.91 39.32 -12.11
N THR D 150 -3.45 38.81 -11.00
CA THR D 150 -2.96 37.57 -10.43
C THR D 150 -4.03 36.48 -10.34
N SER D 151 -5.26 36.77 -10.77
CA SER D 151 -6.30 35.74 -10.78
C SER D 151 -5.99 34.69 -11.84
N SER D 152 -6.43 33.45 -11.59
CA SER D 152 -6.10 32.35 -12.49
C SER D 152 -7.34 31.53 -12.84
N SER D 153 -8.49 32.17 -12.92
CA SER D 153 -9.68 31.47 -13.38
C SER D 153 -9.72 31.43 -14.90
N ALA D 154 -10.60 30.58 -15.43
CA ALA D 154 -10.70 30.41 -16.88
C ALA D 154 -11.29 31.62 -17.59
N SER D 155 -11.85 32.58 -16.85
CA SER D 155 -12.53 33.72 -17.46
C SER D 155 -11.71 35.00 -17.46
N ASP D 156 -10.51 34.98 -16.85
CA ASP D 156 -9.70 36.18 -16.71
C ASP D 156 -8.44 36.14 -17.58
N LEU D 157 -8.55 35.55 -18.77
CA LEU D 157 -7.42 35.40 -19.68
C LEU D 157 -7.83 35.94 -21.04
N LYS D 158 -7.31 37.12 -21.39
CA LYS D 158 -7.67 37.73 -22.66
C LYS D 158 -7.02 37.01 -23.83
N LYS D 159 -7.80 36.77 -24.88
CA LYS D 159 -7.34 36.01 -26.04
C LYS D 159 -7.78 36.70 -27.32
N LEU D 160 -6.96 36.57 -28.36
CA LEU D 160 -7.28 37.12 -29.68
C LEU D 160 -6.61 36.28 -30.74
N TRP D 161 -7.40 35.78 -31.69
CA TRP D 161 -6.89 34.98 -32.79
C TRP D 161 -6.63 35.85 -34.02
N LEU D 162 -5.83 35.32 -34.95
CA LEU D 162 -5.45 36.04 -36.15
C LEU D 162 -5.29 35.06 -37.31
N LEU D 163 -5.25 35.62 -38.52
CA LEU D 163 -5.04 34.83 -39.73
C LEU D 163 -4.48 35.77 -40.78
N SER D 164 -3.22 35.59 -41.16
CA SER D 164 -2.54 36.54 -42.05
C SER D 164 -2.11 35.85 -43.32
N GLU D 165 -2.50 36.42 -44.47
CA GLU D 165 -2.12 35.88 -45.76
C GLU D 165 -1.20 36.85 -46.50
N SER D 166 -0.56 37.75 -45.76
CA SER D 166 0.34 38.74 -46.32
C SER D 166 1.59 38.81 -45.47
N PRO D 167 2.72 39.20 -46.06
CA PRO D 167 3.93 39.40 -45.26
C PRO D 167 3.84 40.65 -44.39
N GLU D 168 4.96 41.06 -43.80
CA GLU D 168 5.08 42.25 -42.98
C GLU D 168 4.29 42.12 -41.68
N GLN D 169 4.06 40.90 -41.20
CA GLN D 169 3.36 40.66 -39.94
C GLN D 169 4.07 39.50 -39.25
N THR D 170 4.96 39.82 -38.32
CA THR D 170 5.68 38.84 -37.53
C THR D 170 5.25 38.92 -36.08
N LEU D 171 5.85 38.07 -35.25
CA LEU D 171 5.53 38.07 -33.82
C LEU D 171 5.98 39.36 -33.15
N GLU D 172 7.16 39.86 -33.55
CA GLU D 172 7.68 41.09 -32.94
C GLU D 172 6.75 42.26 -33.21
N HIS D 173 6.22 42.36 -34.43
CA HIS D 173 5.30 43.44 -34.76
C HIS D 173 4.05 43.39 -33.88
N TRP D 174 3.49 42.18 -33.71
CA TRP D 174 2.30 42.05 -32.87
C TRP D 174 2.59 42.42 -31.43
N LEU D 175 3.74 41.97 -30.90
CA LEU D 175 4.08 42.30 -29.51
C LEU D 175 4.27 43.79 -29.34
N SER D 176 4.93 44.45 -30.31
CA SER D 176 5.10 45.89 -30.25
C SER D 176 3.75 46.59 -30.27
N GLN D 177 2.85 46.14 -31.13
CA GLN D 177 1.52 46.75 -31.18
C GLN D 177 0.78 46.57 -29.87
N HIS D 178 0.89 45.40 -29.25
CA HIS D 178 0.25 45.19 -27.96
C HIS D 178 0.84 46.11 -26.89
N HIS D 179 2.17 46.24 -26.85
CA HIS D 179 2.79 47.08 -25.85
C HIS D 179 2.48 48.56 -26.07
N ALA D 180 2.28 48.97 -27.32
CA ALA D 180 1.97 50.36 -27.59
C ALA D 180 0.63 50.76 -26.96
N GLY D 181 -0.36 49.88 -27.04
CA GLY D 181 -1.67 50.18 -26.48
C GLY D 181 -2.30 49.01 -25.76
N GLY D 182 -3.53 48.66 -26.15
CA GLY D 182 -4.23 47.54 -25.56
C GLY D 182 -4.98 46.74 -26.60
N MET D 183 -6.03 46.03 -26.18
CA MET D 183 -6.83 45.27 -27.13
C MET D 183 -7.43 46.17 -28.20
N ARG D 184 -7.80 47.40 -27.84
CA ARG D 184 -8.34 48.33 -28.82
C ARG D 184 -7.31 48.64 -29.90
N ALA D 185 -6.08 48.94 -29.49
CA ALA D 185 -5.03 49.24 -30.46
C ALA D 185 -4.73 48.05 -31.34
N LEU D 186 -4.66 46.86 -30.75
CA LEU D 186 -4.38 45.65 -31.53
C LEU D 186 -5.48 45.38 -32.54
N ARG D 187 -6.74 45.53 -32.13
CA ARG D 187 -7.85 45.28 -33.04
C ARG D 187 -7.99 46.38 -34.09
N GLN D 188 -7.44 47.57 -33.83
CA GLN D 188 -7.48 48.62 -34.84
C GLN D 188 -6.67 48.25 -36.09
N MET D 189 -5.83 47.21 -36.00
CA MET D 189 -4.88 46.92 -37.08
C MET D 189 -5.58 46.66 -38.42
N GLU D 190 -6.78 46.06 -38.40
CA GLU D 190 -7.43 45.67 -39.64
C GLU D 190 -7.72 46.90 -40.52
N LYS D 191 -8.30 47.94 -39.94
CA LYS D 191 -8.70 49.10 -40.72
C LYS D 191 -7.50 49.82 -41.32
N ASP D 192 -6.35 49.74 -40.65
CA ASP D 192 -5.15 50.44 -41.10
C ASP D 192 -4.32 49.64 -42.10
N GLY D 193 -4.76 48.44 -42.46
CA GLY D 193 -4.01 47.63 -43.39
C GLY D 193 -4.89 46.87 -44.37
N MET D 194 -4.41 45.72 -44.82
CA MET D 194 -5.14 44.91 -45.79
C MET D 194 -4.60 43.49 -45.74
N GLY D 195 -5.50 42.53 -45.97
CA GLY D 195 -5.10 41.15 -45.95
C GLY D 195 -5.01 40.53 -44.59
N ILE D 196 -5.67 41.11 -43.58
CA ILE D 196 -5.65 40.59 -42.23
C ILE D 196 -7.09 40.46 -41.75
N TRP D 197 -7.31 39.57 -40.78
CA TRP D 197 -8.66 39.29 -40.29
C TRP D 197 -8.60 38.98 -38.80
N PRO D 198 -8.73 40.00 -37.95
CA PRO D 198 -8.85 39.73 -36.51
C PRO D 198 -10.15 39.00 -36.19
N TYR D 199 -10.09 38.18 -35.16
CA TYR D 199 -11.25 37.41 -34.74
C TYR D 199 -11.28 37.27 -33.23
N PRO D 200 -12.28 37.83 -32.56
CA PRO D 200 -12.35 37.71 -31.09
C PRO D 200 -13.19 36.53 -30.64
N SER D 201 -13.85 35.84 -31.57
CA SER D 201 -14.69 34.70 -31.26
C SER D 201 -14.13 33.46 -31.96
N LYS D 202 -13.92 32.40 -31.20
CA LYS D 202 -13.24 31.22 -31.75
C LYS D 202 -14.10 30.50 -32.78
N LYS D 203 -15.42 30.46 -32.57
CA LYS D 203 -16.29 29.68 -33.44
C LYS D 203 -16.28 30.22 -34.86
N ALA D 204 -16.43 31.54 -35.02
CA ALA D 204 -16.37 32.13 -36.36
C ALA D 204 -14.99 31.95 -36.98
N PHE D 205 -13.94 32.04 -36.17
CA PHE D 205 -12.59 31.79 -36.66
C PHE D 205 -12.47 30.40 -37.25
N LEU D 206 -12.94 29.38 -36.51
CA LEU D 206 -12.89 28.02 -37.02
C LEU D 206 -13.73 27.85 -38.26
N ALA D 207 -14.91 28.49 -38.30
CA ALA D 207 -15.75 28.39 -39.48
C ALA D 207 -15.06 28.97 -40.71
N ARG D 208 -14.43 30.13 -40.56
CA ARG D 208 -13.69 30.73 -41.66
C ARG D 208 -12.55 29.84 -42.12
N LEU D 209 -11.81 29.27 -41.17
CA LEU D 209 -10.72 28.37 -41.52
C LEU D 209 -11.23 27.18 -42.32
N ARG D 210 -12.30 26.54 -41.83
CA ARG D 210 -12.84 25.36 -42.50
C ARG D 210 -13.32 25.71 -43.90
N ASP D 211 -14.01 26.84 -44.05
CA ASP D 211 -14.45 27.25 -45.38
C ASP D 211 -13.27 27.50 -46.30
N TYR D 212 -12.19 28.09 -45.77
CA TYR D 212 -11.03 28.38 -46.60
C TYR D 212 -10.39 27.09 -47.10
N PHE D 213 -10.26 26.09 -46.24
CA PHE D 213 -9.51 24.90 -46.61
C PHE D 213 -10.37 23.81 -47.25
N GLU D 214 -11.68 24.05 -47.41
CA GLU D 214 -12.59 23.12 -48.08
C GLU D 214 -12.62 21.74 -47.44
N VAL D 215 -12.20 21.62 -46.19
CA VAL D 215 -12.21 20.34 -45.50
C VAL D 215 -13.58 20.12 -44.87
N GLY D 216 -13.83 18.90 -44.41
CA GLY D 216 -15.05 18.58 -43.72
C GLY D 216 -15.19 19.31 -42.40
N GLU D 217 -16.22 18.95 -41.61
CA GLU D 217 -16.47 19.66 -40.36
C GLU D 217 -15.57 19.16 -39.23
N ASN D 218 -15.50 17.85 -39.05
CA ASN D 218 -14.80 17.27 -37.92
C ASN D 218 -13.45 16.70 -38.27
N ALA D 219 -12.93 16.98 -39.46
CA ALA D 219 -11.66 16.40 -39.88
C ALA D 219 -10.52 16.77 -38.93
N PHE D 220 -10.51 18.00 -38.44
CA PHE D 220 -9.42 18.42 -37.55
C PHE D 220 -9.47 17.66 -36.23
N THR D 221 -10.66 17.37 -35.73
CA THR D 221 -10.77 16.55 -34.53
C THR D 221 -10.21 15.15 -34.80
N LEU D 222 -10.46 14.61 -35.98
CA LEU D 222 -9.87 13.33 -36.35
C LEU D 222 -8.36 13.43 -36.38
N LEU D 223 -7.84 14.56 -36.88
CA LEU D 223 -6.39 14.77 -36.89
C LEU D 223 -5.83 14.75 -35.48
N ASN D 224 -6.51 15.42 -34.55
CA ASN D 224 -6.06 15.41 -33.16
C ASN D 224 -6.11 14.02 -32.56
N ARG D 225 -7.17 13.26 -32.88
CA ARG D 225 -7.28 11.90 -32.34
C ARG D 225 -6.19 11.00 -32.89
N ALA D 226 -5.84 11.16 -34.15
CA ALA D 226 -4.85 10.28 -34.78
C ALA D 226 -3.47 10.45 -34.18
N ALA D 227 -3.24 11.50 -33.39
CA ALA D 227 -1.91 11.76 -32.86
C ALA D 227 -1.46 10.66 -31.91
N GLY D 228 -2.36 10.18 -31.04
CA GLY D 228 -1.94 9.27 -30.00
C GLY D 228 -2.89 8.13 -29.69
N LEU D 229 -3.58 7.62 -30.71
CA LEU D 229 -4.50 6.51 -30.52
C LEU D 229 -3.84 5.22 -30.98
N LYS D 230 -3.75 4.24 -30.08
CA LYS D 230 -3.11 2.96 -30.37
C LYS D 230 -4.01 1.79 -29.99
N GLN D 231 -5.31 1.96 -30.16
CA GLN D 231 -6.27 0.96 -29.72
C GLN D 231 -7.64 1.23 -30.31
N LEU D 232 -8.27 0.20 -30.87
CA LEU D 232 -9.54 0.36 -31.58
C LEU D 232 -10.59 -0.57 -30.97
N ASN D 233 -11.83 -0.10 -30.96
CA ASN D 233 -12.92 -0.89 -30.39
C ASN D 233 -14.07 -1.13 -31.37
N SER D 234 -14.43 -0.14 -32.18
CA SER D 234 -15.58 -0.28 -33.08
C SER D 234 -15.40 0.68 -34.24
N ILE D 235 -15.13 0.13 -35.43
CA ILE D 235 -14.92 0.96 -36.61
C ILE D 235 -16.19 1.72 -36.96
N ASP D 236 -17.35 1.07 -36.82
CA ASP D 236 -18.61 1.70 -37.17
C ASP D 236 -18.86 2.96 -36.36
N GLU D 237 -18.46 2.96 -35.09
CA GLU D 237 -18.62 4.16 -34.27
C GLU D 237 -17.82 5.32 -34.84
N ILE D 238 -16.57 5.08 -35.22
CA ILE D 238 -15.75 6.13 -35.81
C ILE D 238 -16.37 6.63 -37.10
N PHE D 239 -16.84 5.71 -37.95
CA PHE D 239 -17.42 6.12 -39.22
C PHE D 239 -18.71 6.92 -39.04
N ARG D 240 -19.51 6.58 -38.02
CA ARG D 240 -20.75 7.29 -37.78
C ARG D 240 -20.56 8.56 -36.95
N GLU D 241 -19.38 8.77 -36.36
CA GLU D 241 -19.16 9.90 -35.47
C GLU D 241 -18.47 11.07 -36.15
N LEU D 242 -17.31 10.84 -36.75
CA LEU D 242 -16.41 11.93 -37.12
C LEU D 242 -16.27 12.13 -38.63
N VAL D 243 -16.20 11.06 -39.42
CA VAL D 243 -15.85 11.23 -40.82
C VAL D 243 -17.05 11.65 -41.66
N LEU D 244 -18.21 11.05 -41.40
CA LEU D 244 -19.38 11.26 -42.25
C LEU D 244 -20.20 12.44 -41.77
N ASP D 245 -20.74 13.20 -42.71
CA ASP D 245 -21.48 14.41 -42.42
C ASP D 245 -22.96 14.11 -42.20
N ASP D 246 -23.63 15.00 -41.48
CA ASP D 246 -25.05 14.85 -41.21
C ASP D 246 -25.86 15.40 -42.36
N ARG D 247 -26.75 14.58 -42.90
CA ARG D 247 -27.69 15.01 -43.93
C ARG D 247 -29.07 14.44 -43.65
N SER D 248 -29.46 14.45 -42.38
CA SER D 248 -30.79 13.98 -42.01
C SER D 248 -31.85 14.95 -42.52
N ALA D 249 -33.10 14.48 -42.55
CA ALA D 249 -34.19 15.24 -43.12
C ALA D 249 -35.32 15.43 -42.10
N PHE D 250 -34.96 15.75 -40.86
CA PHE D 250 -35.98 16.02 -39.85
C PHE D 250 -36.87 17.19 -40.27
N GLU D 251 -36.30 18.18 -40.96
CA GLU D 251 -37.10 19.31 -41.41
C GLU D 251 -38.18 18.87 -42.38
N ARG D 252 -37.83 18.00 -43.32
CA ARG D 252 -38.81 17.52 -44.29
C ARG D 252 -39.94 16.77 -43.60
N ALA D 253 -39.59 15.91 -42.63
CA ALA D 253 -40.61 15.17 -41.90
C ALA D 253 -41.51 16.12 -41.11
N ALA D 254 -40.93 17.14 -40.48
CA ALA D 254 -41.72 18.10 -39.73
C ALA D 254 -42.68 18.85 -40.65
N GLU D 255 -42.19 19.28 -41.82
CA GLU D 255 -43.04 19.98 -42.76
C GLU D 255 -44.18 19.10 -43.25
N VAL D 256 -43.87 17.85 -43.58
CA VAL D 256 -44.91 16.93 -44.03
C VAL D 256 -45.95 16.72 -42.94
N ALA D 257 -45.51 16.52 -41.70
CA ALA D 257 -46.44 16.33 -40.61
C ALA D 257 -47.31 17.56 -40.40
N SER D 258 -46.72 18.75 -40.48
CA SER D 258 -47.49 19.97 -40.26
C SER D 258 -48.46 20.24 -41.40
N SER D 259 -48.18 19.72 -42.59
CA SER D 259 -49.04 19.99 -43.74
C SER D 259 -50.43 19.37 -43.60
N PHE D 260 -50.63 18.42 -42.67
CA PHE D 260 -51.90 17.73 -42.53
C PHE D 260 -52.89 18.41 -41.58
N ASP D 261 -52.50 19.52 -40.95
CA ASP D 261 -53.27 20.05 -39.83
C ASP D 261 -54.60 20.66 -40.23
N ASP D 262 -54.83 20.92 -41.53
CA ASP D 262 -56.06 21.59 -41.93
C ASP D 262 -57.29 20.71 -41.71
N LEU D 263 -57.17 19.40 -41.98
CA LEU D 263 -58.34 18.53 -41.90
C LEU D 263 -58.82 18.36 -40.47
N THR D 264 -57.89 18.35 -39.50
CA THR D 264 -58.25 18.09 -38.12
C THR D 264 -59.19 19.17 -37.58
N ASP D 265 -58.95 20.42 -37.95
CA ASP D 265 -59.79 21.51 -37.47
C ASP D 265 -61.23 21.35 -37.95
N ILE D 266 -61.40 21.05 -39.24
CA ILE D 266 -62.74 20.87 -39.80
C ILE D 266 -63.41 19.67 -39.16
N HIS D 267 -62.66 18.57 -38.97
CA HIS D 267 -63.24 17.40 -38.32
C HIS D 267 -63.68 17.73 -36.90
N ARG D 268 -62.89 18.51 -36.17
CA ARG D 268 -63.26 18.91 -34.83
C ARG D 268 -64.53 19.74 -34.83
N GLU D 269 -64.65 20.67 -35.79
CA GLU D 269 -65.86 21.47 -35.91
C GLU D 269 -67.09 20.59 -36.17
N LEU D 270 -66.94 19.61 -37.06
CA LEU D 270 -68.05 18.70 -37.35
C LEU D 270 -68.47 17.91 -36.12
N GLU D 271 -67.48 17.39 -35.38
CA GLU D 271 -67.80 16.64 -34.16
C GLU D 271 -68.45 17.53 -33.11
N THR D 272 -68.01 18.79 -33.02
CA THR D 272 -68.63 19.72 -32.10
C THR D 272 -70.09 19.96 -32.46
N ALA D 273 -70.37 20.15 -33.75
CA ALA D 273 -71.77 20.33 -34.17
C ALA D 273 -72.61 19.11 -33.87
N ARG D 274 -72.05 17.91 -34.12
CA ARG D 274 -72.78 16.69 -33.82
C ARG D 274 -73.09 16.57 -32.34
N LYS D 275 -72.09 16.87 -31.49
CA LYS D 275 -72.30 16.82 -30.05
C LYS D 275 -73.34 17.84 -29.60
N GLN D 276 -73.35 19.02 -30.23
CA GLN D 276 -74.37 20.01 -29.92
C GLN D 276 -75.76 19.49 -30.26
N GLN D 277 -75.89 18.80 -31.40
CA GLN D 277 -77.18 18.21 -31.74
C GLN D 277 -77.60 17.16 -30.71
N ARG D 278 -76.65 16.33 -30.28
CA ARG D 278 -76.95 15.34 -29.25
C ARG D 278 -77.44 16.02 -27.97
N SER D 279 -76.80 17.12 -27.59
CA SER D 279 -77.19 17.82 -26.37
C SER D 279 -78.54 18.52 -26.52
N LEU D 280 -78.89 18.94 -27.73
CA LEU D 280 -80.14 19.68 -27.92
C LEU D 280 -81.35 18.78 -28.05
N GLN D 281 -81.19 17.53 -28.49
CA GLN D 281 -82.34 16.64 -28.63
C GLN D 281 -83.16 16.46 -27.33
N PRO D 282 -82.57 16.27 -26.14
CA PRO D 282 -83.38 16.00 -24.95
C PRO D 282 -84.36 17.11 -24.59
N VAL D 283 -84.11 18.34 -25.03
CA VAL D 283 -85.04 19.43 -24.73
C VAL D 283 -86.41 19.13 -25.34
N ALA D 284 -86.44 18.79 -26.63
CA ALA D 284 -87.68 18.37 -27.26
C ALA D 284 -88.19 17.07 -26.65
N ASP D 285 -87.27 16.14 -26.38
CA ASP D 285 -87.66 14.87 -25.78
C ASP D 285 -88.50 15.07 -24.53
N GLY D 286 -88.13 16.04 -23.70
CA GLY D 286 -88.92 16.33 -22.50
C GLY D 286 -90.11 17.24 -22.75
N TRP D 287 -90.01 18.14 -23.72
CA TRP D 287 -91.11 19.06 -24.00
C TRP D 287 -92.34 18.33 -24.49
N GLU D 288 -92.16 17.24 -25.26
CA GLU D 288 -93.31 16.44 -25.68
C GLU D 288 -94.10 15.93 -24.48
N ARG D 289 -93.40 15.31 -23.52
CA ARG D 289 -94.07 14.79 -22.34
C ARG D 289 -94.69 15.91 -21.51
N TYR D 290 -94.02 17.05 -21.44
CA TYR D 290 -94.56 18.19 -20.69
C TYR D 290 -95.88 18.65 -21.28
N ARG D 291 -95.95 18.75 -22.61
CA ARG D 291 -97.20 19.13 -23.27
C ARG D 291 -98.28 18.09 -23.03
N ALA D 292 -97.92 16.80 -23.10
CA ALA D 292 -98.91 15.75 -22.85
C ALA D 292 -99.48 15.87 -21.44
N LEU D 293 -98.63 16.11 -20.45
CA LEU D 293 -99.09 16.28 -19.08
C LEU D 293 -99.99 17.50 -18.94
N GLN D 294 -99.65 18.59 -19.63
CA GLN D 294 -100.52 19.76 -19.64
C GLN D 294 -101.91 19.40 -20.15
N GLU D 295 -101.97 18.66 -21.25
CA GLU D 295 -103.27 18.26 -21.81
C GLU D 295 -104.06 17.40 -20.83
N GLN D 296 -103.38 16.45 -20.18
CA GLN D 296 -104.07 15.60 -19.21
C GLN D 296 -104.64 16.41 -18.06
N LEU D 297 -103.85 17.36 -17.54
CA LEU D 297 -104.31 18.20 -16.45
C LEU D 297 -105.53 19.03 -16.87
N GLN D 298 -105.49 19.56 -18.09
CA GLN D 298 -106.64 20.34 -18.57
C GLN D 298 -107.89 19.48 -18.66
N ASP D 299 -107.76 18.24 -19.16
CA ASP D 299 -108.91 17.35 -19.25
C ASP D 299 -109.49 17.06 -17.88
N LYS D 300 -108.62 16.77 -16.89
CA LYS D 300 -109.12 16.49 -15.54
C LYS D 300 -109.80 17.72 -14.94
N GLN D 301 -109.24 18.91 -15.19
CA GLN D 301 -109.87 20.14 -14.73
C GLN D 301 -111.27 20.28 -15.32
N ALA D 302 -111.42 19.98 -16.62
CA ALA D 302 -112.73 20.06 -17.25
C ALA D 302 -113.73 19.10 -16.60
N LEU D 303 -113.30 17.85 -16.39
CA LEU D 303 -114.21 16.84 -15.83
C LEU D 303 -114.65 17.20 -14.41
N GLU D 304 -113.71 17.73 -13.61
CA GLU D 304 -114.04 18.09 -12.23
C GLU D 304 -115.13 19.17 -12.20
N GLY D 305 -115.03 20.16 -13.09
CA GLY D 305 -116.06 21.18 -13.17
C GLY D 305 -117.39 20.65 -13.66
N ILE D 306 -117.36 19.65 -14.55
CA ILE D 306 -118.61 19.13 -15.10
C ILE D 306 -119.41 18.37 -14.03
N LEU D 307 -118.74 17.54 -13.22
CA LEU D 307 -119.41 16.63 -12.28
C LEU D 307 -120.55 17.21 -11.42
N PRO D 308 -120.29 18.25 -10.62
CA PRO D 308 -121.29 18.64 -9.61
C PRO D 308 -122.60 19.10 -10.20
N VAL D 309 -122.57 19.74 -11.36
CA VAL D 309 -123.81 20.23 -11.97
C VAL D 309 -124.72 19.05 -12.31
N TRP D 310 -124.16 18.02 -12.92
CA TRP D 310 -124.95 16.83 -13.25
C TRP D 310 -125.52 16.18 -12.00
N PHE D 311 -124.69 16.04 -10.96
CA PHE D 311 -125.21 15.42 -9.74
C PHE D 311 -126.34 16.24 -9.12
N ALA D 312 -126.19 17.57 -9.11
CA ALA D 312 -127.23 18.44 -8.58
C ALA D 312 -128.51 18.32 -9.40
N GLU D 313 -128.38 18.21 -10.73
CA GLU D 313 -129.55 18.06 -11.58
C GLU D 313 -130.32 16.78 -11.26
N GLN D 314 -129.58 15.68 -11.07
CA GLN D 314 -130.24 14.43 -10.69
C GLN D 314 -130.95 14.57 -9.36
N GLY D 315 -130.27 15.16 -8.37
CA GLY D 315 -130.89 15.34 -7.06
C GLY D 315 -132.14 16.18 -7.12
N TYR D 316 -132.13 17.24 -7.94
CA TYR D 316 -133.31 18.09 -8.07
C TYR D 316 -134.49 17.32 -8.64
N ARG D 317 -134.27 16.55 -9.69
CA ARG D 317 -135.37 15.77 -10.27
C ARG D 317 -135.96 14.80 -9.25
N LEU D 318 -135.09 14.09 -8.52
CA LEU D 318 -135.57 13.12 -7.56
C LEU D 318 -136.37 13.80 -6.46
N TRP D 319 -135.87 14.93 -5.95
CA TRP D 319 -136.58 15.63 -4.88
C TRP D 319 -137.90 16.23 -5.37
N LEU D 320 -137.95 16.67 -6.63
CA LEU D 320 -139.21 17.15 -7.19
C LEU D 320 -140.26 16.05 -7.21
N ALA D 321 -139.86 14.85 -7.67
CA ALA D 321 -140.80 13.74 -7.67
C ALA D 321 -141.26 13.40 -6.25
N GLU D 322 -140.32 13.35 -5.30
CA GLU D 322 -140.68 13.02 -3.92
C GLU D 322 -141.65 14.04 -3.35
N THR D 323 -141.38 15.33 -3.57
CA THR D 323 -142.25 16.37 -3.03
C THR D 323 -143.64 16.30 -3.63
N ASN D 324 -143.75 16.03 -4.94
CA ASN D 324 -145.07 15.90 -5.55
C ASN D 324 -145.86 14.75 -4.91
N ARG D 325 -145.21 13.59 -4.75
CA ARG D 325 -145.90 12.47 -4.12
C ARG D 325 -146.35 12.83 -2.71
N LEU D 326 -145.47 13.49 -1.96
CA LEU D 326 -145.78 13.83 -0.58
C LEU D 326 -146.93 14.83 -0.49
N GLU D 327 -146.98 15.79 -1.41
CA GLU D 327 -148.09 16.75 -1.42
C GLU D 327 -149.41 16.05 -1.70
N LYS D 328 -149.41 15.10 -2.65
CA LYS D 328 -150.64 14.34 -2.90
C LYS D 328 -151.07 13.57 -1.64
N GLU D 329 -150.11 12.96 -0.95
CA GLU D 329 -150.43 12.26 0.30
C GLU D 329 -151.01 13.22 1.32
N HIS D 330 -150.48 14.44 1.40
CA HIS D 330 -151.00 15.44 2.32
C HIS D 330 -152.46 15.74 2.02
N LYS D 331 -152.78 15.96 0.75
CA LYS D 331 -154.16 16.26 0.38
C LYS D 331 -155.08 15.12 0.78
N GLN D 332 -154.67 13.88 0.48
CA GLN D 332 -155.51 12.74 0.83
C GLN D 332 -155.71 12.62 2.34
N ALA D 333 -154.63 12.82 3.12
CA ALA D 333 -154.73 12.72 4.57
C ALA D 333 -155.66 13.78 5.14
N GLU D 334 -155.57 15.01 4.62
CA GLU D 334 -156.45 16.06 5.12
C GLU D 334 -157.91 15.77 4.79
N LEU D 335 -158.18 15.25 3.58
CA LEU D 335 -159.55 14.89 3.24
C LEU D 335 -160.08 13.80 4.18
N ASP D 336 -159.26 12.78 4.45
CA ASP D 336 -159.68 11.71 5.35
C ASP D 336 -159.93 12.23 6.76
N GLN D 337 -159.08 13.16 7.23
CA GLN D 337 -159.30 13.75 8.55
C GLN D 337 -160.61 14.52 8.60
N ALA D 338 -160.93 15.27 7.55
CA ALA D 338 -162.21 15.98 7.53
C ALA D 338 -163.38 15.01 7.56
N GLN D 339 -163.30 13.92 6.79
CA GLN D 339 -164.38 12.94 6.79
C GLN D 339 -164.55 12.32 8.18
N CYS D 340 -163.45 11.99 8.84
CA CYS D 340 -163.55 11.41 10.18
C CYS D 340 -164.06 12.42 11.20
N ARG D 341 -163.75 13.70 10.99
CA ARG D 341 -164.36 14.74 11.82
C ARG D 341 -165.86 14.76 11.67
N SER D 342 -166.35 14.65 10.44
CA SER D 342 -167.79 14.55 10.22
C SER D 342 -168.37 13.31 10.89
N GLN D 343 -167.62 12.20 10.86
CA GLN D 343 -168.08 10.98 11.52
C GLN D 343 -168.22 11.17 13.03
N LEU D 344 -167.23 11.81 13.65
CA LEU D 344 -167.35 12.08 15.09
C LEU D 344 -168.49 13.04 15.38
N GLU D 345 -168.73 14.01 14.49
CA GLU D 345 -169.85 14.92 14.68
C GLU D 345 -171.18 14.16 14.68
N ILE D 346 -171.36 13.24 13.72
CA ILE D 346 -172.62 12.50 13.68
C ILE D 346 -172.72 11.56 14.88
N GLN D 347 -171.60 11.01 15.35
CA GLN D 347 -171.63 10.15 16.54
C GLN D 347 -172.06 10.93 17.78
N LYS D 348 -171.50 12.13 17.98
CA LYS D 348 -171.90 12.91 19.13
C LYS D 348 -173.34 13.40 18.98
N GLY D 349 -173.81 13.62 17.75
CA GLY D 349 -175.23 13.88 17.55
C GLY D 349 -176.10 12.72 18.00
N VAL D 350 -175.68 11.49 17.69
CA VAL D 350 -176.41 10.32 18.14
C VAL D 350 -176.40 10.24 19.66
N VAL D 351 -175.26 10.57 20.29
CA VAL D 351 -175.20 10.59 21.75
C VAL D 351 -176.19 11.60 22.31
N ASP D 352 -176.26 12.79 21.71
CA ASP D 352 -177.20 13.81 22.17
C ASP D 352 -178.64 13.33 21.99
N GLN D 353 -178.93 12.65 20.89
CA GLN D 353 -180.29 12.12 20.69
C GLN D 353 -180.64 11.10 21.77
N HIS D 354 -179.71 10.21 22.10
CA HIS D 354 -179.96 9.25 23.17
C HIS D 354 -180.20 9.95 24.51
N ARG D 355 -179.39 10.96 24.81
CA ARG D 355 -179.56 11.69 26.07
C ARG D 355 -180.91 12.40 26.11
N GLN D 356 -181.32 13.00 24.99
CA GLN D 356 -182.62 13.66 24.94
C GLN D 356 -183.76 12.67 25.14
N ARG D 357 -183.66 11.49 24.51
CA ARG D 357 -184.67 10.47 24.74
C ARG D 357 -184.66 9.96 26.17
N TYR D 358 -183.52 10.07 26.85
CA TYR D 358 -183.45 9.71 28.26
C TYR D 358 -184.20 10.70 29.13
N LEU D 359 -184.27 11.98 28.72
CA LEU D 359 -184.89 13.02 29.52
C LEU D 359 -186.40 12.85 29.66
N ARG D 360 -187.01 11.95 28.89
CA ARG D 360 -188.45 11.69 28.97
C ARG D 360 -188.86 11.34 30.39
N ASN D 709 -187.82 1.06 32.41
CA ASN D 709 -187.96 1.73 31.12
C ASN D 709 -186.74 2.60 30.83
N LEU D 710 -186.04 3.00 31.89
CA LEU D 710 -184.89 3.90 31.78
C LEU D 710 -183.56 3.16 31.66
N ALA D 711 -183.51 1.89 32.05
CA ALA D 711 -182.26 1.15 31.99
C ALA D 711 -181.78 0.97 30.56
N VAL D 712 -182.70 0.68 29.64
CA VAL D 712 -182.33 0.51 28.25
C VAL D 712 -181.77 1.80 27.68
N ILE D 713 -182.43 2.92 27.97
CA ILE D 713 -181.96 4.21 27.47
C ILE D 713 -180.60 4.55 28.06
N LYS D 714 -180.41 4.25 29.35
CA LYS D 714 -179.11 4.49 29.99
C LYS D 714 -178.01 3.68 29.32
N ALA D 715 -178.29 2.40 29.05
CA ALA D 715 -177.28 1.56 28.39
C ALA D 715 -176.97 2.07 26.99
N GLU D 716 -178.01 2.48 26.24
CA GLU D 716 -177.79 3.03 24.91
C GLU D 716 -176.94 4.29 24.96
N LEU D 717 -177.23 5.18 25.91
CA LEU D 717 -176.45 6.41 26.03
C LEU D 717 -175.01 6.13 26.41
N ASP D 718 -174.79 5.17 27.32
CA ASP D 718 -173.43 4.83 27.72
C ASP D 718 -172.64 4.24 26.55
N GLN D 719 -173.27 3.34 25.78
CA GLN D 719 -172.60 2.79 24.61
C GLN D 719 -172.29 3.87 23.58
N ALA D 720 -173.25 4.79 23.36
CA ALA D 720 -173.03 5.86 22.39
C ALA D 720 -171.88 6.76 22.83
N GLU D 721 -171.81 7.12 24.12
CA GLU D 721 -170.73 7.99 24.56
C GLU D 721 -169.39 7.28 24.57
N ALA D 722 -169.37 5.96 24.84
CA ALA D 722 -168.12 5.22 24.72
C ALA D 722 -167.62 5.21 23.28
N LEU D 723 -168.53 4.97 22.32
CA LEU D 723 -168.14 5.04 20.91
C LEU D 723 -167.71 6.45 20.53
N ARG D 724 -168.34 7.47 21.10
CA ARG D 724 -167.93 8.84 20.84
C ARG D 724 -166.51 9.10 21.33
N GLU D 725 -166.18 8.60 22.51
CA GLU D 725 -164.81 8.76 23.03
C GLU D 725 -163.81 8.01 22.14
N SER D 726 -164.18 6.81 21.69
CA SER D 726 -163.30 6.07 20.80
C SER D 726 -163.06 6.84 19.50
N LEU D 727 -164.12 7.39 18.91
CA LEU D 727 -163.96 8.17 17.70
C LEU D 727 -163.17 9.45 17.95
N ASP D 728 -163.29 10.03 19.14
CA ASP D 728 -162.51 11.22 19.48
C ASP D 728 -161.02 10.89 19.52
N GLN D 729 -160.66 9.76 20.16
CA GLN D 729 -159.25 9.40 20.18
C GLN D 729 -158.75 9.02 18.79
N GLN D 730 -159.62 8.43 17.96
CA GLN D 730 -159.25 8.18 16.56
C GLN D 730 -158.99 9.49 15.84
N LEU D 731 -159.82 10.51 16.09
CA LEU D 731 -159.60 11.83 15.49
C LEU D 731 -158.28 12.42 15.96
N GLN D 732 -157.94 12.24 17.24
CA GLN D 732 -156.66 12.70 17.74
C GLN D 732 -155.50 12.04 17.00
N ARG D 733 -155.59 10.72 16.82
CA ARG D 733 -154.55 10.02 16.05
C ARG D 733 -154.47 10.55 14.62
N LEU D 734 -155.62 10.77 13.99
CA LEU D 734 -155.64 11.23 12.60
C LEU D 734 -155.04 12.62 12.46
N ILE D 735 -155.36 13.53 13.38
CA ILE D 735 -154.79 14.88 13.29
C ILE D 735 -153.31 14.85 13.59
N GLU D 736 -152.87 13.97 14.50
CA GLU D 736 -151.43 13.80 14.72
C GLU D 736 -150.74 13.34 13.44
N GLN D 737 -151.32 12.35 12.76
CA GLN D 737 -150.76 11.90 11.50
C GLN D 737 -150.73 13.04 10.48
N CYS D 738 -151.82 13.81 10.40
CA CYS D 738 -151.88 14.90 9.43
C CYS D 738 -150.81 15.95 9.68
N VAL D 739 -150.61 16.33 10.94
CA VAL D 739 -149.61 17.37 11.23
C VAL D 739 -148.20 16.82 11.01
N GLN D 740 -147.96 15.55 11.36
CA GLN D 740 -146.65 14.96 11.09
C GLN D 740 -146.36 14.93 9.59
N LEU D 741 -147.35 14.53 8.80
CA LEU D 741 -147.20 14.54 7.35
C LEU D 741 -146.96 15.96 6.84
N LYS D 742 -147.69 16.94 7.40
CA LYS D 742 -147.50 18.33 6.98
C LYS D 742 -146.07 18.79 7.22
N THR D 743 -145.50 18.46 8.39
CA THR D 743 -144.12 18.82 8.67
C THR D 743 -143.17 18.14 7.70
N GLN D 744 -143.35 16.83 7.50
CA GLN D 744 -142.47 16.11 6.59
C GLN D 744 -142.52 16.68 5.18
N PHE D 745 -143.71 17.11 4.75
CA PHE D 745 -143.86 17.56 3.37
C PHE D 745 -143.41 19.00 3.20
N ASP D 746 -143.48 19.81 4.27
CA ASP D 746 -142.80 21.10 4.25
C ASP D 746 -141.30 20.91 4.11
N GLN D 747 -140.74 19.93 4.83
CA GLN D 747 -139.32 19.61 4.68
C GLN D 747 -139.02 19.19 3.24
N ALA D 748 -139.89 18.35 2.65
CA ALA D 748 -139.68 17.90 1.28
C ALA D 748 -139.73 19.05 0.30
N ALA D 749 -140.68 19.98 0.48
CA ALA D 749 -140.77 21.14 -0.40
C ALA D 749 -139.53 22.01 -0.28
N SER D 750 -139.05 22.22 0.95
CA SER D 750 -137.82 23.00 1.13
C SER D 750 -136.64 22.34 0.44
N ALA D 751 -136.50 21.02 0.59
CA ALA D 751 -135.41 20.31 -0.06
C ALA D 751 -135.51 20.40 -1.57
N THR D 752 -136.72 20.24 -2.12
CA THR D 752 -136.91 20.33 -3.56
C THR D 752 -136.56 21.73 -4.08
N ARG D 753 -137.00 22.77 -3.38
CA ARG D 753 -136.69 24.12 -3.82
C ARG D 753 -135.19 24.41 -3.73
N LYS D 754 -134.54 23.93 -2.67
CA LYS D 754 -133.09 24.11 -2.56
C LYS D 754 -132.36 23.39 -3.69
N ALA D 755 -132.78 22.16 -4.01
CA ALA D 755 -132.16 21.42 -5.09
C ALA D 755 -132.39 22.11 -6.43
N TYR D 756 -133.59 22.66 -6.62
CA TYR D 756 -133.88 23.40 -7.85
C TYR D 756 -132.98 24.62 -7.99
N ARG D 757 -132.81 25.37 -6.90
CA ARG D 757 -131.95 26.55 -6.95
C ARG D 757 -130.48 26.15 -7.11
N GLY D 758 -130.11 24.95 -6.67
CA GLY D 758 -128.75 24.47 -6.83
C GLY D 758 -128.45 23.76 -8.13
N ALA D 759 -129.48 23.45 -8.92
CA ALA D 759 -129.34 22.70 -10.16
C ALA D 759 -129.87 23.49 -11.35
N GLU D 760 -129.56 24.78 -11.41
CA GLU D 760 -130.05 25.65 -12.46
C GLU D 760 -128.94 26.12 -13.40
N LYS D 761 -127.84 25.37 -13.48
CA LYS D 761 -126.71 25.77 -14.31
C LYS D 761 -126.83 25.28 -15.75
N GLY D 762 -127.49 24.15 -15.98
CA GLY D 762 -127.83 23.71 -17.32
C GLY D 762 -126.66 23.27 -18.19
N LEU D 763 -126.02 22.15 -17.84
CA LEU D 763 -124.96 21.58 -18.66
C LEU D 763 -125.49 20.57 -19.68
N SER D 764 -126.75 20.72 -20.10
CA SER D 764 -127.39 19.68 -20.91
C SER D 764 -126.82 19.60 -22.32
N ASP D 765 -126.28 20.70 -22.83
CA ASP D 765 -125.89 20.79 -24.24
C ASP D 765 -124.87 19.71 -24.64
N THR D 766 -123.66 19.80 -24.11
CA THR D 766 -122.62 18.82 -24.43
C THR D 766 -121.99 18.28 -23.15
N GLN D 767 -122.00 19.09 -22.09
CA GLN D 767 -121.37 18.69 -20.84
C GLN D 767 -122.11 17.53 -20.19
N ARG D 768 -123.44 17.48 -20.34
CA ARG D 768 -124.21 16.39 -19.75
C ARG D 768 -123.91 15.07 -20.43
N GLU D 769 -123.54 15.09 -21.71
CA GLU D 769 -123.18 13.85 -22.40
C GLU D 769 -121.97 13.20 -21.75
N LEU D 770 -120.88 13.97 -21.59
CA LEU D 770 -119.70 13.42 -20.93
C LEU D 770 -119.93 13.20 -19.44
N ALA D 771 -120.85 13.95 -18.84
CA ALA D 771 -121.21 13.69 -17.44
C ALA D 771 -121.86 12.33 -17.28
N GLN D 772 -122.79 11.99 -18.17
CA GLN D 772 -123.40 10.67 -18.14
C GLN D 772 -122.39 9.59 -18.50
N ALA D 773 -121.47 9.90 -19.42
CA ALA D 773 -120.41 8.95 -19.75
C ALA D 773 -119.48 8.70 -18.58
N HIS D 774 -119.30 9.68 -17.70
CA HIS D 774 -118.40 9.57 -16.56
C HIS D 774 -119.10 9.32 -15.24
N PHE D 775 -120.28 9.87 -15.03
CA PHE D 775 -120.93 9.84 -13.73
C PHE D 775 -122.31 9.17 -13.84
N PRO D 776 -122.66 8.28 -12.93
CA PRO D 776 -123.89 7.50 -13.06
C PRO D 776 -125.12 8.31 -12.68
N ILE D 777 -126.27 7.65 -12.85
CA ILE D 777 -127.57 8.21 -12.49
C ILE D 777 -128.11 7.43 -11.30
N LEU D 778 -128.63 8.13 -10.30
CA LEU D 778 -129.16 7.51 -9.10
C LEU D 778 -130.63 7.90 -8.90
N SER D 779 -131.36 7.03 -8.21
CA SER D 779 -132.79 7.22 -8.00
C SER D 779 -133.05 8.00 -6.71
N THR D 780 -134.34 8.21 -6.41
CA THR D 780 -134.72 9.03 -5.27
C THR D 780 -134.22 8.47 -3.94
N ASP D 781 -133.90 7.18 -3.89
CA ASP D 781 -133.44 6.55 -2.65
C ASP D 781 -131.94 6.69 -2.44
N ASP D 782 -131.21 7.25 -3.41
CA ASP D 782 -129.76 7.37 -3.32
C ASP D 782 -129.29 8.82 -3.19
N LEU D 783 -130.20 9.71 -2.76
CA LEU D 783 -129.87 11.14 -2.68
C LEU D 783 -128.58 11.37 -1.92
N GLY D 784 -128.53 10.96 -0.66
CA GLY D 784 -127.29 11.05 0.09
C GLY D 784 -126.16 10.30 -0.59
N ASP D 785 -126.45 9.09 -1.09
CA ASP D 785 -125.46 8.35 -1.84
C ASP D 785 -124.95 9.17 -3.02
N ILE D 786 -125.86 9.90 -3.68
CA ILE D 786 -125.47 10.85 -4.73
C ILE D 786 -124.30 11.69 -4.24
N ASP D 787 -124.50 12.38 -3.12
CA ASP D 787 -123.43 13.21 -2.55
C ASP D 787 -122.15 12.40 -2.41
N GLU D 788 -122.26 11.21 -1.80
CA GLU D 788 -121.08 10.37 -1.61
C GLU D 788 -120.38 10.14 -2.94
N LEU D 789 -121.13 9.70 -3.95
CA LEU D 789 -120.51 9.45 -5.25
C LEU D 789 -119.83 10.71 -5.76
N GLU D 790 -120.52 11.84 -5.67
CA GLU D 790 -119.92 13.10 -6.08
C GLU D 790 -118.61 13.31 -5.35
N ARG D 791 -118.65 13.22 -4.01
CA ARG D 791 -117.42 13.33 -3.24
C ARG D 791 -116.40 12.32 -3.74
N LYS D 792 -116.82 11.06 -3.86
CA LYS D 792 -115.94 10.03 -4.38
C LYS D 792 -115.35 10.46 -5.71
N HIS D 793 -116.22 10.85 -6.65
CA HIS D 793 -115.74 11.29 -7.95
C HIS D 793 -114.76 12.43 -7.77
N THR D 794 -115.16 13.46 -7.00
CA THR D 794 -114.28 14.59 -6.76
C THR D 794 -112.94 14.10 -6.23
N ARG D 795 -112.97 13.23 -5.22
CA ARG D 795 -111.74 12.74 -4.63
C ARG D 795 -110.84 12.15 -5.71
N GLU D 796 -111.40 11.25 -6.54
CA GLU D 796 -110.61 10.66 -7.60
C GLU D 796 -109.98 11.75 -8.45
N LEU D 797 -110.81 12.68 -8.93
CA LEU D 797 -110.31 13.76 -9.77
C LEU D 797 -109.17 14.49 -9.07
N GLN D 798 -109.36 14.83 -7.79
CA GLN D 798 -108.33 15.53 -7.06
C GLN D 798 -107.01 14.79 -7.15
N GLY D 799 -107.04 13.50 -6.80
CA GLY D 799 -105.81 12.73 -6.85
C GLY D 799 -105.19 12.77 -8.23
N GLN D 800 -106.02 12.53 -9.25
CA GLN D 800 -105.53 12.57 -10.63
C GLN D 800 -104.83 13.89 -10.88
N LEU D 801 -105.51 15.00 -10.59
CA LEU D 801 -104.91 16.31 -10.79
C LEU D 801 -103.58 16.38 -10.06
N LYS D 802 -103.60 16.05 -8.77
CA LYS D 802 -102.38 16.08 -7.98
C LYS D 802 -101.30 15.26 -8.67
N THR D 803 -101.63 14.01 -9.00
CA THR D 803 -100.65 13.14 -9.64
C THR D 803 -100.08 13.82 -10.88
N LEU D 804 -100.97 14.28 -11.77
CA LEU D 804 -100.50 14.93 -12.98
C LEU D 804 -99.57 16.08 -12.64
N GLY D 805 -100.02 16.96 -11.73
CA GLY D 805 -99.18 18.09 -11.36
C GLY D 805 -97.83 17.64 -10.89
N GLU D 806 -97.81 16.64 -9.99
CA GLU D 806 -96.56 16.09 -9.53
C GLU D 806 -95.68 15.74 -10.71
N LYS D 807 -96.17 14.84 -11.58
CA LYS D 807 -95.39 14.45 -12.73
C LYS D 807 -95.04 15.67 -13.58
N LEU D 808 -96.03 16.55 -13.79
CA LEU D 808 -95.78 17.74 -14.57
C LEU D 808 -94.61 18.52 -13.99
N GLY D 809 -94.65 18.76 -12.68
CA GLY D 809 -93.54 19.48 -12.06
C GLY D 809 -92.24 18.75 -12.29
N ASP D 810 -92.22 17.44 -12.03
CA ASP D 810 -91.02 16.66 -12.26
C ASP D 810 -90.57 16.79 -13.70
N GLN D 811 -91.52 16.72 -14.63
CA GLN D 811 -91.19 16.84 -16.04
C GLN D 811 -90.44 18.14 -16.29
N LYS D 812 -90.95 19.25 -15.76
CA LYS D 812 -90.28 20.53 -15.97
C LYS D 812 -88.86 20.47 -15.44
N THR D 813 -88.68 19.90 -14.25
CA THR D 813 -87.34 19.75 -13.69
C THR D 813 -86.44 19.04 -14.68
N GLU D 814 -86.94 17.93 -15.25
CA GLU D 814 -86.18 17.21 -16.27
C GLU D 814 -85.77 18.16 -17.38
N LEU D 815 -86.72 18.89 -17.94
CA LEU D 815 -86.39 19.84 -19.00
C LEU D 815 -85.30 20.80 -18.53
N ALA D 816 -85.47 21.35 -17.33
CA ALA D 816 -84.45 22.25 -16.79
C ALA D 816 -83.08 21.59 -16.83
N LYS D 817 -83.00 20.37 -16.31
CA LYS D 817 -81.73 19.65 -16.34
C LYS D 817 -81.20 19.58 -17.76
N ARG D 818 -82.05 19.10 -18.69
CA ARG D 818 -81.62 19.02 -20.08
C ARG D 818 -81.27 20.40 -20.61
N MET D 819 -82.08 21.40 -20.27
CA MET D 819 -81.74 22.78 -20.64
C MET D 819 -80.34 23.11 -20.13
N SER D 820 -80.10 22.86 -18.84
CA SER D 820 -78.78 23.09 -18.28
C SER D 820 -77.73 22.29 -19.05
N ASP D 821 -78.04 21.04 -19.38
CA ASP D 821 -77.11 20.23 -20.15
C ASP D 821 -76.77 20.91 -21.47
N ALA D 822 -77.78 21.45 -22.15
CA ALA D 822 -77.51 22.18 -23.38
C ALA D 822 -76.59 23.36 -23.11
N LEU D 823 -76.85 24.11 -22.04
CA LEU D 823 -75.99 25.23 -21.69
C LEU D 823 -74.58 24.75 -21.37
N LYS D 824 -74.45 23.52 -20.84
CA LYS D 824 -73.13 22.97 -20.61
C LYS D 824 -72.40 22.73 -21.93
N ALA D 825 -73.12 22.28 -22.96
CA ALA D 825 -72.48 21.97 -24.23
C ALA D 825 -72.49 23.14 -25.20
N ASP D 826 -73.34 24.14 -24.97
CA ASP D 826 -73.57 25.18 -25.96
C ASP D 826 -72.28 25.90 -26.33
N THR D 827 -72.09 26.11 -27.63
CA THR D 827 -70.89 26.77 -28.13
C THR D 827 -71.01 28.29 -28.15
N GLY D 828 -72.18 28.84 -27.81
CA GLY D 828 -72.36 30.28 -27.80
C GLY D 828 -73.66 30.73 -28.41
N ALA D 829 -74.26 29.88 -29.24
CA ALA D 829 -75.53 30.22 -29.86
C ALA D 829 -76.71 30.15 -28.90
N LEU D 830 -76.51 29.61 -27.69
CA LEU D 830 -77.60 29.49 -26.73
C LEU D 830 -77.18 29.89 -25.32
N ALA D 831 -75.99 30.48 -25.15
CA ALA D 831 -75.54 30.88 -23.82
C ALA D 831 -76.40 32.00 -23.23
N GLU D 832 -77.15 32.72 -24.07
CA GLU D 832 -78.04 33.77 -23.61
C GLU D 832 -79.42 33.25 -23.22
N VAL D 833 -79.63 31.94 -23.26
CA VAL D 833 -80.94 31.34 -23.05
C VAL D 833 -80.94 30.65 -21.70
N GLY D 834 -81.99 30.89 -20.91
CA GLY D 834 -82.09 30.32 -19.58
C GLY D 834 -82.61 28.90 -19.54
N ARG D 835 -83.48 28.59 -18.59
CA ARG D 835 -84.04 27.26 -18.40
C ARG D 835 -85.55 27.33 -18.22
N GLU D 836 -86.22 28.10 -19.08
CA GLU D 836 -87.66 28.28 -19.01
C GLU D 836 -88.34 27.61 -20.20
N LEU D 837 -89.68 27.66 -20.18
CA LEU D 837 -90.45 27.01 -21.23
C LEU D 837 -90.31 27.75 -22.55
N VAL D 838 -90.32 29.08 -22.52
CA VAL D 838 -90.14 29.87 -23.73
C VAL D 838 -88.78 29.60 -24.36
N ASP D 839 -87.81 29.16 -23.54
CA ASP D 839 -86.51 28.78 -24.09
C ASP D 839 -86.63 27.55 -24.99
N VAL D 840 -87.53 26.62 -24.65
CA VAL D 840 -87.55 25.33 -25.33
C VAL D 840 -87.69 25.46 -26.85
N PRO D 841 -88.66 26.20 -27.40
CA PRO D 841 -88.74 26.28 -28.87
C PRO D 841 -87.49 26.84 -29.51
N ARG D 842 -86.87 27.85 -28.90
CA ARG D 842 -85.63 28.42 -29.42
C ARG D 842 -84.61 27.34 -29.71
N TYR D 843 -84.22 26.61 -28.66
CA TYR D 843 -83.36 25.44 -28.82
C TYR D 843 -83.78 24.60 -30.03
N LEU D 844 -85.06 24.25 -30.08
CA LEU D 844 -85.54 23.40 -31.16
C LEU D 844 -85.20 24.01 -32.52
N GLU D 845 -85.58 25.27 -32.73
CA GLU D 845 -85.23 25.93 -33.98
C GLU D 845 -83.73 25.94 -34.15
N ARG D 846 -83.00 26.34 -33.10
CA ARG D 846 -81.56 26.28 -33.12
C ARG D 846 -81.10 24.89 -33.53
N LEU D 847 -81.66 23.86 -32.87
CA LEU D 847 -81.30 22.49 -33.20
C LEU D 847 -81.50 22.23 -34.68
N ARG D 848 -82.67 22.61 -35.21
CA ARG D 848 -82.92 22.45 -36.63
C ARG D 848 -81.85 23.17 -37.43
N VAL D 849 -81.62 24.44 -37.11
CA VAL D 849 -80.51 25.16 -37.72
C VAL D 849 -79.21 24.41 -37.47
N LEU D 850 -78.97 24.05 -36.20
CA LEU D 850 -77.75 23.34 -35.84
C LEU D 850 -77.61 22.05 -36.62
N THR D 851 -78.73 21.48 -37.06
CA THR D 851 -78.65 20.37 -38.01
C THR D 851 -78.50 20.90 -39.43
N GLU D 852 -79.48 21.71 -39.87
CA GLU D 852 -79.61 22.02 -41.29
C GLU D 852 -78.44 22.81 -41.84
N GLU D 853 -77.67 23.46 -40.98
CA GLU D 853 -76.49 24.20 -41.42
C GLU D 853 -75.19 23.46 -41.15
N ALA D 854 -75.20 22.47 -40.25
CA ALA D 854 -73.98 21.71 -40.01
C ALA D 854 -73.73 20.70 -41.12
N LEU D 855 -74.79 20.23 -41.78
CA LEU D 855 -74.64 19.23 -42.84
C LEU D 855 -73.75 19.71 -43.99
N PRO D 856 -73.91 20.93 -44.52
CA PRO D 856 -72.98 21.37 -45.57
C PRO D 856 -71.53 21.35 -45.13
N GLU D 857 -71.27 21.73 -43.87
CA GLU D 857 -69.91 21.64 -43.34
C GLU D 857 -69.40 20.21 -43.39
N LYS D 858 -70.26 19.24 -43.08
CA LYS D 858 -69.91 17.83 -43.24
C LYS D 858 -69.61 17.51 -44.70
N LEU D 859 -70.40 18.07 -45.62
CA LEU D 859 -70.28 17.69 -47.02
C LEU D 859 -69.09 18.37 -47.69
N LYS D 860 -69.12 19.69 -47.79
CA LYS D 860 -68.08 20.41 -48.53
C LYS D 860 -66.71 20.23 -47.88
N ARG D 861 -66.57 20.71 -46.63
CA ARG D 861 -65.25 20.90 -46.05
C ARG D 861 -64.43 19.62 -46.05
N PHE D 862 -65.04 18.49 -45.71
CA PHE D 862 -64.28 17.25 -45.67
C PHE D 862 -64.00 16.73 -47.09
N LEU D 863 -64.97 16.83 -47.99
CA LEU D 863 -64.80 16.23 -49.31
C LEU D 863 -63.65 16.87 -50.07
N GLU D 864 -63.57 18.19 -50.06
CA GLU D 864 -62.42 18.86 -50.64
C GLU D 864 -61.15 18.46 -49.89
N TYR D 865 -61.23 18.32 -48.57
CA TYR D 865 -60.11 17.83 -47.80
C TYR D 865 -59.71 16.41 -48.17
N LEU D 866 -60.61 15.65 -48.78
CA LEU D 866 -60.27 14.32 -49.26
C LEU D 866 -59.48 14.35 -50.55
N ASN D 867 -59.31 15.52 -51.16
CA ASN D 867 -58.50 15.64 -52.37
C ASN D 867 -57.00 15.56 -52.09
N ARG D 868 -56.60 15.56 -50.82
CA ARG D 868 -55.19 15.55 -50.48
C ARG D 868 -54.55 14.21 -50.85
N SER D 869 -53.26 14.26 -51.16
CA SER D 869 -52.47 13.08 -51.51
C SER D 869 -51.49 12.76 -50.39
N SER D 870 -50.67 11.73 -50.62
CA SER D 870 -49.70 11.29 -49.61
C SER D 870 -48.35 10.90 -50.21
N ASP D 871 -48.06 11.26 -51.46
CA ASP D 871 -46.82 10.85 -52.09
C ASP D 871 -45.61 11.66 -51.63
N ASP D 872 -45.82 12.75 -50.88
CA ASP D 872 -44.70 13.58 -50.47
C ASP D 872 -43.71 12.81 -49.59
N GLY D 873 -44.22 12.10 -48.59
CA GLY D 873 -43.35 11.33 -47.73
C GLY D 873 -42.61 10.24 -48.49
N VAL D 874 -43.31 9.56 -49.38
CA VAL D 874 -42.70 8.50 -50.18
C VAL D 874 -41.57 9.07 -51.02
N THR D 875 -41.83 10.17 -51.71
CA THR D 875 -40.83 10.77 -52.58
C THR D 875 -39.61 11.24 -51.77
N GLN D 876 -39.86 11.92 -50.66
CA GLN D 876 -38.77 12.38 -49.81
C GLN D 876 -37.91 11.20 -49.37
N LEU D 877 -38.56 10.18 -48.79
CA LEU D 877 -37.85 8.97 -48.35
C LEU D 877 -36.98 8.43 -49.47
N LEU D 878 -37.61 8.02 -50.58
CA LEU D 878 -36.86 7.36 -51.64
C LEU D 878 -35.72 8.23 -52.13
N SER D 879 -36.04 9.44 -52.60
CA SER D 879 -35.02 10.30 -53.20
C SER D 879 -33.87 10.53 -52.23
N TYR D 880 -34.16 11.18 -51.10
CA TYR D 880 -33.08 11.61 -50.23
C TYR D 880 -32.28 10.42 -49.70
N ILE D 881 -32.96 9.45 -49.09
CA ILE D 881 -32.23 8.37 -48.43
C ILE D 881 -31.46 7.55 -49.45
N ASP D 882 -32.12 7.14 -50.54
CA ASP D 882 -31.46 6.30 -51.53
C ASP D 882 -30.27 7.03 -52.14
N HIS D 883 -30.42 8.31 -52.48
CA HIS D 883 -29.32 9.01 -53.14
C HIS D 883 -28.14 9.20 -52.19
N GLU D 884 -28.39 9.54 -50.92
CA GLU D 884 -27.29 9.70 -49.99
C GLU D 884 -26.55 8.38 -49.79
N VAL D 885 -27.30 7.29 -49.62
CA VAL D 885 -26.66 5.99 -49.43
C VAL D 885 -25.85 5.60 -50.66
N SER D 886 -26.39 5.88 -51.85
CA SER D 886 -25.68 5.55 -53.08
C SER D 886 -24.40 6.36 -53.21
N MET D 887 -24.45 7.64 -52.85
CA MET D 887 -23.24 8.46 -52.90
C MET D 887 -22.17 7.92 -51.96
N ILE D 888 -22.57 7.55 -50.74
CA ILE D 888 -21.60 7.00 -49.79
C ILE D 888 -21.01 5.70 -50.35
N GLU D 889 -21.86 4.85 -50.93
CA GLU D 889 -21.39 3.60 -51.50
C GLU D 889 -20.37 3.84 -52.61
N GLU D 890 -20.67 4.77 -53.52
CA GLU D 890 -19.75 5.03 -54.63
C GLU D 890 -18.42 5.57 -54.14
N ARG D 891 -18.46 6.51 -53.19
CA ARG D 891 -17.21 7.05 -52.66
C ARG D 891 -16.39 5.98 -51.96
N LEU D 892 -17.04 5.12 -51.18
CA LEU D 892 -16.31 4.05 -50.50
C LEU D 892 -15.70 3.09 -51.51
N ASP D 893 -16.44 2.75 -52.57
CA ASP D 893 -15.90 1.88 -53.60
C ASP D 893 -14.69 2.51 -54.28
N ASP D 894 -14.76 3.81 -54.55
CA ASP D 894 -13.62 4.49 -55.17
C ASP D 894 -12.40 4.46 -54.26
N LEU D 895 -12.60 4.66 -52.95
CA LEU D 895 -11.48 4.60 -52.03
C LEU D 895 -10.89 3.19 -51.96
N ASN D 896 -11.72 2.16 -52.12
CA ASN D 896 -11.23 0.79 -51.99
C ASN D 896 -10.13 0.47 -53.00
N SER D 897 -10.07 1.23 -54.11
CA SER D 897 -9.13 0.89 -55.18
C SER D 897 -7.69 1.06 -54.75
N THR D 898 -7.32 2.26 -54.30
CA THR D 898 -5.92 2.58 -54.06
C THR D 898 -5.32 1.78 -52.90
N MET D 899 -6.16 1.19 -52.04
CA MET D 899 -5.64 0.40 -50.93
C MET D 899 -4.88 -0.83 -51.42
N GLN D 900 -5.26 -1.36 -52.59
CA GLN D 900 -4.70 -2.62 -53.08
C GLN D 900 -3.20 -2.54 -53.31
N ARG D 901 -2.68 -1.35 -53.62
CA ARG D 901 -1.27 -1.24 -53.99
C ARG D 901 -0.32 -1.48 -52.83
N VAL D 902 -0.81 -1.54 -51.60
CA VAL D 902 0.04 -1.71 -50.43
C VAL D 902 -0.15 -3.12 -49.87
N ASP D 903 0.83 -3.58 -49.11
CA ASP D 903 0.83 -4.92 -48.54
C ASP D 903 0.71 -4.84 -47.03
N PHE D 904 -0.44 -5.29 -46.51
CA PHE D 904 -0.59 -5.43 -45.06
C PHE D 904 0.35 -6.50 -44.52
N GLN D 905 0.48 -7.60 -45.24
CA GLN D 905 1.35 -8.71 -44.86
C GLN D 905 2.14 -9.12 -46.10
N PRO D 906 3.05 -10.10 -46.01
CA PRO D 906 3.82 -10.49 -47.20
C PRO D 906 2.98 -10.78 -48.43
N GLY D 907 1.78 -11.32 -48.27
CA GLY D 907 0.96 -11.62 -49.43
C GLY D 907 -0.51 -11.30 -49.28
N ARG D 908 -0.85 -10.33 -48.43
CA ARG D 908 -2.24 -10.01 -48.14
C ARG D 908 -2.42 -8.49 -48.09
N TYR D 909 -3.64 -8.05 -48.37
CA TYR D 909 -3.99 -6.63 -48.29
C TYR D 909 -5.40 -6.50 -47.75
N LEU D 910 -5.71 -5.31 -47.26
CA LEU D 910 -6.95 -5.07 -46.52
C LEU D 910 -8.08 -4.62 -47.46
N ARG D 911 -9.30 -4.72 -46.96
CA ARG D 911 -10.46 -4.24 -47.72
C ARG D 911 -11.59 -3.89 -46.75
N LEU D 912 -12.20 -2.73 -46.96
CA LEU D 912 -13.39 -2.35 -46.21
C LEU D 912 -14.63 -2.91 -46.88
N VAL D 913 -15.58 -3.36 -46.06
CA VAL D 913 -16.85 -3.90 -46.55
C VAL D 913 -17.98 -3.19 -45.82
N ALA D 914 -18.92 -2.65 -46.59
CA ALA D 914 -20.12 -2.01 -46.06
C ALA D 914 -21.34 -2.79 -46.52
N LYS D 915 -22.22 -3.10 -45.57
CA LYS D 915 -23.41 -3.91 -45.84
C LYS D 915 -24.65 -3.17 -45.41
N LYS D 916 -25.72 -3.32 -46.19
CA LYS D 916 -26.99 -2.68 -45.89
C LYS D 916 -27.77 -3.51 -44.87
N VAL D 917 -28.55 -2.81 -44.05
CA VAL D 917 -29.40 -3.44 -43.05
C VAL D 917 -30.76 -2.75 -43.06
N ILE D 918 -31.82 -3.55 -43.05
CA ILE D 918 -33.19 -3.05 -43.03
C ILE D 918 -33.92 -3.77 -41.90
N HIS D 919 -34.48 -3.00 -40.99
CA HIS D 919 -35.11 -3.55 -39.78
C HIS D 919 -35.92 -2.44 -39.12
N GLU D 920 -36.40 -2.72 -37.91
CA GLU D 920 -37.06 -1.75 -37.06
C GLU D 920 -38.39 -1.27 -37.63
N SER D 921 -38.52 0.03 -37.85
CA SER D 921 -39.80 0.66 -38.13
C SER D 921 -40.13 0.77 -39.61
N LEU D 922 -39.21 0.41 -40.50
CA LEU D 922 -39.48 0.55 -41.93
C LEU D 922 -40.65 -0.31 -42.35
N ARG D 923 -40.73 -1.54 -41.83
CA ARG D 923 -41.85 -2.41 -42.16
C ARG D 923 -43.17 -1.80 -41.73
N THR D 924 -43.20 -1.19 -40.54
CA THR D 924 -44.43 -0.55 -40.06
C THR D 924 -44.85 0.58 -40.98
N LEU D 925 -43.90 1.41 -41.41
CA LEU D 925 -44.24 2.52 -42.30
C LEU D 925 -44.77 2.01 -43.62
N GLN D 926 -44.12 0.98 -44.18
CA GLN D 926 -44.58 0.42 -45.44
C GLN D 926 -45.98 -0.19 -45.29
N HIS D 927 -46.23 -0.88 -44.19
CA HIS D 927 -47.54 -1.47 -43.95
C HIS D 927 -48.60 -0.39 -43.82
N ALA D 928 -48.31 0.68 -43.09
CA ALA D 928 -49.27 1.77 -42.95
C ALA D 928 -49.56 2.42 -44.28
N GLN D 929 -48.53 2.62 -45.10
CA GLN D 929 -48.73 3.22 -46.42
C GLN D 929 -49.60 2.32 -47.30
N ARG D 930 -49.31 1.02 -47.31
CA ARG D 930 -50.09 0.11 -48.14
C ARG D 930 -51.54 0.05 -47.66
N GLN D 931 -51.75 0.04 -46.35
CA GLN D 931 -53.11 0.02 -45.82
C GLN D 931 -53.86 1.30 -46.19
N LEU D 932 -53.20 2.45 -46.08
CA LEU D 932 -53.86 3.71 -46.39
C LEU D 932 -54.22 3.81 -47.86
N ASN D 933 -53.30 3.42 -48.76
CA ASN D 933 -53.63 3.50 -50.17
C ASN D 933 -54.64 2.42 -50.58
N SER D 934 -54.74 1.33 -49.82
CA SER D 934 -55.79 0.35 -50.08
C SER D 934 -57.14 0.81 -49.57
N ALA D 935 -57.17 1.62 -48.51
CA ALA D 935 -58.43 2.05 -47.92
C ALA D 935 -59.24 2.91 -48.90
N ARG D 936 -58.58 3.83 -49.58
CA ARG D 936 -59.27 4.74 -50.49
C ARG D 936 -59.60 4.06 -51.82
N HIS D 945 -60.21 4.90 -42.15
CA HIS D 945 -59.90 5.69 -43.33
C HIS D 945 -59.14 6.95 -42.95
N TYR D 946 -59.88 7.97 -42.53
CA TYR D 946 -59.25 9.20 -42.05
C TYR D 946 -58.34 8.93 -40.86
N LYS D 947 -58.77 8.05 -39.96
CA LYS D 947 -57.97 7.76 -38.78
C LYS D 947 -56.70 7.00 -39.13
N ALA D 948 -56.70 6.26 -40.25
CA ALA D 948 -55.47 5.61 -40.69
C ALA D 948 -54.42 6.64 -41.13
N LEU D 949 -54.86 7.64 -41.90
CA LEU D 949 -53.95 8.73 -42.26
C LEU D 949 -53.48 9.49 -41.03
N GLN D 950 -54.39 9.71 -40.07
CA GLN D 950 -54.00 10.37 -38.83
C GLN D 950 -52.98 9.55 -38.06
N ALA D 951 -53.12 8.22 -38.07
CA ALA D 951 -52.15 7.36 -37.41
C ALA D 951 -50.80 7.43 -38.10
N LEU D 952 -50.78 7.49 -39.43
CA LEU D 952 -49.52 7.68 -40.14
C LEU D 952 -48.85 9.00 -39.76
N VAL D 953 -49.65 10.07 -39.68
CA VAL D 953 -49.13 11.36 -39.27
C VAL D 953 -48.58 11.29 -37.86
N GLY D 954 -49.29 10.58 -36.96
CA GLY D 954 -48.79 10.42 -35.61
C GLY D 954 -47.50 9.62 -35.55
N LEU D 955 -47.37 8.62 -36.41
CA LEU D 955 -46.12 7.87 -36.50
C LEU D 955 -44.96 8.78 -36.89
N LEU D 956 -45.18 9.61 -37.91
CA LEU D 956 -44.14 10.56 -38.31
C LEU D 956 -43.83 11.56 -37.20
N LYS D 957 -44.86 12.01 -36.49
CA LYS D 957 -44.64 12.92 -35.38
C LYS D 957 -43.83 12.27 -34.27
N ASP D 958 -44.11 11.01 -33.97
CA ASP D 958 -43.31 10.29 -32.97
C ASP D 958 -41.87 10.14 -33.43
N ALA D 959 -41.66 9.88 -34.72
CA ALA D 959 -40.30 9.83 -35.25
C ALA D 959 -39.59 11.16 -35.04
N CYS D 960 -40.28 12.26 -35.33
CA CYS D 960 -39.69 13.59 -35.13
C CYS D 960 -39.53 13.93 -33.66
N GLU D 961 -40.24 13.24 -32.77
CA GLU D 961 -40.26 13.61 -31.36
C GLU D 961 -38.90 13.41 -30.71
N HIS D 962 -38.34 12.20 -30.83
CA HIS D 962 -37.12 11.83 -30.11
C HIS D 962 -36.08 11.45 -31.15
N SER D 963 -35.25 12.43 -31.54
CA SER D 963 -34.20 12.19 -32.51
C SER D 963 -33.01 11.41 -31.93
N ARG D 964 -33.03 11.13 -30.62
CA ARG D 964 -31.94 10.42 -29.97
C ARG D 964 -32.31 8.98 -29.62
N ASN D 965 -33.34 8.44 -30.26
CA ASN D 965 -33.71 7.04 -30.11
C ASN D 965 -33.26 6.25 -31.33
N GLN D 966 -32.87 5.00 -31.11
CA GLN D 966 -32.25 4.21 -32.17
C GLN D 966 -33.21 3.98 -33.33
N GLY D 967 -34.49 3.70 -33.04
CA GLY D 967 -35.43 3.42 -34.11
C GLY D 967 -35.63 4.59 -35.05
N ALA D 968 -35.91 5.77 -34.48
CA ALA D 968 -36.11 6.95 -35.31
C ALA D 968 -34.83 7.33 -36.04
N LYS D 969 -33.69 7.21 -35.38
CA LYS D 969 -32.42 7.53 -36.02
C LYS D 969 -32.16 6.62 -37.22
N ALA D 970 -32.40 5.33 -37.05
CA ALA D 970 -32.27 4.41 -38.17
C ALA D 970 -33.28 4.70 -39.25
N LEU D 971 -34.46 5.19 -38.87
CA LEU D 971 -35.47 5.56 -39.86
C LEU D 971 -35.01 6.75 -40.70
N LEU D 972 -34.38 7.73 -40.09
CA LEU D 972 -34.08 8.98 -40.77
C LEU D 972 -32.61 9.21 -41.06
N ASP D 973 -31.72 8.94 -40.11
CA ASP D 973 -30.31 9.20 -40.36
C ASP D 973 -29.76 8.15 -41.31
N PRO D 974 -29.33 8.51 -42.53
CA PRO D 974 -28.84 7.49 -43.47
C PRO D 974 -27.59 6.77 -42.97
N ARG D 975 -26.74 7.47 -42.23
CA ARG D 975 -25.49 6.88 -41.74
C ARG D 975 -25.72 5.71 -40.80
N PHE D 976 -26.92 5.54 -40.26
CA PHE D 976 -27.21 4.44 -39.35
C PHE D 976 -27.88 3.27 -40.05
N ARG D 977 -27.92 3.28 -41.38
CA ARG D 977 -28.49 2.18 -42.13
C ARG D 977 -27.44 1.28 -42.76
N LEU D 978 -26.16 1.51 -42.44
CA LEU D 978 -25.06 0.72 -42.99
C LEU D 978 -24.24 0.12 -41.85
N GLU D 979 -23.53 -0.96 -42.17
CA GLU D 979 -22.64 -1.62 -41.22
C GLU D 979 -21.28 -1.83 -41.87
N PHE D 980 -20.23 -1.50 -41.13
CA PHE D 980 -18.87 -1.50 -41.67
C PHE D 980 -18.03 -2.58 -41.01
N ALA D 981 -17.13 -3.17 -41.79
CA ALA D 981 -16.20 -4.17 -41.27
C ALA D 981 -14.96 -4.19 -42.15
N VAL D 982 -13.91 -4.82 -41.66
CA VAL D 982 -12.68 -4.96 -42.41
C VAL D 982 -12.50 -6.43 -42.76
N SER D 983 -11.65 -6.68 -43.76
CA SER D 983 -11.37 -8.06 -44.15
C SER D 983 -9.99 -8.11 -44.79
N VAL D 984 -9.40 -9.30 -44.76
CA VAL D 984 -8.09 -9.54 -45.34
C VAL D 984 -8.25 -10.37 -46.61
N ILE D 985 -7.54 -10.01 -47.66
CA ILE D 985 -7.63 -10.70 -48.95
C ILE D 985 -6.22 -10.97 -49.44
N ASP D 986 -5.94 -12.22 -49.80
CA ASP D 986 -4.64 -12.59 -50.35
C ASP D 986 -4.65 -12.47 -51.87
N ARG D 987 -3.48 -12.24 -52.44
CA ARG D 987 -3.35 -12.14 -53.89
C ARG D 987 -3.31 -13.56 -54.47
N GLU D 988 -3.02 -13.68 -55.77
CA GLU D 988 -2.91 -14.99 -56.41
C GLU D 988 -4.20 -15.78 -56.20
N GLY D 989 -5.25 -15.42 -56.92
CA GLY D 989 -6.52 -16.08 -56.69
C GLY D 989 -7.24 -15.51 -55.49
N ASN D 990 -7.63 -14.24 -55.60
CA ASN D 990 -8.29 -13.46 -54.55
C ASN D 990 -9.33 -14.25 -53.80
N ASN D 991 -9.13 -14.43 -52.50
CA ASN D 991 -10.00 -15.25 -51.66
C ASN D 991 -9.99 -14.68 -50.25
N LEU D 992 -11.17 -14.45 -49.70
CA LEU D 992 -11.27 -13.95 -48.33
C LEU D 992 -10.69 -14.98 -47.37
N ILE D 993 -9.90 -14.51 -46.40
CA ILE D 993 -9.24 -15.41 -45.47
C ILE D 993 -9.74 -15.14 -44.06
N GLU D 994 -10.06 -13.89 -43.75
CA GLU D 994 -10.59 -13.55 -42.43
C GLU D 994 -11.19 -12.14 -42.40
N THR D 995 -12.40 -12.03 -41.87
CA THR D 995 -13.03 -10.75 -41.65
C THR D 995 -12.91 -10.36 -40.18
N ARG D 996 -13.25 -9.10 -39.88
CA ARG D 996 -13.03 -8.57 -38.56
C ARG D 996 -13.86 -7.29 -38.39
N THR D 997 -14.18 -6.99 -37.14
CA THR D 997 -14.90 -5.76 -36.82
C THR D 997 -14.38 -5.09 -35.54
N GLY D 998 -13.29 -5.60 -34.97
CA GLY D 998 -12.73 -5.01 -33.77
C GLY D 998 -11.35 -5.56 -33.51
N SER D 999 -10.62 -4.87 -32.64
CA SER D 999 -9.23 -5.19 -32.37
C SER D 999 -9.06 -5.91 -31.04
N GLN D 1000 -9.94 -6.86 -30.75
CA GLN D 1000 -9.84 -7.69 -29.57
C GLN D 1000 -9.16 -9.01 -29.92
N GLY D 1001 -8.40 -9.54 -28.96
CA GLY D 1001 -7.76 -10.84 -29.12
C GLY D 1001 -6.45 -10.84 -29.86
N GLY D 1002 -5.96 -9.67 -30.29
CA GLY D 1002 -4.72 -9.58 -31.02
C GLY D 1002 -3.53 -9.23 -30.14
N SER D 1003 -2.38 -9.13 -30.77
CA SER D 1003 -1.15 -8.73 -30.10
C SER D 1003 -0.96 -7.22 -30.26
N GLY D 1004 0.10 -6.70 -29.61
CA GLY D 1004 0.35 -5.28 -29.69
C GLY D 1004 0.62 -4.80 -31.10
N GLY D 1005 1.48 -5.52 -31.83
CA GLY D 1005 1.81 -5.12 -33.18
C GLY D 1005 0.58 -5.11 -34.09
N GLU D 1006 -0.25 -6.15 -33.97
CA GLU D 1006 -1.44 -6.24 -34.81
C GLU D 1006 -2.40 -5.10 -34.53
N LYS D 1007 -2.62 -4.80 -33.24
CA LYS D 1007 -3.48 -3.67 -32.88
C LYS D 1007 -2.93 -2.38 -33.46
N GLU D 1008 -1.62 -2.16 -33.31
CA GLU D 1008 -1.04 -0.92 -33.80
C GLU D 1008 -1.18 -0.80 -35.31
N ILE D 1009 -0.88 -1.87 -36.04
CA ILE D 1009 -0.92 -1.79 -37.50
C ILE D 1009 -2.35 -1.57 -37.98
N ILE D 1010 -3.32 -2.25 -37.36
CA ILE D 1010 -4.72 -2.06 -37.75
C ILE D 1010 -5.14 -0.62 -37.48
N ALA D 1011 -4.78 -0.09 -36.32
CA ALA D 1011 -5.14 1.30 -35.99
C ALA D 1011 -4.54 2.26 -37.00
N SER D 1012 -3.25 2.08 -37.33
CA SER D 1012 -2.59 2.99 -38.26
C SER D 1012 -3.26 2.94 -39.62
N TYR D 1013 -3.53 1.74 -40.13
CA TYR D 1013 -4.14 1.61 -41.45
C TYR D 1013 -5.52 2.25 -41.49
N VAL D 1014 -6.37 1.93 -40.52
CA VAL D 1014 -7.73 2.46 -40.54
C VAL D 1014 -7.71 3.98 -40.41
N LEU D 1015 -6.89 4.51 -39.49
CA LEU D 1015 -6.88 5.95 -39.28
C LEU D 1015 -6.34 6.68 -40.50
N THR D 1016 -5.27 6.17 -41.13
CA THR D 1016 -4.74 6.87 -42.29
C THR D 1016 -5.72 6.80 -43.46
N ALA D 1017 -6.43 5.68 -43.62
CA ALA D 1017 -7.42 5.59 -44.69
C ALA D 1017 -8.55 6.59 -44.47
N SER D 1018 -9.07 6.64 -43.26
CA SER D 1018 -10.16 7.59 -42.97
C SER D 1018 -9.70 9.02 -43.14
N LEU D 1019 -8.48 9.33 -42.71
CA LEU D 1019 -7.98 10.70 -42.84
C LEU D 1019 -7.77 11.06 -44.31
N SER D 1020 -7.32 10.10 -45.12
CA SER D 1020 -7.21 10.36 -46.56
C SER D 1020 -8.58 10.64 -47.16
N TYR D 1021 -9.61 9.93 -46.70
CA TYR D 1021 -10.95 10.19 -47.21
C TYR D 1021 -11.48 11.55 -46.77
N ALA D 1022 -11.28 11.90 -45.49
CA ALA D 1022 -11.94 13.07 -44.93
C ALA D 1022 -11.49 14.35 -45.61
N LEU D 1023 -10.19 14.49 -45.87
CA LEU D 1023 -9.64 15.75 -46.37
C LEU D 1023 -10.09 16.06 -47.79
N CYS D 1024 -10.78 15.16 -48.47
CA CYS D 1024 -11.36 15.43 -49.78
C CYS D 1024 -12.75 14.83 -49.84
N PRO D 1025 -13.78 15.59 -49.44
CA PRO D 1025 -15.13 15.02 -49.40
C PRO D 1025 -15.62 14.53 -50.75
N ASP D 1026 -15.24 15.18 -51.83
CA ASP D 1026 -15.67 14.79 -53.16
C ASP D 1026 -14.56 14.01 -53.86
N GLY D 1027 -14.77 13.71 -55.13
CA GLY D 1027 -13.78 13.05 -55.95
C GLY D 1027 -12.81 13.98 -56.65
N SER D 1028 -12.85 15.28 -56.35
CA SER D 1028 -11.99 16.24 -57.02
C SER D 1028 -10.52 16.06 -56.70
N SER D 1029 -10.20 15.26 -55.68
CA SER D 1029 -8.82 15.03 -55.24
C SER D 1029 -8.22 16.40 -54.87
N ARG D 1030 -6.90 16.54 -55.08
CA ARG D 1030 -6.18 17.78 -54.81
C ARG D 1030 -6.40 18.24 -53.37
N PRO D 1031 -5.86 17.54 -52.38
CA PRO D 1031 -6.00 18.01 -51.00
C PRO D 1031 -5.28 19.33 -50.79
N LEU D 1032 -5.78 20.12 -49.85
CA LEU D 1032 -5.14 21.38 -49.49
C LEU D 1032 -4.31 21.28 -48.21
N PHE D 1033 -4.69 20.39 -47.30
CA PHE D 1033 -3.93 20.15 -46.08
C PHE D 1033 -3.35 18.73 -46.16
N GLY D 1034 -2.05 18.62 -45.96
CA GLY D 1034 -1.40 17.34 -46.19
C GLY D 1034 -0.33 16.93 -45.20
N THR D 1035 -0.46 17.33 -43.94
CA THR D 1035 0.56 17.01 -42.94
C THR D 1035 -0.04 16.15 -41.84
N ILE D 1036 0.68 15.09 -41.46
CA ILE D 1036 0.27 14.20 -40.40
C ILE D 1036 1.34 14.21 -39.33
N VAL D 1037 0.91 14.06 -38.07
CA VAL D 1037 1.80 14.07 -36.92
C VAL D 1037 1.59 12.79 -36.13
N LEU D 1038 2.68 12.14 -35.77
CA LEU D 1038 2.65 10.93 -34.95
C LEU D 1038 3.47 11.15 -33.69
N ASP D 1039 3.04 10.52 -32.60
CA ASP D 1039 3.72 10.63 -31.32
C ASP D 1039 4.06 9.24 -30.82
N GLN D 1040 5.28 9.11 -30.28
CA GLN D 1040 5.80 7.83 -29.79
C GLN D 1040 5.66 6.74 -30.84
N ALA D 1041 5.94 7.09 -32.09
CA ALA D 1041 5.77 6.14 -33.18
C ALA D 1041 6.67 4.93 -32.99
N PHE D 1042 6.13 3.76 -33.32
CA PHE D 1042 6.87 2.49 -33.24
C PHE D 1042 7.37 2.23 -31.82
N SER D 1043 6.42 2.16 -30.90
CA SER D 1043 6.74 1.88 -29.51
C SER D 1043 6.61 0.41 -29.15
N ARG D 1044 5.78 -0.34 -29.86
CA ARG D 1044 5.51 -1.75 -29.54
C ARG D 1044 5.52 -2.59 -30.82
N SER D 1045 6.51 -2.38 -31.67
CA SER D 1045 6.57 -3.10 -32.94
C SER D 1045 8.03 -3.30 -33.33
N SER D 1046 8.24 -4.22 -34.26
CA SER D 1046 9.57 -4.58 -34.73
C SER D 1046 9.87 -3.87 -36.05
N HIS D 1047 11.02 -4.22 -36.65
CA HIS D 1047 11.51 -3.49 -37.81
C HIS D 1047 10.54 -3.59 -38.99
N ALA D 1048 10.06 -4.80 -39.29
CA ALA D 1048 9.21 -5.00 -40.45
C ALA D 1048 7.91 -4.21 -40.33
N VAL D 1049 7.33 -4.18 -39.14
CA VAL D 1049 6.09 -3.44 -38.94
C VAL D 1049 6.29 -1.96 -39.22
N ALA D 1050 7.37 -1.39 -38.69
CA ALA D 1050 7.66 0.02 -38.94
C ALA D 1050 7.87 0.29 -40.42
N GLY D 1051 8.60 -0.59 -41.10
CA GLY D 1051 8.80 -0.41 -42.53
C GLY D 1051 7.50 -0.41 -43.30
N ARG D 1052 6.62 -1.36 -42.98
CA ARG D 1052 5.34 -1.44 -43.68
C ARG D 1052 4.47 -0.22 -43.38
N ILE D 1053 4.49 0.26 -42.13
CA ILE D 1053 3.73 1.46 -41.79
C ILE D 1053 4.22 2.63 -42.61
N ILE D 1054 5.54 2.80 -42.70
CA ILE D 1054 6.09 3.93 -43.45
C ILE D 1054 5.71 3.83 -44.91
N ALA D 1055 5.81 2.62 -45.49
CA ALA D 1055 5.46 2.45 -46.89
C ALA D 1055 3.99 2.79 -47.13
N ALA D 1056 3.10 2.31 -46.26
CA ALA D 1056 1.68 2.61 -46.42
C ALA D 1056 1.41 4.10 -46.31
N LEU D 1057 2.05 4.76 -45.34
CA LEU D 1057 1.85 6.19 -45.18
C LEU D 1057 2.33 6.96 -46.40
N ARG D 1058 3.48 6.56 -46.95
CA ARG D 1058 3.98 7.23 -48.15
C ARG D 1058 3.11 6.94 -49.37
N GLU D 1059 2.43 5.80 -49.38
CA GLU D 1059 1.67 5.40 -50.57
C GLU D 1059 0.57 6.40 -50.90
N PHE D 1060 -0.16 6.88 -49.89
CA PHE D 1060 -1.25 7.81 -50.16
C PHE D 1060 -0.76 9.18 -50.58
N GLY D 1061 0.50 9.51 -50.36
CA GLY D 1061 1.02 10.79 -50.74
C GLY D 1061 0.76 11.87 -49.71
N LEU D 1062 1.22 11.64 -48.48
CA LEU D 1062 1.00 12.56 -47.37
C LEU D 1062 2.33 12.92 -46.73
N HIS D 1063 2.50 14.20 -46.41
CA HIS D 1063 3.66 14.66 -45.69
C HIS D 1063 3.54 14.24 -44.22
N ALA D 1064 4.65 13.78 -43.65
CA ALA D 1064 4.61 13.17 -42.32
C ALA D 1064 5.65 13.80 -41.41
N VAL D 1065 5.34 13.79 -40.11
CA VAL D 1065 6.26 14.19 -39.06
C VAL D 1065 6.34 13.05 -38.06
N PHE D 1066 7.52 12.85 -37.49
CA PHE D 1066 7.77 11.74 -36.58
C PHE D 1066 8.35 12.25 -35.27
N ILE D 1067 8.02 11.56 -34.19
CA ILE D 1067 8.56 11.85 -32.87
C ILE D 1067 9.13 10.57 -32.30
N THR D 1068 10.34 10.64 -31.75
CA THR D 1068 10.92 9.42 -31.21
C THR D 1068 11.94 9.71 -30.11
N PRO D 1069 11.88 9.00 -28.98
CA PRO D 1069 12.88 9.17 -27.92
C PRO D 1069 14.21 8.47 -28.25
N ASN D 1070 14.84 8.90 -29.35
CA ASN D 1070 16.16 8.42 -29.74
C ASN D 1070 16.15 6.90 -30.00
N LYS D 1071 15.30 6.50 -30.95
CA LYS D 1071 15.20 5.11 -31.36
C LYS D 1071 14.89 5.05 -32.84
N GLU D 1072 15.14 3.89 -33.44
CA GLU D 1072 14.81 3.61 -34.84
C GLU D 1072 15.49 4.58 -35.80
N MET D 1073 16.58 5.23 -35.38
CA MET D 1073 17.20 6.25 -36.21
C MET D 1073 17.72 5.68 -37.52
N ARG D 1074 18.09 4.39 -37.52
CA ARG D 1074 18.55 3.76 -38.74
C ARG D 1074 17.48 3.81 -39.83
N LEU D 1075 16.26 3.39 -39.48
CA LEU D 1075 15.18 3.45 -40.46
C LEU D 1075 14.79 4.89 -40.75
N LEU D 1076 14.92 5.79 -39.77
CA LEU D 1076 14.59 7.19 -39.99
C LEU D 1076 15.47 7.81 -41.07
N ARG D 1077 16.78 7.49 -41.04
CA ARG D 1077 17.69 8.10 -42.00
C ARG D 1077 17.34 7.74 -43.44
N HIS D 1078 16.63 6.64 -43.66
CA HIS D 1078 16.30 6.25 -45.03
C HIS D 1078 15.28 7.20 -45.64
N HIS D 1079 14.24 7.57 -44.89
CA HIS D 1079 13.11 8.31 -45.43
C HIS D 1079 12.93 9.67 -44.75
N THR D 1080 14.02 10.34 -44.43
CA THR D 1080 13.95 11.66 -43.81
C THR D 1080 15.03 12.55 -44.40
N ARG D 1081 14.87 13.86 -44.21
CA ARG D 1081 15.81 14.83 -44.78
C ARG D 1081 16.18 15.93 -43.80
N SER D 1082 15.72 15.89 -42.55
CA SER D 1082 16.02 16.94 -41.60
C SER D 1082 15.86 16.36 -40.19
N ALA D 1083 16.14 17.20 -39.20
CA ALA D 1083 16.05 16.79 -37.81
C ALA D 1083 16.03 18.02 -36.92
N VAL D 1084 15.33 17.91 -35.80
CA VAL D 1084 15.26 18.95 -34.79
C VAL D 1084 15.55 18.31 -33.44
N VAL D 1085 16.57 18.81 -32.75
CA VAL D 1085 16.98 18.28 -31.46
C VAL D 1085 16.54 19.24 -30.37
N VAL D 1086 15.90 18.72 -29.34
CA VAL D 1086 15.35 19.51 -28.24
C VAL D 1086 16.07 19.09 -26.98
N HIS D 1087 16.66 20.05 -26.27
CA HIS D 1087 17.39 19.74 -25.05
C HIS D 1087 17.01 20.70 -23.94
N ARG D 1088 16.93 20.18 -22.72
CA ARG D 1088 16.55 20.96 -21.56
C ARG D 1088 17.66 20.89 -20.52
N ARG D 1089 17.99 22.05 -19.95
CA ARG D 1089 18.88 22.13 -18.80
C ARG D 1089 18.24 23.02 -17.74
N GLY D 1090 18.41 22.64 -16.49
CA GLY D 1090 17.76 23.36 -15.42
C GLY D 1090 16.25 23.34 -15.62
N VAL D 1091 15.66 24.52 -15.70
CA VAL D 1091 14.24 24.67 -16.01
C VAL D 1091 14.02 25.34 -17.36
N GLU D 1092 15.06 25.42 -18.19
CA GLU D 1092 14.97 26.01 -19.51
C GLU D 1092 15.21 24.96 -20.58
N SER D 1093 14.78 25.27 -21.80
CA SER D 1093 14.91 24.35 -22.93
C SER D 1093 15.38 25.12 -24.15
N SER D 1094 15.77 24.37 -25.18
CA SER D 1094 16.30 24.97 -26.39
C SER D 1094 16.19 23.97 -27.54
N LEU D 1095 16.25 24.51 -28.76
CA LEU D 1095 16.07 23.75 -29.98
C LEU D 1095 17.22 24.00 -30.93
N VAL D 1096 17.58 22.97 -31.69
CA VAL D 1096 18.63 23.06 -32.71
C VAL D 1096 18.13 22.35 -33.96
N SER D 1097 18.45 22.89 -35.14
CA SER D 1097 18.00 22.34 -36.41
C SER D 1097 19.18 21.82 -37.21
N LEU D 1098 18.96 20.72 -37.93
CA LEU D 1098 19.99 20.13 -38.79
C LEU D 1098 19.42 19.85 -40.18
N SER D 1099 20.21 19.20 -41.02
CA SER D 1099 19.77 18.75 -42.33
C SER D 1099 20.82 17.79 -42.87
N TRP D 1100 20.52 17.19 -44.03
CA TRP D 1100 21.47 16.34 -44.73
C TRP D 1100 20.98 16.20 -46.17
N GLU D 1101 21.87 15.75 -47.04
CA GLU D 1101 21.55 15.55 -48.45
C GLU D 1101 22.60 14.71 -49.16
N THR E 48 64.43 56.44 66.79
CA THR E 48 65.80 55.96 66.74
C THR E 48 66.59 56.71 65.67
N PRO E 49 67.71 57.32 66.06
CA PRO E 49 68.50 58.10 65.11
C PRO E 49 69.03 57.26 63.96
N GLN E 50 69.14 57.89 62.79
CA GLN E 50 69.65 57.19 61.61
C GLN E 50 71.11 56.79 61.80
N ARG E 51 71.91 57.68 62.39
CA ARG E 51 73.32 57.36 62.61
C ARG E 51 73.48 56.19 63.57
N VAL E 52 72.66 56.14 64.62
CA VAL E 52 72.72 55.02 65.56
C VAL E 52 72.38 53.71 64.86
N ARG E 53 71.34 53.73 64.02
CA ARG E 53 70.96 52.53 63.27
C ARG E 53 72.07 52.11 62.32
N GLU E 54 72.70 53.07 61.64
CA GLU E 54 73.79 52.73 60.74
C GLU E 54 74.97 52.13 61.49
N ALA E 55 75.31 52.70 62.65
CA ALA E 55 76.40 52.16 63.46
C ALA E 55 76.09 50.75 63.94
N VAL E 56 74.85 50.53 64.37
CA VAL E 56 74.45 49.20 64.84
C VAL E 56 74.53 48.19 63.69
N GLN E 57 74.07 48.58 62.50
CA GLN E 57 74.14 47.69 61.34
C GLN E 57 75.59 47.35 61.01
N GLU E 58 76.46 48.36 61.00
CA GLU E 58 77.86 48.12 60.68
C GLU E 58 78.53 47.23 61.72
N MET E 59 78.24 47.47 63.00
CA MET E 59 78.83 46.66 64.06
C MET E 59 78.34 45.21 63.99
N LEU E 60 77.05 45.01 63.68
CA LEU E 60 76.54 43.65 63.57
C LEU E 60 77.04 42.95 62.32
N LYS E 61 77.34 43.70 61.26
CA LYS E 61 77.84 43.09 60.04
C LYS E 61 79.32 42.72 60.16
N TYR E 62 80.18 43.71 60.39
CA TYR E 62 81.62 43.48 60.40
C TYR E 62 82.14 42.98 61.74
N GLY E 63 81.35 43.07 62.80
CA GLY E 63 81.75 42.57 64.09
C GLY E 63 82.66 43.47 64.90
N LEU E 64 83.14 44.56 64.32
CA LEU E 64 84.03 45.47 65.04
C LEU E 64 83.99 46.83 64.39
N LEU E 65 84.31 47.85 65.18
CA LEU E 65 84.36 49.23 64.73
C LEU E 65 85.65 49.89 65.21
N GLU E 66 86.29 50.62 64.31
CA GLU E 66 87.53 51.33 64.60
C GLU E 66 87.34 52.82 64.32
N GLU E 67 87.86 53.65 65.23
CA GLU E 67 87.75 55.09 65.06
C GLU E 67 88.60 55.58 63.90
N SER E 68 89.74 54.92 63.66
CA SER E 68 90.61 55.34 62.55
C SER E 68 89.96 55.14 61.20
N HIS E 69 89.08 54.14 61.07
CA HIS E 69 88.42 53.84 59.82
C HIS E 69 87.07 54.56 59.69
N LYS E 70 86.24 54.47 60.72
CA LYS E 70 84.88 55.02 60.71
C LYS E 70 84.69 55.90 61.93
N PRO E 71 85.23 57.13 61.92
CA PRO E 71 85.07 58.01 63.08
C PRO E 71 83.62 58.33 63.41
N ASN E 72 82.77 58.50 62.39
CA ASN E 72 81.38 58.89 62.64
C ASN E 72 80.62 57.81 63.40
N LEU E 73 80.69 56.57 62.92
CA LEU E 73 80.00 55.47 63.59
C LEU E 73 80.58 55.22 64.98
N TYR E 74 81.90 55.33 65.12
CA TYR E 74 82.51 55.13 66.43
C TYR E 74 82.04 56.20 67.42
N ARG E 75 81.97 57.46 66.99
CA ARG E 75 81.48 58.51 67.86
C ARG E 75 80.01 58.32 68.19
N SER E 76 79.21 57.88 67.21
CA SER E 76 77.79 57.67 67.45
C SER E 76 77.56 56.55 68.47
N ALA E 77 78.32 55.46 68.35
CA ALA E 77 78.15 54.34 69.26
C ALA E 77 78.75 54.61 70.64
N LEU E 78 79.85 55.36 70.69
CA LEU E 78 80.52 55.63 71.97
C LEU E 78 79.67 56.53 72.86
N THR E 79 78.99 57.51 72.26
CA THR E 79 78.14 58.42 73.02
C THR E 79 76.74 57.88 73.24
N ASN E 80 76.41 56.71 72.68
CA ASN E 80 75.10 56.08 72.83
C ASN E 80 75.27 54.64 73.29
N ILE E 81 76.09 54.45 74.33
CA ILE E 81 76.33 53.09 74.84
C ILE E 81 75.05 52.50 75.39
N GLU E 82 74.27 53.29 76.13
CA GLU E 82 73.01 52.79 76.66
C GLU E 82 72.03 52.43 75.53
N VAL E 83 72.01 53.23 74.47
CA VAL E 83 71.13 52.94 73.34
C VAL E 83 71.54 51.63 72.67
N VAL E 84 72.85 51.44 72.47
CA VAL E 84 73.33 50.20 71.85
C VAL E 84 73.01 49.00 72.73
N ASP E 85 73.19 49.14 74.04
CA ASP E 85 72.87 48.05 74.96
C ASP E 85 71.38 47.71 74.91
N ARG E 86 70.53 48.73 74.88
CA ARG E 86 69.09 48.49 74.77
C ARG E 86 68.74 47.80 73.46
N ILE E 87 69.37 48.22 72.36
CA ILE E 87 69.10 47.61 71.07
C ILE E 87 69.55 46.15 71.05
N LEU E 88 70.72 45.86 71.60
CA LEU E 88 71.29 44.53 71.53
C LEU E 88 70.79 43.59 72.62
N GLU E 89 70.07 44.10 73.62
CA GLU E 89 69.53 43.22 74.66
C GLU E 89 68.56 42.18 74.11
N PRO E 90 67.60 42.52 73.24
CA PRO E 90 66.75 41.47 72.66
C PRO E 90 67.50 40.46 71.81
N LEU E 91 68.71 40.81 71.34
CA LEU E 91 69.53 39.90 70.58
C LEU E 91 70.53 39.15 71.43
N ASP E 92 70.46 39.30 72.77
CA ASP E 92 71.37 38.65 73.70
C ASP E 92 72.82 39.01 73.41
N LEU E 93 73.06 40.28 73.10
CA LEU E 93 74.39 40.77 72.77
C LEU E 93 74.68 42.02 73.58
N ALA E 94 75.97 42.27 73.81
CA ALA E 94 76.44 43.45 74.52
C ALA E 94 77.62 44.06 73.76
N MET E 95 77.83 45.35 73.98
CA MET E 95 78.89 46.09 73.31
C MET E 95 80.03 46.36 74.28
N GLY E 96 81.24 46.02 73.87
CA GLY E 96 82.45 46.30 74.64
C GLY E 96 83.27 47.36 73.93
N VAL E 97 83.79 48.32 74.71
CA VAL E 97 84.52 49.45 74.18
C VAL E 97 85.92 49.47 74.78
N ASP E 98 86.92 49.60 73.92
CA ASP E 98 88.32 49.76 74.31
C ASP E 98 88.79 51.08 73.70
N GLU E 99 88.69 52.15 74.49
CA GLU E 99 89.03 53.48 74.01
C GLU E 99 90.52 53.67 73.81
N VAL E 100 91.36 52.76 74.29
CA VAL E 100 92.80 52.86 74.07
C VAL E 100 93.11 52.75 72.58
N ARG E 101 92.47 51.80 71.90
CA ARG E 101 92.65 51.61 70.46
C ARG E 101 91.41 51.98 69.67
N GLY E 102 90.39 52.55 70.32
CA GLY E 102 89.15 52.87 69.63
C GLY E 102 88.46 51.66 69.04
N LEU E 103 88.41 50.57 69.79
CA LEU E 103 87.89 49.29 69.31
C LEU E 103 86.52 49.03 69.94
N VAL E 104 85.50 48.90 69.11
CA VAL E 104 84.16 48.57 69.56
C VAL E 104 83.84 47.16 69.07
N PHE E 105 83.59 46.25 70.00
CA PHE E 105 83.33 44.85 69.67
C PHE E 105 82.04 44.38 70.34
N VAL E 106 81.63 43.17 69.99
CA VAL E 106 80.39 42.59 70.50
C VAL E 106 80.72 41.32 71.28
N THR E 107 80.06 41.15 72.42
CA THR E 107 80.23 39.99 73.27
C THR E 107 78.87 39.37 73.56
N VAL E 108 78.86 38.06 73.77
CA VAL E 108 77.63 37.32 74.08
C VAL E 108 77.34 37.52 75.56
N ARG E 109 76.43 38.43 75.87
CA ARG E 109 76.07 38.68 77.26
C ARG E 109 75.35 37.48 77.86
N GLN E 110 75.69 37.16 79.10
CA GLN E 110 75.12 36.00 79.78
C GLN E 110 75.31 36.11 81.30
N THR F 48 62.66 40.49 76.58
CA THR F 48 62.23 39.79 75.38
C THR F 48 62.07 38.29 75.68
N PRO F 49 60.93 37.72 75.28
CA PRO F 49 60.69 36.30 75.54
C PRO F 49 61.72 35.43 74.86
N GLN F 50 62.04 34.30 75.51
CA GLN F 50 63.04 33.37 74.97
C GLN F 50 62.59 32.81 73.62
N ARG F 51 61.31 32.46 73.50
CA ARG F 51 60.81 31.91 72.25
C ARG F 51 60.94 32.91 71.11
N VAL F 52 60.63 34.18 71.37
CA VAL F 52 60.72 35.20 70.32
C VAL F 52 62.15 35.34 69.84
N ARG F 53 63.10 35.45 70.77
CA ARG F 53 64.50 35.60 70.39
C ARG F 53 65.01 34.38 69.64
N GLU F 54 64.66 33.18 70.12
CA GLU F 54 65.11 31.96 69.46
C GLU F 54 64.54 31.86 68.05
N ALA F 55 63.24 32.17 67.88
CA ALA F 55 62.63 32.10 66.57
C ALA F 55 63.26 33.12 65.62
N VAL F 56 63.49 34.34 66.09
CA VAL F 56 64.10 35.36 65.24
C VAL F 56 65.50 34.95 64.82
N GLN F 57 66.29 34.44 65.77
CA GLN F 57 67.66 34.02 65.46
C GLN F 57 67.67 32.86 64.48
N GLU F 58 66.79 31.87 64.68
CA GLU F 58 66.74 30.74 63.77
C GLU F 58 66.29 31.17 62.37
N MET F 59 65.29 32.06 62.30
CA MET F 59 64.82 32.55 61.01
C MET F 59 65.90 33.32 60.28
N LEU F 60 66.67 34.15 60.99
CA LEU F 60 67.79 34.84 60.37
C LEU F 60 68.85 33.85 59.91
N LYS F 61 69.10 32.81 60.70
CA LYS F 61 70.12 31.82 60.34
C LYS F 61 69.74 31.08 59.07
N TYR F 62 68.48 30.66 58.95
CA TYR F 62 68.08 29.83 57.82
C TYR F 62 67.34 30.60 56.72
N GLY F 63 66.81 31.78 57.02
CA GLY F 63 66.13 32.59 56.03
C GLY F 63 64.64 32.32 55.91
N LEU F 64 64.15 31.20 56.44
CA LEU F 64 62.73 30.90 56.37
C LEU F 64 62.37 29.92 57.49
N LEU F 65 61.08 29.90 57.81
CA LEU F 65 60.52 29.00 58.81
C LEU F 65 59.28 28.33 58.21
N GLU F 66 59.23 27.00 58.31
CA GLU F 66 58.13 26.21 57.79
C GLU F 66 57.47 25.46 58.94
N GLU F 67 56.14 25.50 58.98
CA GLU F 67 55.40 24.83 60.05
C GLU F 67 55.61 23.32 60.00
N SER F 68 55.66 22.75 58.79
CA SER F 68 55.82 21.30 58.65
C SER F 68 57.15 20.81 59.19
N HIS F 69 58.14 21.69 59.32
CA HIS F 69 59.45 21.33 59.86
C HIS F 69 59.68 21.87 61.26
N LYS F 70 59.31 23.12 61.52
CA LYS F 70 59.49 23.77 62.82
C LYS F 70 58.16 24.37 63.25
N PRO F 71 57.20 23.53 63.64
CA PRO F 71 55.88 24.07 64.01
C PRO F 71 55.90 25.00 65.20
N ASN F 72 56.67 24.69 66.23
CA ASN F 72 56.70 25.53 67.42
C ASN F 72 57.30 26.89 67.12
N LEU F 73 58.40 26.93 66.38
CA LEU F 73 58.99 28.21 65.99
C LEU F 73 58.04 29.00 65.10
N TYR F 74 57.34 28.31 64.20
CA TYR F 74 56.35 28.97 63.35
C TYR F 74 55.24 29.61 64.18
N ARG F 75 54.75 28.89 65.19
CA ARG F 75 53.73 29.44 66.06
C ARG F 75 54.25 30.63 66.86
N SER F 76 55.49 30.52 67.35
CA SER F 76 56.07 31.62 68.12
C SER F 76 56.24 32.87 67.28
N ALA F 77 56.71 32.72 66.04
CA ALA F 77 56.96 33.88 65.18
C ALA F 77 55.67 34.45 64.60
N LEU F 78 54.67 33.61 64.33
CA LEU F 78 53.45 34.09 63.69
C LEU F 78 52.65 34.99 64.61
N THR F 79 52.65 34.71 65.92
CA THR F 79 51.85 35.46 66.88
C THR F 79 52.55 36.73 67.35
N ASN F 80 53.74 37.02 66.87
CA ASN F 80 54.54 38.16 67.30
C ASN F 80 54.95 39.01 66.10
N ILE F 81 53.98 39.31 65.23
CA ILE F 81 54.27 40.06 64.02
C ILE F 81 54.82 41.44 64.37
N GLU F 82 54.17 42.14 65.31
CA GLU F 82 54.61 43.47 65.69
C GLU F 82 55.98 43.44 66.36
N VAL F 83 56.22 42.44 67.22
CA VAL F 83 57.50 42.36 67.92
C VAL F 83 58.63 42.11 66.93
N VAL F 84 58.44 41.16 66.01
CA VAL F 84 59.46 40.85 65.02
C VAL F 84 59.68 42.03 64.09
N ASP F 85 58.59 42.72 63.73
CA ASP F 85 58.73 43.91 62.89
C ASP F 85 59.54 44.99 63.57
N ARG F 86 59.29 45.22 64.86
CA ARG F 86 60.07 46.20 65.62
C ARG F 86 61.52 45.78 65.72
N ILE F 87 61.78 44.48 65.92
CA ILE F 87 63.15 44.00 66.03
C ILE F 87 63.90 44.19 64.71
N LEU F 88 63.24 43.88 63.59
CA LEU F 88 63.89 43.91 62.30
C LEU F 88 63.89 45.28 61.64
N GLU F 89 63.13 46.24 62.17
CA GLU F 89 63.12 47.58 61.58
C GLU F 89 64.49 48.25 61.57
N PRO F 90 65.26 48.27 62.67
CA PRO F 90 66.60 48.89 62.60
C PRO F 90 67.55 48.19 61.64
N LEU F 91 67.31 46.92 61.31
CA LEU F 91 68.19 46.17 60.44
C LEU F 91 67.77 46.23 58.96
N ASP F 92 66.75 47.03 58.64
CA ASP F 92 66.25 47.16 57.27
C ASP F 92 65.87 45.80 56.68
N LEU F 93 65.08 45.04 57.44
CA LEU F 93 64.55 43.76 57.01
C LEU F 93 63.07 43.68 57.35
N ALA F 94 62.34 42.87 56.59
CA ALA F 94 60.90 42.73 56.78
C ALA F 94 60.54 41.26 56.75
N MET F 95 59.40 40.95 57.35
CA MET F 95 58.91 39.57 57.46
C MET F 95 57.65 39.41 56.62
N GLY F 96 57.64 38.39 55.77
CA GLY F 96 56.46 38.04 54.98
C GLY F 96 55.88 36.74 55.47
N VAL F 97 54.55 36.70 55.58
CA VAL F 97 53.82 35.57 56.14
C VAL F 97 52.88 35.01 55.08
N ASP F 98 52.86 33.68 54.96
CA ASP F 98 51.94 32.99 54.06
C ASP F 98 51.32 31.84 54.87
N GLU F 99 50.21 32.16 55.55
CA GLU F 99 49.54 31.15 56.37
C GLU F 99 48.87 30.08 55.51
N VAL F 100 48.55 30.40 54.26
CA VAL F 100 48.02 29.39 53.34
C VAL F 100 49.05 28.30 53.10
N ARG F 101 50.30 28.69 52.87
CA ARG F 101 51.39 27.75 52.70
C ARG F 101 52.18 27.52 53.99
N GLY F 102 51.85 28.22 55.07
CA GLY F 102 52.52 28.05 56.34
C GLY F 102 54.00 28.38 56.29
N LEU F 103 54.35 29.52 55.69
CA LEU F 103 55.73 29.91 55.48
C LEU F 103 55.97 31.29 56.08
N VAL F 104 57.12 31.47 56.71
CA VAL F 104 57.56 32.77 57.21
C VAL F 104 58.93 33.06 56.61
N PHE F 105 59.00 34.10 55.79
CA PHE F 105 60.24 34.42 55.08
C PHE F 105 60.69 35.83 55.41
N VAL F 106 61.97 36.10 55.13
CA VAL F 106 62.60 37.38 55.39
C VAL F 106 62.98 38.01 54.07
N THR F 107 62.57 39.27 53.87
CA THR F 107 62.89 40.03 52.68
C THR F 107 63.58 41.32 53.08
N VAL F 108 64.18 41.98 52.08
CA VAL F 108 64.84 43.26 52.31
C VAL F 108 63.78 44.34 52.44
N ARG F 109 63.83 45.07 53.55
CA ARG F 109 62.86 46.15 53.78
C ARG F 109 63.04 47.25 52.76
N GLN F 110 61.92 47.80 52.29
CA GLN F 110 61.93 48.87 51.30
C GLN F 110 62.01 50.20 52.02
N GLY F 111 63.12 50.90 51.84
CA GLY F 111 63.32 52.21 52.45
C GLY F 111 62.73 53.32 51.61
N GLU F 112 63.11 54.55 51.96
CA GLU F 112 62.64 55.73 51.25
C GLU F 112 63.55 56.11 50.10
N VAL F 113 63.85 55.13 49.24
CA VAL F 113 64.69 55.33 48.07
C VAL F 113 63.96 54.75 46.86
N ALA F 114 63.94 55.51 45.76
CA ALA F 114 63.21 55.08 44.57
C ALA F 114 63.83 53.83 43.96
N GLU F 115 65.15 53.78 43.85
CA GLU F 115 65.85 52.64 43.29
C GLU F 115 66.90 52.15 44.30
N GLN F 116 66.80 50.88 44.69
CA GLN F 116 67.76 50.27 45.59
C GLN F 116 68.40 49.01 45.02
N ASP F 117 67.81 48.40 43.99
CA ASP F 117 68.32 47.23 43.28
C ASP F 117 68.22 45.96 44.13
N ASP F 118 67.91 46.12 45.42
CA ASP F 118 67.66 45.02 46.35
C ASP F 118 68.83 44.04 46.48
N TRP F 119 69.98 44.38 45.91
CA TRP F 119 71.18 43.54 46.05
C TRP F 119 72.35 44.28 46.67
N SER F 120 72.28 45.60 46.80
CA SER F 120 73.35 46.38 47.42
C SER F 120 73.28 46.39 48.93
N HIS F 121 72.29 45.73 49.52
CA HIS F 121 72.18 45.68 50.97
C HIS F 121 73.39 44.95 51.55
N PRO F 122 74.00 45.45 52.62
CA PRO F 122 75.24 44.84 53.12
C PRO F 122 75.11 43.38 53.52
N LEU F 123 73.95 42.97 54.02
CA LEU F 123 73.77 41.61 54.53
C LEU F 123 73.44 40.59 53.44
N VAL F 124 73.31 41.02 52.18
CA VAL F 124 72.99 40.12 51.09
C VAL F 124 74.28 39.47 50.59
N ARG F 125 74.30 38.14 50.57
CA ARG F 125 75.45 37.39 50.09
C ARG F 125 75.19 36.65 48.78
N ARG F 126 73.94 36.45 48.40
CA ARG F 126 73.62 35.73 47.18
C ARG F 126 74.02 36.54 45.96
N GLN F 127 74.33 35.83 44.87
CA GLN F 127 74.60 36.46 43.58
C GLN F 127 73.32 36.64 42.79
N ARG F 128 73.40 37.45 41.73
CA ARG F 128 72.23 37.73 40.93
C ARG F 128 71.88 36.53 40.05
N LEU F 129 70.75 36.64 39.36
CA LEU F 129 70.22 35.57 38.53
C LEU F 129 70.27 35.98 37.06
N ASN F 130 70.83 35.12 36.22
CA ASN F 130 70.92 35.38 34.79
C ASN F 130 69.69 34.81 34.09
N LEU F 131 69.71 34.80 32.75
CA LEU F 131 68.52 34.40 32.00
C LEU F 131 68.28 32.89 32.05
N GLU F 132 69.35 32.10 32.00
CA GLU F 132 69.19 30.64 32.01
C GLU F 132 68.59 30.16 33.33
N GLN F 133 69.12 30.66 34.46
CA GLN F 133 68.56 30.30 35.75
C GLN F 133 67.12 30.77 35.88
N SER F 134 66.82 31.97 35.36
CA SER F 134 65.45 32.48 35.43
C SER F 134 64.50 31.61 34.63
N LEU F 135 64.93 31.17 33.44
CA LEU F 135 64.09 30.28 32.64
C LEU F 135 63.87 28.95 33.34
N LEU F 136 64.91 28.40 33.96
CA LEU F 136 64.76 27.15 34.71
C LEU F 136 63.81 27.34 35.88
N ILE F 137 63.90 28.49 36.56
CA ILE F 137 63.00 28.78 37.67
C ILE F 137 61.56 28.90 37.17
N ALA F 138 61.36 29.51 36.00
CA ALA F 138 60.02 29.59 35.42
C ALA F 138 59.47 28.22 35.11
N ILE F 139 60.30 27.33 34.55
CA ILE F 139 59.86 25.96 34.29
C ILE F 139 59.48 25.26 35.58
N LEU F 140 60.31 25.42 36.61
CA LEU F 140 60.01 24.81 37.91
C LEU F 140 58.71 25.38 38.50
N ARG F 141 58.47 26.67 38.29
CA ARG F 141 57.24 27.28 38.79
C ARG F 141 56.02 26.74 38.05
N GLN F 142 56.14 26.54 36.73
CA GLN F 142 55.04 25.92 35.99
C GLN F 142 54.76 24.51 36.50
N HIS F 143 55.83 23.74 36.74
CA HIS F 143 55.66 22.39 37.28
C HIS F 143 55.01 22.44 38.66
N PHE F 144 55.41 23.41 39.49
CA PHE F 144 54.83 23.54 40.82
C PHE F 144 53.37 23.94 40.75
N ILE F 145 53.00 24.78 39.79
CA ILE F 145 51.59 25.13 39.59
C ILE F 145 50.80 23.89 39.21
N ALA F 146 51.34 23.09 38.30
CA ALA F 146 50.67 21.85 37.92
C ALA F 146 50.51 20.92 39.11
N TYR F 147 51.54 20.80 39.95
CA TYR F 147 51.47 19.96 41.13
C TYR F 147 50.45 20.49 42.13
N GLU F 148 50.39 21.80 42.31
CA GLU F 148 49.54 22.40 43.33
C GLU F 148 48.07 22.39 42.94
N GLN F 149 47.77 22.56 41.65
CA GLN F 149 46.38 22.61 41.23
C GLN F 149 45.65 21.32 41.53
N GLU F 150 46.29 20.18 41.24
CA GLU F 150 45.72 18.88 41.56
C GLU F 150 46.20 18.38 42.92
N SER F 151 46.05 19.21 43.95
CA SER F 151 46.47 18.88 45.29
C SER F 151 45.33 19.18 46.27
N GLY F 152 45.20 18.32 47.28
CA GLY F 152 44.16 18.49 48.28
C GLY F 152 44.70 18.43 49.70
N THR F 153 43.84 18.04 50.63
CA THR F 153 44.27 17.91 52.02
C THR F 153 45.29 16.78 52.15
N GLY F 154 46.38 17.06 52.87
CA GLY F 154 47.45 16.10 53.02
C GLY F 154 48.82 16.72 52.79
N ALA F 155 49.87 16.01 53.23
CA ALA F 155 51.24 16.50 53.12
C ALA F 155 51.94 15.81 51.96
N SER F 156 52.46 16.60 51.03
CA SER F 156 53.20 16.07 49.89
C SER F 156 54.26 17.09 49.49
N GLN F 157 55.06 16.72 48.49
CA GLN F 157 56.14 17.56 48.01
C GLN F 157 56.19 17.51 46.49
N ALA F 158 56.76 18.56 45.90
CA ALA F 158 56.87 18.67 44.44
C ALA F 158 58.18 18.04 44.01
N LEU F 159 58.11 16.84 43.45
CA LEU F 159 59.28 16.11 42.97
C LEU F 159 59.24 16.03 41.45
N VAL F 160 60.36 16.36 40.82
CA VAL F 160 60.47 16.33 39.37
C VAL F 160 61.78 15.65 38.99
N ALA F 161 61.74 14.80 37.97
CA ALA F 161 62.94 14.13 37.50
C ALA F 161 63.68 15.00 36.48
N VAL F 162 64.98 14.77 36.39
CA VAL F 162 65.81 15.52 35.45
C VAL F 162 65.44 15.21 34.01
N ASP F 163 65.21 13.93 33.71
CA ASP F 163 64.91 13.52 32.35
C ASP F 163 63.65 14.17 31.83
N GLU F 164 62.67 14.42 32.71
CA GLU F 164 61.47 15.15 32.30
C GLU F 164 61.81 16.57 31.89
N LEU F 165 62.71 17.22 32.63
CA LEU F 165 63.07 18.61 32.34
C LEU F 165 64.03 18.72 31.16
N ILE F 166 64.67 17.63 30.76
CA ILE F 166 65.68 17.67 29.70
C ILE F 166 65.10 18.21 28.39
N PRO F 167 64.02 17.64 27.83
CA PRO F 167 63.57 18.12 26.52
C PRO F 167 62.98 19.52 26.56
N GLN F 168 62.32 19.89 27.66
CA GLN F 168 61.71 21.21 27.74
C GLN F 168 62.77 22.31 27.69
N LEU F 169 63.88 22.12 28.39
CA LEU F 169 64.97 23.08 28.31
C LEU F 169 65.77 22.93 27.02
N GLN F 170 65.78 21.72 26.43
CA GLN F 170 66.40 21.56 25.12
C GLN F 170 65.69 22.35 24.05
N VAL F 171 64.37 22.54 24.19
CA VAL F 171 63.61 23.32 23.22
C VAL F 171 64.15 24.74 23.17
N TYR F 172 64.45 25.33 24.32
CA TYR F 172 64.93 26.71 24.37
C TYR F 172 66.43 26.80 24.09
N LEU F 173 67.25 26.15 24.93
CA LEU F 173 68.70 26.30 24.79
C LEU F 173 69.20 25.71 23.48
N GLY F 174 68.69 24.54 23.10
CA GLY F 174 69.15 23.82 21.94
C GLY F 174 69.50 22.40 22.32
N GLU F 175 70.24 21.74 21.44
CA GLU F 175 70.63 20.35 21.64
C GLU F 175 72.14 20.21 21.52
N LEU F 176 72.74 19.53 22.49
CA LEU F 176 74.16 19.23 22.48
C LEU F 176 74.42 17.88 21.83
N GLY F 177 75.67 17.66 21.43
CA GLY F 177 76.01 16.43 20.72
C GLY F 177 75.76 15.19 21.56
N SER F 178 76.19 15.19 22.81
CA SER F 178 76.09 14.04 23.68
C SER F 178 75.06 14.26 24.77
N GLU F 179 74.39 13.16 25.17
CA GLU F 179 73.48 13.22 26.30
C GLU F 179 74.21 13.55 27.59
N ALA F 180 75.47 13.09 27.73
CA ALA F 180 76.23 13.37 28.94
C ALA F 180 76.47 14.86 29.11
N LYS F 181 76.73 15.58 28.01
CA LYS F 181 76.96 17.02 28.10
C LYS F 181 75.72 17.73 28.60
N GLU F 182 74.55 17.39 28.05
CA GLU F 182 73.31 18.00 28.49
C GLU F 182 73.02 17.65 29.94
N ARG F 183 73.25 16.40 30.33
CA ARG F 183 73.01 16.01 31.71
C ARG F 183 73.92 16.76 32.67
N ASN F 184 75.18 16.94 32.30
CA ASN F 184 76.10 17.70 33.15
C ASN F 184 75.70 19.16 33.23
N ARG F 185 75.24 19.74 32.11
CA ARG F 185 74.74 21.11 32.15
C ARG F 185 73.54 21.24 33.08
N ILE F 186 72.61 20.29 33.01
CA ILE F 186 71.45 20.31 33.90
C ILE F 186 71.88 20.17 35.34
N ILE F 187 72.84 19.28 35.61
CA ILE F 187 73.33 19.09 36.98
C ILE F 187 73.96 20.36 37.51
N THR F 188 74.76 21.03 36.68
CA THR F 188 75.40 22.28 37.09
C THR F 188 74.36 23.35 37.39
N LEU F 189 73.35 23.48 36.52
CA LEU F 189 72.30 24.47 36.74
C LEU F 189 71.52 24.16 38.02
N LEU F 190 71.21 22.88 38.25
CA LEU F 190 70.48 22.50 39.46
C LEU F 190 71.30 22.77 40.72
N ASP F 191 72.61 22.51 40.66
CA ASP F 191 73.47 22.80 41.79
C ASP F 191 73.55 24.30 42.06
N GLN F 192 73.66 25.10 41.00
CA GLN F 192 73.71 26.56 41.16
C GLN F 192 72.41 27.08 41.77
N LEU F 193 71.27 26.55 41.33
CA LEU F 193 69.99 26.97 41.89
C LEU F 193 69.82 26.48 43.33
N LYS F 194 70.33 25.30 43.65
CA LYS F 194 70.30 24.81 45.03
C LYS F 194 71.16 25.67 45.94
N GLY F 195 72.19 26.32 45.39
CA GLY F 195 72.97 27.26 46.17
C GLY F 195 72.16 28.44 46.66
N HIS F 196 71.01 28.70 46.06
CA HIS F 196 70.10 29.75 46.47
C HIS F 196 68.94 29.23 47.31
N GLY F 197 68.93 27.94 47.60
CA GLY F 197 67.90 27.37 48.45
C GLY F 197 66.55 27.18 47.80
N LEU F 198 66.53 26.90 46.49
CA LEU F 198 65.28 26.68 45.78
C LEU F 198 64.93 25.22 45.59
N VAL F 199 65.94 24.35 45.46
CA VAL F 199 65.74 22.91 45.31
C VAL F 199 66.61 22.19 46.32
N SER F 200 66.56 20.87 46.30
CA SER F 200 67.34 20.01 47.18
C SER F 200 68.30 19.16 46.36
N ALA F 201 69.13 18.39 47.06
CA ALA F 201 70.08 17.51 46.38
C ALA F 201 69.34 16.38 45.68
N LEU F 202 69.92 15.94 44.57
CA LEU F 202 69.31 14.85 43.79
C LEU F 202 69.32 13.56 44.59
N ASP F 203 68.24 12.79 44.45
CA ASP F 203 68.09 11.54 45.18
C ASP F 203 68.68 10.39 44.39
N ALA F 204 68.58 9.18 44.95
CA ALA F 204 69.10 7.99 44.28
C ALA F 204 68.31 7.64 43.03
N HIS F 205 67.11 8.19 42.86
CA HIS F 205 66.26 7.89 41.71
C HIS F 205 66.16 9.08 40.75
N ASP F 206 67.13 9.99 40.78
CA ASP F 206 67.21 11.10 39.84
C ASP F 206 65.98 12.00 39.91
N ARG F 207 65.76 12.57 41.10
CA ARG F 207 64.64 13.46 41.33
C ARG F 207 65.09 14.63 42.19
N VAL F 208 64.40 15.76 42.05
CA VAL F 208 64.64 16.95 42.85
C VAL F 208 63.33 17.44 43.42
N ILE F 209 63.41 18.11 44.57
CA ILE F 209 62.25 18.61 45.29
C ILE F 209 62.28 20.14 45.22
N ILE F 210 61.16 20.73 44.81
CA ILE F 210 61.05 22.17 44.67
C ILE F 210 60.57 22.77 45.99
N ARG F 211 61.33 23.72 46.52
CA ARG F 211 60.95 24.38 47.75
C ARG F 211 59.80 25.36 47.50
N PRO F 212 58.91 25.54 48.48
CA PRO F 212 57.75 26.42 48.26
C PRO F 212 58.11 27.89 48.07
N ILE F 213 59.31 28.30 48.45
CA ILE F 213 59.69 29.72 48.40
C ILE F 213 59.61 30.27 46.98
N ILE F 214 59.72 29.41 45.97
CA ILE F 214 59.62 29.87 44.58
C ILE F 214 58.28 30.54 44.33
N THR F 215 57.23 30.11 45.05
CA THR F 215 55.93 30.76 44.92
C THR F 215 56.02 32.24 45.27
N HIS F 216 56.74 32.57 46.34
CA HIS F 216 57.01 33.96 46.66
C HIS F 216 58.13 34.55 45.80
N LEU F 217 58.97 33.71 45.21
CA LEU F 217 59.97 34.21 44.28
C LEU F 217 59.36 34.55 42.94
N ALA F 218 58.41 33.73 42.48
CA ALA F 218 57.74 33.93 41.20
C ALA F 218 56.33 34.49 41.37
N ASN F 219 56.15 35.40 42.31
CA ASN F 219 54.86 36.05 42.47
C ASN F 219 54.52 36.86 41.22
N PRO F 220 53.23 37.07 40.94
CA PRO F 220 52.86 37.75 39.69
C PRO F 220 53.41 39.16 39.56
N GLU F 221 53.72 39.84 40.66
CA GLU F 221 54.32 41.16 40.57
C GLU F 221 55.75 41.07 40.04
N ASN F 222 56.56 40.17 40.60
CA ASN F 222 57.91 39.98 40.10
C ASN F 222 57.90 39.44 38.68
N LEU F 223 56.96 38.55 38.38
CA LEU F 223 56.83 38.05 37.01
C LEU F 223 56.50 39.18 36.03
N GLN F 224 55.60 40.08 36.43
CA GLN F 224 55.26 41.22 35.59
C GLN F 224 56.47 42.12 35.38
N ALA F 225 57.22 42.39 36.45
CA ALA F 225 58.42 43.22 36.32
C ALA F 225 59.44 42.58 35.38
N LEU F 226 59.66 41.27 35.53
CA LEU F 226 60.60 40.56 34.67
C LEU F 226 60.13 40.55 33.22
N VAL F 227 58.83 40.38 33.00
CA VAL F 227 58.28 40.39 31.63
C VAL F 227 58.47 41.76 31.00
N VAL F 228 58.22 42.83 31.76
CA VAL F 228 58.42 44.18 31.23
C VAL F 228 59.89 44.40 30.90
N TRP F 229 60.79 43.98 31.79
CA TRP F 229 62.21 44.15 31.54
C TRP F 229 62.66 43.38 30.30
N LEU F 230 62.19 42.13 30.15
CA LEU F 230 62.55 41.34 28.99
C LEU F 230 61.99 41.95 27.70
N ARG F 231 60.76 42.46 27.76
CA ARG F 231 60.18 43.12 26.59
C ARG F 231 60.99 44.34 26.19
N GLU F 232 61.45 45.12 27.17
CA GLU F 232 62.31 46.26 26.87
C GLU F 232 63.64 45.81 26.28
N GLN F 233 64.20 44.72 26.81
CA GLN F 233 65.50 44.23 26.32
C GLN F 233 65.40 43.74 24.88
N VAL F 234 64.37 42.96 24.57
CA VAL F 234 64.21 42.41 23.22
C VAL F 234 63.99 43.54 22.21
N GLU F 235 63.12 44.49 22.55
CA GLU F 235 62.83 45.63 21.68
C GLU F 235 63.89 46.71 21.91
N GLY F 236 65.10 46.41 21.46
CA GLY F 236 66.22 47.30 21.64
C GLY F 236 67.26 46.78 22.61
N THR G 48 53.75 -57.89 -35.83
CA THR G 48 54.04 -56.92 -36.89
C THR G 48 55.52 -56.56 -36.90
N PRO G 49 56.15 -56.67 -38.06
CA PRO G 49 57.58 -56.38 -38.15
C PRO G 49 57.90 -54.94 -37.77
N GLN G 50 59.04 -54.76 -37.10
CA GLN G 50 59.46 -53.43 -36.69
C GLN G 50 59.75 -52.54 -37.89
N ARG G 51 60.38 -53.10 -38.93
CA ARG G 51 60.68 -52.32 -40.13
C ARG G 51 59.39 -51.84 -40.81
N VAL G 52 58.38 -52.71 -40.87
CA VAL G 52 57.12 -52.34 -41.51
C VAL G 52 56.46 -51.19 -40.76
N ARG G 53 56.42 -51.28 -39.43
CA ARG G 53 55.84 -50.21 -38.63
C ARG G 53 56.62 -48.91 -38.79
N GLU G 54 57.96 -49.00 -38.79
CA GLU G 54 58.77 -47.80 -38.96
C GLU G 54 58.53 -47.15 -40.32
N ALA G 55 58.46 -47.97 -41.38
CA ALA G 55 58.20 -47.44 -42.71
C ALA G 55 56.84 -46.78 -42.79
N VAL G 56 55.81 -47.42 -42.23
CA VAL G 56 54.46 -46.85 -42.25
C VAL G 56 54.42 -45.53 -41.50
N GLN G 57 55.02 -45.51 -40.31
CA GLN G 57 55.02 -44.28 -39.51
C GLN G 57 55.75 -43.15 -40.21
N GLU G 58 56.92 -43.44 -40.79
CA GLU G 58 57.67 -42.40 -41.49
C GLU G 58 56.92 -41.91 -42.73
N MET G 59 56.32 -42.84 -43.48
CA MET G 59 55.58 -42.47 -44.68
C MET G 59 54.39 -41.59 -44.35
N LEU G 60 53.66 -41.93 -43.28
CA LEU G 60 52.53 -41.09 -42.88
C LEU G 60 53.00 -39.75 -42.31
N LYS G 61 54.14 -39.75 -41.62
CA LYS G 61 54.67 -38.50 -41.06
C LYS G 61 55.07 -37.52 -42.15
N TYR G 62 55.75 -38.02 -43.20
CA TYR G 62 56.25 -37.16 -44.27
C TYR G 62 55.35 -37.10 -45.49
N GLY G 63 54.60 -38.16 -45.77
CA GLY G 63 53.79 -38.22 -46.97
C GLY G 63 54.51 -38.72 -48.20
N LEU G 64 55.81 -38.98 -48.12
CA LEU G 64 56.57 -39.45 -49.25
C LEU G 64 57.75 -40.29 -48.77
N LEU G 65 58.20 -41.18 -49.64
CA LEU G 65 59.35 -42.05 -49.38
C LEU G 65 60.14 -42.23 -50.67
N GLU G 66 61.44 -41.93 -50.61
CA GLU G 66 62.31 -42.06 -51.76
C GLU G 66 63.43 -43.02 -51.44
N GLU G 67 63.73 -43.93 -52.38
CA GLU G 67 64.79 -44.90 -52.17
C GLU G 67 66.15 -44.21 -52.07
N SER G 68 66.32 -43.08 -52.76
CA SER G 68 67.59 -42.36 -52.70
C SER G 68 67.87 -41.86 -51.29
N HIS G 69 66.84 -41.58 -50.50
CA HIS G 69 67.01 -41.10 -49.14
C HIS G 69 66.95 -42.22 -48.12
N LYS G 70 65.95 -43.10 -48.23
CA LYS G 70 65.75 -44.20 -47.30
C LYS G 70 65.58 -45.50 -48.08
N PRO G 71 66.68 -46.04 -48.62
CA PRO G 71 66.57 -47.28 -49.40
C PRO G 71 66.02 -48.46 -48.61
N ASN G 72 66.41 -48.58 -47.33
CA ASN G 72 65.94 -49.70 -46.53
C ASN G 72 64.44 -49.63 -46.28
N LEU G 73 63.95 -48.45 -45.90
CA LEU G 73 62.51 -48.28 -45.70
C LEU G 73 61.76 -48.45 -47.01
N TYR G 74 62.32 -47.95 -48.11
CA TYR G 74 61.69 -48.10 -49.41
C TYR G 74 61.56 -49.57 -49.79
N ARG G 75 62.61 -50.36 -49.56
CA ARG G 75 62.54 -51.79 -49.85
C ARG G 75 61.56 -52.49 -48.92
N SER G 76 61.54 -52.12 -47.64
CA SER G 76 60.62 -52.75 -46.70
C SER G 76 59.18 -52.48 -47.07
N ALA G 77 58.86 -51.25 -47.46
CA ALA G 77 57.50 -50.92 -47.86
C ALA G 77 57.14 -51.53 -49.21
N LEU G 78 58.11 -51.59 -50.13
CA LEU G 78 57.85 -52.14 -51.46
C LEU G 78 57.71 -53.65 -51.43
N THR G 79 58.31 -54.32 -50.46
CA THR G 79 58.18 -55.77 -50.32
C THR G 79 57.02 -56.17 -49.41
N ASN G 80 56.29 -55.20 -48.87
CA ASN G 80 55.17 -55.44 -47.96
C ASN G 80 53.97 -54.60 -48.36
N ILE G 81 53.63 -54.64 -49.65
CA ILE G 81 52.53 -53.83 -50.16
C ILE G 81 51.22 -54.20 -49.46
N GLU G 82 50.95 -55.50 -49.34
CA GLU G 82 49.69 -55.94 -48.74
C GLU G 82 49.62 -55.57 -47.26
N VAL G 83 50.74 -55.67 -46.54
CA VAL G 83 50.73 -55.34 -45.12
C VAL G 83 50.48 -53.85 -44.92
N VAL G 84 51.13 -53.00 -45.72
CA VAL G 84 50.92 -51.56 -45.60
C VAL G 84 49.49 -51.20 -45.98
N ASP G 85 48.95 -51.85 -47.02
CA ASP G 85 47.57 -51.59 -47.42
C ASP G 85 46.60 -51.99 -46.32
N ARG G 86 46.84 -53.13 -45.66
CA ARG G 86 45.99 -53.54 -44.55
C ARG G 86 46.10 -52.56 -43.39
N ILE G 87 47.30 -52.09 -43.09
CA ILE G 87 47.48 -51.14 -42.00
C ILE G 87 46.75 -49.83 -42.28
N LEU G 88 46.86 -49.33 -43.51
CA LEU G 88 46.27 -48.05 -43.86
C LEU G 88 44.80 -48.14 -44.26
N GLU G 89 44.25 -49.35 -44.37
CA GLU G 89 42.85 -49.49 -44.77
C GLU G 89 41.88 -48.85 -43.79
N PRO G 90 41.96 -49.10 -42.47
CA PRO G 90 41.02 -48.41 -41.57
C PRO G 90 41.16 -46.90 -41.54
N LEU G 91 42.30 -46.38 -41.98
CA LEU G 91 42.55 -44.94 -41.97
C LEU G 91 42.13 -44.25 -43.26
N ASP G 92 41.51 -44.98 -44.19
CA ASP G 92 41.14 -44.45 -45.50
C ASP G 92 42.35 -43.86 -46.22
N LEU G 93 43.47 -44.58 -46.17
CA LEU G 93 44.70 -44.20 -46.86
C LEU G 93 45.23 -45.40 -47.64
N ALA G 94 45.92 -45.11 -48.74
CA ALA G 94 46.47 -46.13 -49.60
C ALA G 94 47.87 -45.72 -50.04
N MET G 95 48.67 -46.73 -50.39
CA MET G 95 50.05 -46.52 -50.79
C MET G 95 50.17 -46.62 -52.31
N GLY G 96 50.73 -45.59 -52.93
CA GLY G 96 51.00 -45.58 -54.35
C GLY G 96 52.50 -45.65 -54.60
N VAL G 97 52.89 -46.53 -55.52
CA VAL G 97 54.28 -46.82 -55.80
C VAL G 97 54.62 -46.35 -57.20
N ASP G 98 55.74 -45.64 -57.34
CA ASP G 98 56.27 -45.20 -58.62
C ASP G 98 57.70 -45.72 -58.69
N GLU G 99 57.86 -46.90 -59.27
CA GLU G 99 59.16 -47.56 -59.30
C GLU G 99 60.14 -46.89 -60.26
N VAL G 100 59.64 -46.07 -61.20
CA VAL G 100 60.52 -45.38 -62.12
C VAL G 100 61.41 -44.40 -61.36
N ARG G 101 60.83 -43.64 -60.43
CA ARG G 101 61.57 -42.69 -59.61
C ARG G 101 61.68 -43.13 -58.16
N GLY G 102 61.19 -44.32 -57.82
CA GLY G 102 61.26 -44.80 -56.45
C GLY G 102 60.49 -43.94 -55.47
N LEU G 103 59.28 -43.52 -55.83
CA LEU G 103 58.48 -42.61 -55.02
C LEU G 103 57.29 -43.38 -54.46
N VAL G 104 57.24 -43.51 -53.13
CA VAL G 104 56.12 -44.14 -52.44
C VAL G 104 55.35 -43.03 -51.74
N PHE G 105 54.11 -42.83 -52.15
CA PHE G 105 53.29 -41.73 -51.64
C PHE G 105 52.00 -42.26 -51.05
N VAL G 106 51.32 -41.39 -50.31
CA VAL G 106 50.06 -41.71 -49.65
C VAL G 106 48.93 -40.99 -50.38
N THR G 107 47.94 -41.75 -50.81
CA THR G 107 46.77 -41.20 -51.50
C THR G 107 45.52 -41.57 -50.73
N VAL G 108 44.58 -40.63 -50.63
CA VAL G 108 43.34 -40.87 -49.90
C VAL G 108 42.47 -41.82 -50.71
N ARG G 109 42.40 -43.08 -50.28
CA ARG G 109 41.61 -44.07 -51.00
C ARG G 109 40.13 -43.77 -50.87
N GLN G 110 39.40 -43.95 -51.97
CA GLN G 110 37.97 -43.68 -51.99
C GLN G 110 37.32 -44.34 -53.21
N SER G 120 38.32 -33.80 -48.01
CA SER G 120 37.29 -34.82 -47.95
C SER G 120 37.72 -35.97 -47.04
N HIS G 121 38.80 -35.76 -46.29
CA HIS G 121 39.32 -36.75 -45.37
C HIS G 121 39.58 -36.10 -44.01
N PRO G 122 39.27 -36.80 -42.91
CA PRO G 122 39.50 -36.20 -41.58
C PRO G 122 40.96 -35.88 -41.31
N LEU G 123 41.89 -36.68 -41.82
CA LEU G 123 43.31 -36.49 -41.56
C LEU G 123 44.01 -35.69 -42.65
N VAL G 124 43.30 -35.27 -43.69
CA VAL G 124 43.88 -34.52 -44.79
C VAL G 124 43.18 -33.17 -44.89
N ARG G 125 43.95 -32.10 -44.92
CA ARG G 125 43.42 -30.75 -44.99
C ARG G 125 43.60 -30.19 -46.40
N ARG G 126 42.55 -29.53 -46.90
CA ARG G 126 42.57 -28.95 -48.23
C ARG G 126 42.87 -27.46 -48.13
N GLN G 127 43.94 -27.04 -48.80
CA GLN G 127 44.32 -25.63 -48.85
C GLN G 127 44.62 -25.25 -50.29
N ARG G 128 44.21 -24.05 -50.68
CA ARG G 128 44.39 -23.55 -52.03
C ARG G 128 45.59 -22.63 -52.10
N LEU G 129 46.21 -22.58 -53.28
CA LEU G 129 47.36 -21.74 -53.54
C LEU G 129 46.99 -20.57 -54.43
N ASN G 130 47.76 -19.50 -54.34
CA ASN G 130 47.51 -18.30 -55.12
C ASN G 130 48.20 -18.38 -56.48
N LEU G 131 47.90 -17.41 -57.34
CA LEU G 131 48.48 -17.39 -58.68
C LEU G 131 49.99 -17.22 -58.65
N GLU G 132 50.49 -16.40 -57.72
CA GLU G 132 51.93 -16.21 -57.58
C GLU G 132 52.65 -17.49 -57.21
N GLN G 133 51.94 -18.46 -56.63
CA GLN G 133 52.49 -19.79 -56.40
C GLN G 133 52.13 -20.77 -57.51
N SER G 134 50.96 -20.61 -58.11
CA SER G 134 50.53 -21.52 -59.18
C SER G 134 51.45 -21.42 -60.40
N LEU G 135 51.79 -20.19 -60.80
CA LEU G 135 52.64 -20.03 -61.98
C LEU G 135 54.05 -20.55 -61.73
N LEU G 136 54.57 -20.39 -60.51
CA LEU G 136 55.88 -20.94 -60.19
C LEU G 136 55.83 -22.47 -60.15
N ILE G 137 54.72 -23.03 -59.67
CA ILE G 137 54.55 -24.48 -59.74
C ILE G 137 54.58 -24.94 -61.18
N ALA G 138 53.91 -24.21 -62.08
CA ALA G 138 53.94 -24.55 -63.50
C ALA G 138 55.36 -24.47 -64.05
N ILE G 139 56.10 -23.43 -63.68
CA ILE G 139 57.47 -23.26 -64.18
C ILE G 139 58.35 -24.40 -63.72
N LEU G 140 58.27 -24.74 -62.43
CA LEU G 140 59.09 -25.84 -61.91
C LEU G 140 58.68 -27.17 -62.53
N ARG G 141 57.38 -27.39 -62.73
CA ARG G 141 56.92 -28.62 -63.34
C ARG G 141 57.42 -28.76 -64.77
N GLN G 142 57.37 -27.67 -65.55
CA GLN G 142 57.87 -27.75 -66.93
C GLN G 142 59.38 -27.90 -66.96
N HIS G 143 60.09 -27.27 -66.01
CA HIS G 143 61.54 -27.47 -65.93
C HIS G 143 61.88 -28.91 -65.62
N PHE G 144 61.14 -29.54 -64.70
CA PHE G 144 61.39 -30.93 -64.37
C PHE G 144 61.02 -31.85 -65.52
N ILE G 145 59.96 -31.52 -66.26
CA ILE G 145 59.60 -32.30 -67.44
C ILE G 145 60.70 -32.23 -68.48
N ALA G 146 61.24 -31.04 -68.72
CA ALA G 146 62.35 -30.89 -69.65
C ALA G 146 63.58 -31.66 -69.18
N TYR G 147 63.87 -31.62 -67.88
CA TYR G 147 65.01 -32.34 -67.34
C TYR G 147 64.86 -33.85 -67.50
N GLU G 148 63.66 -34.37 -67.21
CA GLU G 148 63.44 -35.80 -67.30
C GLU G 148 63.38 -36.27 -68.75
N GLN G 149 62.95 -35.40 -69.67
CA GLN G 149 63.03 -35.74 -71.09
C GLN G 149 64.48 -35.86 -71.54
N GLU G 150 65.39 -35.14 -70.88
CA GLU G 150 66.82 -35.27 -71.14
C GLU G 150 67.32 -36.53 -70.44
N SER G 151 67.48 -37.60 -71.21
CA SER G 151 67.92 -38.89 -70.66
C SER G 151 68.82 -39.62 -71.65
N SER G 156 69.34 -37.47 -63.46
CA SER G 156 69.41 -37.48 -62.01
C SER G 156 68.40 -36.50 -61.40
N GLN G 157 68.90 -35.61 -60.54
CA GLN G 157 68.06 -34.63 -59.89
C GLN G 157 68.06 -33.33 -60.70
N ALA G 158 66.87 -32.76 -60.89
CA ALA G 158 66.73 -31.54 -61.67
C ALA G 158 67.23 -30.34 -60.86
N LEU G 159 68.29 -29.70 -61.36
CA LEU G 159 68.87 -28.53 -60.71
C LEU G 159 68.39 -27.27 -61.44
N VAL G 160 67.73 -26.38 -60.71
CA VAL G 160 67.18 -25.15 -61.27
C VAL G 160 67.86 -23.98 -60.58
N ALA G 161 68.50 -23.12 -61.36
CA ALA G 161 69.18 -21.96 -60.81
C ALA G 161 68.19 -20.89 -60.39
N VAL G 162 68.57 -20.11 -59.38
CA VAL G 162 67.72 -19.00 -58.93
C VAL G 162 67.55 -17.97 -60.04
N ASP G 163 68.65 -17.64 -60.73
CA ASP G 163 68.58 -16.68 -61.82
C ASP G 163 67.73 -17.16 -62.98
N GLU G 164 67.53 -18.47 -63.12
CA GLU G 164 66.69 -18.98 -64.19
C GLU G 164 65.25 -18.52 -64.03
N LEU G 165 64.74 -18.55 -62.81
CA LEU G 165 63.32 -18.27 -62.57
C LEU G 165 62.99 -16.78 -62.52
N ILE G 166 64.01 -15.91 -62.48
CA ILE G 166 63.73 -14.47 -62.44
C ILE G 166 63.02 -13.98 -63.70
N PRO G 167 63.49 -14.26 -64.93
CA PRO G 167 62.74 -13.79 -66.10
C PRO G 167 61.41 -14.49 -66.28
N GLN G 168 61.33 -15.79 -65.97
CA GLN G 168 60.07 -16.51 -66.12
C GLN G 168 58.98 -15.95 -65.21
N LEU G 169 59.38 -15.38 -64.08
CA LEU G 169 58.44 -14.72 -63.18
C LEU G 169 58.18 -13.27 -63.57
N GLN G 170 59.21 -12.58 -64.07
CA GLN G 170 59.04 -11.17 -64.44
C GLN G 170 58.16 -11.00 -65.66
N VAL G 171 58.27 -11.91 -66.63
CA VAL G 171 57.46 -11.78 -67.85
C VAL G 171 55.98 -11.93 -67.56
N TYR G 172 55.61 -12.44 -66.40
CA TYR G 172 54.22 -12.65 -66.02
C TYR G 172 53.74 -11.69 -64.95
N LEU G 173 54.55 -11.41 -63.94
CA LEU G 173 54.19 -10.51 -62.86
C LEU G 173 54.78 -9.11 -63.03
N GLY G 174 55.33 -8.81 -64.20
CA GLY G 174 55.95 -7.52 -64.44
C GLY G 174 57.35 -7.45 -63.86
N GLU G 175 57.99 -6.32 -64.11
CA GLU G 175 59.35 -6.05 -63.64
C GLU G 175 59.29 -5.11 -62.45
N LEU G 176 59.88 -5.53 -61.34
CA LEU G 176 59.90 -4.70 -60.14
C LEU G 176 61.00 -3.64 -60.16
N GLY G 177 61.93 -3.72 -61.12
CA GLY G 177 62.95 -2.71 -61.30
C GLY G 177 64.16 -2.83 -60.40
N SER G 178 64.21 -3.84 -59.52
CA SER G 178 65.34 -4.00 -58.61
C SER G 178 65.72 -5.47 -58.54
N GLU G 179 67.03 -5.74 -58.56
CA GLU G 179 67.50 -7.11 -58.41
C GLU G 179 67.16 -7.66 -57.03
N ALA G 180 67.23 -6.81 -56.00
CA ALA G 180 66.93 -7.25 -54.65
C ALA G 180 65.47 -7.70 -54.53
N LYS G 181 64.55 -6.95 -55.17
CA LYS G 181 63.15 -7.35 -55.14
C LYS G 181 62.94 -8.71 -55.80
N GLU G 182 63.56 -8.91 -56.96
CA GLU G 182 63.45 -10.19 -57.65
C GLU G 182 63.99 -11.34 -56.80
N ARG G 183 65.17 -11.12 -56.20
CA ARG G 183 65.77 -12.16 -55.36
C ARG G 183 64.89 -12.47 -54.16
N ASN G 184 64.36 -11.44 -53.50
CA ASN G 184 63.51 -11.66 -52.34
C ASN G 184 62.23 -12.40 -52.72
N ARG G 185 61.60 -12.01 -53.83
CA ARG G 185 60.39 -12.69 -54.27
C ARG G 185 60.67 -14.15 -54.61
N ILE G 186 61.77 -14.42 -55.31
CA ILE G 186 62.13 -15.79 -55.66
C ILE G 186 62.39 -16.61 -54.40
N ILE G 187 63.12 -16.05 -53.45
CA ILE G 187 63.43 -16.79 -52.22
C ILE G 187 62.16 -17.07 -51.43
N THR G 188 61.27 -16.08 -51.32
CA THR G 188 60.01 -16.29 -50.60
C THR G 188 59.17 -17.37 -51.26
N LEU G 189 59.05 -17.33 -52.59
CA LEU G 189 58.26 -18.34 -53.28
C LEU G 189 58.88 -19.73 -53.14
N LEU G 190 60.21 -19.82 -53.22
CA LEU G 190 60.89 -21.09 -53.05
C LEU G 190 60.68 -21.64 -51.65
N ASP G 191 60.72 -20.78 -50.63
CA ASP G 191 60.47 -21.24 -49.27
C ASP G 191 59.01 -21.66 -49.09
N GLN G 192 58.08 -20.95 -49.73
CA GLN G 192 56.68 -21.37 -49.69
C GLN G 192 56.49 -22.75 -50.29
N LEU G 193 57.16 -23.01 -51.42
CA LEU G 193 57.10 -24.36 -51.99
C LEU G 193 57.83 -25.38 -51.13
N LYS G 194 58.87 -24.95 -50.41
CA LYS G 194 59.53 -25.82 -49.45
C LYS G 194 58.59 -26.22 -48.33
N GLY G 195 57.68 -25.33 -47.93
CA GLY G 195 56.68 -25.68 -46.95
C GLY G 195 55.78 -26.81 -47.39
N HIS G 196 55.62 -27.01 -48.69
CA HIS G 196 54.83 -28.11 -49.24
C HIS G 196 55.69 -29.33 -49.55
N GLY G 197 57.01 -29.26 -49.37
CA GLY G 197 57.88 -30.37 -49.67
C GLY G 197 57.96 -30.72 -51.14
N LEU G 198 58.03 -29.71 -52.01
CA LEU G 198 58.10 -29.93 -53.46
C LEU G 198 59.52 -29.83 -54.00
N VAL G 199 60.39 -29.07 -53.36
CA VAL G 199 61.78 -28.92 -53.76
C VAL G 199 62.67 -29.12 -52.54
N SER G 200 63.97 -29.15 -52.79
CA SER G 200 64.96 -29.34 -51.74
C SER G 200 65.58 -28.00 -51.35
N ALA G 201 66.57 -28.04 -50.46
CA ALA G 201 67.21 -26.83 -49.98
C ALA G 201 68.04 -26.17 -51.08
N LEU G 202 68.18 -24.85 -50.97
CA LEU G 202 68.97 -24.10 -51.95
C LEU G 202 70.44 -24.47 -51.86
N ASP G 203 71.07 -24.64 -53.02
CA ASP G 203 72.47 -24.99 -53.07
C ASP G 203 73.34 -23.74 -52.92
N ALA G 204 74.66 -23.96 -52.85
CA ALA G 204 75.59 -22.84 -52.71
C ALA G 204 75.57 -21.96 -53.95
N HIS G 205 75.50 -22.54 -55.14
CA HIS G 205 75.50 -21.79 -56.39
C HIS G 205 74.08 -21.45 -56.84
N ASP G 206 73.32 -20.85 -55.93
CA ASP G 206 71.94 -20.39 -56.16
C ASP G 206 71.14 -21.37 -57.03
N ARG G 207 71.13 -22.63 -56.61
CA ARG G 207 70.37 -23.67 -57.31
C ARG G 207 69.55 -24.47 -56.32
N VAL G 208 68.45 -25.04 -56.81
CA VAL G 208 67.54 -25.85 -56.02
C VAL G 208 67.34 -27.19 -56.73
N ILE G 209 66.94 -28.19 -55.95
CA ILE G 209 66.73 -29.54 -56.44
C ILE G 209 65.23 -29.80 -56.50
N ILE G 210 64.77 -30.29 -57.63
CA ILE G 210 63.35 -30.60 -57.83
C ILE G 210 63.13 -32.08 -57.52
N ARG G 211 62.20 -32.35 -56.60
CA ARG G 211 61.90 -33.71 -56.18
C ARG G 211 61.06 -34.43 -57.24
N PRO G 212 61.11 -35.78 -57.26
CA PRO G 212 60.27 -36.53 -58.21
C PRO G 212 58.78 -36.37 -57.97
N ILE G 213 58.37 -35.89 -56.80
CA ILE G 213 56.96 -35.71 -56.48
C ILE G 213 56.27 -34.78 -57.47
N ILE G 214 57.04 -33.95 -58.17
CA ILE G 214 56.47 -33.06 -59.17
C ILE G 214 55.79 -33.85 -60.28
N THR G 215 56.30 -35.04 -60.59
CA THR G 215 55.62 -35.92 -61.53
C THR G 215 54.23 -36.30 -61.01
N HIS G 216 54.13 -36.57 -59.72
CA HIS G 216 52.86 -36.87 -59.06
C HIS G 216 52.31 -35.66 -58.33
N LEU G 217 52.48 -34.47 -58.92
CA LEU G 217 52.01 -33.24 -58.30
C LEU G 217 50.52 -33.31 -57.96
N ALA G 218 49.70 -33.67 -58.94
CA ALA G 218 48.27 -33.75 -58.73
C ALA G 218 47.65 -34.48 -59.91
N ASN G 219 46.33 -34.69 -59.82
CA ASN G 219 45.58 -35.31 -60.89
C ASN G 219 45.46 -34.36 -62.08
N PRO G 220 45.14 -34.89 -63.28
CA PRO G 220 45.05 -34.02 -64.47
C PRO G 220 44.10 -32.84 -64.33
N GLU G 221 43.18 -32.88 -63.37
CA GLU G 221 42.30 -31.74 -63.14
C GLU G 221 43.11 -30.50 -62.76
N ASN G 222 44.03 -30.66 -61.80
CA ASN G 222 44.87 -29.53 -61.38
C ASN G 222 45.84 -29.13 -62.47
N LEU G 223 46.31 -30.08 -63.28
CA LEU G 223 47.18 -29.72 -64.40
C LEU G 223 46.44 -28.89 -65.44
N GLN G 224 45.19 -29.25 -65.73
CA GLN G 224 44.39 -28.46 -66.67
C GLN G 224 44.10 -27.08 -66.11
N ALA G 225 43.75 -27.00 -64.82
CA ALA G 225 43.56 -25.68 -64.21
C ALA G 225 44.84 -24.87 -64.26
N LEU G 226 45.99 -25.52 -64.04
CA LEU G 226 47.27 -24.85 -64.05
C LEU G 226 47.59 -24.29 -65.44
N VAL G 227 47.39 -25.09 -66.49
CA VAL G 227 47.70 -24.61 -67.83
C VAL G 227 46.73 -23.51 -68.25
N VAL G 228 45.45 -23.62 -67.85
CA VAL G 228 44.50 -22.56 -68.15
C VAL G 228 44.91 -21.25 -67.47
N TRP G 229 45.30 -21.33 -66.19
CA TRP G 229 45.72 -20.12 -65.49
C TRP G 229 47.00 -19.55 -66.07
N LEU G 230 47.93 -20.42 -66.48
CA LEU G 230 49.16 -19.95 -67.12
C LEU G 230 48.85 -19.23 -68.42
N ARG G 231 47.94 -19.78 -69.23
CA ARG G 231 47.54 -19.10 -70.47
C ARG G 231 46.86 -17.77 -70.18
N GLU G 232 46.02 -17.72 -69.14
CA GLU G 232 45.37 -16.47 -68.77
C GLU G 232 46.40 -15.42 -68.35
N GLN G 233 47.41 -15.84 -67.57
CA GLN G 233 48.44 -14.89 -67.15
C GLN G 233 49.28 -14.44 -68.33
N VAL G 234 49.57 -15.34 -69.27
CA VAL G 234 50.28 -14.94 -70.49
C VAL G 234 49.47 -13.93 -71.28
N GLU G 235 48.14 -14.10 -71.30
CA GLU G 235 47.28 -13.12 -71.94
C GLU G 235 47.41 -11.75 -71.27
N GLY G 236 47.44 -11.72 -69.95
CA GLY G 236 47.59 -10.48 -69.21
C GLY G 236 46.42 -9.53 -69.36
N THR H 48 33.51 -49.52 -38.50
CA THR H 48 33.96 -48.80 -37.31
C THR H 48 32.99 -47.66 -36.99
N PRO H 49 32.52 -47.61 -35.73
CA PRO H 49 31.58 -46.56 -35.35
C PRO H 49 32.20 -45.17 -35.50
N GLN H 50 31.35 -44.22 -35.91
CA GLN H 50 31.82 -42.86 -36.11
C GLN H 50 32.26 -42.22 -34.80
N ARG H 51 31.53 -42.49 -33.72
CA ARG H 51 31.89 -41.89 -32.43
C ARG H 51 33.25 -42.39 -31.95
N VAL H 52 33.54 -43.67 -32.15
CA VAL H 52 34.84 -44.21 -31.75
C VAL H 52 35.96 -43.51 -32.52
N ARG H 53 35.79 -43.37 -33.84
CA ARG H 53 36.80 -42.71 -34.65
C ARG H 53 36.99 -41.26 -34.23
N GLU H 54 35.88 -40.55 -33.98
CA GLU H 54 35.98 -39.15 -33.58
C GLU H 54 36.68 -39.01 -32.23
N ALA H 55 36.35 -39.89 -31.28
CA ALA H 55 37.01 -39.86 -29.99
C ALA H 55 38.50 -40.13 -30.12
N VAL H 56 38.86 -41.11 -30.95
CA VAL H 56 40.28 -41.42 -31.16
C VAL H 56 40.99 -40.20 -31.78
N GLN H 57 40.37 -39.58 -32.77
CA GLN H 57 40.98 -38.42 -33.42
C GLN H 57 41.19 -37.29 -32.43
N GLU H 58 40.16 -36.97 -31.64
CA GLU H 58 40.27 -35.88 -30.68
C GLU H 58 41.32 -36.18 -29.61
N MET H 59 41.32 -37.41 -29.11
CA MET H 59 42.27 -37.78 -28.06
C MET H 59 43.71 -37.72 -28.57
N LEU H 60 43.95 -38.21 -29.79
CA LEU H 60 45.29 -38.14 -30.36
C LEU H 60 45.70 -36.70 -30.64
N LYS H 61 44.76 -35.88 -31.11
CA LYS H 61 45.07 -34.49 -31.40
C LYS H 61 45.45 -33.72 -30.14
N TYR H 62 44.68 -33.90 -29.07
CA TYR H 62 44.90 -33.12 -27.84
C TYR H 62 45.75 -33.84 -26.81
N GLY H 63 45.86 -35.17 -26.89
CA GLY H 63 46.60 -35.95 -25.92
C GLY H 63 45.80 -36.39 -24.71
N LEU H 64 44.66 -35.78 -24.47
CA LEU H 64 43.82 -36.15 -23.34
C LEU H 64 42.39 -35.68 -23.60
N LEU H 65 41.46 -36.34 -22.91
CA LEU H 65 40.04 -36.03 -22.95
C LEU H 65 39.52 -35.91 -21.54
N GLU H 66 38.77 -34.85 -21.26
CA GLU H 66 38.20 -34.58 -19.95
C GLU H 66 36.69 -34.64 -20.03
N GLU H 67 36.07 -35.35 -19.09
CA GLU H 67 34.62 -35.46 -19.08
C GLU H 67 33.96 -34.12 -18.77
N SER H 68 34.60 -33.30 -17.93
CA SER H 68 34.02 -32.01 -17.55
C SER H 68 33.83 -31.08 -18.75
N HIS H 69 34.65 -31.24 -19.79
CA HIS H 69 34.54 -30.43 -21.00
C HIS H 69 34.01 -31.21 -22.19
N LYS H 70 34.35 -32.49 -22.30
CA LYS H 70 33.90 -33.35 -23.40
C LYS H 70 33.31 -34.62 -22.82
N PRO H 71 32.15 -34.53 -22.16
CA PRO H 71 31.56 -35.74 -21.57
C PRO H 71 31.20 -36.78 -22.61
N ASN H 72 30.71 -36.37 -23.77
CA ASN H 72 30.33 -37.33 -24.80
C ASN H 72 31.55 -38.10 -25.31
N LEU H 73 32.64 -37.38 -25.61
CA LEU H 73 33.85 -38.04 -26.06
C LEU H 73 34.44 -38.93 -24.97
N TYR H 74 34.39 -38.46 -23.71
CA TYR H 74 34.90 -39.25 -22.60
C TYR H 74 34.14 -40.57 -22.48
N ARG H 75 32.81 -40.51 -22.55
CA ARG H 75 32.01 -41.73 -22.45
C ARG H 75 32.21 -42.63 -23.66
N SER H 76 32.31 -42.05 -24.86
CA SER H 76 32.50 -42.86 -26.06
C SER H 76 33.84 -43.59 -26.03
N ALA H 77 34.91 -42.92 -25.63
CA ALA H 77 36.21 -43.56 -25.57
C ALA H 77 36.32 -44.50 -24.37
N LEU H 78 35.61 -44.21 -23.29
CA LEU H 78 35.69 -45.05 -22.10
C LEU H 78 35.02 -46.40 -22.31
N THR H 79 33.93 -46.44 -23.09
CA THR H 79 33.18 -47.67 -23.31
C THR H 79 33.75 -48.53 -24.42
N ASN H 80 34.82 -48.10 -25.08
CA ASN H 80 35.40 -48.81 -26.21
C ASN H 80 36.90 -48.97 -26.01
N ILE H 81 37.30 -49.42 -24.82
CA ILE H 81 38.72 -49.55 -24.50
C ILE H 81 39.40 -50.56 -25.40
N GLU H 82 38.74 -51.70 -25.64
CA GLU H 82 39.34 -52.74 -26.48
C GLU H 82 39.52 -52.24 -27.93
N VAL H 83 38.51 -51.57 -28.46
CA VAL H 83 38.59 -51.05 -29.83
C VAL H 83 39.70 -50.01 -29.94
N VAL H 84 39.78 -49.09 -28.97
CA VAL H 84 40.81 -48.06 -28.99
C VAL H 84 42.19 -48.69 -28.89
N ASP H 85 42.35 -49.70 -28.02
CA ASP H 85 43.62 -50.39 -27.91
C ASP H 85 44.02 -51.06 -29.22
N ARG H 86 43.05 -51.72 -29.87
CA ARG H 86 43.35 -52.37 -31.15
C ARG H 86 43.75 -51.35 -32.20
N ILE H 87 43.07 -50.21 -32.24
CA ILE H 87 43.39 -49.19 -33.23
C ILE H 87 44.78 -48.59 -32.97
N LEU H 88 45.11 -48.35 -31.70
CA LEU H 88 46.35 -47.69 -31.35
C LEU H 88 47.55 -48.65 -31.26
N GLU H 89 47.32 -49.96 -31.29
CA GLU H 89 48.43 -50.90 -31.21
C GLU H 89 49.45 -50.72 -32.33
N PRO H 90 49.08 -50.58 -33.61
CA PRO H 90 50.10 -50.37 -34.64
C PRO H 90 50.89 -49.08 -34.47
N LEU H 91 50.35 -48.10 -33.76
CA LEU H 91 51.01 -46.81 -33.58
C LEU H 91 51.98 -46.79 -32.41
N ASP H 92 52.12 -47.90 -31.69
CA ASP H 92 52.94 -47.97 -30.48
C ASP H 92 52.53 -46.91 -29.47
N LEU H 93 51.23 -46.89 -29.15
CA LEU H 93 50.67 -45.99 -28.16
C LEU H 93 49.73 -46.75 -27.25
N ALA H 94 49.53 -46.22 -26.04
CA ALA H 94 48.67 -46.83 -25.05
C ALA H 94 47.78 -45.76 -24.44
N MET H 95 46.64 -46.18 -23.90
CA MET H 95 45.64 -45.29 -23.34
C MET H 95 45.53 -45.52 -21.84
N GLY H 96 45.59 -44.45 -21.07
CA GLY H 96 45.39 -44.49 -19.63
C GLY H 96 44.11 -43.76 -19.27
N VAL H 97 43.33 -44.36 -18.36
CA VAL H 97 42.03 -43.83 -17.96
C VAL H 97 42.00 -43.67 -16.45
N ASP H 98 41.46 -42.54 -16.00
CA ASP H 98 41.28 -42.24 -14.58
C ASP H 98 39.83 -41.80 -14.41
N GLU H 99 38.96 -42.78 -14.09
CA GLU H 99 37.55 -42.48 -13.90
C GLU H 99 37.31 -41.66 -12.62
N VAL H 100 38.16 -41.84 -11.61
CA VAL H 100 38.01 -41.07 -10.38
C VAL H 100 38.20 -39.59 -10.65
N ARG H 101 39.19 -39.24 -11.46
CA ARG H 101 39.42 -37.86 -11.86
C ARG H 101 38.88 -37.55 -13.24
N GLY H 102 38.35 -38.54 -13.95
CA GLY H 102 37.76 -38.33 -15.26
C GLY H 102 38.73 -37.81 -16.30
N LEU H 103 39.70 -38.63 -16.68
CA LEU H 103 40.70 -38.23 -17.65
C LEU H 103 41.06 -39.42 -18.53
N VAL H 104 41.29 -39.17 -19.82
CA VAL H 104 41.70 -40.20 -20.78
C VAL H 104 42.92 -39.65 -21.51
N PHE H 105 44.10 -40.17 -21.18
CA PHE H 105 45.35 -39.67 -21.73
C PHE H 105 46.04 -40.75 -22.56
N VAL H 106 47.06 -40.33 -23.32
CA VAL H 106 47.79 -41.21 -24.21
C VAL H 106 49.26 -41.19 -23.81
N THR H 107 49.84 -42.39 -23.69
CA THR H 107 51.26 -42.57 -23.36
C THR H 107 51.89 -43.48 -24.39
N VAL H 108 53.20 -43.69 -24.26
CA VAL H 108 53.95 -44.54 -25.19
C VAL H 108 53.73 -46.00 -24.81
N ARG H 109 53.36 -46.81 -25.79
CA ARG H 109 53.17 -48.24 -25.55
C ARG H 109 54.50 -48.91 -25.25
N GLN H 110 54.49 -49.82 -24.28
CA GLN H 110 55.70 -50.53 -23.88
C GLN H 110 55.87 -51.77 -24.74
N GLY H 111 57.04 -51.88 -25.39
CA GLY H 111 57.40 -53.05 -26.16
C GLY H 111 58.29 -54.00 -25.37
N GLU H 112 58.79 -55.01 -26.08
CA GLU H 112 59.71 -55.97 -25.47
C GLU H 112 61.08 -55.37 -25.21
N VAL H 113 61.39 -54.21 -25.81
CA VAL H 113 62.68 -53.58 -25.59
C VAL H 113 62.78 -53.09 -24.15
N ALA H 114 63.89 -53.39 -23.50
CA ALA H 114 64.05 -53.01 -22.09
C ALA H 114 64.08 -51.49 -21.92
N GLU H 115 64.80 -50.79 -22.80
CA GLU H 115 64.92 -49.33 -22.72
C GLU H 115 64.69 -48.74 -24.11
N GLN H 116 63.43 -48.40 -24.40
CA GLN H 116 63.10 -47.61 -25.58
C GLN H 116 63.13 -46.11 -25.31
N ASP H 117 63.37 -45.72 -24.05
CA ASP H 117 63.63 -44.35 -23.63
C ASP H 117 62.38 -43.48 -23.65
N ASP H 118 61.30 -43.98 -24.23
CA ASP H 118 60.00 -43.29 -24.23
C ASP H 118 60.05 -41.93 -24.91
N TRP H 119 61.21 -41.57 -25.47
CA TRP H 119 61.38 -40.31 -26.17
C TRP H 119 61.85 -40.48 -27.60
N SER H 120 62.20 -41.69 -28.02
CA SER H 120 62.64 -41.96 -29.38
C SER H 120 61.48 -42.29 -30.32
N HIS H 121 60.25 -42.22 -29.84
CA HIS H 121 59.10 -42.48 -30.70
C HIS H 121 59.02 -41.40 -31.78
N PRO H 122 58.80 -41.78 -33.04
CA PRO H 122 58.80 -40.77 -34.11
C PRO H 122 57.74 -39.70 -33.94
N LEU H 123 56.59 -40.03 -33.35
CA LEU H 123 55.49 -39.09 -33.22
C LEU H 123 55.63 -38.16 -32.02
N VAL H 124 56.67 -38.34 -31.20
CA VAL H 124 56.88 -37.48 -30.04
C VAL H 124 57.53 -36.18 -30.51
N ARG H 125 56.92 -35.04 -30.13
CA ARG H 125 57.39 -33.73 -30.52
C ARG H 125 58.05 -32.95 -29.40
N ARG H 126 57.71 -33.23 -28.14
CA ARG H 126 58.14 -32.40 -27.03
C ARG H 126 59.59 -32.71 -26.65
N GLN H 127 60.21 -31.74 -25.98
CA GLN H 127 61.57 -31.87 -25.49
C GLN H 127 61.59 -32.58 -24.14
N ARG H 128 62.79 -32.97 -23.72
CA ARG H 128 62.95 -33.65 -22.44
C ARG H 128 62.83 -32.66 -21.29
N LEU H 129 62.93 -33.17 -20.06
CA LEU H 129 62.71 -32.38 -18.86
C LEU H 129 64.00 -32.32 -18.05
N ASN H 130 64.38 -31.12 -17.63
CA ASN H 130 65.57 -30.91 -16.84
C ASN H 130 65.22 -30.83 -15.35
N LEU H 131 66.23 -30.53 -14.53
CA LEU H 131 66.06 -30.59 -13.08
C LEU H 131 65.27 -29.41 -12.52
N GLU H 132 65.44 -28.22 -13.08
CA GLU H 132 64.71 -27.06 -12.59
C GLU H 132 63.21 -27.24 -12.79
N GLN H 133 62.81 -27.61 -14.01
CA GLN H 133 61.41 -27.90 -14.28
C GLN H 133 60.92 -29.08 -13.45
N SER H 134 61.78 -30.06 -13.19
CA SER H 134 61.39 -31.20 -12.36
C SER H 134 61.08 -30.76 -10.93
N LEU H 135 61.91 -29.88 -10.36
CA LEU H 135 61.64 -29.37 -9.02
C LEU H 135 60.36 -28.54 -8.99
N LEU H 136 60.16 -27.72 -10.03
CA LEU H 136 58.92 -26.94 -10.10
C LEU H 136 57.70 -27.86 -10.19
N ILE H 137 57.80 -28.94 -10.97
CA ILE H 137 56.71 -29.89 -11.08
C ILE H 137 56.45 -30.59 -9.76
N ALA H 138 57.51 -30.93 -9.02
CA ALA H 138 57.33 -31.55 -7.71
C ALA H 138 56.63 -30.59 -6.74
N ILE H 139 57.01 -29.32 -6.76
CA ILE H 139 56.35 -28.33 -5.91
C ILE H 139 54.88 -28.20 -6.29
N LEU H 140 54.59 -28.17 -7.60
CA LEU H 140 53.20 -28.11 -8.04
C LEU H 140 52.43 -29.36 -7.64
N ARG H 141 53.09 -30.52 -7.64
CA ARG H 141 52.45 -31.75 -7.18
C ARG H 141 52.11 -31.67 -5.70
N GLN H 142 53.02 -31.10 -4.90
CA GLN H 142 52.72 -30.91 -3.49
C GLN H 142 51.53 -29.96 -3.30
N HIS H 143 51.49 -28.89 -4.10
CA HIS H 143 50.35 -27.99 -4.06
C HIS H 143 49.05 -28.71 -4.42
N PHE H 144 49.10 -29.56 -5.44
CA PHE H 144 47.92 -30.33 -5.84
C PHE H 144 47.49 -31.29 -4.74
N ILE H 145 48.46 -31.90 -4.05
CA ILE H 145 48.13 -32.75 -2.92
C ILE H 145 47.42 -31.96 -1.84
N ALA H 146 47.94 -30.77 -1.53
CA ALA H 146 47.32 -29.94 -0.51
C ALA H 146 45.90 -29.55 -0.91
N TYR H 147 45.70 -29.22 -2.18
CA TYR H 147 44.36 -28.91 -2.67
C TYR H 147 43.43 -30.12 -2.58
N GLU H 148 43.94 -31.31 -2.92
CA GLU H 148 43.10 -32.49 -2.99
C GLU H 148 42.73 -33.02 -1.61
N GLN H 149 43.59 -32.78 -0.61
CA GLN H 149 43.31 -33.31 0.72
C GLN H 149 42.03 -32.71 1.31
N GLU H 150 41.92 -31.39 1.29
CA GLU H 150 40.74 -30.71 1.83
C GLU H 150 39.72 -30.39 0.74
N SER H 151 39.30 -31.42 0.01
CA SER H 151 38.35 -31.24 -1.09
C SER H 151 37.22 -32.25 -0.95
N GLY H 152 36.02 -31.81 -1.35
CA GLY H 152 34.85 -32.67 -1.30
C GLY H 152 34.10 -32.68 -2.62
N THR H 153 32.80 -32.97 -2.55
CA THR H 153 31.97 -32.99 -3.76
C THR H 153 31.84 -31.57 -4.32
N GLY H 154 31.76 -31.49 -5.65
CA GLY H 154 31.65 -30.21 -6.32
C GLY H 154 32.78 -29.96 -7.30
N ALA H 155 32.55 -29.08 -8.27
CA ALA H 155 33.54 -28.77 -9.28
C ALA H 155 34.42 -27.63 -8.81
N SER H 156 35.71 -27.90 -8.65
CA SER H 156 36.67 -26.90 -8.20
C SER H 156 37.97 -27.08 -8.96
N GLN H 157 38.80 -26.04 -8.92
CA GLN H 157 40.06 -26.01 -9.66
C GLN H 157 41.19 -25.66 -8.71
N ALA H 158 42.39 -26.10 -9.07
CA ALA H 158 43.59 -25.81 -8.29
C ALA H 158 44.27 -24.58 -8.87
N LEU H 159 44.17 -23.46 -8.18
CA LEU H 159 44.80 -22.21 -8.59
C LEU H 159 45.82 -21.78 -7.55
N VAL H 160 47.00 -21.40 -8.02
CA VAL H 160 48.09 -20.95 -7.15
C VAL H 160 48.62 -19.63 -7.70
N ALA H 161 48.86 -18.68 -6.80
CA ALA H 161 49.48 -17.42 -7.19
C ALA H 161 50.98 -17.60 -7.36
N VAL H 162 51.55 -16.74 -8.21
CA VAL H 162 53.00 -16.81 -8.45
C VAL H 162 53.77 -16.37 -7.22
N ASP H 163 53.29 -15.33 -6.54
CA ASP H 163 54.00 -14.79 -5.38
C ASP H 163 54.15 -15.82 -4.28
N GLU H 164 53.18 -16.73 -4.14
CA GLU H 164 53.32 -17.80 -3.17
C GLU H 164 54.43 -18.77 -3.59
N LEU H 165 54.54 -19.04 -4.89
CA LEU H 165 55.54 -19.98 -5.39
C LEU H 165 56.94 -19.40 -5.39
N ILE H 166 57.08 -18.07 -5.39
CA ILE H 166 58.41 -17.46 -5.52
C ILE H 166 59.35 -17.85 -4.38
N PRO H 167 58.99 -17.68 -3.10
CA PRO H 167 59.98 -17.97 -2.04
C PRO H 167 60.39 -19.43 -1.97
N GLN H 168 59.48 -20.37 -2.23
CA GLN H 168 59.84 -21.78 -2.14
C GLN H 168 60.88 -22.16 -3.18
N LEU H 169 60.75 -21.64 -4.40
CA LEU H 169 61.77 -21.89 -5.42
C LEU H 169 63.03 -21.07 -5.18
N GLN H 170 62.91 -19.90 -4.55
CA GLN H 170 64.09 -19.16 -4.15
C GLN H 170 64.90 -19.92 -3.11
N VAL H 171 64.23 -20.72 -2.28
CA VAL H 171 64.93 -21.52 -1.27
C VAL H 171 65.98 -22.41 -1.92
N TYR H 172 65.63 -23.06 -3.03
CA TYR H 172 66.58 -23.94 -3.72
C TYR H 172 67.45 -23.18 -4.70
N LEU H 173 66.83 -22.53 -5.70
CA LEU H 173 67.60 -21.88 -6.75
C LEU H 173 68.45 -20.73 -6.20
N GLY H 174 67.89 -19.93 -5.32
CA GLY H 174 68.53 -18.74 -4.82
C GLY H 174 67.68 -17.51 -5.08
N GLU H 175 68.24 -16.36 -4.76
CA GLU H 175 67.54 -15.09 -4.90
C GLU H 175 68.35 -14.14 -5.76
N LEU H 176 67.65 -13.46 -6.68
CA LEU H 176 68.27 -12.51 -7.59
C LEU H 176 68.16 -11.10 -7.03
N GLY H 177 68.99 -10.22 -7.58
CA GLY H 177 69.10 -8.87 -7.02
C GLY H 177 67.78 -8.12 -7.02
N SER H 178 67.06 -8.16 -8.14
CA SER H 178 65.78 -7.49 -8.27
C SER H 178 64.64 -8.49 -8.32
N GLU H 179 63.47 -8.07 -7.83
CA GLU H 179 62.27 -8.90 -7.95
C GLU H 179 61.87 -9.10 -9.40
N ALA H 180 62.22 -8.15 -10.27
CA ALA H 180 61.91 -8.29 -11.68
C ALA H 180 62.61 -9.49 -12.30
N LYS H 181 63.88 -9.71 -11.94
CA LYS H 181 64.62 -10.84 -12.49
C LYS H 181 63.99 -12.16 -12.07
N GLU H 182 63.68 -12.30 -10.78
CA GLU H 182 63.05 -13.53 -10.29
C GLU H 182 61.67 -13.73 -10.92
N ARG H 183 60.90 -12.65 -11.06
CA ARG H 183 59.59 -12.76 -11.67
C ARG H 183 59.69 -13.20 -13.13
N ASN H 184 60.65 -12.65 -13.86
CA ASN H 184 60.85 -13.06 -15.25
C ASN H 184 61.27 -14.53 -15.33
N ARG H 185 62.16 -14.95 -14.44
CA ARG H 185 62.57 -16.36 -14.42
C ARG H 185 61.39 -17.28 -14.15
N ILE H 186 60.54 -16.90 -13.17
CA ILE H 186 59.39 -17.72 -12.84
C ILE H 186 58.40 -17.75 -14.00
N ILE H 187 58.19 -16.61 -14.67
CA ILE H 187 57.29 -16.57 -15.81
C ILE H 187 57.82 -17.45 -16.94
N THR H 188 59.14 -17.42 -17.17
CA THR H 188 59.75 -18.28 -18.18
C THR H 188 59.54 -19.75 -17.86
N LEU H 189 59.75 -20.13 -16.60
CA LEU H 189 59.55 -21.51 -16.21
C LEU H 189 58.09 -21.93 -16.34
N LEU H 190 57.17 -21.04 -15.96
CA LEU H 190 55.75 -21.34 -16.09
C LEU H 190 55.35 -21.50 -17.55
N ASP H 191 55.92 -20.68 -18.43
CA ASP H 191 55.66 -20.85 -19.86
C ASP H 191 56.24 -22.17 -20.37
N GLN H 192 57.43 -22.54 -19.91
CA GLN H 192 58.03 -23.82 -20.30
C GLN H 192 57.14 -24.99 -19.88
N LEU H 193 56.60 -24.95 -18.66
CA LEU H 193 55.71 -26.01 -18.19
C LEU H 193 54.36 -25.98 -18.88
N LYS H 194 53.86 -24.79 -19.24
CA LYS H 194 52.61 -24.70 -19.97
C LYS H 194 52.74 -25.31 -21.36
N GLY H 195 53.95 -25.24 -21.93
CA GLY H 195 54.19 -25.91 -23.20
C GLY H 195 53.98 -27.41 -23.15
N HIS H 196 54.09 -28.01 -21.97
CA HIS H 196 53.82 -29.42 -21.75
C HIS H 196 52.39 -29.70 -21.33
N GLY H 197 51.56 -28.66 -21.23
CA GLY H 197 50.15 -28.84 -20.90
C GLY H 197 49.88 -29.10 -19.45
N LEU H 198 50.83 -28.81 -18.56
CA LEU H 198 50.64 -29.03 -17.13
C LEU H 198 49.87 -27.90 -16.46
N VAL H 199 49.98 -26.68 -16.98
CA VAL H 199 49.29 -25.52 -16.46
C VAL H 199 48.69 -24.74 -17.62
N SER H 200 48.06 -23.62 -17.31
CA SER H 200 47.42 -22.76 -18.29
C SER H 200 48.00 -21.34 -18.20
N ALA H 201 47.46 -20.45 -19.01
CA ALA H 201 47.94 -19.07 -19.04
C ALA H 201 47.51 -18.33 -17.78
N LEU H 202 48.29 -17.31 -17.43
CA LEU H 202 47.98 -16.50 -16.26
C LEU H 202 46.72 -15.67 -16.50
N ASP H 203 45.97 -15.46 -15.42
CA ASP H 203 44.76 -14.64 -15.48
C ASP H 203 45.09 -13.21 -15.08
N ALA H 204 44.04 -12.39 -14.90
CA ALA H 204 44.24 -10.99 -14.57
C ALA H 204 44.69 -10.77 -13.13
N HIS H 205 44.65 -11.80 -12.29
CA HIS H 205 45.02 -11.67 -10.89
C HIS H 205 46.31 -12.41 -10.55
N ASP H 206 47.16 -12.67 -11.53
CA ASP H 206 48.47 -13.29 -11.33
C ASP H 206 48.34 -14.65 -10.65
N ARG H 207 47.58 -15.53 -11.31
CA ARG H 207 47.37 -16.88 -10.82
C ARG H 207 47.49 -17.87 -11.97
N VAL H 208 47.83 -19.11 -11.63
CA VAL H 208 47.94 -20.18 -12.60
C VAL H 208 47.11 -21.37 -12.11
N ILE H 209 46.69 -22.20 -13.05
CA ILE H 209 45.84 -23.35 -12.79
C ILE H 209 46.63 -24.61 -13.06
N ILE H 210 46.65 -25.51 -12.08
CA ILE H 210 47.38 -26.78 -12.21
C ILE H 210 46.44 -27.83 -12.77
N ARG H 211 46.75 -28.33 -13.96
CA ARG H 211 45.94 -29.37 -14.56
C ARG H 211 46.12 -30.70 -13.80
N PRO H 212 45.06 -31.52 -13.75
CA PRO H 212 45.18 -32.81 -13.04
C PRO H 212 46.10 -33.80 -13.73
N ILE H 213 46.56 -33.51 -14.96
CA ILE H 213 47.43 -34.43 -15.68
C ILE H 213 48.73 -34.67 -14.91
N ILE H 214 49.15 -33.69 -14.11
CA ILE H 214 50.36 -33.84 -13.32
C ILE H 214 50.24 -35.04 -12.37
N THR H 215 49.01 -35.37 -11.96
CA THR H 215 48.82 -36.53 -11.11
C THR H 215 49.33 -37.80 -11.78
N HIS H 216 49.14 -37.92 -13.09
CA HIS H 216 49.70 -39.04 -13.83
C HIS H 216 51.15 -38.81 -14.24
N LEU H 217 51.61 -37.56 -14.23
CA LEU H 217 53.02 -37.29 -14.49
C LEU H 217 53.88 -37.61 -13.27
N ALA H 218 53.34 -37.36 -12.08
CA ALA H 218 54.03 -37.60 -10.82
C ALA H 218 53.43 -38.79 -10.08
N ASN H 219 53.08 -39.83 -10.81
CA ASN H 219 52.62 -41.07 -10.19
C ASN H 219 53.76 -41.68 -9.38
N PRO H 220 53.43 -42.47 -8.34
CA PRO H 220 54.48 -42.93 -7.42
C PRO H 220 55.59 -43.73 -8.09
N GLU H 221 55.29 -44.45 -9.18
CA GLU H 221 56.34 -45.19 -9.87
C GLU H 221 57.36 -44.25 -10.50
N ASN H 222 56.88 -43.25 -11.23
CA ASN H 222 57.78 -42.26 -11.81
C ASN H 222 58.51 -41.47 -10.73
N LEU H 223 57.82 -41.16 -9.63
CA LEU H 223 58.46 -40.47 -8.53
C LEU H 223 59.61 -41.29 -7.97
N GLN H 224 59.38 -42.59 -7.74
CA GLN H 224 60.44 -43.45 -7.21
C GLN H 224 61.60 -43.55 -8.20
N ALA H 225 61.30 -43.70 -9.49
CA ALA H 225 62.37 -43.81 -10.48
C ALA H 225 63.21 -42.54 -10.51
N LEU H 226 62.56 -41.38 -10.50
CA LEU H 226 63.29 -40.12 -10.53
C LEU H 226 64.08 -39.90 -9.24
N VAL H 227 63.52 -40.33 -8.10
CA VAL H 227 64.23 -40.19 -6.84
C VAL H 227 65.50 -41.04 -6.85
N VAL H 228 65.39 -42.28 -7.34
CA VAL H 228 66.57 -43.15 -7.41
C VAL H 228 67.61 -42.56 -8.36
N TRP H 229 67.15 -42.05 -9.52
CA TRP H 229 68.08 -41.47 -10.48
C TRP H 229 68.79 -40.26 -9.90
N LEU H 230 68.05 -39.37 -9.22
CA LEU H 230 68.68 -38.19 -8.63
C LEU H 230 69.62 -38.57 -7.51
N ARG H 231 69.26 -39.58 -6.70
CA ARG H 231 70.16 -40.05 -5.65
C ARG H 231 71.46 -40.57 -6.24
N GLU H 232 71.37 -41.32 -7.33
CA GLU H 232 72.58 -41.78 -8.02
C GLU H 232 73.37 -40.60 -8.60
N GLN H 233 72.67 -39.57 -9.09
CA GLN H 233 73.35 -38.38 -9.60
C GLN H 233 74.13 -37.68 -8.51
N VAL H 234 73.55 -37.54 -7.32
CA VAL H 234 74.25 -36.86 -6.22
C VAL H 234 75.41 -37.71 -5.72
N GLU H 235 75.19 -39.01 -5.55
CA GLU H 235 76.22 -39.91 -5.03
C GLU H 235 77.16 -40.26 -6.18
N GLY H 236 78.21 -39.46 -6.34
CA GLY H 236 79.19 -39.66 -7.38
C GLY H 236 78.75 -39.08 -8.72
#